data_5KQU
#
_entry.id   5KQU
#
_cell.length_a   74.104
_cell.length_b   146.886
_cell.length_c   131.776
_cell.angle_alpha   90.00
_cell.angle_beta   97.68
_cell.angle_gamma   90.00
#
_symmetry.space_group_name_H-M   'P 1 21 1'
#
loop_
_entity.id
_entity.type
_entity.pdbx_description
1 polymer '4-aminobutyrate transaminase'
2 non-polymer "PYRIDOXAL-5'-PHOSPHATE"
3 water water
#
_entity_poly.entity_id   1
_entity_poly.type   'polypeptide(L)'
_entity_poly.pdbx_seq_one_letter_code
;MGSSHHHHHHSSGLVPRGSHMTDFDQLFEQDRAHFMHPSTHAHDHASGALPGRIITGASGIRIRDHEGRELIDAFAGLYC
VNIGYGRTEVADAIYKQAKELAYYHTYVGHSTEAIIELSSRIIRDWAPAGMKKVYYGLSGSDANETQIKLVRYYNNVLGR
PQKKKIISRQRGYHGSGIMTGSLTGLPSFHQHFDLPVEGIKHTVCPHWYKAPAGMDEAAFVRYCADELEKLILAEGPDTV
AAFIGEPVMGTGGIIVPPKGYWEAIQAVLNKYDVLLIADEVVCAFGRLGSKMGSQRYGMRPDLITTAKGLTSAYAPLSAV
IVGEKVWDVIEKASQKEGAMGHGWTYSGHPICAAAALANLDILERENLTANAADVGAYLNQRLRETFEGHPLVGEVRGDG
MLAALEFMADREARTPFDPALKVGPKVSAACLEDGMIARAMPHGDILGFAPPLVLTRAEADEIVGIAKAAVDEVAGEVL
;
_entity_poly.pdbx_strand_id   A,B,C,D,E,F
#
loop_
_chem_comp.id
_chem_comp.type
_chem_comp.name
_chem_comp.formula
PLP non-polymer PYRIDOXAL-5'-PHOSPHATE 'C8 H10 N O6 P'
#
# COMPACT_ATOMS: atom_id res chain seq x y z
N ASP A 23 43.45 18.32 -30.88
CA ASP A 23 44.36 17.39 -30.12
C ASP A 23 44.16 15.90 -30.44
N PHE A 24 43.36 15.63 -31.48
CA PHE A 24 43.01 14.28 -31.80
C PHE A 24 44.15 13.50 -32.45
N ASP A 25 45.06 14.20 -33.15
CA ASP A 25 46.25 13.59 -33.73
C ASP A 25 47.05 12.83 -32.69
N GLN A 26 47.24 13.41 -31.53
CA GLN A 26 47.96 12.75 -30.46
C GLN A 26 47.23 11.50 -29.94
N LEU A 27 45.90 11.61 -29.79
CA LEU A 27 45.10 10.45 -29.38
C LEU A 27 45.13 9.33 -30.40
N PHE A 28 45.08 9.65 -31.69
CA PHE A 28 45.19 8.63 -32.73
C PHE A 28 46.58 7.99 -32.76
N GLU A 29 47.64 8.74 -32.46
CA GLU A 29 48.98 8.17 -32.36
C GLU A 29 49.00 7.10 -31.26
N GLN A 30 48.38 7.44 -30.14
CA GLN A 30 48.29 6.54 -28.98
C GLN A 30 47.39 5.33 -29.24
N ASP A 31 46.26 5.59 -29.90
CA ASP A 31 45.34 4.56 -30.37
C ASP A 31 46.07 3.51 -31.20
N ARG A 32 46.77 3.98 -32.24
CA ARG A 32 47.52 3.07 -33.11
C ARG A 32 48.64 2.32 -32.40
N ALA A 33 49.29 2.99 -31.48
CA ALA A 33 50.38 2.35 -30.73
C ALA A 33 49.92 1.28 -29.74
N HIS A 34 48.76 1.47 -29.10
CA HIS A 34 48.46 0.74 -27.85
C HIS A 34 47.09 0.08 -27.71
N PHE A 35 46.10 0.48 -28.52
CA PHE A 35 44.76 -0.06 -28.41
C PHE A 35 44.52 -1.14 -29.48
N MET A 36 44.38 -2.39 -29.03
CA MET A 36 43.93 -3.48 -29.89
C MET A 36 42.40 -3.51 -29.90
N HIS A 37 41.79 -3.09 -31.00
CA HIS A 37 40.34 -3.01 -31.12
C HIS A 37 39.77 -4.38 -31.38
N PRO A 38 38.52 -4.61 -30.94
CA PRO A 38 37.82 -5.76 -31.50
C PRO A 38 37.63 -5.58 -33.01
N SER A 39 37.56 -6.70 -33.72
CA SER A 39 37.09 -6.75 -35.11
C SER A 39 37.62 -5.58 -35.97
N THR A 40 38.95 -5.47 -36.02
CA THR A 40 39.63 -4.37 -36.70
C THR A 40 40.93 -4.88 -37.31
N HIS A 41 41.12 -4.65 -38.60
CA HIS A 41 42.35 -5.01 -39.31
C HIS A 41 43.59 -4.48 -38.57
N ALA A 42 44.40 -5.36 -37.99
CA ALA A 42 45.48 -4.94 -37.12
C ALA A 42 46.52 -4.06 -37.82
N HIS A 43 46.98 -4.47 -39.01
CA HIS A 43 48.02 -3.71 -39.71
C HIS A 43 47.49 -2.39 -40.25
N ASP A 44 46.41 -2.43 -41.03
CA ASP A 44 45.83 -1.22 -41.58
C ASP A 44 45.51 -0.20 -40.50
N HIS A 45 45.05 -0.66 -39.36
CA HIS A 45 44.79 0.23 -38.25
C HIS A 45 46.07 0.86 -37.69
N ALA A 46 47.07 0.02 -37.43
CA ALA A 46 48.37 0.52 -36.88
C ALA A 46 49.13 1.43 -37.86
N SER A 47 49.00 1.17 -39.16
CA SER A 47 49.67 1.96 -40.20
C SER A 47 48.97 3.29 -40.45
N GLY A 48 47.66 3.36 -40.19
CA GLY A 48 46.86 4.54 -40.52
C GLY A 48 46.01 4.38 -41.77
N ALA A 49 46.25 3.31 -42.54
CA ALA A 49 45.49 3.02 -43.75
C ALA A 49 44.00 2.87 -43.49
N LEU A 50 43.66 2.26 -42.35
CA LEU A 50 42.29 2.18 -41.85
C LEU A 50 42.18 3.33 -40.85
N PRO A 51 41.51 4.42 -41.24
CA PRO A 51 41.54 5.58 -40.38
C PRO A 51 40.66 5.39 -39.13
N GLY A 52 41.12 5.92 -38.01
CA GLY A 52 40.34 5.86 -36.79
C GLY A 52 39.19 6.85 -36.74
N ARG A 53 38.32 6.65 -35.76
CA ARG A 53 37.18 7.49 -35.54
C ARG A 53 36.90 7.57 -34.04
N ILE A 54 36.94 8.76 -33.49
CA ILE A 54 36.62 8.96 -32.09
C ILE A 54 35.21 9.51 -31.98
N ILE A 55 34.42 8.92 -31.11
CA ILE A 55 33.05 9.38 -30.87
C ILE A 55 33.08 10.24 -29.60
N THR A 56 32.53 11.45 -29.71
CA THR A 56 32.60 12.44 -28.62
C THR A 56 31.28 12.73 -27.96
N GLY A 57 30.17 12.34 -28.58
CA GLY A 57 28.87 12.51 -27.94
C GLY A 57 27.77 11.86 -28.75
N ALA A 58 26.55 11.91 -28.24
CA ALA A 58 25.45 11.28 -28.92
C ALA A 58 24.14 11.67 -28.30
N SER A 59 23.09 11.58 -29.10
CA SER A 59 21.79 12.07 -28.70
C SER A 59 20.72 11.58 -29.67
N GLY A 60 19.61 11.06 -29.13
CA GLY A 60 18.50 10.58 -29.94
C GLY A 60 18.94 9.38 -30.76
N ILE A 61 19.03 9.57 -32.08
CA ILE A 61 19.49 8.54 -33.01
C ILE A 61 20.83 8.89 -33.69
N ARG A 62 21.50 9.94 -33.23
CA ARG A 62 22.71 10.46 -33.87
C ARG A 62 23.92 10.41 -32.95
N ILE A 63 25.08 10.14 -33.52
CA ILE A 63 26.34 10.24 -32.77
C ILE A 63 27.18 11.35 -33.41
N ARG A 64 28.13 11.88 -32.66
CA ARG A 64 29.02 12.94 -33.14
C ARG A 64 30.45 12.44 -33.10
N ASP A 65 31.16 12.57 -34.21
CA ASP A 65 32.57 12.14 -34.23
C ASP A 65 33.53 13.31 -33.93
N HIS A 66 34.82 13.00 -33.93
CA HIS A 66 35.88 13.95 -33.61
C HIS A 66 36.03 15.14 -34.57
N GLU A 67 35.52 15.00 -35.78
CA GLU A 67 35.49 16.10 -36.75
C GLU A 67 34.24 16.98 -36.65
N GLY A 68 33.33 16.72 -35.69
CA GLY A 68 32.09 17.48 -35.56
C GLY A 68 30.91 16.93 -36.38
N ARG A 69 31.14 15.89 -37.18
CA ARG A 69 30.10 15.29 -37.99
C ARG A 69 29.03 14.67 -37.13
N GLU A 70 27.78 14.84 -37.52
CA GLU A 70 26.67 14.26 -36.80
C GLU A 70 26.11 13.16 -37.70
N LEU A 71 26.15 11.90 -37.25
CA LEU A 71 25.77 10.77 -38.10
C LEU A 71 24.52 10.08 -37.59
N ILE A 72 23.61 9.77 -38.49
CA ILE A 72 22.43 9.00 -38.12
C ILE A 72 22.88 7.58 -37.92
N ASP A 73 22.64 7.03 -36.73
CA ASP A 73 23.03 5.66 -36.46
C ASP A 73 21.87 4.73 -36.70
N ALA A 74 21.76 4.27 -37.94
CA ALA A 74 20.72 3.32 -38.31
C ALA A 74 21.03 1.89 -37.85
N PHE A 75 22.10 1.69 -37.09
CA PHE A 75 22.42 0.39 -36.52
C PHE A 75 22.45 0.34 -34.98
N ALA A 76 22.06 1.44 -34.33
CA ALA A 76 22.00 1.50 -32.86
C ALA A 76 23.21 0.84 -32.17
N GLY A 77 24.39 1.33 -32.53
CA GLY A 77 25.63 0.75 -32.06
C GLY A 77 25.85 -0.56 -32.76
N LEU A 78 25.51 -1.65 -32.07
CA LEU A 78 25.45 -2.99 -32.62
C LEU A 78 24.16 -3.63 -32.14
N TYR A 79 23.06 -3.29 -32.80
CA TYR A 79 21.71 -3.74 -32.42
C TYR A 79 21.41 -3.54 -30.95
N CYS A 80 21.98 -2.53 -30.31
CA CYS A 80 21.90 -2.49 -28.86
C CYS A 80 21.45 -1.21 -28.23
N VAL A 81 21.57 -0.04 -28.87
CA VAL A 81 21.16 1.20 -28.21
C VAL A 81 19.66 1.44 -28.46
N ASN A 82 18.84 0.61 -27.83
CA ASN A 82 17.44 0.51 -28.21
C ASN A 82 16.57 1.65 -27.76
N ILE A 83 16.81 2.18 -26.57
CA ILE A 83 16.09 3.35 -26.10
C ILE A 83 16.65 4.66 -26.66
N GLY A 84 17.69 4.60 -27.46
CA GLY A 84 18.32 5.78 -28.02
C GLY A 84 19.45 6.33 -27.18
N TYR A 85 20.22 7.22 -27.79
CA TYR A 85 21.39 7.80 -27.17
C TYR A 85 21.05 8.98 -26.28
N GLY A 86 21.94 9.27 -25.34
CA GLY A 86 21.87 10.48 -24.55
C GLY A 86 20.85 10.49 -23.44
N ARG A 87 20.46 9.33 -22.95
CA ARG A 87 19.44 9.23 -21.91
C ARG A 87 20.01 9.56 -20.54
N THR A 88 19.88 10.79 -20.10
CA THR A 88 20.54 11.14 -18.85
C THR A 88 19.82 10.45 -17.66
N GLU A 89 18.55 10.08 -17.85
CA GLU A 89 17.84 9.30 -16.84
C GLU A 89 18.59 8.01 -16.45
N VAL A 90 19.20 7.33 -17.43
CA VAL A 90 19.94 6.12 -17.17
C VAL A 90 21.28 6.42 -16.52
N ALA A 91 21.93 7.49 -16.98
CA ALA A 91 23.15 7.96 -16.34
C ALA A 91 22.92 8.28 -14.86
N ASP A 92 21.80 8.93 -14.55
CA ASP A 92 21.42 9.25 -13.17
C ASP A 92 21.25 8.00 -12.35
N ALA A 93 20.59 6.99 -12.91
CA ALA A 93 20.36 5.72 -12.21
C ALA A 93 21.67 4.98 -11.92
N ILE A 94 22.56 4.97 -12.90
CA ILE A 94 23.89 4.38 -12.77
C ILE A 94 24.66 5.08 -11.66
N TYR A 95 24.61 6.41 -11.67
CA TYR A 95 25.36 7.23 -10.74
C TYR A 95 24.91 7.02 -9.32
N LYS A 96 23.60 7.05 -9.14
CA LYS A 96 22.98 6.79 -7.85
C LYS A 96 23.42 5.48 -7.25
N GLN A 97 23.39 4.42 -8.05
CA GLN A 97 23.86 3.14 -7.58
C GLN A 97 25.39 3.14 -7.33
N ALA A 98 26.15 3.82 -8.19
CA ALA A 98 27.61 3.91 -7.98
C ALA A 98 27.98 4.56 -6.64
N LYS A 99 27.25 5.59 -6.25
CA LYS A 99 27.42 6.23 -4.92
C LYS A 99 26.98 5.34 -3.77
N GLU A 100 25.84 4.71 -3.91
CA GLU A 100 25.25 3.92 -2.84
C GLU A 100 26.05 2.65 -2.60
N LEU A 101 26.20 1.84 -3.66
CA LEU A 101 27.06 0.64 -3.64
C LEU A 101 27.38 0.21 -5.07
N ALA A 102 28.57 0.56 -5.53
CA ALA A 102 29.00 0.23 -6.88
C ALA A 102 29.11 -1.25 -7.06
N TYR A 103 29.66 -1.93 -6.05
CA TYR A 103 29.92 -3.35 -6.13
C TYR A 103 30.01 -4.06 -4.79
N TYR A 104 29.32 -5.18 -4.75
CA TYR A 104 29.71 -6.30 -3.92
C TYR A 104 29.39 -7.54 -4.73
N HIS A 105 29.98 -8.67 -4.37
CA HIS A 105 29.69 -9.92 -5.07
C HIS A 105 28.29 -10.41 -4.74
N THR A 106 27.81 -11.37 -5.52
CA THR A 106 26.54 -12.03 -5.29
C THR A 106 26.73 -13.52 -5.02
N TYR A 107 27.95 -13.91 -4.64
CA TYR A 107 28.27 -15.27 -4.22
C TYR A 107 27.54 -15.63 -2.91
N VAL A 108 27.28 -16.93 -2.72
CA VAL A 108 26.74 -17.45 -1.46
C VAL A 108 25.53 -16.63 -0.97
N GLY A 109 24.55 -16.46 -1.84
CA GLY A 109 23.29 -15.82 -1.45
C GLY A 109 23.28 -14.31 -1.27
N HIS A 110 24.39 -13.64 -1.57
CA HIS A 110 24.45 -12.18 -1.46
C HIS A 110 23.76 -11.49 -2.65
N SER A 111 23.09 -10.38 -2.38
CA SER A 111 22.35 -9.60 -3.39
C SER A 111 22.42 -8.11 -3.12
N THR A 112 22.02 -7.35 -4.14
CA THR A 112 21.47 -6.02 -3.97
C THR A 112 19.98 -6.05 -4.23
N GLU A 113 19.34 -4.96 -3.84
CA GLU A 113 17.95 -4.71 -4.16
C GLU A 113 17.70 -4.67 -5.69
N ALA A 114 18.60 -3.99 -6.40
CA ALA A 114 18.47 -3.82 -7.85
C ALA A 114 18.49 -5.16 -8.60
N ILE A 115 19.40 -6.05 -8.24
CA ILE A 115 19.48 -7.31 -8.96
C ILE A 115 18.27 -8.20 -8.68
N ILE A 116 17.74 -8.12 -7.47
CA ILE A 116 16.54 -8.88 -7.14
C ILE A 116 15.36 -8.34 -7.95
N GLU A 117 15.21 -7.02 -7.98
CA GLU A 117 14.10 -6.40 -8.65
C GLU A 117 14.14 -6.70 -10.15
N LEU A 118 15.35 -6.59 -10.72
CA LEU A 118 15.55 -6.88 -12.13
C LEU A 118 15.18 -8.33 -12.48
N SER A 119 15.59 -9.25 -11.62
CA SER A 119 15.29 -10.65 -11.84
C SER A 119 13.80 -10.88 -11.83
N SER A 120 13.06 -10.31 -10.88
CA SER A 120 11.60 -10.53 -10.92
C SER A 120 10.92 -9.83 -12.08
N ARG A 121 11.40 -8.66 -12.49
CA ARG A 121 10.81 -7.97 -13.62
C ARG A 121 11.05 -8.69 -14.96
N ILE A 122 12.24 -9.25 -15.14
CA ILE A 122 12.49 -10.01 -16.35
C ILE A 122 11.51 -11.19 -16.47
N ILE A 123 11.37 -11.95 -15.39
CA ILE A 123 10.54 -13.16 -15.40
C ILE A 123 9.06 -12.83 -15.53
N ARG A 124 8.60 -11.83 -14.78
CA ARG A 124 7.19 -11.51 -14.71
C ARG A 124 6.70 -10.73 -15.92
N ASP A 125 7.49 -9.78 -16.42
CA ASP A 125 7.01 -8.87 -17.46
C ASP A 125 7.51 -9.12 -18.87
N TRP A 126 8.65 -9.79 -19.02
CA TRP A 126 9.29 -9.90 -20.34
C TRP A 126 9.48 -11.32 -20.86
N ALA A 127 9.86 -12.24 -20.00
CA ALA A 127 10.18 -13.60 -20.45
C ALA A 127 8.92 -14.35 -20.78
N PRO A 128 9.00 -15.34 -21.66
CA PRO A 128 7.82 -16.16 -21.93
C PRO A 128 7.43 -17.05 -20.76
N ALA A 129 6.27 -17.67 -20.88
CA ALA A 129 5.69 -18.45 -19.78
C ALA A 129 6.58 -19.66 -19.42
N GLY A 130 6.57 -20.01 -18.14
CA GLY A 130 7.38 -21.12 -17.66
C GLY A 130 8.86 -20.86 -17.49
N MET A 131 9.29 -19.60 -17.51
CA MET A 131 10.67 -19.26 -17.17
C MET A 131 10.70 -19.03 -15.67
N LYS A 132 11.83 -19.32 -15.04
CA LYS A 132 11.90 -19.29 -13.58
C LYS A 132 13.01 -18.42 -12.99
N LYS A 133 14.26 -18.64 -13.42
CA LYS A 133 15.41 -17.99 -12.79
C LYS A 133 16.28 -17.26 -13.80
N VAL A 134 17.05 -16.29 -13.30
CA VAL A 134 17.97 -15.49 -14.12
C VAL A 134 19.38 -15.52 -13.56
N TYR A 135 20.35 -15.77 -14.42
CA TYR A 135 21.77 -15.77 -14.03
C TYR A 135 22.49 -14.72 -14.86
N TYR A 136 23.32 -13.90 -14.21
CA TYR A 136 23.89 -12.72 -14.86
C TYR A 136 25.37 -12.82 -15.17
N GLY A 137 25.72 -12.37 -16.38
CA GLY A 137 27.08 -12.14 -16.77
C GLY A 137 27.18 -10.75 -17.38
N LEU A 138 28.12 -10.58 -18.29
CA LEU A 138 28.47 -9.27 -18.81
C LEU A 138 28.34 -9.12 -20.30
N SER A 139 28.35 -10.24 -21.02
CA SER A 139 28.30 -10.24 -22.47
C SER A 139 27.48 -11.43 -22.97
N GLY A 140 26.93 -11.27 -24.16
CA GLY A 140 26.25 -12.35 -24.87
C GLY A 140 27.09 -13.61 -24.93
N SER A 141 28.40 -13.46 -25.13
CA SER A 141 29.27 -14.61 -25.28
C SER A 141 29.39 -15.37 -23.98
N ASP A 142 29.61 -14.69 -22.87
CA ASP A 142 29.73 -15.38 -21.60
C ASP A 142 28.37 -15.98 -21.19
N ALA A 143 27.28 -15.37 -21.65
CA ALA A 143 25.96 -15.93 -21.43
C ALA A 143 25.84 -17.30 -22.11
N ASN A 144 26.20 -17.36 -23.39
CA ASN A 144 26.14 -18.65 -24.09
C ASN A 144 27.16 -19.65 -23.56
N GLU A 145 28.27 -19.17 -23.01
CA GLU A 145 29.22 -20.06 -22.33
C GLU A 145 28.56 -20.70 -21.12
N THR A 146 27.85 -19.90 -20.32
CA THR A 146 27.01 -20.38 -19.23
C THR A 146 25.99 -21.42 -19.71
N GLN A 147 25.32 -21.16 -20.84
CA GLN A 147 24.39 -22.12 -21.41
C GLN A 147 25.05 -23.47 -21.66
N ILE A 148 26.25 -23.49 -22.27
CA ILE A 148 26.93 -24.75 -22.52
C ILE A 148 27.17 -25.47 -21.19
N LYS A 149 27.69 -24.76 -20.18
CA LYS A 149 27.95 -25.38 -18.87
C LYS A 149 26.70 -25.97 -18.23
N LEU A 150 25.56 -25.35 -18.49
CA LEU A 150 24.31 -25.70 -17.86
C LEU A 150 23.73 -26.95 -18.50
N VAL A 151 23.81 -27.01 -19.82
CA VAL A 151 23.37 -28.15 -20.62
C VAL A 151 24.14 -29.42 -20.24
N ARG A 152 25.45 -29.30 -20.09
CA ARG A 152 26.27 -30.42 -19.65
C ARG A 152 25.90 -30.87 -18.25
N TYR A 153 25.79 -29.91 -17.33
CA TYR A 153 25.47 -30.18 -15.94
C TYR A 153 24.16 -30.94 -15.86
N TYR A 154 23.13 -30.40 -16.52
CA TYR A 154 21.80 -31.02 -16.58
C TYR A 154 21.89 -32.49 -16.92
N ASN A 155 22.55 -32.81 -18.04
CA ASN A 155 22.67 -34.19 -18.47
C ASN A 155 23.50 -35.05 -17.51
N ASN A 156 24.64 -34.55 -17.05
CA ASN A 156 25.43 -35.33 -16.10
C ASN A 156 24.66 -35.71 -14.84
N VAL A 157 23.93 -34.79 -14.24
CA VAL A 157 23.22 -35.08 -12.99
C VAL A 157 21.96 -35.90 -13.20
N LEU A 158 21.47 -35.99 -14.44
CA LEU A 158 20.42 -36.94 -14.80
C LEU A 158 20.97 -38.31 -15.26
N GLY A 159 22.29 -38.52 -15.12
CA GLY A 159 22.90 -39.78 -15.51
C GLY A 159 22.96 -40.07 -17.00
N ARG A 160 23.07 -39.04 -17.84
CA ARG A 160 23.21 -39.21 -19.29
C ARG A 160 24.54 -38.59 -19.73
N PRO A 161 25.67 -39.18 -19.30
CA PRO A 161 26.96 -38.54 -19.61
C PRO A 161 27.33 -38.48 -21.09
N GLN A 162 26.55 -39.08 -21.97
CA GLN A 162 26.84 -39.03 -23.39
C GLN A 162 26.09 -37.93 -24.11
N LYS A 163 25.04 -37.40 -23.50
CA LYS A 163 24.15 -36.44 -24.15
C LYS A 163 24.73 -35.02 -23.96
N LYS A 164 25.62 -34.65 -24.88
CA LYS A 164 26.45 -33.43 -24.74
C LYS A 164 26.58 -32.54 -25.98
N LYS A 165 26.28 -33.05 -27.15
CA LYS A 165 26.51 -32.31 -28.36
C LYS A 165 25.50 -31.18 -28.46
N ILE A 166 25.94 -30.06 -29.02
CA ILE A 166 25.07 -28.93 -29.30
C ILE A 166 24.99 -28.80 -30.81
N ILE A 167 23.79 -28.54 -31.31
CA ILE A 167 23.58 -28.23 -32.70
C ILE A 167 23.26 -26.75 -32.84
N SER A 168 24.01 -26.10 -33.73
CA SER A 168 23.80 -24.72 -34.08
C SER A 168 23.40 -24.67 -35.54
N ARG A 169 23.44 -23.50 -36.14
CA ARG A 169 23.09 -23.36 -37.54
C ARG A 169 24.11 -22.53 -38.30
N GLN A 170 24.04 -22.69 -39.61
CA GLN A 170 24.95 -22.06 -40.54
C GLN A 170 24.49 -20.59 -40.57
N ARG A 171 25.45 -19.68 -40.41
CA ARG A 171 25.22 -18.24 -40.29
C ARG A 171 24.67 -17.76 -38.96
N GLY A 172 24.56 -18.65 -37.96
CA GLY A 172 24.19 -18.24 -36.62
C GLY A 172 25.33 -17.44 -36.02
N TYR A 173 24.99 -16.43 -35.21
CA TYR A 173 26.00 -15.74 -34.40
C TYR A 173 25.66 -15.92 -32.94
N HIS A 174 26.59 -16.49 -32.19
CA HIS A 174 26.40 -16.77 -30.77
C HIS A 174 27.56 -16.35 -29.90
N GLY A 175 28.50 -15.59 -30.47
CA GLY A 175 29.62 -15.06 -29.72
C GLY A 175 30.96 -15.35 -30.35
N SER A 176 31.99 -14.91 -29.65
CA SER A 176 33.31 -14.80 -30.19
C SER A 176 34.37 -15.47 -29.30
N GLY A 177 33.94 -16.42 -28.47
CA GLY A 177 34.87 -17.19 -27.64
C GLY A 177 35.30 -18.42 -28.41
N ILE A 178 35.87 -19.40 -27.72
CA ILE A 178 36.22 -20.66 -28.36
C ILE A 178 35.03 -21.57 -28.54
N MET A 179 34.33 -21.81 -27.46
CA MET A 179 33.13 -22.67 -27.47
C MET A 179 31.99 -21.90 -28.14
N THR A 180 31.81 -20.64 -27.77
CA THR A 180 30.77 -19.82 -28.37
C THR A 180 31.08 -19.47 -29.82
N GLY A 181 32.34 -19.26 -30.15
CA GLY A 181 32.76 -19.13 -31.54
C GLY A 181 32.45 -20.36 -32.37
N SER A 182 32.58 -21.54 -31.76
CA SER A 182 32.20 -22.79 -32.42
C SER A 182 30.70 -22.83 -32.73
N LEU A 183 29.86 -22.41 -31.78
CA LEU A 183 28.43 -22.31 -32.05
C LEU A 183 28.18 -21.36 -33.22
N THR A 184 28.88 -20.24 -33.22
CA THR A 184 28.79 -19.29 -34.30
C THR A 184 29.07 -20.01 -35.62
N GLY A 185 28.24 -19.75 -36.61
CA GLY A 185 28.34 -20.41 -37.91
C GLY A 185 28.77 -19.46 -39.01
N LEU A 186 29.76 -18.61 -38.73
CA LEU A 186 30.31 -17.67 -39.70
C LEU A 186 31.82 -17.85 -39.66
N PRO A 187 32.45 -18.10 -40.82
CA PRO A 187 33.86 -18.54 -40.82
C PRO A 187 34.88 -17.57 -40.22
N SER A 188 34.62 -16.28 -40.18
CA SER A 188 35.62 -15.32 -39.66
C SER A 188 35.89 -15.52 -38.17
N PHE A 189 34.86 -15.98 -37.43
CA PHE A 189 35.01 -16.30 -36.02
C PHE A 189 35.67 -17.64 -35.78
N HIS A 190 35.95 -18.38 -36.83
CA HIS A 190 36.71 -19.63 -36.76
C HIS A 190 38.16 -19.52 -37.22
N GLN A 191 38.49 -18.52 -38.04
CA GLN A 191 39.75 -18.55 -38.79
C GLN A 191 40.98 -18.46 -37.87
N HIS A 192 41.85 -19.44 -38.04
CA HIS A 192 43.05 -19.63 -37.22
C HIS A 192 42.82 -19.83 -35.72
N PHE A 193 41.61 -20.22 -35.33
CA PHE A 193 41.28 -20.54 -33.94
C PHE A 193 40.98 -22.04 -33.71
N ASP A 194 41.00 -22.84 -34.78
CA ASP A 194 40.73 -24.28 -34.73
C ASP A 194 39.30 -24.56 -34.31
N LEU A 195 38.37 -23.88 -34.95
CA LEU A 195 36.96 -24.03 -34.60
C LEU A 195 36.22 -24.41 -35.87
N PRO A 196 35.07 -25.08 -35.76
CA PRO A 196 34.42 -25.44 -34.52
C PRO A 196 35.08 -26.61 -33.86
N VAL A 197 35.03 -26.62 -32.53
CA VAL A 197 35.50 -27.75 -31.75
C VAL A 197 34.62 -28.97 -32.05
N GLU A 198 35.17 -30.17 -31.89
CA GLU A 198 34.39 -31.40 -32.01
C GLU A 198 33.27 -31.40 -30.97
N GLY A 199 32.08 -31.82 -31.38
CA GLY A 199 30.94 -31.84 -30.48
C GLY A 199 29.91 -30.76 -30.77
N ILE A 200 30.27 -29.82 -31.62
CA ILE A 200 29.31 -28.84 -32.08
C ILE A 200 29.13 -29.04 -33.58
N LYS A 201 27.87 -29.05 -34.01
CA LYS A 201 27.51 -29.28 -35.41
C LYS A 201 26.57 -28.19 -35.88
N HIS A 202 26.47 -28.05 -37.20
CA HIS A 202 25.72 -26.99 -37.82
C HIS A 202 24.73 -27.53 -38.87
N THR A 203 23.43 -27.40 -38.60
CA THR A 203 22.42 -27.73 -39.59
C THR A 203 22.24 -26.51 -40.46
N VAL A 204 21.15 -26.49 -41.26
CA VAL A 204 21.05 -25.48 -42.31
C VAL A 204 20.49 -24.13 -41.85
N CYS A 205 20.99 -23.10 -42.53
CA CYS A 205 20.51 -21.76 -42.43
C CYS A 205 19.13 -21.67 -43.04
N PRO A 206 18.11 -21.31 -42.26
CA PRO A 206 16.75 -21.27 -42.79
C PRO A 206 16.44 -20.01 -43.61
N HIS A 207 17.17 -19.81 -44.69
CA HIS A 207 17.01 -18.65 -45.56
C HIS A 207 16.27 -19.10 -46.82
N TRP A 208 14.98 -18.77 -46.93
CA TRP A 208 14.15 -19.31 -48.01
C TRP A 208 14.66 -18.94 -49.39
N TYR A 209 14.95 -17.65 -49.57
CA TYR A 209 15.54 -17.17 -50.81
C TYR A 209 16.71 -18.01 -51.33
N LYS A 210 17.46 -18.66 -50.45
CA LYS A 210 18.60 -19.51 -50.86
C LYS A 210 18.33 -20.98 -50.70
N ALA A 211 17.07 -21.36 -50.75
CA ALA A 211 16.67 -22.74 -50.58
C ALA A 211 17.01 -23.52 -51.84
N PRO A 212 17.08 -24.87 -51.74
CA PRO A 212 17.17 -25.67 -52.97
C PRO A 212 16.10 -25.19 -54.00
N ALA A 213 16.51 -25.06 -55.26
CA ALA A 213 15.68 -24.48 -56.29
C ALA A 213 14.37 -25.26 -56.44
N GLY A 214 13.28 -24.52 -56.60
CA GLY A 214 11.97 -25.13 -56.78
C GLY A 214 11.16 -25.32 -55.51
N MET A 215 11.79 -25.41 -54.34
CA MET A 215 11.06 -25.58 -53.08
C MET A 215 10.22 -24.37 -52.73
N ASP A 216 8.96 -24.60 -52.39
CA ASP A 216 8.12 -23.51 -51.84
C ASP A 216 8.37 -23.40 -50.32
N GLU A 217 7.75 -22.41 -49.69
CA GLU A 217 8.03 -22.11 -48.28
C GLU A 217 7.81 -23.35 -47.42
N ALA A 218 6.62 -23.93 -47.52
CA ALA A 218 6.28 -25.15 -46.75
C ALA A 218 7.24 -26.32 -46.99
N ALA A 219 7.72 -26.46 -48.23
CA ALA A 219 8.67 -27.54 -48.60
C ALA A 219 10.02 -27.32 -47.92
N PHE A 220 10.47 -26.06 -47.96
CA PHE A 220 11.74 -25.68 -47.34
C PHE A 220 11.72 -25.92 -45.83
N VAL A 221 10.58 -25.62 -45.19
CA VAL A 221 10.41 -25.89 -43.77
C VAL A 221 10.63 -27.37 -43.52
N ARG A 222 9.99 -28.20 -44.34
CA ARG A 222 10.10 -29.66 -44.20
C ARG A 222 11.54 -30.12 -44.41
N TYR A 223 12.20 -29.57 -45.42
CA TYR A 223 13.61 -29.82 -45.66
C TYR A 223 14.48 -29.54 -44.45
N CYS A 224 14.25 -28.38 -43.81
CA CYS A 224 15.04 -27.97 -42.65
C CYS A 224 14.82 -28.94 -41.50
N ALA A 225 13.57 -29.30 -41.26
CA ALA A 225 13.21 -30.27 -40.23
C ALA A 225 13.85 -31.64 -40.48
N ASP A 226 13.78 -32.11 -41.74
CA ASP A 226 14.31 -33.42 -42.11
C ASP A 226 15.82 -33.44 -41.99
N GLU A 227 16.47 -32.36 -42.43
CA GLU A 227 17.94 -32.26 -42.30
C GLU A 227 18.41 -32.29 -40.86
N LEU A 228 17.65 -31.65 -39.96
CA LEU A 228 17.92 -31.69 -38.53
C LEU A 228 17.70 -33.09 -37.94
N GLU A 229 16.55 -33.68 -38.26
CA GLU A 229 16.27 -35.06 -37.88
C GLU A 229 17.43 -35.95 -38.33
N LYS A 230 17.80 -35.80 -39.61
CA LYS A 230 18.85 -36.60 -40.21
C LYS A 230 20.12 -36.49 -39.41
N LEU A 231 20.48 -35.27 -39.05
CA LEU A 231 21.72 -34.99 -38.35
C LEU A 231 21.71 -35.51 -36.93
N ILE A 232 20.58 -35.41 -36.26
CA ILE A 232 20.44 -35.97 -34.91
C ILE A 232 20.63 -37.49 -34.96
N LEU A 233 19.97 -38.15 -35.91
CA LEU A 233 20.05 -39.61 -36.08
C LEU A 233 21.47 -40.04 -36.46
N ALA A 234 22.08 -39.34 -37.42
CA ALA A 234 23.48 -39.59 -37.79
C ALA A 234 24.44 -39.49 -36.60
N GLU A 235 24.18 -38.56 -35.69
CA GLU A 235 25.03 -38.38 -34.52
C GLU A 235 24.66 -39.33 -33.39
N GLY A 236 23.38 -39.70 -33.31
CA GLY A 236 22.85 -40.55 -32.25
C GLY A 236 22.11 -39.68 -31.24
N PRO A 237 20.76 -39.74 -31.19
CA PRO A 237 19.98 -38.87 -30.30
C PRO A 237 20.40 -38.89 -28.84
N ASP A 238 20.92 -40.01 -28.38
CA ASP A 238 21.41 -40.11 -27.01
C ASP A 238 22.71 -39.32 -26.77
N THR A 239 23.34 -38.82 -27.83
CA THR A 239 24.51 -37.94 -27.72
C THR A 239 24.23 -36.44 -27.94
N VAL A 240 23.00 -36.07 -28.28
CA VAL A 240 22.65 -34.68 -28.61
C VAL A 240 21.87 -34.01 -27.49
N ALA A 241 22.45 -32.96 -26.90
CA ALA A 241 21.88 -32.30 -25.72
C ALA A 241 20.99 -31.09 -26.01
N ALA A 242 21.41 -30.27 -26.96
CA ALA A 242 20.74 -28.99 -27.19
C ALA A 242 20.83 -28.51 -28.61
N PHE A 243 19.90 -27.62 -28.93
CA PHE A 243 19.84 -26.92 -30.19
C PHE A 243 19.74 -25.44 -29.85
N ILE A 244 20.60 -24.63 -30.47
CA ILE A 244 20.63 -23.20 -30.20
C ILE A 244 20.25 -22.45 -31.45
N GLY A 245 19.39 -21.45 -31.28
CA GLY A 245 19.05 -20.58 -32.39
C GLY A 245 18.52 -19.22 -32.01
N GLU A 246 18.89 -18.22 -32.79
CA GLU A 246 18.24 -16.90 -32.75
C GLU A 246 16.87 -17.00 -33.42
N PRO A 247 15.83 -16.40 -32.82
CA PRO A 247 14.53 -16.39 -33.52
C PRO A 247 14.65 -15.81 -34.93
N VAL A 248 15.31 -14.64 -35.02
CA VAL A 248 15.71 -14.03 -36.27
C VAL A 248 17.22 -13.86 -36.20
N MET A 249 17.89 -14.38 -37.22
CA MET A 249 19.35 -14.31 -37.30
C MET A 249 19.78 -12.90 -37.57
N GLY A 250 20.66 -12.37 -36.74
CA GLY A 250 21.03 -10.97 -36.80
C GLY A 250 22.30 -10.78 -37.57
N THR A 251 23.42 -11.12 -36.96
CA THR A 251 24.70 -10.81 -37.54
C THR A 251 24.90 -11.54 -38.86
N GLY A 252 24.07 -12.54 -39.13
CA GLY A 252 24.22 -13.34 -40.29
C GLY A 252 23.40 -13.13 -41.55
N GLY A 253 23.05 -11.98 -42.06
CA GLY A 253 22.39 -10.93 -41.40
C GLY A 253 20.93 -10.83 -41.80
N ILE A 254 20.09 -10.87 -40.76
CA ILE A 254 18.71 -10.47 -40.83
C ILE A 254 17.94 -11.49 -41.62
N ILE A 255 18.20 -12.75 -41.34
CA ILE A 255 17.47 -13.83 -41.94
C ILE A 255 16.22 -14.10 -41.09
N VAL A 256 15.06 -13.75 -41.62
CA VAL A 256 13.77 -14.09 -41.00
C VAL A 256 13.45 -15.56 -41.33
N PRO A 257 13.03 -16.35 -40.34
CA PRO A 257 12.71 -17.74 -40.67
C PRO A 257 11.44 -17.87 -41.51
N PRO A 258 11.32 -18.93 -42.31
CA PRO A 258 10.07 -19.14 -43.04
C PRO A 258 8.91 -19.45 -42.11
N LYS A 259 7.69 -19.17 -42.56
CA LYS A 259 6.46 -19.52 -41.83
C LYS A 259 6.42 -21.00 -41.48
N GLY A 260 6.22 -21.30 -40.20
CA GLY A 260 6.10 -22.67 -39.71
C GLY A 260 7.43 -23.32 -39.32
N TYR A 261 8.54 -22.63 -39.55
CA TYR A 261 9.88 -23.14 -39.24
C TYR A 261 10.04 -23.55 -37.78
N TRP A 262 9.64 -22.68 -36.86
CA TRP A 262 9.88 -22.95 -35.45
C TRP A 262 8.97 -24.05 -34.88
N GLU A 263 7.72 -24.11 -35.35
CA GLU A 263 6.82 -25.22 -34.98
C GLU A 263 7.43 -26.56 -35.45
N ALA A 264 7.90 -26.59 -36.69
CA ALA A 264 8.46 -27.81 -37.30
C ALA A 264 9.73 -28.26 -36.60
N ILE A 265 10.61 -27.31 -36.31
CA ILE A 265 11.87 -27.61 -35.62
C ILE A 265 11.62 -28.12 -34.20
N GLN A 266 10.73 -27.46 -33.47
CA GLN A 266 10.42 -27.88 -32.10
C GLN A 266 9.86 -29.30 -32.00
N ALA A 267 9.03 -29.69 -32.97
CA ALA A 267 8.51 -31.07 -33.06
C ALA A 267 9.66 -32.09 -33.13
N VAL A 268 10.65 -31.80 -33.97
CA VAL A 268 11.84 -32.65 -34.05
C VAL A 268 12.59 -32.66 -32.72
N LEU A 269 12.76 -31.49 -32.10
CA LEU A 269 13.48 -31.41 -30.84
C LEU A 269 12.78 -32.18 -29.73
N ASN A 270 11.44 -32.11 -29.69
CA ASN A 270 10.66 -32.87 -28.70
C ASN A 270 10.77 -34.37 -28.92
N LYS A 271 10.69 -34.80 -30.16
CA LYS A 271 10.84 -36.21 -30.51
C LYS A 271 12.12 -36.83 -29.93
N TYR A 272 13.24 -36.11 -29.99
CA TYR A 272 14.53 -36.66 -29.53
C TYR A 272 15.02 -36.14 -28.19
N ASP A 273 14.16 -35.41 -27.46
CA ASP A 273 14.48 -34.87 -26.14
C ASP A 273 15.74 -33.99 -26.15
N VAL A 274 15.73 -33.01 -27.05
CA VAL A 274 16.83 -32.08 -27.22
C VAL A 274 16.36 -30.70 -26.74
N LEU A 275 17.12 -30.10 -25.85
CA LEU A 275 16.79 -28.78 -25.29
C LEU A 275 16.86 -27.66 -26.34
N LEU A 276 15.94 -26.72 -26.25
CA LEU A 276 15.96 -25.53 -27.11
C LEU A 276 16.53 -24.35 -26.34
N ILE A 277 17.63 -23.80 -26.86
CA ILE A 277 18.22 -22.57 -26.37
C ILE A 277 17.87 -21.46 -27.32
N ALA A 278 17.04 -20.52 -26.88
CA ALA A 278 16.74 -19.35 -27.71
C ALA A 278 17.78 -18.27 -27.46
N ASP A 279 18.54 -17.93 -28.49
CA ASP A 279 19.50 -16.85 -28.38
C ASP A 279 18.85 -15.55 -28.75
N GLU A 280 18.43 -14.82 -27.74
CA GLU A 280 17.65 -13.60 -27.89
C GLU A 280 18.49 -12.36 -27.66
N VAL A 281 19.80 -12.45 -27.84
CA VAL A 281 20.65 -11.32 -27.55
C VAL A 281 20.20 -10.07 -28.35
N VAL A 282 19.83 -10.28 -29.62
CA VAL A 282 19.31 -9.20 -30.45
C VAL A 282 17.83 -8.98 -30.26
N CYS A 283 17.05 -10.05 -30.25
CA CYS A 283 15.59 -9.98 -30.35
C CYS A 283 14.88 -9.54 -29.07
N ALA A 284 15.50 -9.76 -27.91
CA ALA A 284 14.84 -9.46 -26.65
C ALA A 284 14.65 -7.97 -26.39
N PHE A 285 13.63 -7.70 -25.59
CA PHE A 285 13.30 -6.39 -25.07
C PHE A 285 12.88 -5.39 -26.14
N GLY A 286 12.06 -5.88 -27.07
CA GLY A 286 11.25 -5.02 -27.93
C GLY A 286 11.63 -4.88 -29.38
N ARG A 287 12.79 -5.39 -29.73
CA ARG A 287 13.38 -5.12 -31.04
C ARG A 287 12.52 -5.57 -32.20
N LEU A 288 11.85 -6.71 -32.09
CA LEU A 288 11.00 -7.20 -33.17
C LEU A 288 9.55 -6.74 -33.08
N GLY A 289 9.23 -5.83 -32.17
CA GLY A 289 7.84 -5.42 -31.94
C GLY A 289 7.05 -6.33 -31.03
N SER A 290 7.76 -7.28 -30.42
CA SER A 290 7.23 -8.18 -29.39
C SER A 290 8.20 -8.13 -28.23
N LYS A 291 7.78 -8.67 -27.09
CA LYS A 291 8.61 -8.66 -25.91
C LYS A 291 9.95 -9.31 -26.18
N MET A 292 9.89 -10.52 -26.70
CA MET A 292 11.05 -11.22 -27.21
C MET A 292 10.63 -11.95 -28.47
N GLY A 293 11.61 -12.42 -29.24
CA GLY A 293 11.34 -13.19 -30.43
C GLY A 293 10.66 -14.53 -30.16
N SER A 294 10.95 -15.12 -29.02
CA SER A 294 10.37 -16.38 -28.64
C SER A 294 8.85 -16.36 -28.59
N GLN A 295 8.25 -15.36 -27.94
CA GLN A 295 6.78 -15.24 -27.94
C GLN A 295 6.29 -14.99 -29.37
N ARG A 296 7.02 -14.16 -30.10
CA ARG A 296 6.61 -13.76 -31.43
C ARG A 296 6.52 -14.93 -32.39
N TYR A 297 7.47 -15.85 -32.31
CA TYR A 297 7.54 -17.00 -33.22
C TYR A 297 6.99 -18.30 -32.62
N GLY A 298 6.30 -18.22 -31.48
CA GLY A 298 5.80 -19.42 -30.82
C GLY A 298 6.88 -20.39 -30.35
N MET A 299 8.07 -19.89 -30.02
CA MET A 299 9.10 -20.76 -29.46
C MET A 299 8.84 -20.95 -27.98
N ARG A 300 9.21 -22.12 -27.48
CA ARG A 300 9.04 -22.49 -26.08
C ARG A 300 10.40 -23.01 -25.63
N PRO A 301 11.35 -22.10 -25.43
CA PRO A 301 12.70 -22.55 -25.10
C PRO A 301 12.82 -23.02 -23.67
N ASP A 302 13.84 -23.83 -23.44
CA ASP A 302 14.22 -24.28 -22.11
C ASP A 302 15.20 -23.32 -21.46
N LEU A 303 15.98 -22.63 -22.29
CA LEU A 303 16.97 -21.65 -21.86
C LEU A 303 16.98 -20.49 -22.83
N ILE A 304 17.19 -19.29 -22.31
CA ILE A 304 17.24 -18.07 -23.13
C ILE A 304 18.46 -17.25 -22.81
N THR A 305 19.11 -16.76 -23.86
CA THR A 305 20.26 -15.87 -23.75
C THR A 305 19.83 -14.44 -24.06
N THR A 306 20.22 -13.49 -23.23
CA THR A 306 20.01 -12.08 -23.49
C THR A 306 21.22 -11.22 -23.12
N ALA A 307 21.34 -10.10 -23.82
CA ALA A 307 22.30 -9.04 -23.52
C ALA A 307 21.82 -7.76 -24.25
N LYS A 308 22.73 -6.94 -24.77
CA LYS A 308 22.39 -5.81 -25.69
C LYS A 308 21.19 -4.96 -25.21
N GLY A 309 19.99 -5.27 -25.70
CA GLY A 309 18.81 -4.50 -25.36
C GLY A 309 18.36 -4.56 -23.92
N LEU A 310 18.93 -5.49 -23.15
CA LEU A 310 18.70 -5.58 -21.72
C LEU A 310 19.08 -4.29 -20.97
N THR A 311 20.16 -3.63 -21.41
CA THR A 311 20.58 -2.34 -20.87
C THR A 311 20.61 -1.22 -21.89
N SER A 312 20.21 -1.52 -23.13
CA SER A 312 20.48 -0.63 -24.27
C SER A 312 21.98 -0.21 -24.34
N ALA A 313 22.84 -1.10 -23.89
CA ALA A 313 24.28 -0.87 -23.81
C ALA A 313 24.78 0.23 -22.88
N TYR A 314 23.91 0.81 -22.05
CA TYR A 314 24.35 1.86 -21.12
C TYR A 314 25.33 1.31 -20.11
N ALA A 315 25.23 0.01 -19.86
CA ALA A 315 26.23 -0.71 -19.11
C ALA A 315 26.25 -2.16 -19.54
N PRO A 316 27.40 -2.83 -19.37
CA PRO A 316 27.50 -4.22 -19.80
C PRO A 316 26.73 -5.16 -18.90
N LEU A 317 25.84 -5.97 -19.47
CA LEU A 317 25.12 -6.98 -18.71
C LEU A 317 24.57 -8.02 -19.65
N SER A 318 24.60 -9.26 -19.21
CA SER A 318 23.96 -10.37 -19.91
C SER A 318 23.13 -11.15 -18.90
N ALA A 319 22.12 -11.82 -19.40
CA ALA A 319 21.24 -12.62 -18.55
C ALA A 319 20.90 -13.92 -19.23
N VAL A 320 21.11 -15.02 -18.51
CA VAL A 320 20.63 -16.31 -18.93
C VAL A 320 19.33 -16.57 -18.18
N ILE A 321 18.26 -16.84 -18.92
CA ILE A 321 16.96 -17.08 -18.32
C ILE A 321 16.73 -18.58 -18.37
N VAL A 322 16.50 -19.16 -17.20
CA VAL A 322 16.42 -20.60 -17.04
C VAL A 322 14.98 -21.04 -16.83
N GLY A 323 14.54 -21.98 -17.66
CA GLY A 323 13.18 -22.53 -17.57
C GLY A 323 12.97 -23.44 -16.38
N GLU A 324 11.69 -23.70 -16.08
CA GLU A 324 11.31 -24.59 -14.97
C GLU A 324 11.95 -25.96 -15.08
N LYS A 325 11.88 -26.57 -16.25
CA LYS A 325 12.42 -27.92 -16.43
C LYS A 325 13.88 -28.02 -15.99
N VAL A 326 14.72 -27.15 -16.57
CA VAL A 326 16.15 -27.13 -16.27
C VAL A 326 16.43 -26.66 -14.84
N TRP A 327 15.71 -25.64 -14.38
CA TRP A 327 15.95 -25.15 -13.03
C TRP A 327 15.68 -26.24 -11.99
N ASP A 328 14.55 -26.96 -12.14
CA ASP A 328 14.17 -27.98 -11.17
C ASP A 328 15.22 -29.07 -11.07
N VAL A 329 15.80 -29.45 -12.20
CA VAL A 329 16.88 -30.43 -12.20
C VAL A 329 18.11 -29.90 -11.48
N ILE A 330 18.49 -28.66 -11.76
CA ILE A 330 19.63 -28.04 -11.09
C ILE A 330 19.40 -27.96 -9.59
N GLU A 331 18.20 -27.59 -9.19
CA GLU A 331 17.88 -27.43 -7.76
C GLU A 331 17.97 -28.74 -7.02
N LYS A 332 17.37 -29.80 -7.57
CA LYS A 332 17.36 -31.12 -6.94
C LYS A 332 18.80 -31.63 -6.80
N ALA A 333 19.55 -31.52 -7.90
CA ALA A 333 20.91 -32.00 -7.95
C ALA A 333 21.82 -31.41 -6.87
N SER A 334 21.62 -30.16 -6.49
CA SER A 334 22.48 -29.52 -5.50
C SER A 334 22.43 -30.25 -4.16
N GLN A 335 21.29 -30.88 -3.86
CA GLN A 335 21.13 -31.63 -2.62
C GLN A 335 22.18 -32.71 -2.45
N LYS A 336 22.39 -33.52 -3.48
CA LYS A 336 23.42 -34.56 -3.44
C LYS A 336 24.77 -34.06 -3.94
N GLU A 337 24.79 -33.13 -4.89
CA GLU A 337 26.03 -32.73 -5.57
C GLU A 337 26.69 -31.47 -5.00
N GLY A 338 26.02 -30.77 -4.10
CA GLY A 338 26.52 -29.51 -3.56
C GLY A 338 26.35 -28.34 -4.52
N ALA A 339 26.87 -27.19 -4.12
CA ALA A 339 26.76 -25.99 -4.96
C ALA A 339 27.43 -26.21 -6.31
N MET A 340 26.77 -25.75 -7.36
CA MET A 340 27.33 -25.77 -8.71
C MET A 340 28.54 -24.83 -8.75
N GLY A 341 29.63 -25.30 -9.35
CA GLY A 341 30.85 -24.51 -9.47
C GLY A 341 30.80 -23.61 -10.69
N HIS A 342 29.99 -22.56 -10.60
CA HIS A 342 29.93 -21.57 -11.63
C HIS A 342 29.78 -20.20 -11.01
N GLY A 343 30.62 -19.27 -11.46
CA GLY A 343 30.58 -17.92 -10.92
C GLY A 343 31.52 -17.00 -11.65
N TRP A 344 31.02 -15.82 -12.01
CA TRP A 344 31.85 -14.71 -12.43
C TRP A 344 31.94 -13.70 -11.28
N THR A 345 33.12 -13.12 -11.07
CA THR A 345 33.30 -12.06 -10.06
C THR A 345 32.24 -10.96 -10.16
N TYR A 346 31.94 -10.53 -11.39
CA TYR A 346 31.01 -9.43 -11.62
C TYR A 346 29.61 -9.85 -11.97
N SER A 347 29.26 -11.11 -11.70
CA SER A 347 27.89 -11.55 -11.87
C SER A 347 26.98 -10.73 -10.98
N GLY A 348 25.99 -10.09 -11.60
CA GLY A 348 24.98 -9.27 -10.90
C GLY A 348 25.45 -7.89 -10.50
N HIS A 349 26.48 -7.40 -11.21
CA HIS A 349 27.10 -6.13 -10.91
C HIS A 349 26.05 -5.03 -10.73
N PRO A 350 26.03 -4.39 -9.55
CA PRO A 350 24.99 -3.44 -9.21
C PRO A 350 24.78 -2.28 -10.17
N ILE A 351 25.84 -1.61 -10.62
CA ILE A 351 25.60 -0.47 -11.53
C ILE A 351 24.98 -0.97 -12.85
N CYS A 352 25.35 -2.17 -13.28
CA CYS A 352 24.78 -2.73 -14.49
C CYS A 352 23.31 -3.09 -14.31
N ALA A 353 22.98 -3.65 -13.16
CA ALA A 353 21.59 -3.91 -12.80
C ALA A 353 20.78 -2.63 -12.78
N ALA A 354 21.33 -1.59 -12.17
CA ALA A 354 20.66 -0.31 -12.08
C ALA A 354 20.39 0.26 -13.47
N ALA A 355 21.35 0.10 -14.36
CA ALA A 355 21.17 0.54 -15.75
C ALA A 355 20.05 -0.20 -16.43
N ALA A 356 19.98 -1.51 -16.21
CA ALA A 356 18.93 -2.33 -16.79
C ALA A 356 17.57 -1.89 -16.32
N LEU A 357 17.44 -1.63 -15.02
CA LEU A 357 16.16 -1.21 -14.46
C LEU A 357 15.69 0.09 -15.10
N ALA A 358 16.60 1.05 -15.25
CA ALA A 358 16.25 2.32 -15.89
C ALA A 358 15.88 2.12 -17.35
N ASN A 359 16.65 1.26 -18.02
CA ASN A 359 16.37 0.91 -19.39
C ASN A 359 14.96 0.30 -19.49
N LEU A 360 14.64 -0.65 -18.62
CA LEU A 360 13.33 -1.25 -18.65
C LEU A 360 12.21 -0.23 -18.35
N ASP A 361 12.46 0.66 -17.40
CA ASP A 361 11.50 1.71 -17.08
C ASP A 361 11.15 2.50 -18.33
N ILE A 362 12.17 2.81 -19.13
CA ILE A 362 11.95 3.64 -20.32
C ILE A 362 11.24 2.87 -21.42
N LEU A 363 11.66 1.63 -21.67
CA LEU A 363 10.97 0.77 -22.63
C LEU A 363 9.47 0.65 -22.32
N GLU A 364 9.13 0.50 -21.05
CA GLU A 364 7.74 0.31 -20.64
C GLU A 364 6.97 1.63 -20.70
N ARG A 365 7.57 2.71 -20.22
CA ARG A 365 6.89 4.00 -20.13
C ARG A 365 6.53 4.58 -21.50
N GLU A 366 7.45 4.48 -22.46
CA GLU A 366 7.21 5.03 -23.79
C GLU A 366 6.68 3.98 -24.78
N ASN A 367 6.31 2.80 -24.27
CA ASN A 367 6.00 1.61 -25.07
C ASN A 367 6.78 1.49 -26.37
N LEU A 368 8.09 1.31 -26.21
CA LEU A 368 8.97 1.23 -27.36
C LEU A 368 8.84 -0.09 -28.10
N THR A 369 8.30 -1.11 -27.43
CA THR A 369 7.93 -2.33 -28.12
C THR A 369 6.88 -2.04 -29.22
N ALA A 370 5.81 -1.33 -28.84
CA ALA A 370 4.80 -0.87 -29.79
C ALA A 370 5.37 0.02 -30.88
N ASN A 371 6.20 0.99 -30.50
CA ASN A 371 6.79 1.85 -31.51
C ASN A 371 7.67 1.05 -32.49
N ALA A 372 8.38 0.06 -31.98
CA ALA A 372 9.17 -0.80 -32.84
C ALA A 372 8.31 -1.59 -33.85
N ALA A 373 7.12 -2.00 -33.44
CA ALA A 373 6.21 -2.72 -34.33
C ALA A 373 5.66 -1.78 -35.40
N ASP A 374 5.19 -0.62 -34.96
CA ASP A 374 4.65 0.42 -35.83
C ASP A 374 5.66 0.88 -36.91
N VAL A 375 6.72 1.52 -36.44
CA VAL A 375 7.67 2.17 -37.31
C VAL A 375 8.56 1.14 -38.00
N GLY A 376 8.74 -0.01 -37.38
CA GLY A 376 9.46 -1.11 -37.99
C GLY A 376 8.75 -1.67 -39.19
N ALA A 377 7.42 -1.82 -39.07
CA ALA A 377 6.61 -2.28 -40.21
C ALA A 377 6.69 -1.23 -41.32
N TYR A 378 6.51 0.03 -40.92
CA TYR A 378 6.62 1.11 -41.85
C TYR A 378 7.96 1.15 -42.58
N LEU A 379 9.06 1.03 -41.85
CA LEU A 379 10.39 1.07 -42.43
C LEU A 379 10.60 -0.09 -43.38
N ASN A 380 10.21 -1.28 -42.94
CA ASN A 380 10.33 -2.48 -43.77
C ASN A 380 9.55 -2.39 -45.05
N GLN A 381 8.37 -1.79 -44.98
CA GLN A 381 7.50 -1.68 -46.14
C GLN A 381 8.06 -0.61 -47.08
N ARG A 382 8.56 0.49 -46.53
CA ARG A 382 9.21 1.49 -47.35
C ARG A 382 10.48 1.00 -48.05
N LEU A 383 11.24 0.13 -47.40
CA LEU A 383 12.42 -0.46 -48.03
C LEU A 383 12.02 -1.39 -49.17
N ARG A 384 10.89 -2.06 -48.98
CA ARG A 384 10.36 -3.01 -49.93
C ARG A 384 9.91 -2.31 -51.22
N GLU A 385 9.11 -1.25 -51.06
CA GLU A 385 8.65 -0.42 -52.18
C GLU A 385 9.84 0.11 -52.93
N THR A 386 10.80 0.69 -52.20
CA THR A 386 11.87 1.40 -52.87
C THR A 386 12.96 0.48 -53.45
N PHE A 387 13.10 -0.76 -52.99
CA PHE A 387 14.21 -1.62 -53.46
C PHE A 387 13.84 -2.93 -54.12
N GLU A 388 12.57 -3.36 -54.03
CA GLU A 388 12.17 -4.54 -54.76
C GLU A 388 12.12 -4.18 -56.25
N GLY A 389 12.81 -4.99 -57.05
CA GLY A 389 12.97 -4.71 -58.48
C GLY A 389 14.22 -3.91 -58.83
N HIS A 390 14.81 -3.19 -57.87
CA HIS A 390 16.07 -2.50 -58.10
C HIS A 390 17.16 -3.50 -58.58
N PRO A 391 17.92 -3.14 -59.63
CA PRO A 391 18.78 -4.17 -60.26
C PRO A 391 19.97 -4.66 -59.44
N LEU A 392 20.45 -3.86 -58.48
CA LEU A 392 21.47 -4.29 -57.53
C LEU A 392 21.01 -5.28 -56.45
N VAL A 393 19.72 -5.25 -56.11
CA VAL A 393 19.19 -5.93 -54.93
C VAL A 393 18.59 -7.28 -55.24
N GLY A 394 19.11 -8.35 -54.63
CA GLY A 394 18.59 -9.70 -54.74
C GLY A 394 17.39 -9.98 -53.83
N GLU A 395 17.40 -9.41 -52.60
CA GLU A 395 16.31 -9.58 -51.66
C GLU A 395 16.22 -8.43 -50.67
N VAL A 396 15.00 -8.05 -50.31
CA VAL A 396 14.71 -7.18 -49.19
C VAL A 396 14.09 -8.04 -48.11
N ARG A 397 14.61 -7.96 -46.89
CA ARG A 397 14.03 -8.70 -45.77
C ARG A 397 14.03 -7.90 -44.49
N GLY A 398 13.30 -8.41 -43.50
CA GLY A 398 13.21 -7.77 -42.21
C GLY A 398 11.97 -8.09 -41.42
N ASP A 399 11.97 -7.69 -40.15
CA ASP A 399 10.87 -7.92 -39.23
C ASP A 399 11.05 -6.96 -38.05
N GLY A 400 9.96 -6.35 -37.58
CA GLY A 400 10.07 -5.31 -36.54
C GLY A 400 11.08 -4.27 -36.96
N MET A 401 11.98 -3.88 -36.06
N MET A 401 11.98 -3.88 -36.06
CA MET A 401 13.05 -2.90 -36.39
CA MET A 401 13.05 -2.90 -36.39
C MET A 401 14.35 -3.57 -36.80
C MET A 401 14.35 -3.57 -36.80
N LEU A 402 14.25 -4.60 -37.63
CA LEU A 402 15.40 -5.18 -38.31
C LEU A 402 15.06 -5.22 -39.78
N ALA A 403 16.00 -4.80 -40.61
CA ALA A 403 15.82 -4.86 -42.05
C ALA A 403 17.15 -5.02 -42.76
N ALA A 404 17.11 -5.59 -43.94
CA ALA A 404 18.33 -5.74 -44.74
C ALA A 404 18.06 -5.82 -46.24
N LEU A 405 19.01 -5.28 -46.99
CA LEU A 405 19.08 -5.42 -48.44
C LEU A 405 20.24 -6.32 -48.76
N GLU A 406 20.00 -7.45 -49.43
CA GLU A 406 21.10 -8.28 -49.95
C GLU A 406 21.32 -8.00 -51.44
N PHE A 407 22.56 -7.74 -51.81
CA PHE A 407 22.93 -7.42 -53.19
C PHE A 407 23.45 -8.65 -53.91
N MET A 408 22.91 -8.89 -55.09
CA MET A 408 23.30 -10.06 -55.92
C MET A 408 23.68 -9.66 -57.35
N ALA A 409 24.63 -10.40 -57.91
CA ALA A 409 24.97 -10.27 -59.33
C ALA A 409 23.86 -10.81 -60.21
N ASP A 410 23.24 -11.93 -59.79
CA ASP A 410 22.08 -12.50 -60.50
C ASP A 410 20.98 -12.91 -59.50
N ARG A 411 19.91 -12.12 -59.48
CA ARG A 411 18.80 -12.30 -58.52
C ARG A 411 18.17 -13.69 -58.61
N GLU A 412 17.65 -14.05 -59.78
CA GLU A 412 17.00 -15.37 -59.93
C GLU A 412 17.97 -16.53 -59.83
N ALA A 413 19.17 -16.36 -60.31
CA ALA A 413 20.20 -17.40 -60.19
C ALA A 413 20.74 -17.54 -58.76
N ARG A 414 20.49 -16.53 -57.91
CA ARG A 414 21.05 -16.50 -56.55
C ARG A 414 22.57 -16.50 -56.63
N THR A 415 23.10 -15.73 -57.57
CA THR A 415 24.54 -15.63 -57.78
C THR A 415 25.03 -14.37 -57.08
N PRO A 416 25.95 -14.52 -56.10
CA PRO A 416 26.47 -13.30 -55.48
C PRO A 416 27.55 -12.65 -56.31
N PHE A 417 27.83 -11.39 -56.03
CA PHE A 417 29.00 -10.72 -56.55
C PHE A 417 30.28 -11.40 -56.09
N ASP A 418 31.35 -11.18 -56.87
CA ASP A 418 32.70 -11.54 -56.45
C ASP A 418 32.97 -10.80 -55.11
N PRO A 419 33.32 -11.55 -54.05
CA PRO A 419 33.63 -10.90 -52.77
C PRO A 419 34.63 -9.72 -52.86
N ALA A 420 35.64 -9.84 -53.73
CA ALA A 420 36.65 -8.78 -53.89
C ALA A 420 36.11 -7.44 -54.46
N LEU A 421 34.91 -7.48 -55.03
CA LEU A 421 34.25 -6.27 -55.50
C LEU A 421 33.72 -5.39 -54.37
N LYS A 422 33.48 -5.98 -53.19
CA LYS A 422 33.14 -5.28 -51.95
C LYS A 422 31.88 -4.42 -52.07
N VAL A 423 30.84 -4.96 -52.68
CA VAL A 423 29.63 -4.18 -52.95
C VAL A 423 28.93 -3.72 -51.66
N GLY A 424 28.75 -4.66 -50.73
CA GLY A 424 28.19 -4.35 -49.41
C GLY A 424 28.96 -3.22 -48.74
N PRO A 425 30.27 -3.43 -48.50
CA PRO A 425 31.07 -2.34 -47.90
C PRO A 425 31.00 -1.02 -48.66
N LYS A 426 30.92 -1.07 -49.99
CA LYS A 426 30.81 0.16 -50.80
C LYS A 426 29.54 0.93 -50.55
N VAL A 427 28.43 0.22 -50.44
CA VAL A 427 27.13 0.86 -50.16
C VAL A 427 27.11 1.49 -48.76
N SER A 428 27.62 0.75 -47.79
CA SER A 428 27.82 1.24 -46.44
C SER A 428 28.67 2.52 -46.40
N ALA A 429 29.78 2.51 -47.13
CA ALA A 429 30.67 3.70 -47.21
C ALA A 429 29.97 4.90 -47.85
N ALA A 430 29.17 4.64 -48.87
CA ALA A 430 28.41 5.71 -49.52
C ALA A 430 27.36 6.26 -48.56
N CYS A 431 26.70 5.39 -47.81
CA CYS A 431 25.77 5.84 -46.78
C CYS A 431 26.45 6.76 -45.76
N LEU A 432 27.66 6.38 -45.33
CA LEU A 432 28.41 7.15 -44.35
C LEU A 432 28.84 8.54 -44.84
N GLU A 433 29.11 8.66 -46.14
CA GLU A 433 29.39 9.96 -46.74
C GLU A 433 28.18 10.85 -46.73
N ASP A 434 27.00 10.28 -46.92
CA ASP A 434 25.73 11.04 -46.74
C ASP A 434 25.28 11.18 -45.27
N GLY A 435 26.11 10.78 -44.32
CA GLY A 435 25.82 10.98 -42.90
C GLY A 435 24.97 9.92 -42.22
N MET A 436 25.01 8.67 -42.69
CA MET A 436 24.29 7.58 -42.07
C MET A 436 25.14 6.34 -41.86
N ILE A 437 24.99 5.73 -40.70
CA ILE A 437 25.66 4.48 -40.39
C ILE A 437 24.71 3.33 -40.58
N ALA A 438 25.06 2.45 -41.50
CA ALA A 438 24.35 1.20 -41.73
C ALA A 438 25.38 0.15 -42.06
N ARG A 439 25.24 -1.05 -41.54
CA ARG A 439 26.37 -1.97 -41.49
C ARG A 439 26.47 -2.80 -42.75
N ALA A 440 27.70 -2.96 -43.26
CA ALA A 440 27.98 -3.98 -44.23
C ALA A 440 28.11 -5.28 -43.44
N MET A 441 27.12 -6.14 -43.54
CA MET A 441 27.09 -7.35 -42.73
C MET A 441 28.16 -8.30 -43.27
N PRO A 442 28.71 -9.16 -42.41
CA PRO A 442 29.79 -10.05 -42.88
C PRO A 442 29.32 -11.22 -43.77
N HIS A 443 30.28 -11.78 -44.51
CA HIS A 443 30.12 -12.96 -45.38
C HIS A 443 28.92 -12.87 -46.31
N GLY A 444 28.97 -11.83 -47.13
CA GLY A 444 27.94 -11.54 -48.13
C GLY A 444 28.02 -10.05 -48.45
N ASP A 445 27.17 -9.63 -49.39
CA ASP A 445 27.00 -8.22 -49.71
C ASP A 445 25.62 -7.83 -49.21
N ILE A 446 25.59 -7.38 -47.95
CA ILE A 446 24.34 -7.13 -47.24
C ILE A 446 24.39 -5.83 -46.47
N LEU A 447 23.40 -4.96 -46.68
CA LEU A 447 23.28 -3.73 -45.90
C LEU A 447 22.22 -3.94 -44.85
N GLY A 448 22.62 -3.85 -43.58
CA GLY A 448 21.74 -4.11 -42.44
C GLY A 448 21.29 -2.84 -41.75
N PHE A 449 20.04 -2.86 -41.27
CA PHE A 449 19.48 -1.79 -40.47
C PHE A 449 18.96 -2.34 -39.14
N ALA A 450 19.34 -1.68 -38.05
CA ALA A 450 18.84 -1.98 -36.70
C ALA A 450 18.81 -0.69 -35.88
N PRO A 451 17.88 0.21 -36.23
CA PRO A 451 17.85 1.54 -35.61
C PRO A 451 17.32 1.53 -34.19
N PRO A 452 17.59 2.59 -33.42
CA PRO A 452 17.00 2.63 -32.09
C PRO A 452 15.50 2.55 -32.18
N LEU A 453 14.86 2.01 -31.15
CA LEU A 453 13.42 1.77 -31.19
C LEU A 453 12.61 3.05 -31.02
N VAL A 454 13.26 4.17 -30.70
CA VAL A 454 12.59 5.48 -30.68
C VAL A 454 12.36 6.09 -32.08
N LEU A 455 12.83 5.41 -33.12
CA LEU A 455 12.77 5.94 -34.50
C LEU A 455 11.37 6.39 -34.87
N THR A 456 11.27 7.54 -35.55
CA THR A 456 10.00 8.04 -36.11
C THR A 456 9.87 7.67 -37.59
N ARG A 457 8.65 7.81 -38.10
CA ARG A 457 8.41 7.64 -39.55
C ARG A 457 9.26 8.60 -40.35
N ALA A 458 9.32 9.86 -39.95
CA ALA A 458 10.12 10.86 -40.65
C ALA A 458 11.59 10.43 -40.73
N GLU A 459 12.14 9.97 -39.60
CA GLU A 459 13.52 9.54 -39.54
C GLU A 459 13.72 8.27 -40.37
N ALA A 460 12.73 7.39 -40.37
CA ALA A 460 12.76 6.22 -41.25
C ALA A 460 12.81 6.61 -42.72
N ASP A 461 12.02 7.63 -43.11
CA ASP A 461 12.04 8.12 -44.50
C ASP A 461 13.41 8.65 -44.87
N GLU A 462 14.02 9.40 -43.94
CA GLU A 462 15.36 9.93 -44.18
C GLU A 462 16.37 8.81 -44.40
N ILE A 463 16.32 7.79 -43.55
CA ILE A 463 17.17 6.61 -43.67
C ILE A 463 17.02 5.96 -45.05
N VAL A 464 15.77 5.75 -45.46
CA VAL A 464 15.49 5.12 -46.75
C VAL A 464 16.02 5.98 -47.91
N GLY A 465 15.82 7.30 -47.82
CA GLY A 465 16.36 8.23 -48.82
C GLY A 465 17.85 8.11 -49.00
N ILE A 466 18.58 8.03 -47.90
CA ILE A 466 20.03 7.97 -47.98
C ILE A 466 20.45 6.64 -48.55
N ALA A 467 19.74 5.57 -48.21
CA ALA A 467 20.10 4.27 -48.73
C ALA A 467 19.88 4.19 -50.26
N LYS A 468 18.75 4.74 -50.72
CA LYS A 468 18.43 4.87 -52.13
C LYS A 468 19.61 5.49 -52.90
N ALA A 469 20.03 6.67 -52.47
CA ALA A 469 21.13 7.38 -53.12
C ALA A 469 22.40 6.55 -53.15
N ALA A 470 22.71 5.87 -52.05
CA ALA A 470 23.93 5.08 -51.94
C ALA A 470 23.89 3.82 -52.80
N VAL A 471 22.72 3.19 -52.85
CA VAL A 471 22.55 2.01 -53.68
C VAL A 471 22.60 2.37 -55.17
N ASP A 472 21.91 3.46 -55.54
CA ASP A 472 21.96 3.97 -56.92
C ASP A 472 23.41 4.27 -57.34
N GLU A 473 24.15 4.95 -56.48
CA GLU A 473 25.53 5.33 -56.77
C GLU A 473 26.40 4.13 -57.03
N VAL A 474 26.31 3.13 -56.16
CA VAL A 474 27.17 1.96 -56.26
C VAL A 474 26.75 1.09 -57.43
N ALA A 475 25.45 1.04 -57.72
CA ALA A 475 24.96 0.32 -58.89
C ALA A 475 25.54 0.94 -60.16
N GLY A 476 25.49 2.27 -60.26
CA GLY A 476 26.17 3.01 -61.32
C GLY A 476 27.63 2.67 -61.55
N GLU A 477 28.33 2.24 -60.50
CA GLU A 477 29.76 1.98 -60.58
C GLU A 477 30.10 0.55 -60.87
N VAL A 478 29.19 -0.37 -60.60
CA VAL A 478 29.49 -1.80 -60.66
C VAL A 478 28.67 -2.57 -61.71
N LEU A 479 27.53 -2.02 -62.09
CA LEU A 479 26.67 -2.59 -63.11
C LEU A 479 26.96 -1.93 -64.44
N THR B 22 -4.99 0.08 4.25
CA THR B 22 -4.09 -0.31 3.12
C THR B 22 -3.00 0.73 3.04
N ASP B 23 -3.17 1.85 2.33
CA ASP B 23 -2.58 3.19 2.67
C ASP B 23 -3.53 4.26 2.09
N PHE B 24 -4.42 4.75 2.94
CA PHE B 24 -5.45 5.65 2.50
C PHE B 24 -4.93 7.06 2.28
N ASP B 25 -3.88 7.45 3.00
CA ASP B 25 -3.26 8.77 2.82
C ASP B 25 -2.79 8.96 1.39
N GLN B 26 -2.13 7.91 0.86
CA GLN B 26 -1.66 7.96 -0.51
C GLN B 26 -2.84 7.98 -1.50
N LEU B 27 -3.88 7.22 -1.24
CA LEU B 27 -5.08 7.23 -2.10
C LEU B 27 -5.76 8.60 -2.12
N PHE B 28 -5.86 9.26 -0.96
CA PHE B 28 -6.43 10.61 -0.92
C PHE B 28 -5.54 11.63 -1.64
N GLU B 29 -4.22 11.46 -1.60
CA GLU B 29 -3.32 12.34 -2.36
C GLU B 29 -3.62 12.20 -3.85
N GLN B 30 -3.82 10.96 -4.29
CA GLN B 30 -4.14 10.65 -5.68
C GLN B 30 -5.54 11.12 -6.09
N ASP B 31 -6.50 10.91 -5.19
CA ASP B 31 -7.87 11.43 -5.32
C ASP B 31 -7.86 12.92 -5.59
N ARG B 32 -7.21 13.67 -4.72
CA ARG B 32 -7.12 15.14 -4.88
C ARG B 32 -6.39 15.56 -6.14
N ALA B 33 -5.37 14.85 -6.52
CA ALA B 33 -4.62 15.16 -7.74
C ALA B 33 -5.38 14.89 -9.04
N HIS B 34 -6.19 13.84 -9.08
CA HIS B 34 -6.63 13.26 -10.37
C HIS B 34 -8.11 12.94 -10.57
N PHE B 35 -8.89 12.81 -9.50
CA PHE B 35 -10.29 12.47 -9.61
C PHE B 35 -11.19 13.73 -9.50
N MET B 36 -11.84 14.07 -10.60
CA MET B 36 -12.88 15.09 -10.60
C MET B 36 -14.23 14.44 -10.25
N HIS B 37 -14.71 14.69 -9.05
CA HIS B 37 -15.94 14.08 -8.56
C HIS B 37 -17.15 14.79 -9.15
N PRO B 38 -18.26 14.07 -9.30
CA PRO B 38 -19.52 14.79 -9.46
C PRO B 38 -19.82 15.65 -8.25
N SER B 39 -20.53 16.75 -8.46
CA SER B 39 -21.19 17.50 -7.39
C SER B 39 -20.31 17.65 -6.12
N THR B 40 -19.14 18.25 -6.33
CA THR B 40 -18.11 18.39 -5.30
C THR B 40 -17.35 19.69 -5.53
N HIS B 41 -17.25 20.52 -4.50
CA HIS B 41 -16.47 21.77 -4.56
C HIS B 41 -15.02 21.49 -5.04
N ALA B 42 -14.67 21.95 -6.24
CA ALA B 42 -13.40 21.57 -6.85
C ALA B 42 -12.18 21.99 -6.02
N HIS B 43 -12.16 23.25 -5.58
CA HIS B 43 -11.00 23.75 -4.84
C HIS B 43 -10.90 23.15 -3.44
N ASP B 44 -11.97 23.24 -2.66
CA ASP B 44 -11.98 22.66 -1.32
C ASP B 44 -11.59 21.20 -1.32
N HIS B 45 -12.05 20.46 -2.33
CA HIS B 45 -11.67 19.07 -2.45
C HIS B 45 -10.18 18.91 -2.74
N ALA B 46 -9.66 19.65 -3.73
CA ALA B 46 -8.23 19.55 -4.10
C ALA B 46 -7.28 20.04 -2.99
N SER B 47 -7.72 21.03 -2.22
CA SER B 47 -6.91 21.59 -1.14
C SER B 47 -6.92 20.71 0.11
N GLY B 48 -7.97 19.91 0.29
CA GLY B 48 -8.14 19.11 1.50
C GLY B 48 -9.13 19.70 2.49
N ALA B 49 -9.56 20.94 2.26
CA ALA B 49 -10.56 21.61 3.12
C ALA B 49 -11.88 20.84 3.19
N LEU B 50 -12.27 20.24 2.07
CA LEU B 50 -13.40 19.31 2.01
C LEU B 50 -12.78 17.93 2.09
N PRO B 51 -12.87 17.29 3.27
CA PRO B 51 -12.13 16.02 3.41
C PRO B 51 -12.81 14.88 2.66
N GLY B 52 -12.00 14.01 2.09
CA GLY B 52 -12.49 12.85 1.36
C GLY B 52 -13.00 11.73 2.26
N ARG B 53 -13.70 10.80 1.63
CA ARG B 53 -14.22 9.64 2.32
C ARG B 53 -14.22 8.46 1.34
N ILE B 54 -13.56 7.38 1.69
CA ILE B 54 -13.54 6.20 0.87
C ILE B 54 -14.47 5.17 1.49
N ILE B 55 -15.34 4.59 0.67
CA ILE B 55 -16.25 3.55 1.11
C ILE B 55 -15.64 2.20 0.77
N THR B 56 -15.56 1.31 1.76
CA THR B 56 -14.89 0.03 1.61
C THR B 56 -15.83 -1.17 1.64
N GLY B 57 -17.06 -0.98 2.09
CA GLY B 57 -17.99 -2.08 2.19
C GLY B 57 -19.36 -1.60 2.61
N ALA B 58 -20.31 -2.50 2.60
CA ALA B 58 -21.66 -2.16 2.93
C ALA B 58 -22.51 -3.40 3.09
N SER B 59 -23.58 -3.25 3.85
CA SER B 59 -24.41 -4.36 4.22
C SER B 59 -25.71 -3.87 4.83
N GLY B 60 -26.84 -4.43 4.39
CA GLY B 60 -28.16 -4.08 4.90
C GLY B 60 -28.46 -2.64 4.56
N ILE B 61 -28.50 -1.78 5.59
CA ILE B 61 -28.72 -0.34 5.43
C ILE B 61 -27.51 0.50 5.83
N ARG B 62 -26.35 -0.13 6.03
CA ARG B 62 -25.14 0.55 6.54
C ARG B 62 -23.99 0.48 5.57
N ILE B 63 -23.21 1.54 5.49
CA ILE B 63 -21.96 1.52 4.71
C ILE B 63 -20.79 1.69 5.67
N ARG B 64 -19.61 1.29 5.24
CA ARG B 64 -18.40 1.35 6.07
C ARG B 64 -17.37 2.20 5.35
N ASP B 65 -16.83 3.19 6.05
CA ASP B 65 -15.78 4.02 5.46
C ASP B 65 -14.37 3.50 5.76
N HIS B 66 -13.39 4.21 5.22
CA HIS B 66 -11.96 3.87 5.34
C HIS B 66 -11.40 3.86 6.77
N GLU B 67 -12.04 4.57 7.69
CA GLU B 67 -11.67 4.55 9.10
C GLU B 67 -12.37 3.44 9.91
N GLY B 68 -13.18 2.59 9.28
CA GLY B 68 -13.94 1.56 10.01
C GLY B 68 -15.30 2.01 10.52
N ARG B 69 -15.66 3.27 10.35
CA ARG B 69 -16.96 3.78 10.80
C ARG B 69 -18.10 3.13 10.02
N GLU B 70 -19.16 2.82 10.71
CA GLU B 70 -20.31 2.19 10.10
C GLU B 70 -21.43 3.21 10.14
N LEU B 71 -21.95 3.62 8.99
CA LEU B 71 -22.99 4.68 8.94
C LEU B 71 -24.32 4.14 8.47
N ILE B 72 -25.41 4.55 9.12
CA ILE B 72 -26.73 4.22 8.63
C ILE B 72 -27.00 5.09 7.43
N ASP B 73 -27.29 4.48 6.30
CA ASP B 73 -27.59 5.25 5.11
C ASP B 73 -29.08 5.43 4.95
N ALA B 74 -29.59 6.49 5.54
CA ALA B 74 -31.02 6.81 5.44
C ALA B 74 -31.39 7.44 4.10
N PHE B 75 -30.44 7.51 3.16
CA PHE B 75 -30.71 8.01 1.81
C PHE B 75 -30.47 6.98 0.68
N ALA B 76 -30.15 5.73 1.04
CA ALA B 76 -29.96 4.66 0.07
C ALA B 76 -29.13 5.09 -1.15
N GLY B 77 -27.93 5.59 -0.88
CA GLY B 77 -27.07 6.14 -1.90
C GLY B 77 -27.63 7.48 -2.31
N LEU B 78 -28.33 7.47 -3.43
CA LEU B 78 -29.12 8.60 -3.93
C LEU B 78 -30.47 8.05 -4.37
N TYR B 79 -31.35 7.82 -3.41
CA TYR B 79 -32.67 7.21 -3.65
C TYR B 79 -32.60 5.95 -4.49
N CYS B 80 -31.53 5.18 -4.41
CA CYS B 80 -31.35 4.12 -5.37
C CYS B 80 -31.02 2.74 -4.86
N VAL B 81 -30.46 2.58 -3.67
CA VAL B 81 -30.10 1.24 -3.19
C VAL B 81 -31.31 0.61 -2.50
N ASN B 82 -32.32 0.28 -3.30
CA ASN B 82 -33.65 -0.03 -2.76
C ASN B 82 -33.78 -1.39 -2.10
N ILE B 83 -33.13 -2.40 -2.66
CA ILE B 83 -33.11 -3.72 -2.03
C ILE B 83 -32.09 -3.84 -0.90
N GLY B 84 -31.33 -2.77 -0.65
CA GLY B 84 -30.32 -2.79 0.40
C GLY B 84 -28.95 -3.18 -0.11
N TYR B 85 -27.94 -2.92 0.73
CA TYR B 85 -26.55 -3.17 0.40
C TYR B 85 -26.16 -4.61 0.64
N GLY B 86 -25.10 -5.04 -0.04
CA GLY B 86 -24.46 -6.30 0.26
C GLY B 86 -25.17 -7.53 -0.29
N ARG B 87 -25.98 -7.37 -1.33
CA ARG B 87 -26.74 -8.49 -1.87
C ARG B 87 -25.87 -9.37 -2.76
N THR B 88 -25.31 -10.42 -2.22
CA THR B 88 -24.39 -11.21 -3.02
C THR B 88 -25.16 -11.95 -4.15
N GLU B 89 -26.47 -12.17 -3.94
CA GLU B 89 -27.31 -12.70 -5.01
C GLU B 89 -27.21 -11.91 -6.32
N VAL B 90 -27.15 -10.59 -6.24
CA VAL B 90 -27.04 -9.75 -7.41
C VAL B 90 -25.64 -9.80 -7.99
N ALA B 91 -24.63 -9.82 -7.12
CA ALA B 91 -23.25 -10.02 -7.55
C ALA B 91 -23.09 -11.33 -8.34
N ASP B 92 -23.71 -12.40 -7.84
CA ASP B 92 -23.69 -13.71 -8.50
C ASP B 92 -24.33 -13.63 -9.89
N ALA B 93 -25.45 -12.93 -9.99
CA ALA B 93 -26.16 -12.79 -11.27
C ALA B 93 -25.33 -12.00 -12.30
N ILE B 94 -24.70 -10.93 -11.82
CA ILE B 94 -23.80 -10.11 -12.63
C ILE B 94 -22.64 -10.95 -13.14
N TYR B 95 -22.05 -11.74 -12.25
CA TYR B 95 -20.87 -12.55 -12.54
C TYR B 95 -21.18 -13.60 -13.59
N LYS B 96 -22.28 -14.30 -13.38
CA LYS B 96 -22.76 -15.29 -14.32
C LYS B 96 -22.93 -14.75 -15.72
N GLN B 97 -23.56 -13.60 -15.84
CA GLN B 97 -23.68 -12.96 -17.14
C GLN B 97 -22.32 -12.48 -17.68
N ALA B 98 -21.46 -11.95 -16.81
CA ALA B 98 -20.12 -11.51 -17.25
C ALA B 98 -19.30 -12.64 -17.85
N LYS B 99 -19.38 -13.84 -17.29
CA LYS B 99 -18.75 -15.04 -17.89
C LYS B 99 -19.40 -15.49 -19.17
N GLU B 100 -20.72 -15.52 -19.20
CA GLU B 100 -21.46 -16.07 -20.33
C GLU B 100 -21.33 -15.14 -21.54
N LEU B 101 -21.72 -13.88 -21.36
CA LEU B 101 -21.53 -12.81 -22.36
C LEU B 101 -21.67 -11.44 -21.72
N ALA B 102 -20.52 -10.82 -21.45
CA ALA B 102 -20.51 -9.51 -20.79
C ALA B 102 -21.14 -8.46 -21.69
N TYR B 103 -20.83 -8.53 -22.99
CA TYR B 103 -21.30 -7.54 -23.94
C TYR B 103 -21.38 -8.00 -25.37
N TYR B 104 -22.51 -7.69 -25.97
CA TYR B 104 -22.61 -7.45 -27.40
C TYR B 104 -23.61 -6.32 -27.57
N HIS B 105 -23.59 -5.67 -28.72
CA HIS B 105 -24.55 -4.59 -28.98
C HIS B 105 -25.95 -5.18 -29.19
N THR B 106 -26.95 -4.31 -29.18
CA THR B 106 -28.33 -4.66 -29.50
C THR B 106 -28.83 -3.91 -30.73
N TYR B 107 -27.91 -3.42 -31.54
CA TYR B 107 -28.21 -2.79 -32.83
C TYR B 107 -28.79 -3.82 -33.81
N VAL B 108 -29.61 -3.35 -34.76
CA VAL B 108 -30.11 -4.16 -35.86
C VAL B 108 -30.70 -5.50 -35.37
N GLY B 109 -31.60 -5.44 -34.40
CA GLY B 109 -32.32 -6.62 -33.95
C GLY B 109 -31.57 -7.62 -33.08
N HIS B 110 -30.32 -7.29 -32.67
CA HIS B 110 -29.56 -8.16 -31.78
C HIS B 110 -30.02 -8.02 -30.33
N SER B 111 -30.01 -9.15 -29.61
CA SER B 111 -30.42 -9.21 -28.21
C SER B 111 -29.60 -10.20 -27.42
N THR B 112 -29.74 -10.11 -26.10
CA THR B 112 -29.56 -11.23 -25.20
C THR B 112 -30.89 -11.70 -24.68
N GLU B 113 -30.87 -12.88 -24.09
CA GLU B 113 -32.01 -13.42 -23.37
C GLU B 113 -32.43 -12.51 -22.20
N ALA B 114 -31.44 -12.02 -21.45
CA ALA B 114 -31.68 -11.17 -20.28
C ALA B 114 -32.44 -9.88 -20.64
N ILE B 115 -32.02 -9.20 -21.71
CA ILE B 115 -32.66 -7.94 -22.06
C ILE B 115 -34.09 -8.16 -22.55
N ILE B 116 -34.32 -9.27 -23.23
CA ILE B 116 -35.67 -9.59 -23.67
C ILE B 116 -36.56 -9.86 -22.45
N GLU B 117 -36.05 -10.67 -21.52
CA GLU B 117 -36.82 -11.05 -20.35
C GLU B 117 -37.15 -9.84 -19.51
N LEU B 118 -36.15 -8.97 -19.32
CA LEU B 118 -36.32 -7.74 -18.56
C LEU B 118 -37.39 -6.84 -19.18
N SER B 119 -37.36 -6.72 -20.50
CA SER B 119 -38.32 -5.89 -21.19
C SER B 119 -39.72 -6.43 -20.99
N SER B 120 -39.93 -7.74 -21.11
CA SER B 120 -41.31 -8.23 -20.87
C SER B 120 -41.73 -8.13 -19.42
N ARG B 121 -40.82 -8.32 -18.48
CA ARG B 121 -41.17 -8.19 -17.07
C ARG B 121 -41.51 -6.77 -16.66
N ILE B 122 -40.78 -5.78 -17.19
CA ILE B 122 -41.11 -4.40 -16.90
C ILE B 122 -42.56 -4.09 -17.36
N ILE B 123 -42.88 -4.45 -18.59
CA ILE B 123 -44.17 -4.12 -19.18
C ILE B 123 -45.32 -4.88 -18.51
N ARG B 124 -45.11 -6.16 -18.25
CA ARG B 124 -46.16 -7.03 -17.75
C ARG B 124 -46.40 -6.85 -16.25
N ASP B 125 -45.34 -6.69 -15.46
CA ASP B 125 -45.48 -6.70 -14.00
C ASP B 125 -45.39 -5.36 -13.30
N TRP B 126 -44.74 -4.38 -13.91
CA TRP B 126 -44.42 -3.11 -13.22
C TRP B 126 -45.01 -1.86 -13.83
N ALA B 127 -45.02 -1.75 -15.16
CA ALA B 127 -45.46 -0.55 -15.81
C ALA B 127 -46.98 -0.46 -15.77
N PRO B 128 -47.52 0.75 -15.83
CA PRO B 128 -48.98 0.87 -15.89
C PRO B 128 -49.56 0.39 -17.21
N ALA B 129 -50.87 0.33 -17.27
CA ALA B 129 -51.60 -0.18 -18.43
C ALA B 129 -51.31 0.66 -19.69
N GLY B 130 -51.32 -0.02 -20.82
CA GLY B 130 -51.08 0.66 -22.11
C GLY B 130 -49.63 1.01 -22.42
N MET B 131 -48.67 0.47 -21.68
CA MET B 131 -47.27 0.64 -22.03
C MET B 131 -46.90 -0.50 -22.94
N LYS B 132 -45.97 -0.27 -23.86
CA LYS B 132 -45.66 -1.26 -24.89
C LYS B 132 -44.19 -1.67 -25.00
N LYS B 133 -43.29 -0.70 -25.15
CA LYS B 133 -41.90 -0.98 -25.45
C LYS B 133 -40.94 -0.32 -24.47
N VAL B 134 -39.73 -0.87 -24.36
CA VAL B 134 -38.69 -0.38 -23.47
C VAL B 134 -37.40 -0.11 -24.23
N TYR B 135 -36.81 1.07 -24.02
CA TYR B 135 -35.54 1.44 -24.64
C TYR B 135 -34.53 1.70 -23.52
N TYR B 136 -33.32 1.16 -23.65
CA TYR B 136 -32.37 1.18 -22.55
C TYR B 136 -31.19 2.12 -22.75
N GLY B 137 -30.86 2.83 -21.69
CA GLY B 137 -29.62 3.58 -21.58
C GLY B 137 -28.98 3.25 -20.25
N LEU B 138 -28.22 4.20 -19.73
CA LEU B 138 -27.38 3.96 -18.57
C LEU B 138 -27.64 4.85 -17.39
N SER B 139 -28.30 5.98 -17.62
CA SER B 139 -28.56 6.96 -16.58
C SER B 139 -29.92 7.62 -16.82
N GLY B 140 -30.51 8.12 -15.73
CA GLY B 140 -31.72 8.92 -15.77
C GLY B 140 -31.62 10.03 -16.77
N SER B 141 -30.45 10.68 -16.85
CA SER B 141 -30.27 11.83 -17.71
C SER B 141 -30.33 11.43 -19.17
N ASP B 142 -29.63 10.37 -19.55
CA ASP B 142 -29.66 9.94 -20.94
C ASP B 142 -31.06 9.39 -21.30
N ALA B 143 -31.78 8.88 -20.31
CA ALA B 143 -33.15 8.47 -20.52
C ALA B 143 -34.02 9.67 -20.91
N ASN B 144 -33.95 10.74 -20.13
CA ASN B 144 -34.72 11.94 -20.47
C ASN B 144 -34.24 12.61 -21.75
N GLU B 145 -32.97 12.44 -22.09
CA GLU B 145 -32.46 12.92 -23.39
C GLU B 145 -33.16 12.15 -24.52
N THR B 146 -33.27 10.83 -24.38
CA THR B 146 -34.04 9.98 -25.28
C THR B 146 -35.50 10.45 -25.37
N GLN B 147 -36.12 10.78 -24.23
CA GLN B 147 -37.48 11.31 -24.24
C GLN B 147 -37.61 12.53 -25.12
N ILE B 148 -36.69 13.49 -25.00
CA ILE B 148 -36.75 14.69 -25.84
C ILE B 148 -36.66 14.31 -27.32
N LYS B 149 -35.73 13.44 -27.67
CA LYS B 149 -35.58 12.98 -29.07
C LYS B 149 -36.86 12.31 -29.62
N LEU B 150 -37.57 11.65 -28.74
CA LEU B 150 -38.72 10.86 -29.12
C LEU B 150 -39.92 11.75 -29.35
N VAL B 151 -40.09 12.74 -28.47
CA VAL B 151 -41.13 13.75 -28.55
C VAL B 151 -41.03 14.56 -29.85
N ARG B 152 -39.82 14.95 -30.20
CA ARG B 152 -39.59 15.65 -31.45
C ARG B 152 -39.90 14.78 -32.66
N TYR B 153 -39.39 13.55 -32.63
CA TYR B 153 -39.59 12.61 -33.72
C TYR B 153 -41.08 12.40 -33.96
N TYR B 154 -41.80 12.10 -32.90
CA TYR B 154 -43.25 11.91 -32.94
C TYR B 154 -43.95 13.02 -33.69
N ASN B 155 -43.69 14.26 -33.26
CA ASN B 155 -44.32 15.41 -33.91
C ASN B 155 -43.87 15.61 -35.36
N ASN B 156 -42.58 15.50 -35.64
CA ASN B 156 -42.12 15.65 -37.01
C ASN B 156 -42.76 14.66 -37.97
N VAL B 157 -42.87 13.40 -37.60
CA VAL B 157 -43.42 12.38 -38.51
C VAL B 157 -44.95 12.43 -38.61
N LEU B 158 -45.60 13.13 -37.68
CA LEU B 158 -47.02 13.46 -37.80
C LEU B 158 -47.26 14.80 -38.54
N GLY B 159 -46.20 15.41 -39.08
CA GLY B 159 -46.33 16.69 -39.77
C GLY B 159 -46.67 17.90 -38.92
N ARG B 160 -46.21 17.92 -37.67
CA ARG B 160 -46.42 19.08 -36.79
C ARG B 160 -45.05 19.63 -36.37
N PRO B 161 -44.28 20.17 -37.32
CA PRO B 161 -42.92 20.60 -36.99
C PRO B 161 -42.81 21.74 -35.99
N GLN B 162 -43.91 22.34 -35.58
CA GLN B 162 -43.86 23.43 -34.61
C GLN B 162 -44.10 22.96 -33.19
N LYS B 163 -44.66 21.76 -33.01
CA LYS B 163 -45.06 21.26 -31.71
C LYS B 163 -43.84 20.58 -31.05
N LYS B 164 -43.04 21.38 -30.35
CA LYS B 164 -41.72 20.97 -29.85
C LYS B 164 -41.38 21.36 -28.41
N LYS B 165 -42.07 22.34 -27.86
CA LYS B 165 -41.70 22.85 -26.56
C LYS B 165 -42.05 21.83 -25.49
N ILE B 166 -41.21 21.77 -24.46
CA ILE B 166 -41.47 20.93 -23.30
C ILE B 166 -41.70 21.85 -22.12
N ILE B 167 -42.68 21.49 -21.30
CA ILE B 167 -42.95 22.18 -20.06
C ILE B 167 -42.52 21.28 -18.91
N SER B 168 -41.73 21.85 -18.03
CA SER B 168 -41.28 21.21 -16.81
C SER B 168 -41.84 22.00 -15.64
N ARG B 169 -41.33 21.76 -14.44
CA ARG B 169 -41.78 22.49 -13.27
C ARG B 169 -40.63 23.02 -12.45
N GLN B 170 -40.98 23.97 -11.60
CA GLN B 170 -40.05 24.66 -10.74
C GLN B 170 -39.73 23.64 -9.64
N ARG B 171 -38.44 23.45 -9.40
CA ARG B 171 -37.91 22.45 -8.46
C ARG B 171 -37.96 20.99 -8.97
N GLY B 172 -38.31 20.77 -10.23
CA GLY B 172 -38.21 19.45 -10.82
C GLY B 172 -36.75 19.09 -10.98
N TYR B 173 -36.42 17.81 -10.82
CA TYR B 173 -35.11 17.30 -11.17
C TYR B 173 -35.26 16.24 -12.24
N HIS B 174 -34.60 16.47 -13.38
CA HIS B 174 -34.68 15.57 -14.52
C HIS B 174 -33.34 15.25 -15.14
N GLY B 175 -32.25 15.64 -14.46
CA GLY B 175 -30.91 15.32 -14.91
C GLY B 175 -29.99 16.52 -14.98
N SER B 176 -28.78 16.24 -15.43
CA SER B 176 -27.67 17.14 -15.30
C SER B 176 -26.93 17.36 -16.62
N GLY B 177 -27.62 17.15 -17.73
CA GLY B 177 -27.06 17.45 -19.05
C GLY B 177 -27.40 18.88 -19.43
N ILE B 178 -27.27 19.22 -20.70
CA ILE B 178 -27.67 20.52 -21.19
C ILE B 178 -29.17 20.62 -21.37
N MET B 179 -29.72 19.69 -22.13
CA MET B 179 -31.15 19.66 -22.41
C MET B 179 -31.90 19.18 -21.15
N THR B 180 -31.38 18.13 -20.52
CA THR B 180 -31.98 17.61 -19.30
C THR B 180 -31.78 18.54 -18.12
N GLY B 181 -30.64 19.22 -18.06
CA GLY B 181 -30.44 20.29 -17.08
C GLY B 181 -31.44 21.41 -17.24
N SER B 182 -31.79 21.73 -18.48
CA SER B 182 -32.85 22.71 -18.75
C SER B 182 -34.19 22.29 -18.21
N LEU B 183 -34.56 21.03 -18.39
CA LEU B 183 -35.80 20.51 -17.79
C LEU B 183 -35.74 20.68 -16.27
N THR B 184 -34.60 20.34 -15.69
CA THR B 184 -34.38 20.50 -14.27
C THR B 184 -34.70 21.95 -13.89
N GLY B 185 -35.46 22.11 -12.82
CA GLY B 185 -35.89 23.43 -12.36
C GLY B 185 -35.24 23.83 -11.05
N LEU B 186 -33.93 23.60 -10.93
CA LEU B 186 -33.15 23.99 -9.76
C LEU B 186 -31.94 24.73 -10.28
N PRO B 187 -31.70 25.97 -9.78
CA PRO B 187 -30.70 26.83 -10.42
C PRO B 187 -29.25 26.32 -10.44
N SER B 188 -28.85 25.45 -9.53
CA SER B 188 -27.45 24.98 -9.49
C SER B 188 -27.08 24.17 -10.74
N PHE B 189 -28.07 23.49 -11.31
CA PHE B 189 -27.86 22.73 -12.56
C PHE B 189 -27.87 23.61 -13.79
N HIS B 190 -28.15 24.91 -13.61
CA HIS B 190 -28.06 25.88 -14.70
C HIS B 190 -26.84 26.77 -14.65
N GLN B 191 -26.19 26.90 -13.49
CA GLN B 191 -25.22 27.96 -13.28
C GLN B 191 -23.98 27.84 -14.18
N HIS B 192 -23.73 28.91 -14.91
CA HIS B 192 -22.67 29.00 -15.91
C HIS B 192 -22.76 28.00 -17.07
N PHE B 193 -23.93 27.43 -17.31
CA PHE B 193 -24.17 26.54 -18.45
C PHE B 193 -25.11 27.10 -19.51
N ASP B 194 -25.63 28.31 -19.28
CA ASP B 194 -26.55 28.99 -20.20
C ASP B 194 -27.85 28.24 -20.33
N LEU B 195 -28.43 27.87 -19.19
CA LEU B 195 -29.65 27.09 -19.19
C LEU B 195 -30.69 27.83 -18.36
N PRO B 196 -31.99 27.63 -18.60
CA PRO B 196 -32.52 26.68 -19.56
C PRO B 196 -32.43 27.18 -20.96
N VAL B 197 -32.26 26.26 -21.89
CA VAL B 197 -32.28 26.53 -23.31
C VAL B 197 -33.67 27.03 -23.69
N GLU B 198 -33.74 27.84 -24.75
CA GLU B 198 -35.02 28.28 -25.31
C GLU B 198 -35.83 27.06 -25.75
N GLY B 199 -37.11 27.07 -25.45
CA GLY B 199 -38.01 25.99 -25.82
C GLY B 199 -38.43 25.15 -24.63
N ILE B 200 -37.79 25.34 -23.48
CA ILE B 200 -38.22 24.66 -22.29
C ILE B 200 -38.71 25.72 -21.31
N LYS B 201 -39.86 25.46 -20.71
CA LYS B 201 -40.51 26.40 -19.78
C LYS B 201 -40.87 25.68 -18.49
N HIS B 202 -41.10 26.46 -17.45
CA HIS B 202 -41.34 25.93 -16.11
C HIS B 202 -42.61 26.51 -15.48
N THR B 203 -43.61 25.68 -15.27
CA THR B 203 -44.80 26.09 -14.53
C THR B 203 -44.50 25.90 -13.06
N VAL B 204 -45.54 25.94 -12.22
CA VAL B 204 -45.33 26.04 -10.78
C VAL B 204 -45.08 24.72 -10.07
N CYS B 205 -44.28 24.83 -9.02
CA CYS B 205 -44.03 23.78 -8.07
C CYS B 205 -45.28 23.55 -7.25
N PRO B 206 -45.87 22.34 -7.31
CA PRO B 206 -47.12 22.10 -6.59
C PRO B 206 -46.92 21.81 -5.11
N HIS B 207 -46.37 22.77 -4.38
CA HIS B 207 -46.11 22.62 -2.95
C HIS B 207 -47.19 23.36 -2.16
N TRP B 208 -48.14 22.65 -1.58
CA TRP B 208 -49.32 23.29 -0.96
C TRP B 208 -48.94 24.24 0.17
N TYR B 209 -48.11 23.76 1.08
CA TYR B 209 -47.58 24.57 2.17
C TYR B 209 -47.09 25.95 1.73
N LYS B 210 -46.60 26.09 0.50
CA LYS B 210 -46.11 27.38 0.00
C LYS B 210 -47.01 28.00 -1.03
N ALA B 211 -48.31 27.68 -0.96
CA ALA B 211 -49.29 28.17 -1.91
C ALA B 211 -49.57 29.63 -1.60
N PRO B 212 -50.14 30.38 -2.56
CA PRO B 212 -50.68 31.70 -2.22
C PRO B 212 -51.53 31.64 -0.94
N ALA B 213 -51.32 32.59 -0.03
CA ALA B 213 -51.90 32.51 1.33
C ALA B 213 -53.41 32.47 1.25
N GLY B 214 -54.02 31.63 2.08
CA GLY B 214 -55.47 31.51 2.12
C GLY B 214 -56.06 30.45 1.21
N MET B 215 -55.37 30.03 0.14
CA MET B 215 -55.87 28.95 -0.71
C MET B 215 -55.94 27.62 0.03
N ASP B 216 -57.06 26.93 -0.08
CA ASP B 216 -57.19 25.57 0.43
C ASP B 216 -56.65 24.59 -0.64
N GLU B 217 -56.61 23.30 -0.28
CA GLU B 217 -56.00 22.30 -1.14
C GLU B 217 -56.63 22.34 -2.53
N ALA B 218 -57.95 22.20 -2.58
CA ALA B 218 -58.67 22.22 -3.86
C ALA B 218 -58.45 23.48 -4.69
N ALA B 219 -58.32 24.63 -4.02
CA ALA B 219 -58.07 25.92 -4.69
C ALA B 219 -56.70 25.94 -5.33
N PHE B 220 -55.71 25.45 -4.58
CA PHE B 220 -54.33 25.40 -5.06
C PHE B 220 -54.21 24.49 -6.30
N VAL B 221 -54.93 23.36 -6.28
CA VAL B 221 -54.96 22.48 -7.42
C VAL B 221 -55.46 23.25 -8.64
N ARG B 222 -56.54 23.99 -8.46
CA ARG B 222 -57.12 24.77 -9.56
C ARG B 222 -56.15 25.83 -10.06
N TYR B 223 -55.50 26.51 -9.13
CA TYR B 223 -54.44 27.46 -9.46
C TYR B 223 -53.35 26.85 -10.34
N CYS B 224 -52.88 25.66 -9.96
CA CYS B 224 -51.80 24.99 -10.70
C CYS B 224 -52.26 24.64 -12.11
N ALA B 225 -53.47 24.12 -12.21
CA ALA B 225 -54.08 23.81 -13.51
C ALA B 225 -54.21 25.04 -14.39
N ASP B 226 -54.72 26.13 -13.80
CA ASP B 226 -54.95 27.39 -14.53
C ASP B 226 -53.63 27.99 -14.98
N GLU B 227 -52.63 27.98 -14.11
CA GLU B 227 -51.30 28.48 -14.47
C GLU B 227 -50.67 27.72 -15.65
N LEU B 228 -50.86 26.41 -15.67
CA LEU B 228 -50.42 25.56 -16.78
C LEU B 228 -51.20 25.86 -18.07
N GLU B 229 -52.53 25.91 -17.97
CA GLU B 229 -53.37 26.32 -19.08
C GLU B 229 -52.88 27.65 -19.62
N LYS B 230 -52.69 28.60 -18.71
CA LYS B 230 -52.26 29.94 -19.05
C LYS B 230 -50.99 29.91 -19.87
N LEU B 231 -50.03 29.12 -19.40
CA LEU B 231 -48.72 29.04 -20.02
C LEU B 231 -48.77 28.37 -21.38
N ILE B 232 -49.58 27.34 -21.50
CA ILE B 232 -49.77 26.67 -22.80
C ILE B 232 -50.34 27.66 -23.82
N LEU B 233 -51.38 28.38 -23.41
CA LEU B 233 -52.04 29.38 -24.27
C LEU B 233 -51.11 30.53 -24.63
N ALA B 234 -50.39 31.05 -23.64
CA ALA B 234 -49.36 32.08 -23.88
C ALA B 234 -48.32 31.64 -24.90
N GLU B 235 -47.94 30.36 -24.87
CA GLU B 235 -46.93 29.85 -25.80
C GLU B 235 -47.53 29.45 -27.14
N GLY B 236 -48.79 29.03 -27.12
CA GLY B 236 -49.49 28.56 -28.31
C GLY B 236 -49.54 27.05 -28.30
N PRO B 237 -50.72 26.43 -28.05
CA PRO B 237 -50.81 24.97 -27.91
C PRO B 237 -50.23 24.18 -29.07
N ASP B 238 -50.27 24.75 -30.28
CA ASP B 238 -49.65 24.08 -31.42
C ASP B 238 -48.13 24.05 -31.40
N THR B 239 -47.52 24.77 -30.47
CA THR B 239 -46.06 24.72 -30.24
C THR B 239 -45.61 23.89 -29.04
N VAL B 240 -46.54 23.35 -28.25
CA VAL B 240 -46.21 22.64 -27.00
C VAL B 240 -46.38 21.12 -27.17
N ALA B 241 -45.28 20.38 -27.04
CA ALA B 241 -45.25 18.94 -27.31
C ALA B 241 -45.48 18.06 -26.09
N ALA B 242 -44.87 18.43 -24.97
CA ALA B 242 -44.87 17.55 -23.81
C ALA B 242 -44.79 18.30 -22.49
N PHE B 243 -45.20 17.59 -21.44
CA PHE B 243 -45.11 18.02 -20.07
C PHE B 243 -44.43 16.91 -19.30
N ILE B 244 -43.41 17.25 -18.53
CA ILE B 244 -42.65 16.27 -17.78
C ILE B 244 -42.80 16.53 -16.30
N GLY B 245 -43.02 15.47 -15.54
CA GLY B 245 -43.07 15.58 -14.10
C GLY B 245 -42.83 14.29 -13.35
N GLU B 246 -42.17 14.42 -12.21
CA GLU B 246 -42.07 13.35 -11.22
C GLU B 246 -43.42 13.25 -10.48
N PRO B 247 -43.93 12.03 -10.25
CA PRO B 247 -45.15 11.93 -9.44
C PRO B 247 -44.99 12.62 -8.09
N VAL B 248 -43.88 12.32 -7.41
CA VAL B 248 -43.44 13.01 -6.21
C VAL B 248 -42.06 13.55 -6.50
N MET B 249 -41.90 14.85 -6.29
CA MET B 249 -40.63 15.51 -6.55
C MET B 249 -39.63 15.09 -5.50
N GLY B 250 -38.47 14.62 -5.95
CA GLY B 250 -37.49 14.05 -5.07
C GLY B 250 -36.44 15.05 -4.70
N THR B 251 -35.55 15.34 -5.63
CA THR B 251 -34.39 16.13 -5.32
C THR B 251 -34.81 17.55 -4.93
N GLY B 252 -36.05 17.92 -5.17
CA GLY B 252 -36.50 19.23 -4.93
C GLY B 252 -37.31 19.62 -3.70
N GLY B 253 -37.11 19.15 -2.48
CA GLY B 253 -37.06 17.79 -2.10
C GLY B 253 -38.34 17.36 -1.42
N ILE B 254 -38.90 16.28 -1.97
CA ILE B 254 -39.91 15.48 -1.33
C ILE B 254 -41.20 16.26 -1.25
N ILE B 255 -41.53 16.89 -2.35
CA ILE B 255 -42.78 17.59 -2.46
C ILE B 255 -43.84 16.59 -2.95
N VAL B 256 -44.75 16.22 -2.06
CA VAL B 256 -45.92 15.41 -2.43
C VAL B 256 -46.97 16.32 -3.07
N PRO B 257 -47.56 15.90 -4.20
CA PRO B 257 -48.54 16.79 -4.82
C PRO B 257 -49.84 16.85 -4.01
N PRO B 258 -50.59 17.96 -4.11
CA PRO B 258 -51.87 18.01 -3.41
C PRO B 258 -52.88 17.03 -4.01
N LYS B 259 -53.86 16.63 -3.20
CA LYS B 259 -54.98 15.78 -3.66
C LYS B 259 -55.67 16.34 -4.88
N GLY B 260 -55.77 15.54 -5.93
CA GLY B 260 -56.45 15.94 -7.18
C GLY B 260 -55.57 16.62 -8.20
N TYR B 261 -54.31 16.88 -7.84
CA TYR B 261 -53.37 17.57 -8.73
C TYR B 261 -53.19 16.88 -10.08
N TRP B 262 -52.95 15.58 -10.05
CA TRP B 262 -52.65 14.86 -11.28
C TRP B 262 -53.87 14.68 -12.19
N GLU B 263 -55.05 14.48 -11.61
CA GLU B 263 -56.29 14.46 -12.41
C GLU B 263 -56.49 15.81 -13.12
N ALA B 264 -56.33 16.88 -12.35
CA ALA B 264 -56.52 18.25 -12.87
C ALA B 264 -55.52 18.61 -13.97
N ILE B 265 -54.26 18.26 -13.76
CA ILE B 265 -53.20 18.53 -14.73
C ILE B 265 -53.41 17.74 -16.03
N GLN B 266 -53.76 16.46 -15.90
CA GLN B 266 -53.99 15.62 -17.08
C GLN B 266 -55.14 16.13 -17.96
N ALA B 267 -56.22 16.63 -17.33
CA ALA B 267 -57.34 17.25 -18.06
C ALA B 267 -56.86 18.39 -18.95
N VAL B 268 -56.01 19.26 -18.39
CA VAL B 268 -55.40 20.34 -19.18
C VAL B 268 -54.55 19.77 -20.31
N LEU B 269 -53.75 18.75 -20.02
CA LEU B 269 -52.88 18.17 -21.05
C LEU B 269 -53.67 17.52 -22.17
N ASN B 270 -54.78 16.84 -21.83
CA ASN B 270 -55.66 16.26 -22.85
C ASN B 270 -56.33 17.31 -23.71
N LYS B 271 -56.81 18.38 -23.09
CA LYS B 271 -57.41 19.48 -23.83
C LYS B 271 -56.53 20.02 -24.94
N TYR B 272 -55.22 20.16 -24.70
CA TYR B 272 -54.31 20.75 -25.70
C TYR B 272 -53.41 19.75 -26.43
N ASP B 273 -53.68 18.45 -26.26
CA ASP B 273 -52.94 17.37 -26.92
C ASP B 273 -51.43 17.44 -26.63
N VAL B 274 -51.11 17.49 -25.35
CA VAL B 274 -49.74 17.58 -24.88
C VAL B 274 -49.39 16.26 -24.19
N LEU B 275 -48.30 15.64 -24.62
CA LEU B 275 -47.85 14.35 -24.04
C LEU B 275 -47.42 14.48 -22.56
N LEU B 276 -47.75 13.47 -21.78
CA LEU B 276 -47.30 13.39 -20.39
C LEU B 276 -46.12 12.44 -20.28
N ILE B 277 -44.99 12.99 -19.81
CA ILE B 277 -43.80 12.21 -19.51
C ILE B 277 -43.72 12.07 -18.01
N ALA B 278 -43.91 10.86 -17.49
CA ALA B 278 -43.75 10.63 -16.05
C ALA B 278 -42.29 10.29 -15.76
N ASP B 279 -41.64 11.13 -14.97
CA ASP B 279 -40.26 10.88 -14.59
C ASP B 279 -40.26 10.11 -13.31
N GLU B 280 -40.11 8.79 -13.45
CA GLU B 280 -40.23 7.85 -12.35
C GLU B 280 -38.87 7.35 -11.90
N VAL B 281 -37.81 8.12 -12.15
CA VAL B 281 -36.48 7.65 -11.80
C VAL B 281 -36.40 7.32 -10.30
N VAL B 282 -37.02 8.14 -9.47
CA VAL B 282 -37.09 7.88 -8.03
C VAL B 282 -38.23 6.95 -7.66
N CYS B 283 -39.41 7.22 -8.20
CA CYS B 283 -40.66 6.59 -7.73
C CYS B 283 -40.86 5.13 -8.17
N ALA B 284 -40.24 4.73 -9.28
CA ALA B 284 -40.47 3.41 -9.82
C ALA B 284 -39.86 2.30 -8.98
N PHE B 285 -40.49 1.13 -9.12
CA PHE B 285 -40.04 -0.12 -8.52
C PHE B 285 -40.09 -0.13 -7.01
N GLY B 286 -41.19 0.42 -6.48
CA GLY B 286 -41.62 0.15 -5.11
C GLY B 286 -41.47 1.24 -4.08
N ARG B 287 -40.76 2.30 -4.45
CA ARG B 287 -40.34 3.31 -3.49
C ARG B 287 -41.48 3.96 -2.75
N LEU B 288 -42.59 4.24 -3.43
CA LEU B 288 -43.74 4.88 -2.76
C LEU B 288 -44.74 3.91 -2.18
N GLY B 289 -44.42 2.62 -2.14
CA GLY B 289 -45.39 1.59 -1.68
C GLY B 289 -46.36 1.14 -2.74
N SER B 290 -46.13 1.57 -3.97
CA SER B 290 -46.84 1.14 -5.17
C SER B 290 -45.79 0.74 -6.20
N LYS B 291 -46.23 0.10 -7.25
CA LYS B 291 -45.34 -0.38 -8.30
C LYS B 291 -44.54 0.78 -8.86
N MET B 292 -45.26 1.82 -9.28
CA MET B 292 -44.67 3.09 -9.66
C MET B 292 -45.58 4.18 -9.13
N GLY B 293 -45.09 5.42 -9.13
CA GLY B 293 -45.88 6.56 -8.74
C GLY B 293 -47.07 6.83 -9.62
N SER B 294 -46.92 6.52 -10.90
CA SER B 294 -47.97 6.75 -11.85
C SER B 294 -49.26 6.00 -11.53
N GLN B 295 -49.18 4.72 -11.19
CA GLN B 295 -50.39 3.97 -10.74
C GLN B 295 -50.92 4.58 -9.45
N ARG B 296 -50.02 4.92 -8.56
CA ARG B 296 -50.40 5.44 -7.26
C ARG B 296 -51.19 6.72 -7.32
N TYR B 297 -50.81 7.63 -8.22
CA TYR B 297 -51.46 8.93 -8.34
C TYR B 297 -52.46 9.01 -9.52
N GLY B 298 -52.81 7.88 -10.10
CA GLY B 298 -53.72 7.87 -11.25
C GLY B 298 -53.20 8.58 -12.48
N MET B 299 -51.88 8.61 -12.67
CA MET B 299 -51.32 9.19 -13.89
C MET B 299 -51.39 8.14 -15.00
N ARG B 300 -51.57 8.62 -16.22
CA ARG B 300 -51.63 7.81 -17.43
C ARG B 300 -50.65 8.42 -18.40
N PRO B 301 -49.37 8.20 -18.18
CA PRO B 301 -48.37 8.84 -19.04
C PRO B 301 -48.25 8.18 -20.40
N ASP B 302 -47.74 8.93 -21.35
CA ASP B 302 -47.42 8.45 -22.67
C ASP B 302 -45.99 7.90 -22.75
N LEU B 303 -45.12 8.42 -21.89
CA LEU B 303 -43.73 8.02 -21.80
C LEU B 303 -43.32 8.03 -20.34
N ILE B 304 -42.46 7.08 -19.96
CA ILE B 304 -41.97 6.97 -18.59
C ILE B 304 -40.46 6.83 -18.57
N THR B 305 -39.84 7.57 -17.67
CA THR B 305 -38.41 7.50 -17.43
C THR B 305 -38.13 6.71 -16.15
N THR B 306 -37.20 5.75 -16.22
CA THR B 306 -36.76 5.01 -15.05
C THR B 306 -35.24 4.82 -15.04
N ALA B 307 -34.71 4.71 -13.83
CA ALA B 307 -33.32 4.31 -13.57
C ALA B 307 -33.24 3.91 -12.09
N LYS B 308 -32.13 4.17 -11.41
CA LYS B 308 -32.02 4.02 -9.94
C LYS B 308 -32.57 2.68 -9.41
N GLY B 309 -33.82 2.67 -8.96
CA GLY B 309 -34.42 1.46 -8.41
C GLY B 309 -34.63 0.31 -9.36
N LEU B 310 -34.46 0.56 -10.66
CA LEU B 310 -34.48 -0.48 -11.67
C LEU B 310 -33.42 -1.56 -11.44
N THR B 311 -32.24 -1.16 -10.97
CA THR B 311 -31.16 -2.09 -10.59
C THR B 311 -30.75 -2.00 -9.13
N SER B 312 -31.43 -1.16 -8.36
CA SER B 312 -30.94 -0.76 -7.04
C SER B 312 -29.47 -0.28 -7.07
N ALA B 313 -29.08 0.29 -8.21
CA ALA B 313 -27.72 0.77 -8.45
C ALA B 313 -26.61 -0.30 -8.50
N TYR B 314 -26.96 -1.59 -8.48
CA TYR B 314 -25.91 -2.63 -8.54
C TYR B 314 -25.19 -2.58 -9.87
N ALA B 315 -25.87 -2.07 -10.88
CA ALA B 315 -25.23 -1.74 -12.14
C ALA B 315 -25.97 -0.57 -12.80
N PRO B 316 -25.28 0.21 -13.62
CA PRO B 316 -25.95 1.35 -14.24
C PRO B 316 -26.90 0.90 -15.35
N LEU B 317 -28.13 1.35 -15.29
CA LEU B 317 -29.12 1.09 -16.30
C LEU B 317 -30.25 2.10 -16.19
N SER B 318 -30.76 2.52 -17.34
CA SER B 318 -31.95 3.35 -17.42
C SER B 318 -32.89 2.72 -18.45
N ALA B 319 -34.17 3.01 -18.30
CA ALA B 319 -35.17 2.49 -19.21
C ALA B 319 -36.18 3.57 -19.52
N VAL B 320 -36.43 3.78 -20.81
CA VAL B 320 -37.55 4.59 -21.24
C VAL B 320 -38.66 3.64 -21.63
N ILE B 321 -39.82 3.82 -21.01
CA ILE B 321 -40.97 2.96 -21.29
C ILE B 321 -41.90 3.75 -22.18
N VAL B 322 -42.19 3.20 -23.36
CA VAL B 322 -42.93 3.90 -24.41
C VAL B 322 -44.36 3.35 -24.50
N GLY B 323 -45.33 4.25 -24.42
CA GLY B 323 -46.74 3.91 -24.52
C GLY B 323 -47.18 3.52 -25.92
N GLU B 324 -48.36 2.90 -25.99
CA GLU B 324 -48.95 2.47 -27.26
C GLU B 324 -49.07 3.61 -28.26
N LYS B 325 -49.61 4.74 -27.82
CA LYS B 325 -49.83 5.87 -28.73
C LYS B 325 -48.56 6.26 -29.45
N VAL B 326 -47.51 6.55 -28.67
CA VAL B 326 -46.21 6.96 -29.23
C VAL B 326 -45.52 5.85 -29.99
N TRP B 327 -45.57 4.62 -29.46
CA TRP B 327 -44.91 3.52 -30.15
C TRP B 327 -45.51 3.31 -31.53
N ASP B 328 -46.84 3.30 -31.62
CA ASP B 328 -47.52 3.03 -32.91
C ASP B 328 -47.14 4.05 -33.95
N VAL B 329 -47.00 5.32 -33.54
CA VAL B 329 -46.56 6.35 -34.46
C VAL B 329 -45.13 6.12 -34.92
N ILE B 330 -44.24 5.77 -33.98
CA ILE B 330 -42.85 5.47 -34.34
C ILE B 330 -42.77 4.28 -35.30
N GLU B 331 -43.57 3.25 -35.03
CA GLU B 331 -43.53 2.03 -35.85
C GLU B 331 -43.98 2.31 -37.28
N LYS B 332 -45.11 3.02 -37.43
CA LYS B 332 -45.66 3.33 -38.75
C LYS B 332 -44.67 4.17 -39.53
N ALA B 333 -44.15 5.20 -38.88
CA ALA B 333 -43.23 6.13 -39.49
C ALA B 333 -42.00 5.49 -40.11
N SER B 334 -41.49 4.41 -39.48
CA SER B 334 -40.28 3.77 -39.99
C SER B 334 -40.47 3.25 -41.42
N GLN B 335 -41.71 2.87 -41.76
CA GLN B 335 -42.02 2.38 -43.10
C GLN B 335 -41.63 3.35 -44.19
N LYS B 336 -42.01 4.61 -44.05
CA LYS B 336 -41.65 5.65 -45.01
C LYS B 336 -40.30 6.33 -44.66
N GLU B 337 -39.99 6.46 -43.37
CA GLU B 337 -38.85 7.26 -42.94
C GLU B 337 -37.57 6.48 -42.66
N GLY B 338 -37.65 5.15 -42.68
CA GLY B 338 -36.51 4.29 -42.37
C GLY B 338 -36.25 4.19 -40.87
N ALA B 339 -35.20 3.45 -40.51
CA ALA B 339 -34.83 3.29 -39.11
C ALA B 339 -34.55 4.62 -38.44
N MET B 340 -35.05 4.78 -37.22
CA MET B 340 -34.74 5.91 -36.38
C MET B 340 -33.25 5.94 -36.05
N GLY B 341 -32.62 7.10 -36.18
CA GLY B 341 -31.20 7.25 -35.88
C GLY B 341 -30.99 7.54 -34.41
N HIS B 342 -31.20 6.52 -33.57
CA HIS B 342 -30.93 6.67 -32.16
C HIS B 342 -30.32 5.38 -31.64
N GLY B 343 -29.20 5.52 -30.93
CA GLY B 343 -28.50 4.37 -30.40
C GLY B 343 -27.36 4.78 -29.52
N TRP B 344 -27.28 4.16 -28.35
CA TRP B 344 -26.09 4.16 -27.51
C TRP B 344 -25.36 2.83 -27.68
N THR B 345 -24.04 2.86 -27.74
CA THR B 345 -23.21 1.64 -27.80
C THR B 345 -23.62 0.61 -26.74
N TYR B 346 -23.86 1.08 -25.51
CA TYR B 346 -24.16 0.19 -24.38
C TYR B 346 -25.63 0.07 -24.06
N SER B 347 -26.48 0.45 -25.01
CA SER B 347 -27.91 0.21 -24.86
C SER B 347 -28.14 -1.31 -24.72
N GLY B 348 -28.79 -1.68 -23.61
CA GLY B 348 -29.14 -3.05 -23.33
C GLY B 348 -28.01 -3.92 -22.79
N HIS B 349 -27.01 -3.26 -22.22
CA HIS B 349 -25.80 -3.92 -21.73
C HIS B 349 -26.15 -5.12 -20.87
N PRO B 350 -25.68 -6.32 -21.26
CA PRO B 350 -26.08 -7.56 -20.63
C PRO B 350 -25.86 -7.65 -19.13
N ILE B 351 -24.69 -7.26 -18.61
CA ILE B 351 -24.50 -7.39 -17.16
C ILE B 351 -25.46 -6.45 -16.42
N CYS B 352 -25.79 -5.31 -17.00
CA CYS B 352 -26.73 -4.40 -16.38
C CYS B 352 -28.14 -4.97 -16.38
N ALA B 353 -28.52 -5.59 -17.49
CA ALA B 353 -29.79 -6.30 -17.57
C ALA B 353 -29.88 -7.41 -16.55
N ALA B 354 -28.81 -8.19 -16.42
CA ALA B 354 -28.76 -9.27 -15.46
C ALA B 354 -28.93 -8.76 -14.03
N ALA B 355 -28.31 -7.61 -13.75
CA ALA B 355 -28.46 -6.99 -12.44
C ALA B 355 -29.88 -6.58 -12.18
N ALA B 356 -30.54 -6.02 -13.18
CA ALA B 356 -31.93 -5.62 -13.05
C ALA B 356 -32.81 -6.80 -12.76
N LEU B 357 -32.60 -7.90 -13.49
CA LEU B 357 -33.43 -9.10 -13.28
C LEU B 357 -33.29 -9.61 -11.86
N ALA B 358 -32.07 -9.65 -11.33
CA ALA B 358 -31.86 -10.10 -9.96
C ALA B 358 -32.51 -9.13 -8.97
N ASN B 359 -32.36 -7.84 -9.24
CA ASN B 359 -33.00 -6.82 -8.44
C ASN B 359 -34.51 -7.02 -8.44
N LEU B 360 -35.10 -7.22 -9.61
CA LEU B 360 -36.54 -7.43 -9.66
C LEU B 360 -36.95 -8.72 -8.93
N ASP B 361 -36.17 -9.78 -9.08
CA ASP B 361 -36.45 -11.03 -8.38
C ASP B 361 -36.56 -10.77 -6.89
N ILE B 362 -35.66 -9.96 -6.35
CA ILE B 362 -35.62 -9.70 -4.92
C ILE B 362 -36.78 -8.81 -4.47
N LEU B 363 -37.05 -7.76 -5.22
CA LEU B 363 -38.20 -6.92 -4.94
C LEU B 363 -39.51 -7.72 -4.86
N GLU B 364 -39.69 -8.66 -5.78
CA GLU B 364 -40.91 -9.45 -5.87
C GLU B 364 -40.95 -10.51 -4.77
N ARG B 365 -39.83 -11.20 -4.55
CA ARG B 365 -39.78 -12.29 -3.57
C ARG B 365 -40.03 -11.84 -2.15
N GLU B 366 -39.43 -10.74 -1.75
CA GLU B 366 -39.58 -10.23 -0.38
C GLU B 366 -40.71 -9.19 -0.24
N ASN B 367 -41.51 -9.02 -1.30
CA ASN B 367 -42.48 -7.94 -1.45
C ASN B 367 -42.06 -6.63 -0.80
N LEU B 368 -41.00 -6.05 -1.34
CA LEU B 368 -40.45 -4.82 -0.80
C LEU B 368 -41.31 -3.62 -1.11
N THR B 369 -42.16 -3.72 -2.13
CA THR B 369 -43.19 -2.71 -2.36
C THR B 369 -44.13 -2.60 -1.13
N ALA B 370 -44.65 -3.73 -0.67
CA ALA B 370 -45.44 -3.81 0.55
C ALA B 370 -44.67 -3.31 1.78
N ASN B 371 -43.44 -3.76 1.95
CA ASN B 371 -42.66 -3.30 3.08
C ASN B 371 -42.44 -1.78 3.02
N ALA B 372 -42.24 -1.23 1.83
CA ALA B 372 -42.13 0.21 1.68
C ALA B 372 -43.40 0.95 2.09
N ALA B 373 -44.57 0.38 1.82
CA ALA B 373 -45.83 0.98 2.22
C ALA B 373 -46.02 0.93 3.73
N ASP B 374 -45.78 -0.23 4.30
CA ASP B 374 -45.88 -0.48 5.73
C ASP B 374 -44.96 0.44 6.54
N VAL B 375 -43.65 0.24 6.37
CA VAL B 375 -42.65 0.87 7.20
C VAL B 375 -42.49 2.33 6.79
N GLY B 376 -42.81 2.65 5.54
CA GLY B 376 -42.82 4.02 5.09
C GLY B 376 -43.90 4.85 5.75
N ALA B 377 -45.08 4.26 5.89
CA ALA B 377 -46.19 4.94 6.60
C ALA B 377 -45.79 5.11 8.05
N TYR B 378 -45.26 4.04 8.63
CA TYR B 378 -44.79 4.10 10.00
C TYR B 378 -43.73 5.19 10.22
N LEU B 379 -42.74 5.25 9.35
CA LEU B 379 -41.66 6.23 9.47
C LEU B 379 -42.22 7.64 9.33
N ASN B 380 -43.05 7.85 8.32
CA ASN B 380 -43.67 9.15 8.08
C ASN B 380 -44.51 9.62 9.27
N GLN B 381 -45.21 8.69 9.90
CA GLN B 381 -46.09 9.00 11.00
C GLN B 381 -45.24 9.29 12.25
N ARG B 382 -44.18 8.50 12.47
CA ARG B 382 -43.28 8.79 13.56
C ARG B 382 -42.54 10.13 13.42
N LEU B 383 -42.21 10.54 12.21
CA LEU B 383 -41.59 11.84 11.99
C LEU B 383 -42.58 12.96 12.29
N ARG B 384 -43.84 12.71 12.00
CA ARG B 384 -44.91 13.66 12.20
C ARG B 384 -45.15 13.91 13.69
N GLU B 385 -45.29 12.84 14.45
CA GLU B 385 -45.45 12.91 15.92
C GLU B 385 -44.28 13.64 16.52
N THR B 386 -43.06 13.25 16.14
CA THR B 386 -41.90 13.80 16.80
C THR B 386 -41.52 15.21 16.34
N PHE B 387 -41.94 15.67 15.17
CA PHE B 387 -41.50 16.99 14.66
C PHE B 387 -42.56 18.01 14.34
N GLU B 388 -43.83 17.64 14.34
CA GLU B 388 -44.90 18.63 14.12
C GLU B 388 -45.00 19.42 15.43
N GLY B 389 -44.92 20.75 15.31
CA GLY B 389 -44.86 21.63 16.45
C GLY B 389 -43.47 21.95 16.98
N HIS B 390 -42.47 21.15 16.61
CA HIS B 390 -41.07 21.49 16.93
C HIS B 390 -40.72 22.87 16.35
N PRO B 391 -40.06 23.75 17.15
CA PRO B 391 -39.93 25.15 16.70
C PRO B 391 -39.02 25.42 15.50
N LEU B 392 -38.08 24.53 15.23
CA LEU B 392 -37.27 24.57 14.00
C LEU B 392 -37.99 24.19 12.69
N VAL B 393 -39.02 23.36 12.80
CA VAL B 393 -39.61 22.68 11.65
C VAL B 393 -40.86 23.37 11.13
N GLY B 394 -40.86 23.79 9.88
CA GLY B 394 -42.05 24.37 9.24
C GLY B 394 -43.04 23.35 8.67
N GLU B 395 -42.52 22.23 8.14
CA GLU B 395 -43.37 21.17 7.59
C GLU B 395 -42.70 19.82 7.68
N VAL B 396 -43.51 18.81 7.95
CA VAL B 396 -43.11 17.40 7.81
C VAL B 396 -43.89 16.88 6.61
N ARG B 397 -43.20 16.25 5.67
CA ARG B 397 -43.87 15.68 4.50
C ARG B 397 -43.25 14.38 4.07
N GLY B 398 -43.99 13.66 3.23
CA GLY B 398 -43.54 12.37 2.75
C GLY B 398 -44.65 11.45 2.30
N ASP B 399 -44.25 10.35 1.67
CA ASP B 399 -45.16 9.35 1.15
C ASP B 399 -44.34 8.09 0.88
N GLY B 400 -44.89 6.92 1.22
CA GLY B 400 -44.13 5.68 1.11
C GLY B 400 -42.82 5.84 1.86
N MET B 401 -41.70 5.41 1.25
N MET B 401 -41.70 5.41 1.25
CA MET B 401 -40.37 5.56 1.86
CA MET B 401 -40.37 5.56 1.86
C MET B 401 -39.64 6.81 1.40
C MET B 401 -39.64 6.81 1.40
N LEU B 402 -40.37 7.92 1.32
CA LEU B 402 -39.77 9.23 1.14
C LEU B 402 -40.32 10.09 2.26
N ALA B 403 -39.43 10.85 2.89
CA ALA B 403 -39.85 11.77 3.93
C ALA B 403 -38.90 12.95 4.00
N ALA B 404 -39.40 14.08 4.50
CA ALA B 404 -38.58 15.26 4.68
C ALA B 404 -39.09 16.18 5.78
N LEU B 405 -38.13 16.84 6.44
CA LEU B 405 -38.39 17.93 7.35
C LEU B 405 -37.90 19.20 6.69
N GLU B 406 -38.79 20.18 6.48
CA GLU B 406 -38.35 21.52 6.06
C GLU B 406 -38.28 22.48 7.24
N PHE B 407 -37.14 23.16 7.37
CA PHE B 407 -36.91 24.07 8.48
C PHE B 407 -37.22 25.51 8.09
N MET B 408 -38.00 26.18 8.93
CA MET B 408 -38.43 27.57 8.70
C MET B 408 -38.18 28.44 9.93
N ALA B 409 -37.85 29.71 9.67
CA ALA B 409 -37.76 30.73 10.72
C ALA B 409 -39.14 31.06 11.26
N ASP B 410 -40.15 31.13 10.39
CA ASP B 410 -41.55 31.37 10.81
C ASP B 410 -42.52 30.43 10.08
N ARG B 411 -43.03 29.45 10.83
CA ARG B 411 -43.91 28.40 10.27
C ARG B 411 -45.14 28.96 9.56
N GLU B 412 -45.96 29.70 10.30
CA GLU B 412 -47.22 30.25 9.72
C GLU B 412 -46.96 31.31 8.67
N ALA B 413 -45.91 32.11 8.87
CA ALA B 413 -45.56 33.11 7.88
C ALA B 413 -44.92 32.51 6.62
N ARG B 414 -44.47 31.25 6.69
CA ARG B 414 -43.72 30.62 5.60
C ARG B 414 -42.47 31.41 5.31
N THR B 415 -41.79 31.84 6.37
CA THR B 415 -40.56 32.61 6.25
C THR B 415 -39.39 31.66 6.44
N PRO B 416 -38.52 31.54 5.42
CA PRO B 416 -37.36 30.69 5.61
C PRO B 416 -36.26 31.36 6.38
N PHE B 417 -35.34 30.58 6.90
CA PHE B 417 -34.07 31.08 7.43
C PHE B 417 -33.26 31.76 6.33
N ASP B 418 -32.35 32.62 6.75
CA ASP B 418 -31.32 33.18 5.86
C ASP B 418 -30.53 31.97 5.30
N PRO B 419 -30.46 31.83 3.96
CA PRO B 419 -29.67 30.72 3.40
C PRO B 419 -28.23 30.59 3.94
N ALA B 420 -27.57 31.71 4.21
CA ALA B 420 -26.20 31.71 4.76
C ALA B 420 -26.06 31.11 6.16
N LEU B 421 -27.16 30.94 6.86
CA LEU B 421 -27.17 30.26 8.16
C LEU B 421 -26.98 28.75 8.05
N LYS B 422 -27.29 28.18 6.89
CA LYS B 422 -26.98 26.78 6.52
C LYS B 422 -27.62 25.76 7.48
N VAL B 423 -28.89 26.00 7.81
CA VAL B 423 -29.57 25.17 8.80
C VAL B 423 -29.72 23.71 8.33
N GLY B 424 -30.19 23.53 7.10
CA GLY B 424 -30.28 22.20 6.48
C GLY B 424 -28.95 21.47 6.56
N PRO B 425 -27.91 22.03 5.93
CA PRO B 425 -26.58 21.39 6.02
C PRO B 425 -26.10 21.11 7.43
N LYS B 426 -26.43 22.00 8.38
CA LYS B 426 -26.03 21.80 9.78
C LYS B 426 -26.68 20.60 10.43
N VAL B 427 -27.96 20.41 10.15
CA VAL B 427 -28.70 19.27 10.70
C VAL B 427 -28.17 17.93 10.11
N SER B 428 -27.95 17.94 8.80
CA SER B 428 -27.30 16.82 8.11
C SER B 428 -25.94 16.47 8.71
N ALA B 429 -25.12 17.48 8.96
CA ALA B 429 -23.79 17.28 9.56
C ALA B 429 -23.90 16.70 10.98
N ALA B 430 -24.88 17.16 11.74
CA ALA B 430 -25.11 16.64 13.08
C ALA B 430 -25.57 15.20 13.03
N CYS B 431 -26.44 14.88 12.07
CA CYS B 431 -26.84 13.49 11.85
C CYS B 431 -25.63 12.59 11.57
N LEU B 432 -24.72 13.06 10.72
CA LEU B 432 -23.53 12.31 10.35
C LEU B 432 -22.56 12.06 11.52
N GLU B 433 -22.50 12.99 12.46
CA GLU B 433 -21.71 12.80 13.68
C GLU B 433 -22.31 11.71 14.55
N ASP B 434 -23.64 11.62 14.59
CA ASP B 434 -24.31 10.48 15.26
C ASP B 434 -24.39 9.20 14.41
N GLY B 435 -23.71 9.17 13.27
CA GLY B 435 -23.59 7.95 12.46
C GLY B 435 -24.74 7.68 11.49
N MET B 436 -25.39 8.73 10.99
CA MET B 436 -26.45 8.59 10.01
C MET B 436 -26.30 9.54 8.84
N ILE B 437 -26.54 9.00 7.64
CA ILE B 437 -26.53 9.81 6.43
C ILE B 437 -27.96 10.18 6.05
N ALA B 438 -28.22 11.47 6.04
CA ALA B 438 -29.50 12.03 5.57
C ALA B 438 -29.19 13.33 4.88
N ARG B 439 -29.83 13.58 3.76
CA ARG B 439 -29.32 14.60 2.85
C ARG B 439 -29.87 15.98 3.17
N ALA B 440 -28.99 16.97 3.13
CA ALA B 440 -29.41 18.36 3.09
C ALA B 440 -29.79 18.61 1.65
N MET B 441 -31.09 18.71 1.39
CA MET B 441 -31.58 18.83 0.02
C MET B 441 -31.21 20.21 -0.48
N PRO B 442 -31.01 20.36 -1.79
CA PRO B 442 -30.54 21.67 -2.28
C PRO B 442 -31.63 22.75 -2.34
N HIS B 443 -31.18 24.02 -2.40
CA HIS B 443 -32.02 25.22 -2.54
C HIS B 443 -33.18 25.24 -1.53
N GLY B 444 -32.81 25.20 -0.26
CA GLY B 444 -33.76 25.21 0.85
C GLY B 444 -33.06 24.70 2.11
N ASP B 445 -33.76 24.74 3.24
CA ASP B 445 -33.29 24.08 4.46
C ASP B 445 -34.17 22.86 4.69
N ILE B 446 -33.76 21.74 4.11
CA ILE B 446 -34.58 20.53 4.08
C ILE B 446 -33.75 19.29 4.36
N LEU B 447 -34.19 18.48 5.32
CA LEU B 447 -33.55 17.21 5.59
C LEU B 447 -34.39 16.09 4.95
N GLY B 448 -33.80 15.37 4.02
CA GLY B 448 -34.50 14.34 3.26
C GLY B 448 -34.13 12.94 3.68
N PHE B 449 -35.11 12.05 3.64
CA PHE B 449 -34.94 10.64 3.91
C PHE B 449 -35.44 9.80 2.73
N ALA B 450 -34.60 8.85 2.30
CA ALA B 450 -34.99 7.87 1.27
C ALA B 450 -34.24 6.56 1.55
N PRO B 451 -34.65 5.86 2.61
CA PRO B 451 -33.94 4.66 3.05
C PRO B 451 -34.18 3.45 2.17
N PRO B 452 -33.31 2.44 2.26
CA PRO B 452 -33.59 1.24 1.49
C PRO B 452 -34.94 0.67 1.87
N LEU B 453 -35.59 -0.02 0.95
CA LEU B 453 -36.95 -0.51 1.17
C LEU B 453 -36.99 -1.72 2.09
N VAL B 454 -35.84 -2.28 2.45
CA VAL B 454 -35.77 -3.34 3.46
C VAL B 454 -35.88 -2.84 4.90
N LEU B 455 -35.98 -1.52 5.09
CA LEU B 455 -36.02 -0.90 6.42
C LEU B 455 -37.04 -1.54 7.33
N THR B 456 -36.66 -1.78 8.58
CA THR B 456 -37.58 -2.27 9.63
C THR B 456 -38.11 -1.12 10.47
N ARG B 457 -39.17 -1.39 11.22
CA ARG B 457 -39.69 -0.43 12.20
C ARG B 457 -38.61 -0.01 13.18
N ALA B 458 -37.88 -1.00 13.72
CA ALA B 458 -36.80 -0.72 14.67
C ALA B 458 -35.77 0.26 14.08
N GLU B 459 -35.35 -0.01 12.85
CA GLU B 459 -34.36 0.83 12.18
C GLU B 459 -34.94 2.21 11.89
N ALA B 460 -36.23 2.26 11.56
CA ALA B 460 -36.92 3.55 11.40
C ALA B 460 -36.90 4.35 12.70
N ASP B 461 -37.14 3.69 13.83
CA ASP B 461 -37.10 4.36 15.14
C ASP B 461 -35.71 4.92 15.41
N GLU B 462 -34.68 4.15 15.09
CA GLU B 462 -33.31 4.61 15.26
C GLU B 462 -33.03 5.87 14.44
N ILE B 463 -33.46 5.83 13.18
CA ILE B 463 -33.33 6.98 12.27
C ILE B 463 -33.99 8.23 12.87
N VAL B 464 -35.22 8.06 13.34
CA VAL B 464 -35.97 9.18 13.93
C VAL B 464 -35.27 9.71 15.18
N GLY B 465 -34.77 8.82 16.03
CA GLY B 465 -34.02 9.21 17.22
C GLY B 465 -32.82 10.08 16.89
N ILE B 466 -32.07 9.70 15.87
CA ILE B 466 -30.89 10.44 15.53
C ILE B 466 -31.27 11.80 14.96
N ALA B 467 -32.35 11.86 14.20
CA ALA B 467 -32.78 13.12 13.63
C ALA B 467 -33.24 14.09 14.73
N LYS B 468 -34.00 13.58 15.69
CA LYS B 468 -34.44 14.32 16.88
C LYS B 468 -33.25 15.03 17.55
N ALA B 469 -32.23 14.26 17.90
CA ALA B 469 -31.05 14.80 18.54
C ALA B 469 -30.38 15.89 17.70
N ALA B 470 -30.28 15.67 16.40
CA ALA B 470 -29.61 16.59 15.49
C ALA B 470 -30.42 17.87 15.29
N VAL B 471 -31.74 17.74 15.22
CA VAL B 471 -32.60 18.89 15.08
C VAL B 471 -32.61 19.72 16.37
N ASP B 472 -32.71 19.04 17.52
CA ASP B 472 -32.63 19.70 18.82
C ASP B 472 -31.32 20.48 18.97
N GLU B 473 -30.21 19.85 18.60
CA GLU B 473 -28.89 20.47 18.73
C GLU B 473 -28.79 21.75 17.90
N VAL B 474 -29.23 21.69 16.65
CA VAL B 474 -29.10 22.83 15.75
C VAL B 474 -30.09 23.93 16.13
N ALA B 475 -31.25 23.54 16.64
CA ALA B 475 -32.22 24.51 17.13
C ALA B 475 -31.62 25.28 18.32
N GLY B 476 -31.02 24.56 19.25
CA GLY B 476 -30.23 25.16 20.33
C GLY B 476 -29.19 26.19 19.91
N GLU B 477 -28.66 26.09 18.71
CA GLU B 477 -27.59 26.98 18.27
C GLU B 477 -28.11 28.17 17.48
N VAL B 478 -29.29 28.06 16.90
CA VAL B 478 -29.79 29.06 15.97
C VAL B 478 -31.07 29.81 16.44
N LEU B 479 -31.78 29.29 17.44
CA LEU B 479 -32.94 30.01 18.03
C LEU B 479 -32.58 30.56 19.37
N MET C 21 -33.26 -26.92 -24.65
CA MET C 21 -33.87 -26.38 -23.38
C MET C 21 -34.58 -25.02 -23.55
N THR C 22 -33.85 -23.94 -23.92
CA THR C 22 -34.48 -22.62 -24.07
C THR C 22 -35.27 -22.51 -25.39
N ASP C 23 -36.39 -21.83 -25.25
CA ASP C 23 -37.35 -21.61 -26.37
C ASP C 23 -37.14 -20.23 -26.98
N PHE C 24 -36.39 -20.17 -28.05
CA PHE C 24 -36.04 -18.90 -28.65
C PHE C 24 -37.18 -18.27 -29.43
N ASP C 25 -38.08 -19.08 -29.96
CA ASP C 25 -39.27 -18.57 -30.68
C ASP C 25 -40.11 -17.69 -29.76
N GLN C 26 -40.30 -18.13 -28.54
CA GLN C 26 -41.04 -17.37 -27.55
C GLN C 26 -40.30 -16.09 -27.15
N LEU C 27 -38.98 -16.16 -27.00
CA LEU C 27 -38.17 -14.96 -26.71
C LEU C 27 -38.23 -13.96 -27.85
N PHE C 28 -38.20 -14.40 -29.09
CA PHE C 28 -38.34 -13.47 -30.22
C PHE C 28 -39.74 -12.86 -30.29
N GLU C 29 -40.77 -13.59 -29.90
CA GLU C 29 -42.13 -13.04 -29.84
C GLU C 29 -42.13 -11.87 -28.82
N GLN C 30 -41.48 -12.09 -27.68
CA GLN C 30 -41.38 -11.11 -26.62
C GLN C 30 -40.50 -9.91 -27.01
N ASP C 31 -39.38 -10.21 -27.67
CA ASP C 31 -38.48 -9.22 -28.25
C ASP C 31 -39.26 -8.27 -29.15
N ARG C 32 -39.99 -8.81 -30.12
CA ARG C 32 -40.76 -8.00 -31.06
C ARG C 32 -41.87 -7.20 -30.37
N ALA C 33 -42.49 -7.78 -29.37
CA ALA C 33 -43.55 -7.09 -28.63
C ALA C 33 -43.06 -5.92 -27.75
N HIS C 34 -41.89 -6.06 -27.14
CA HIS C 34 -41.53 -5.22 -25.97
C HIS C 34 -40.15 -4.56 -25.93
N PHE C 35 -39.20 -5.01 -26.73
CA PHE C 35 -37.86 -4.46 -26.74
C PHE C 35 -37.67 -3.47 -27.91
N MET C 36 -37.52 -2.20 -27.56
CA MET C 36 -37.13 -1.18 -28.56
C MET C 36 -35.60 -1.14 -28.63
N HIS C 37 -35.05 -1.65 -29.72
CA HIS C 37 -33.61 -1.72 -29.89
C HIS C 37 -33.04 -0.37 -30.29
N PRO C 38 -31.79 -0.11 -29.93
CA PRO C 38 -31.10 0.97 -30.62
C PRO C 38 -30.96 0.67 -32.11
N SER C 39 -30.94 1.71 -32.92
CA SER C 39 -30.48 1.64 -34.31
C SER C 39 -31.01 0.39 -35.05
N THR C 40 -32.33 0.29 -35.08
CA THR C 40 -33.04 -0.86 -35.62
C THR C 40 -34.37 -0.40 -36.21
N HIS C 41 -34.61 -0.75 -37.48
CA HIS C 41 -35.89 -0.44 -38.15
C HIS C 41 -37.08 -0.93 -37.31
N ALA C 42 -37.87 0.00 -36.76
CA ALA C 42 -38.92 -0.35 -35.82
C ALA C 42 -39.98 -1.32 -36.39
N HIS C 43 -40.48 -1.03 -37.58
CA HIS C 43 -41.54 -1.86 -38.16
C HIS C 43 -41.02 -3.20 -38.62
N ASP C 44 -39.97 -3.20 -39.44
CA ASP C 44 -39.37 -4.46 -39.91
C ASP C 44 -39.00 -5.39 -38.77
N HIS C 45 -38.51 -4.82 -37.68
CA HIS C 45 -38.19 -5.61 -36.51
C HIS C 45 -39.45 -6.20 -35.87
N ALA C 46 -40.45 -5.36 -35.62
CA ALA C 46 -41.72 -5.82 -35.01
C ALA C 46 -42.51 -6.82 -35.88
N SER C 47 -42.42 -6.68 -37.20
CA SER C 47 -43.13 -7.55 -38.14
C SER C 47 -42.41 -8.89 -38.31
N GLY C 48 -41.10 -8.91 -38.09
CA GLY C 48 -40.30 -10.11 -38.34
C GLY C 48 -39.51 -10.06 -39.64
N ALA C 49 -39.77 -9.06 -40.48
CA ALA C 49 -39.05 -8.85 -41.74
C ALA C 49 -37.56 -8.67 -41.54
N LEU C 50 -37.19 -7.98 -40.45
CA LEU C 50 -35.80 -7.87 -39.99
C LEU C 50 -35.66 -8.93 -38.90
N PRO C 51 -35.02 -10.06 -39.23
CA PRO C 51 -35.02 -11.15 -38.26
C PRO C 51 -34.09 -10.86 -37.08
N GLY C 52 -34.51 -11.29 -35.89
CA GLY C 52 -33.71 -11.10 -34.69
C GLY C 52 -32.53 -12.04 -34.56
N ARG C 53 -31.65 -11.72 -33.64
CA ARG C 53 -30.49 -12.55 -33.35
C ARG C 53 -30.14 -12.45 -31.88
N ILE C 54 -30.14 -13.56 -31.18
CA ILE C 54 -29.78 -13.59 -29.78
C ILE C 54 -28.36 -14.12 -29.65
N ILE C 55 -27.54 -13.44 -28.87
CA ILE C 55 -26.17 -13.87 -28.61
C ILE C 55 -26.15 -14.62 -27.28
N THR C 56 -25.56 -15.81 -27.31
CA THR C 56 -25.52 -16.67 -26.13
C THR C 56 -24.15 -16.83 -25.50
N GLY C 57 -23.10 -16.47 -26.20
CA GLY C 57 -21.77 -16.58 -25.65
C GLY C 57 -20.73 -16.07 -26.62
N ALA C 58 -19.48 -16.12 -26.19
CA ALA C 58 -18.43 -15.51 -26.96
C ALA C 58 -17.09 -15.84 -26.36
N SER C 59 -16.08 -15.80 -27.21
CA SER C 59 -14.76 -16.25 -26.83
C SER C 59 -13.75 -15.82 -27.87
N GLY C 60 -12.63 -15.25 -27.42
CA GLY C 60 -11.55 -14.81 -28.30
C GLY C 60 -12.05 -13.69 -29.20
N ILE C 61 -12.19 -13.98 -30.49
CA ILE C 61 -12.71 -13.03 -31.48
C ILE C 61 -14.04 -13.46 -32.09
N ARG C 62 -14.70 -14.47 -31.51
CA ARG C 62 -15.92 -15.08 -32.07
C ARG C 62 -17.10 -14.95 -31.11
N ILE C 63 -18.29 -14.72 -31.65
CA ILE C 63 -19.51 -14.76 -30.84
C ILE C 63 -20.36 -15.93 -31.32
N ARG C 64 -21.28 -16.40 -30.48
CA ARG C 64 -22.15 -17.51 -30.80
C ARG C 64 -23.59 -17.05 -30.69
N ASP C 65 -24.37 -17.29 -31.73
CA ASP C 65 -25.78 -16.94 -31.70
C ASP C 65 -26.68 -18.08 -31.21
N HIS C 66 -27.97 -17.80 -31.15
CA HIS C 66 -29.00 -18.74 -30.68
C HIS C 66 -29.16 -20.02 -31.50
N GLU C 67 -28.74 -20.00 -32.76
CA GLU C 67 -28.73 -21.20 -33.59
C GLU C 67 -27.44 -22.01 -33.49
N GLY C 68 -26.48 -21.62 -32.67
CA GLY C 68 -25.18 -22.31 -32.59
C GLY C 68 -24.12 -21.81 -33.56
N ARG C 69 -24.46 -20.87 -34.41
CA ARG C 69 -23.53 -20.26 -35.37
C ARG C 69 -22.40 -19.55 -34.64
N GLU C 70 -21.21 -19.69 -35.14
CA GLU C 70 -20.04 -19.07 -34.55
C GLU C 70 -19.59 -18.03 -35.54
N LEU C 71 -19.58 -16.75 -35.18
CA LEU C 71 -19.20 -15.68 -36.13
C LEU C 71 -17.91 -15.00 -35.72
N ILE C 72 -17.03 -14.76 -36.69
CA ILE C 72 -15.84 -13.97 -36.43
C ILE C 72 -16.28 -12.54 -36.35
N ASP C 73 -15.98 -11.89 -35.21
CA ASP C 73 -16.39 -10.52 -35.05
C ASP C 73 -15.23 -9.60 -35.41
N ALA C 74 -15.17 -9.26 -36.69
CA ALA C 74 -14.12 -8.36 -37.16
C ALA C 74 -14.40 -6.90 -36.84
N PHE C 75 -15.45 -6.63 -36.05
CA PHE C 75 -15.75 -5.26 -35.59
C PHE C 75 -15.73 -5.09 -34.07
N ALA C 76 -15.34 -6.12 -33.33
CA ALA C 76 -15.22 -6.05 -31.87
C ALA C 76 -16.40 -5.35 -31.20
N GLY C 77 -17.59 -5.86 -31.47
CA GLY C 77 -18.82 -5.25 -31.01
C GLY C 77 -19.07 -4.02 -31.82
N LEU C 78 -18.71 -2.87 -31.24
CA LEU C 78 -18.67 -1.58 -31.92
C LEU C 78 -17.37 -0.89 -31.55
N TYR C 79 -16.29 -1.29 -32.21
CA TYR C 79 -14.93 -0.81 -31.90
C TYR C 79 -14.58 -0.87 -30.42
N CYS C 80 -15.13 -1.82 -29.69
CA CYS C 80 -15.01 -1.75 -28.25
C CYS C 80 -14.50 -2.98 -27.51
N VAL C 81 -14.65 -4.19 -28.05
CA VAL C 81 -14.21 -5.37 -27.30
C VAL C 81 -12.73 -5.63 -27.58
N ASN C 82 -11.89 -4.75 -27.06
CA ASN C 82 -10.48 -4.67 -27.48
C ASN C 82 -9.59 -5.77 -26.96
N ILE C 83 -9.79 -6.19 -25.72
CA ILE C 83 -9.04 -7.32 -25.17
C ILE C 83 -9.62 -8.67 -25.59
N GLY C 84 -10.71 -8.68 -26.35
CA GLY C 84 -11.33 -9.92 -26.79
C GLY C 84 -12.43 -10.39 -25.86
N TYR C 85 -13.22 -11.33 -26.37
CA TYR C 85 -14.37 -11.86 -25.66
C TYR C 85 -13.99 -12.96 -24.70
N GLY C 86 -14.85 -13.17 -23.70
CA GLY C 86 -14.73 -14.31 -22.81
C GLY C 86 -13.68 -14.23 -21.74
N ARG C 87 -13.27 -13.02 -21.36
CA ARG C 87 -12.19 -12.84 -20.38
C ARG C 87 -12.73 -13.04 -18.97
N THR C 88 -12.59 -14.23 -18.43
CA THR C 88 -13.19 -14.47 -17.12
C THR C 88 -12.42 -13.67 -16.03
N GLU C 89 -11.18 -13.32 -16.30
CA GLU C 89 -10.43 -12.43 -15.41
C GLU C 89 -11.17 -11.12 -15.09
N VAL C 90 -11.82 -10.54 -16.09
CA VAL C 90 -12.57 -9.30 -15.91
C VAL C 90 -13.88 -9.58 -15.17
N ALA C 91 -14.54 -10.69 -15.52
CA ALA C 91 -15.72 -11.11 -14.78
C ALA C 91 -15.44 -11.30 -13.28
N ASP C 92 -14.29 -11.90 -12.97
CA ASP C 92 -13.84 -12.10 -11.59
C ASP C 92 -13.65 -10.77 -10.89
N ALA C 93 -13.03 -9.81 -11.57
CA ALA C 93 -12.78 -8.49 -10.99
C ALA C 93 -14.09 -7.73 -10.71
N ILE C 94 -15.02 -7.83 -11.65
CA ILE C 94 -16.36 -7.25 -11.51
C ILE C 94 -17.07 -7.85 -10.31
N TYR C 95 -17.00 -9.17 -10.19
CA TYR C 95 -17.69 -9.94 -9.15
C TYR C 95 -17.18 -9.56 -7.78
N LYS C 96 -15.85 -9.54 -7.66
CA LYS C 96 -15.18 -9.15 -6.44
C LYS C 96 -15.63 -7.79 -5.94
N GLN C 97 -15.65 -6.81 -6.84
CA GLN C 97 -16.14 -5.50 -6.48
C GLN C 97 -17.65 -5.51 -6.16
N ALA C 98 -18.45 -6.28 -6.92
CA ALA C 98 -19.89 -6.38 -6.65
C ALA C 98 -20.19 -6.89 -5.24
N LYS C 99 -19.43 -7.86 -4.77
CA LYS C 99 -19.53 -8.36 -3.39
C LYS C 99 -19.06 -7.36 -2.35
N GLU C 100 -17.94 -6.73 -2.61
CA GLU C 100 -17.32 -5.83 -1.65
C GLU C 100 -18.15 -4.54 -1.51
N LEU C 101 -18.36 -3.85 -2.62
CA LEU C 101 -19.26 -2.68 -2.68
C LEU C 101 -19.64 -2.39 -4.13
N ALA C 102 -20.83 -2.81 -4.52
CA ALA C 102 -21.32 -2.62 -5.87
C ALA C 102 -21.47 -1.14 -6.19
N TYR C 103 -22.01 -0.39 -5.22
CA TYR C 103 -22.30 1.02 -5.43
C TYR C 103 -22.36 1.85 -4.16
N TYR C 104 -21.69 2.98 -4.24
CA TYR C 104 -22.06 4.17 -3.51
C TYR C 104 -21.78 5.33 -4.43
N HIS C 105 -22.37 6.49 -4.14
CA HIS C 105 -22.10 7.68 -4.97
C HIS C 105 -20.69 8.19 -4.73
N THR C 106 -20.25 9.09 -5.62
CA THR C 106 -18.96 9.77 -5.46
C THR C 106 -19.17 11.29 -5.33
N TYR C 107 -20.37 11.70 -4.94
CA TYR C 107 -20.69 13.09 -4.63
C TYR C 107 -19.93 13.57 -3.39
N VAL C 108 -19.67 14.88 -3.33
CA VAL C 108 -19.09 15.52 -2.14
C VAL C 108 -17.86 14.76 -1.62
N GLY C 109 -16.90 14.51 -2.52
CA GLY C 109 -15.63 13.92 -2.11
C GLY C 109 -15.60 12.43 -1.77
N HIS C 110 -16.71 11.73 -1.98
CA HIS C 110 -16.74 10.28 -1.73
C HIS C 110 -16.09 9.51 -2.89
N SER C 111 -15.39 8.42 -2.54
CA SER C 111 -14.69 7.58 -3.51
C SER C 111 -14.72 6.12 -3.13
N THR C 112 -14.35 5.28 -4.09
CA THR C 112 -13.77 3.98 -3.83
C THR C 112 -12.30 4.00 -4.13
N GLU C 113 -11.63 2.96 -3.66
CA GLU C 113 -10.24 2.70 -4.01
C GLU C 113 -10.05 2.52 -5.52
N ALA C 114 -10.96 1.76 -6.15
CA ALA C 114 -10.88 1.47 -7.58
C ALA C 114 -10.94 2.73 -8.45
N ILE C 115 -11.85 3.64 -8.14
CA ILE C 115 -11.98 4.83 -8.97
C ILE C 115 -10.77 5.76 -8.81
N ILE C 116 -10.20 5.79 -7.62
CA ILE C 116 -9.00 6.58 -7.41
C ILE C 116 -7.85 5.99 -8.19
N GLU C 117 -7.68 4.68 -8.11
CA GLU C 117 -6.57 4.00 -8.76
C GLU C 117 -6.68 4.16 -10.27
N LEU C 118 -7.90 3.99 -10.79
CA LEU C 118 -8.15 4.15 -12.21
C LEU C 118 -7.82 5.55 -12.70
N SER C 119 -8.20 6.55 -11.92
CA SER C 119 -7.93 7.93 -12.28
C SER C 119 -6.44 8.16 -12.36
N SER C 120 -5.66 7.70 -11.38
CA SER C 120 -4.21 7.92 -11.48
C SER C 120 -3.56 7.12 -12.60
N ARG C 121 -4.04 5.91 -12.86
CA ARG C 121 -3.48 5.13 -13.96
C ARG C 121 -3.77 5.71 -15.33
N ILE C 122 -4.97 6.25 -15.54
CA ILE C 122 -5.27 6.90 -16.80
C ILE C 122 -4.31 8.06 -17.05
N ILE C 123 -4.15 8.93 -16.06
CA ILE C 123 -3.33 10.13 -16.20
C ILE C 123 -1.85 9.79 -16.36
N ARG C 124 -1.36 8.87 -15.55
CA ARG C 124 0.06 8.56 -15.50
C ARG C 124 0.51 7.69 -16.68
N ASP C 125 -0.27 6.69 -17.06
CA ASP C 125 0.18 5.69 -18.02
C ASP C 125 -0.39 5.80 -19.43
N TRP C 126 -1.54 6.44 -19.59
CA TRP C 126 -2.24 6.43 -20.88
C TRP C 126 -2.47 7.79 -21.51
N ALA C 127 -2.83 8.79 -20.73
CA ALA C 127 -3.16 10.10 -21.29
C ALA C 127 -1.92 10.82 -21.71
N PRO C 128 -2.04 11.74 -22.67
CA PRO C 128 -0.87 12.53 -23.06
C PRO C 128 -0.45 13.51 -21.98
N ALA C 129 0.69 14.14 -22.20
CA ALA C 129 1.28 15.07 -21.23
C ALA C 129 0.37 16.27 -20.96
N GLY C 130 0.42 16.76 -19.73
CA GLY C 130 -0.38 17.90 -19.32
C GLY C 130 -1.85 17.63 -19.04
N MET C 131 -2.25 16.36 -18.92
CA MET C 131 -3.60 16.05 -18.49
C MET C 131 -3.58 15.97 -16.98
N LYS C 132 -4.70 16.31 -16.32
CA LYS C 132 -4.72 16.41 -14.87
C LYS C 132 -5.81 15.59 -14.18
N LYS C 133 -7.06 15.77 -14.57
CA LYS C 133 -8.19 15.17 -13.84
C LYS C 133 -9.08 14.34 -14.75
N VAL C 134 -9.82 13.40 -14.15
CA VAL C 134 -10.74 12.52 -14.86
C VAL C 134 -12.15 12.60 -14.26
N TYR C 135 -13.15 12.78 -15.13
CA TYR C 135 -14.55 12.79 -14.68
C TYR C 135 -15.28 11.64 -15.38
N TYR C 136 -16.08 10.89 -14.64
CA TYR C 136 -16.66 9.65 -15.17
C TYR C 136 -18.15 9.71 -15.44
N GLY C 137 -18.53 9.17 -16.59
CA GLY C 137 -19.90 8.86 -16.90
C GLY C 137 -20.00 7.42 -17.37
N LEU C 138 -20.97 7.16 -18.22
CA LEU C 138 -21.32 5.80 -18.61
C LEU C 138 -21.25 5.52 -20.08
N SER C 139 -21.28 6.56 -20.90
CA SER C 139 -21.29 6.44 -22.35
C SER C 139 -20.49 7.58 -23.00
N GLY C 140 -20.00 7.31 -24.18
CA GLY C 140 -19.34 8.32 -25.01
C GLY C 140 -20.19 9.57 -25.15
N SER C 141 -21.51 9.39 -25.30
CA SER C 141 -22.40 10.51 -25.52
C SER C 141 -22.48 11.39 -24.30
N ASP C 142 -22.68 10.80 -23.12
CA ASP C 142 -22.76 11.61 -21.92
C ASP C 142 -21.39 12.26 -21.61
N ALA C 143 -20.31 11.61 -22.06
CA ALA C 143 -18.98 12.21 -21.93
C ALA C 143 -18.91 13.50 -22.74
N ASN C 144 -19.31 13.46 -24.01
CA ASN C 144 -19.28 14.66 -24.83
C ASN C 144 -20.30 15.69 -24.36
N GLU C 145 -21.39 15.26 -23.71
CA GLU C 145 -22.33 16.20 -23.10
C GLU C 145 -21.63 16.97 -21.97
N THR C 146 -20.89 16.24 -21.14
CA THR C 146 -20.01 16.83 -20.11
C THR C 146 -19.02 17.83 -20.73
N GLN C 147 -18.41 17.46 -21.84
CA GLN C 147 -17.50 18.38 -22.55
C GLN C 147 -18.19 19.69 -22.89
N ILE C 148 -19.40 19.63 -23.45
CA ILE C 148 -20.11 20.87 -23.78
C ILE C 148 -20.31 21.71 -22.52
N LYS C 149 -20.77 21.10 -21.43
CA LYS C 149 -20.99 21.83 -20.17
C LYS C 149 -19.72 22.49 -19.64
N LEU C 150 -18.59 21.86 -19.89
CA LEU C 150 -17.32 22.28 -19.35
C LEU C 150 -16.77 23.46 -20.11
N VAL C 151 -16.91 23.40 -21.43
CA VAL C 151 -16.52 24.46 -22.35
C VAL C 151 -17.28 25.76 -22.07
N ARG C 152 -18.58 25.64 -21.86
CA ARG C 152 -19.40 26.78 -21.49
C ARG C 152 -18.98 27.37 -20.14
N TYR C 153 -18.83 26.50 -19.15
CA TYR C 153 -18.47 26.90 -17.81
C TYR C 153 -17.15 27.67 -17.83
N TYR C 154 -16.16 27.09 -18.47
CA TYR C 154 -14.84 27.70 -18.64
C TYR C 154 -14.95 29.14 -19.12
N ASN C 155 -15.65 29.34 -20.24
CA ASN C 155 -15.81 30.67 -20.80
C ASN C 155 -16.62 31.61 -19.89
N ASN C 156 -17.72 31.15 -19.34
CA ASN C 156 -18.50 32.00 -18.45
C ASN C 156 -17.70 32.52 -17.26
N VAL C 157 -16.93 31.65 -16.61
CA VAL C 157 -16.19 32.07 -15.41
C VAL C 157 -14.93 32.88 -15.74
N LEU C 158 -14.51 32.87 -17.00
CA LEU C 158 -13.48 33.79 -17.49
C LEU C 158 -14.07 35.10 -18.04
N GLY C 159 -15.37 35.32 -17.87
CA GLY C 159 -16.02 36.52 -18.38
C GLY C 159 -16.12 36.66 -19.89
N ARG C 160 -16.24 35.55 -20.61
CA ARG C 160 -16.42 35.59 -22.07
C ARG C 160 -17.75 34.92 -22.44
N PRO C 161 -18.88 35.54 -22.02
CA PRO C 161 -20.17 34.86 -22.22
C PRO C 161 -20.59 34.65 -23.68
N GLN C 162 -19.86 35.18 -24.64
CA GLN C 162 -20.20 34.99 -26.03
C GLN C 162 -19.46 33.84 -26.68
N LYS C 163 -18.37 33.39 -26.06
CA LYS C 163 -17.49 32.37 -26.65
C LYS C 163 -18.05 30.97 -26.30
N LYS C 164 -18.96 30.49 -27.15
CA LYS C 164 -19.77 29.29 -26.86
C LYS C 164 -19.93 28.29 -28.01
N LYS C 165 -19.67 28.70 -29.23
CA LYS C 165 -19.93 27.84 -30.36
C LYS C 165 -18.91 26.73 -30.40
N ILE C 166 -19.36 25.55 -30.84
CA ILE C 166 -18.48 24.42 -31.06
C ILE C 166 -18.43 24.14 -32.55
N ILE C 167 -17.24 23.85 -33.04
CA ILE C 167 -17.05 23.41 -34.41
C ILE C 167 -16.73 21.94 -34.42
N SER C 168 -17.47 21.20 -35.23
CA SER C 168 -17.28 19.78 -35.45
C SER C 168 -16.90 19.60 -36.91
N ARG C 169 -16.95 18.37 -37.40
CA ARG C 169 -16.64 18.11 -38.80
C ARG C 169 -17.68 17.24 -39.47
N GLN C 170 -17.63 17.26 -40.79
CA GLN C 170 -18.55 16.55 -41.64
C GLN C 170 -18.08 15.09 -41.54
N ARG C 171 -19.05 14.21 -41.26
CA ARG C 171 -18.80 12.79 -41.01
C ARG C 171 -18.20 12.44 -39.64
N GLY C 172 -18.09 13.41 -38.75
CA GLY C 172 -17.67 13.14 -37.38
C GLY C 172 -18.78 12.39 -36.67
N TYR C 173 -18.41 11.46 -35.79
CA TYR C 173 -19.38 10.85 -34.88
C TYR C 173 -18.99 11.16 -33.46
N HIS C 174 -19.91 11.79 -32.72
CA HIS C 174 -19.68 12.19 -31.34
C HIS C 174 -20.80 11.83 -30.40
N GLY C 175 -21.76 11.04 -30.87
CA GLY C 175 -22.85 10.58 -30.03
C GLY C 175 -24.22 10.79 -30.64
N SER C 176 -25.22 10.40 -29.86
CA SER C 176 -26.55 10.22 -30.33
C SER C 176 -27.58 10.94 -29.45
N GLY C 177 -27.14 11.98 -28.74
CA GLY C 177 -28.05 12.82 -27.96
C GLY C 177 -28.53 13.96 -28.83
N ILE C 178 -29.07 14.99 -28.21
CA ILE C 178 -29.49 16.20 -28.95
C ILE C 178 -28.30 17.10 -29.27
N MET C 179 -27.56 17.44 -28.23
CA MET C 179 -26.38 18.30 -28.36
C MET C 179 -25.25 17.49 -29.00
N THR C 180 -25.04 16.27 -28.52
CA THR C 180 -24.01 15.41 -29.08
C THR C 180 -24.36 14.92 -30.48
N GLY C 181 -25.64 14.68 -30.74
CA GLY C 181 -26.10 14.41 -32.11
C GLY C 181 -25.81 15.56 -33.05
N SER C 182 -25.95 16.79 -32.56
CA SER C 182 -25.60 17.97 -33.33
C SER C 182 -24.12 17.99 -33.69
N LEU C 183 -23.25 17.67 -32.75
CA LEU C 183 -21.81 17.56 -33.05
C LEU C 183 -21.59 16.51 -34.14
N THR C 184 -22.29 15.39 -34.01
CA THR C 184 -22.22 14.35 -35.01
C THR C 184 -22.55 14.94 -36.38
N GLY C 185 -21.73 14.61 -37.37
CA GLY C 185 -21.89 15.13 -38.71
C GLY C 185 -22.33 14.09 -39.71
N LEU C 186 -23.31 13.27 -39.32
CA LEU C 186 -23.89 12.25 -40.19
C LEU C 186 -25.40 12.42 -40.11
N PRO C 187 -26.06 12.58 -41.27
CA PRO C 187 -27.48 12.99 -41.26
C PRO C 187 -28.48 12.07 -40.54
N SER C 188 -28.19 10.79 -40.42
CA SER C 188 -29.15 9.84 -39.78
C SER C 188 -29.37 10.17 -38.30
N PHE C 189 -28.34 10.70 -37.64
CA PHE C 189 -28.46 11.12 -36.25
C PHE C 189 -29.14 12.47 -36.09
N HIS C 190 -29.47 13.13 -37.20
CA HIS C 190 -30.24 14.36 -37.19
C HIS C 190 -31.69 14.20 -37.59
N GLN C 191 -32.05 13.12 -38.30
CA GLN C 191 -33.33 13.06 -38.97
C GLN C 191 -34.53 13.06 -38.01
N HIS C 192 -35.42 14.02 -38.23
CA HIS C 192 -36.58 14.27 -37.38
C HIS C 192 -36.29 14.62 -35.92
N PHE C 193 -35.08 15.07 -35.63
CA PHE C 193 -34.71 15.54 -34.29
C PHE C 193 -34.42 17.05 -34.23
N ASP C 194 -34.50 17.73 -35.37
CA ASP C 194 -34.26 19.18 -35.48
C ASP C 194 -32.81 19.51 -35.15
N LEU C 195 -31.90 18.77 -35.76
CA LEU C 195 -30.49 18.96 -35.49
C LEU C 195 -29.79 19.22 -36.81
N PRO C 196 -28.64 19.89 -36.81
CA PRO C 196 -27.94 20.36 -35.62
C PRO C 196 -28.58 21.59 -35.06
N VAL C 197 -28.50 21.72 -33.74
CA VAL C 197 -28.97 22.89 -33.04
C VAL C 197 -28.09 24.09 -33.44
N GLU C 198 -28.66 25.30 -33.38
CA GLU C 198 -27.88 26.50 -33.63
C GLU C 198 -26.73 26.62 -32.65
N GLY C 199 -25.56 27.01 -33.15
CA GLY C 199 -24.37 27.15 -32.33
C GLY C 199 -23.35 26.05 -32.56
N ILE C 200 -23.71 25.03 -33.32
CA ILE C 200 -22.76 24.03 -33.70
C ILE C 200 -22.61 24.08 -35.21
N LYS C 201 -21.37 24.08 -35.68
CA LYS C 201 -21.06 24.16 -37.12
C LYS C 201 -20.11 23.04 -37.51
N HIS C 202 -20.05 22.78 -38.81
CA HIS C 202 -19.28 21.66 -39.35
C HIS C 202 -18.34 22.08 -40.47
N THR C 203 -17.03 22.00 -40.23
CA THR C 203 -16.04 22.23 -41.26
C THR C 203 -15.86 20.93 -42.02
N VAL C 204 -14.80 20.83 -42.82
CA VAL C 204 -14.69 19.76 -43.80
C VAL C 204 -14.12 18.46 -43.26
N CYS C 205 -14.61 17.38 -43.86
CA CYS C 205 -14.11 16.04 -43.65
C CYS C 205 -12.74 15.92 -44.31
N PRO C 206 -11.69 15.64 -43.52
CA PRO C 206 -10.34 15.61 -44.11
C PRO C 206 -10.01 14.29 -44.81
N HIS C 207 -10.76 13.98 -45.86
CA HIS C 207 -10.56 12.74 -46.61
C HIS C 207 -9.80 13.06 -47.91
N TRP C 208 -8.51 12.73 -47.96
CA TRP C 208 -7.67 13.17 -49.09
C TRP C 208 -8.14 12.62 -50.43
N TYR C 209 -8.41 11.33 -50.46
CA TYR C 209 -8.96 10.67 -51.63
C TYR C 209 -10.12 11.44 -52.28
N LYS C 210 -10.92 12.18 -51.50
CA LYS C 210 -12.04 12.94 -52.04
C LYS C 210 -11.81 14.44 -52.03
N ALA C 211 -10.55 14.83 -52.10
CA ALA C 211 -10.17 16.23 -52.07
C ALA C 211 -10.50 16.83 -53.45
N PRO C 212 -10.61 18.18 -53.53
CA PRO C 212 -10.65 18.81 -54.85
C PRO C 212 -9.58 18.24 -55.79
N ALA C 213 -9.97 17.92 -57.03
CA ALA C 213 -9.10 17.18 -57.95
C ALA C 213 -7.82 17.97 -58.20
N GLY C 214 -6.69 17.28 -58.23
CA GLY C 214 -5.41 17.91 -58.49
C GLY C 214 -4.66 18.40 -57.26
N MET C 215 -5.33 18.62 -56.13
CA MET C 215 -4.62 18.98 -54.87
C MET C 215 -3.81 17.80 -54.37
N ASP C 216 -2.54 18.05 -54.04
CA ASP C 216 -1.70 17.05 -53.39
C ASP C 216 -1.96 17.09 -51.87
N GLU C 217 -1.31 16.16 -51.14
CA GLU C 217 -1.58 15.99 -49.73
C GLU C 217 -1.40 17.33 -48.99
N ALA C 218 -0.23 17.92 -49.13
CA ALA C 218 0.09 19.20 -48.49
C ALA C 218 -0.89 20.33 -48.84
N ALA C 219 -1.37 20.35 -50.08
CA ALA C 219 -2.34 21.36 -50.54
C ALA C 219 -3.67 21.19 -49.85
N PHE C 220 -4.12 19.93 -49.76
CA PHE C 220 -5.38 19.59 -49.10
C PHE C 220 -5.35 19.98 -47.63
N VAL C 221 -4.22 19.75 -46.97
CA VAL C 221 -4.06 20.15 -45.58
C VAL C 221 -4.29 21.64 -45.46
N ARG C 222 -3.66 22.41 -46.36
CA ARG C 222 -3.81 23.87 -46.36
C ARG C 222 -5.25 24.29 -46.59
N TYR C 223 -5.90 23.64 -47.56
CA TYR C 223 -7.32 23.84 -47.81
C TYR C 223 -8.18 23.66 -46.55
N CYS C 224 -7.92 22.58 -45.83
CA CYS C 224 -8.70 22.27 -44.62
C CYS C 224 -8.49 23.33 -43.55
N ALA C 225 -7.23 23.73 -43.37
CA ALA C 225 -6.87 24.81 -42.45
C ALA C 225 -7.55 26.13 -42.81
N ASP C 226 -7.51 26.48 -44.10
CA ASP C 226 -8.07 27.74 -44.59
C ASP C 226 -9.59 27.74 -44.43
N GLU C 227 -10.22 26.62 -44.76
CA GLU C 227 -11.68 26.49 -44.58
C GLU C 227 -12.12 26.66 -43.12
N LEU C 228 -11.33 26.11 -42.20
CA LEU C 228 -11.55 26.29 -40.76
C LEU C 228 -11.36 27.74 -40.32
N GLU C 229 -10.22 28.32 -40.72
CA GLU C 229 -9.96 29.74 -40.48
C GLU C 229 -11.15 30.56 -40.98
N LYS C 230 -11.56 30.28 -42.23
CA LYS C 230 -12.65 30.99 -42.87
C LYS C 230 -13.90 30.95 -42.01
N LEU C 231 -14.21 29.75 -41.53
CA LEU C 231 -15.44 29.53 -40.77
C LEU C 231 -15.39 30.20 -39.40
N ILE C 232 -14.22 30.17 -38.76
CA ILE C 232 -14.05 30.85 -37.49
C ILE C 232 -14.28 32.36 -37.65
N LEU C 233 -13.66 32.93 -38.68
CA LEU C 233 -13.78 34.36 -38.98
C LEU C 233 -15.20 34.75 -39.36
N ALA C 234 -15.83 33.96 -40.22
CA ALA C 234 -17.24 34.15 -40.58
C ALA C 234 -18.15 34.16 -39.35
N GLU C 235 -17.86 33.32 -38.36
CA GLU C 235 -18.68 33.25 -37.15
C GLU C 235 -18.28 34.31 -36.13
N GLY C 236 -17.01 34.69 -36.13
CA GLY C 236 -16.46 35.65 -35.17
C GLY C 236 -15.69 34.90 -34.10
N PRO C 237 -14.34 34.97 -34.10
CA PRO C 237 -13.53 34.21 -33.14
C PRO C 237 -13.91 34.38 -31.68
N ASP C 238 -14.44 35.54 -31.33
CA ASP C 238 -14.88 35.78 -29.96
C ASP C 238 -16.15 35.00 -29.59
N THR C 239 -16.82 34.39 -30.58
CA THR C 239 -17.98 33.52 -30.34
C THR C 239 -17.68 32.01 -30.42
N VAL C 240 -16.44 31.62 -30.75
CA VAL C 240 -16.10 30.21 -30.96
C VAL C 240 -15.28 29.65 -29.80
N ALA C 241 -15.82 28.66 -29.10
CA ALA C 241 -15.23 28.12 -27.87
C ALA C 241 -14.33 26.91 -28.08
N ALA C 242 -14.77 25.99 -28.94
CA ALA C 242 -14.10 24.71 -29.07
C ALA C 242 -14.22 24.09 -30.44
N PHE C 243 -13.28 23.19 -30.70
CA PHE C 243 -13.25 22.37 -31.89
C PHE C 243 -13.13 20.93 -31.43
N ILE C 244 -14.00 20.06 -31.93
CA ILE C 244 -14.00 18.66 -31.53
C ILE C 244 -13.66 17.80 -32.71
N GLY C 245 -12.78 16.83 -32.48
CA GLY C 245 -12.44 15.88 -33.53
C GLY C 245 -11.88 14.56 -33.03
N GLU C 246 -12.24 13.49 -33.72
CA GLU C 246 -11.60 12.19 -33.56
C GLU C 246 -10.24 12.25 -34.29
N PRO C 247 -9.17 11.73 -33.67
CA PRO C 247 -7.90 11.65 -34.39
C PRO C 247 -8.03 10.95 -35.73
N VAL C 248 -8.68 9.79 -35.70
CA VAL C 248 -9.10 9.06 -36.89
C VAL C 248 -10.61 8.89 -36.78
N MET C 249 -11.30 9.32 -37.83
CA MET C 249 -12.76 9.22 -37.86
C MET C 249 -13.15 7.77 -38.01
N GLY C 250 -14.02 7.32 -37.11
CA GLY C 250 -14.37 5.92 -37.04
C GLY C 250 -15.65 5.66 -37.76
N THR C 251 -16.76 6.09 -37.16
CA THR C 251 -18.05 5.73 -37.67
C THR C 251 -18.29 6.34 -39.06
N GLY C 252 -17.45 7.28 -39.45
CA GLY C 252 -17.63 7.97 -40.67
C GLY C 252 -16.83 7.67 -41.93
N GLY C 253 -16.51 6.47 -42.35
CA GLY C 253 -15.84 5.46 -41.60
C GLY C 253 -14.38 5.34 -42.02
N ILE C 254 -13.52 5.46 -41.00
CA ILE C 254 -12.15 5.07 -41.06
C ILE C 254 -11.38 6.00 -41.96
N ILE C 255 -11.64 7.28 -41.79
CA ILE C 255 -10.93 8.29 -42.50
C ILE C 255 -9.67 8.64 -41.70
N VAL C 256 -8.51 8.24 -42.20
CA VAL C 256 -7.23 8.64 -41.62
C VAL C 256 -6.90 10.06 -42.11
N PRO C 257 -6.47 10.96 -41.20
CA PRO C 257 -6.21 12.31 -41.67
C PRO C 257 -4.93 12.38 -42.54
N PRO C 258 -4.84 13.35 -43.44
CA PRO C 258 -3.62 13.51 -44.20
C PRO C 258 -2.44 13.92 -43.32
N LYS C 259 -1.22 13.62 -43.77
CA LYS C 259 0.02 14.02 -43.10
C LYS C 259 0.05 15.53 -42.89
N GLY C 260 0.26 15.97 -41.66
CA GLY C 260 0.35 17.38 -41.32
C GLY C 260 -0.97 18.06 -40.97
N TYR C 261 -2.07 17.34 -41.11
CA TYR C 261 -3.40 17.86 -40.81
C TYR C 261 -3.54 18.41 -39.41
N TRP C 262 -3.13 17.63 -38.42
CA TRP C 262 -3.34 18.03 -37.03
C TRP C 262 -2.44 19.17 -36.59
N GLU C 263 -1.20 19.21 -37.09
CA GLU C 263 -0.31 20.37 -36.83
C GLU C 263 -0.94 21.65 -37.41
N ALA C 264 -1.42 21.55 -38.65
CA ALA C 264 -2.02 22.71 -39.35
C ALA C 264 -3.28 23.20 -38.68
N ILE C 265 -4.15 22.27 -38.27
CA ILE C 265 -5.40 22.62 -37.59
C ILE C 265 -5.15 23.26 -36.24
N GLN C 266 -4.22 22.69 -35.47
CA GLN C 266 -3.89 23.24 -34.14
C GLN C 266 -3.35 24.67 -34.20
N ALA C 267 -2.54 24.98 -35.22
CA ALA C 267 -2.05 26.35 -35.45
C ALA C 267 -3.20 27.33 -35.59
N VAL C 268 -4.21 26.96 -36.38
CA VAL C 268 -5.41 27.77 -36.52
C VAL C 268 -6.14 27.91 -35.17
N LEU C 269 -6.26 26.81 -34.43
CA LEU C 269 -6.96 26.84 -33.16
C LEU C 269 -6.24 27.71 -32.14
N ASN C 270 -4.90 27.66 -32.12
CA ASN C 270 -4.10 28.53 -31.24
C ASN C 270 -4.24 30.00 -31.59
N LYS C 271 -4.20 30.31 -32.88
CA LYS C 271 -4.38 31.67 -33.35
C LYS C 271 -5.64 32.33 -32.80
N TYR C 272 -6.76 31.60 -32.77
CA TYR C 272 -8.05 32.17 -32.32
C TYR C 272 -8.50 31.77 -30.91
N ASP C 273 -7.61 31.14 -30.16
CA ASP C 273 -7.87 30.72 -28.76
C ASP C 273 -9.12 29.82 -28.66
N VAL C 274 -9.12 28.77 -29.46
CA VAL C 274 -10.23 27.82 -29.52
C VAL C 274 -9.73 26.50 -28.93
N LEU C 275 -10.46 25.97 -27.95
CA LEU C 275 -10.09 24.71 -27.29
C LEU C 275 -10.19 23.51 -28.22
N LEU C 276 -9.25 22.58 -28.08
CA LEU C 276 -9.28 21.33 -28.82
C LEU C 276 -9.81 20.21 -27.93
N ILE C 277 -10.93 19.61 -28.35
CA ILE C 277 -11.50 18.44 -27.73
C ILE C 277 -11.14 17.24 -28.58
N ALA C 278 -10.29 16.35 -28.09
CA ALA C 278 -9.99 15.12 -28.81
C ALA C 278 -11.01 14.05 -28.44
N ASP C 279 -11.78 13.60 -29.40
CA ASP C 279 -12.74 12.54 -29.16
C ASP C 279 -12.08 11.21 -29.44
N GLU C 280 -11.62 10.59 -28.36
CA GLU C 280 -10.84 9.37 -28.42
C GLU C 280 -11.65 8.15 -28.04
N VAL C 281 -12.96 8.21 -28.19
CA VAL C 281 -13.79 7.10 -27.78
C VAL C 281 -13.36 5.81 -28.51
N VAL C 282 -13.04 5.92 -29.79
CA VAL C 282 -12.54 4.78 -30.55
C VAL C 282 -11.02 4.59 -30.39
N CYS C 283 -10.27 5.67 -30.48
CA CYS C 283 -8.81 5.60 -30.62
C CYS C 283 -8.05 5.27 -29.33
N ALA C 284 -8.65 5.58 -28.18
CA ALA C 284 -7.95 5.41 -26.92
C ALA C 284 -7.75 3.94 -26.53
N PHE C 285 -6.69 3.74 -25.74
CA PHE C 285 -6.35 2.49 -25.13
C PHE C 285 -5.95 1.40 -26.12
N GLY C 286 -5.17 1.81 -27.11
CA GLY C 286 -4.33 0.87 -27.89
C GLY C 286 -4.75 0.62 -29.32
N ARG C 287 -5.94 1.09 -29.69
CA ARG C 287 -6.55 0.70 -30.93
C ARG C 287 -5.72 1.03 -32.15
N LEU C 288 -5.07 2.18 -32.17
CA LEU C 288 -4.26 2.56 -33.34
C LEU C 288 -2.80 2.14 -33.24
N GLY C 289 -2.44 1.32 -32.25
CA GLY C 289 -1.04 0.92 -32.05
C GLY C 289 -0.23 1.94 -31.23
N SER C 290 -0.92 2.93 -30.69
CA SER C 290 -0.39 3.92 -29.76
C SER C 290 -1.34 3.96 -28.57
N LYS C 291 -0.90 4.59 -27.49
CA LYS C 291 -1.68 4.70 -26.29
C LYS C 291 -3.04 5.32 -26.59
N MET C 292 -2.99 6.47 -27.22
CA MET C 292 -4.18 7.12 -27.76
C MET C 292 -3.81 7.73 -29.08
N GLY C 293 -4.82 8.13 -29.86
CA GLY C 293 -4.59 8.78 -31.13
C GLY C 293 -3.91 10.13 -31.02
N SER C 294 -4.18 10.82 -29.92
CA SER C 294 -3.64 12.14 -29.73
C SER C 294 -2.11 12.14 -29.66
N GLN C 295 -1.49 11.20 -28.94
CA GLN C 295 -0.02 11.09 -28.97
C GLN C 295 0.45 10.72 -30.37
N ARG C 296 -0.27 9.81 -31.00
CA ARG C 296 0.12 9.30 -32.29
C ARG C 296 0.18 10.37 -33.36
N TYR C 297 -0.78 11.30 -33.36
CA TYR C 297 -0.87 12.34 -34.37
C TYR C 297 -0.34 13.71 -33.90
N GLY C 298 0.36 13.74 -32.76
CA GLY C 298 0.86 15.01 -32.22
C GLY C 298 -0.22 16.00 -31.84
N MET C 299 -1.39 15.53 -31.43
CA MET C 299 -2.41 16.43 -30.91
C MET C 299 -2.10 16.76 -29.46
N ARG C 300 -2.47 17.97 -29.05
CA ARG C 300 -2.28 18.46 -27.69
C ARG C 300 -3.63 19.02 -27.25
N PRO C 301 -4.56 18.12 -26.94
CA PRO C 301 -5.91 18.59 -26.62
C PRO C 301 -6.01 19.18 -25.24
N ASP C 302 -7.03 20.00 -25.06
CA ASP C 302 -7.37 20.57 -23.76
C ASP C 302 -8.33 19.68 -23.00
N LEU C 303 -9.12 18.89 -23.74
CA LEU C 303 -10.08 17.96 -23.18
C LEU C 303 -10.10 16.71 -24.04
N ILE C 304 -10.29 15.55 -23.40
CA ILE C 304 -10.34 14.27 -24.11
C ILE C 304 -11.55 13.47 -23.68
N THR C 305 -12.22 12.88 -24.66
CA THR C 305 -13.36 12.00 -24.44
C THR C 305 -12.92 10.54 -24.63
N THR C 306 -13.27 9.68 -23.68
CA THR C 306 -13.03 8.24 -23.82
C THR C 306 -14.22 7.42 -23.33
N ALA C 307 -14.35 6.24 -23.92
CA ALA C 307 -15.29 5.20 -23.50
C ALA C 307 -14.82 3.90 -24.15
N LYS C 308 -15.75 3.00 -24.53
CA LYS C 308 -15.43 1.80 -25.35
C LYS C 308 -14.22 1.01 -24.85
N GLY C 309 -13.04 1.26 -25.43
CA GLY C 309 -11.83 0.54 -25.05
C GLY C 309 -11.33 0.75 -23.63
N LEU C 310 -11.87 1.74 -22.95
CA LEU C 310 -11.60 1.96 -21.54
C LEU C 310 -11.94 0.75 -20.66
N THR C 311 -13.03 0.05 -20.99
CA THR C 311 -13.42 -1.21 -20.32
C THR C 311 -13.47 -2.41 -21.24
N SER C 312 -13.11 -2.23 -22.51
CA SER C 312 -13.41 -3.20 -23.56
C SER C 312 -14.90 -3.65 -23.54
N ALA C 313 -15.76 -2.72 -23.13
CA ALA C 313 -17.20 -2.95 -22.98
C ALA C 313 -17.65 -3.97 -21.94
N TYR C 314 -16.74 -4.47 -21.10
CA TYR C 314 -17.14 -5.44 -20.07
C TYR C 314 -18.10 -4.82 -19.06
N ALA C 315 -18.01 -3.50 -18.94
CA ALA C 315 -18.99 -2.74 -18.21
C ALA C 315 -19.05 -1.32 -18.77
N PRO C 316 -20.19 -0.65 -18.63
CA PRO C 316 -20.32 0.69 -19.22
C PRO C 316 -19.54 1.71 -18.42
N LEU C 317 -18.68 2.47 -19.10
CA LEU C 317 -17.95 3.56 -18.44
C LEU C 317 -17.45 4.52 -19.50
N SER C 318 -17.47 5.80 -19.16
CA SER C 318 -16.88 6.84 -19.97
C SER C 318 -16.02 7.72 -19.07
N ALA C 319 -15.03 8.36 -19.66
CA ALA C 319 -14.13 9.22 -18.92
C ALA C 319 -13.83 10.47 -19.72
N VAL C 320 -14.03 11.62 -19.09
CA VAL C 320 -13.56 12.87 -19.65
C VAL C 320 -12.25 13.20 -18.97
N ILE C 321 -11.21 13.40 -19.76
CA ILE C 321 -9.89 13.71 -19.22
C ILE C 321 -9.67 15.21 -19.42
N VAL C 322 -9.43 15.90 -18.32
CA VAL C 322 -9.38 17.37 -18.31
C VAL C 322 -7.92 17.84 -18.19
N GLY C 323 -7.52 18.70 -19.12
CA GLY C 323 -6.18 19.27 -19.12
C GLY C 323 -5.92 20.28 -18.00
N GLU C 324 -4.65 20.57 -17.77
CA GLU C 324 -4.23 21.54 -16.75
C GLU C 324 -4.89 22.90 -16.95
N LYS C 325 -4.86 23.41 -18.18
CA LYS C 325 -5.41 24.73 -18.46
C LYS C 325 -6.85 24.86 -17.98
N VAL C 326 -7.70 23.95 -18.45
CA VAL C 326 -9.13 23.95 -18.11
C VAL C 326 -9.36 23.60 -16.65
N TRP C 327 -8.63 22.64 -16.11
CA TRP C 327 -8.82 22.28 -14.71
C TRP C 327 -8.52 23.46 -13.80
N ASP C 328 -7.42 24.16 -14.04
CA ASP C 328 -7.00 25.26 -13.16
C ASP C 328 -8.06 26.36 -13.14
N VAL C 329 -8.68 26.63 -14.29
CA VAL C 329 -9.77 27.59 -14.35
C VAL C 329 -10.97 27.13 -13.56
N ILE C 330 -11.35 25.86 -13.70
CA ILE C 330 -12.45 25.29 -12.94
C ILE C 330 -12.18 25.36 -11.44
N GLU C 331 -10.97 25.04 -11.04
CA GLU C 331 -10.59 25.01 -9.62
C GLU C 331 -10.68 26.40 -9.00
N LYS C 332 -10.11 27.40 -9.66
CA LYS C 332 -10.09 28.77 -9.16
C LYS C 332 -11.54 29.27 -9.03
N ALA C 333 -12.31 29.07 -10.08
CA ALA C 333 -13.68 29.52 -10.14
C ALA C 333 -14.55 29.05 -8.98
N SER C 334 -14.32 27.83 -8.51
CA SER C 334 -15.16 27.28 -7.43
C SER C 334 -15.08 28.13 -6.17
N GLN C 335 -13.94 28.79 -5.96
CA GLN C 335 -13.75 29.64 -4.79
C GLN C 335 -14.80 30.72 -4.67
N LYS C 336 -15.04 31.45 -5.76
CA LYS C 336 -16.09 32.47 -5.77
C LYS C 336 -17.45 31.92 -6.20
N GLU C 337 -17.48 30.93 -7.07
CA GLU C 337 -18.74 30.44 -7.68
C GLU C 337 -19.37 29.25 -6.99
N GLY C 338 -18.66 28.63 -6.04
CA GLY C 338 -19.15 27.43 -5.36
C GLY C 338 -18.99 26.18 -6.21
N ALA C 339 -19.50 25.07 -5.70
CA ALA C 339 -19.40 23.79 -6.41
C ALA C 339 -20.08 23.86 -7.77
N MET C 340 -19.42 23.29 -8.77
CA MET C 340 -20.00 23.15 -10.09
C MET C 340 -21.23 22.23 -10.03
N GLY C 341 -22.32 22.65 -10.67
CA GLY C 341 -23.55 21.86 -10.66
C GLY C 341 -23.56 20.81 -11.74
N HIS C 342 -22.73 19.79 -11.58
CA HIS C 342 -22.70 18.71 -12.53
C HIS C 342 -22.49 17.40 -11.80
N GLY C 343 -23.31 16.41 -12.11
CA GLY C 343 -23.21 15.12 -11.46
C GLY C 343 -24.19 14.15 -12.07
N TRP C 344 -23.70 12.94 -12.35
CA TRP C 344 -24.53 11.78 -12.64
C TRP C 344 -24.57 10.88 -11.40
N THR C 345 -25.74 10.33 -11.09
CA THR C 345 -25.89 9.37 -10.00
C THR C 345 -24.81 8.25 -10.04
N TYR C 346 -24.54 7.72 -11.23
CA TYR C 346 -23.62 6.61 -11.40
C TYR C 346 -22.23 7.02 -11.84
N SER C 347 -21.89 8.28 -11.70
CA SER C 347 -20.53 8.73 -11.93
C SER C 347 -19.58 7.98 -10.99
N GLY C 348 -18.60 7.29 -11.60
CA GLY C 348 -17.59 6.56 -10.86
C GLY C 348 -18.01 5.21 -10.33
N HIS C 349 -19.06 4.65 -10.95
CA HIS C 349 -19.66 3.41 -10.52
C HIS C 349 -18.59 2.34 -10.29
N PRO C 350 -18.53 1.80 -9.06
CA PRO C 350 -17.45 0.90 -8.66
C PRO C 350 -17.26 -0.33 -9.53
N ILE C 351 -18.31 -1.06 -9.88
CA ILE C 351 -18.10 -2.25 -10.69
C ILE C 351 -17.53 -1.88 -12.07
N CYS C 352 -17.92 -0.72 -12.59
CA CYS C 352 -17.41 -0.27 -13.87
C CYS C 352 -15.94 0.10 -13.78
N ALA C 353 -15.58 0.77 -12.69
CA ALA C 353 -14.19 1.08 -12.41
C ALA C 353 -13.35 -0.19 -12.30
N ALA C 354 -13.87 -1.17 -11.58
CA ALA C 354 -13.17 -2.44 -11.40
C ALA C 354 -12.95 -3.13 -12.74
N ALA C 355 -13.95 -3.06 -13.62
CA ALA C 355 -13.82 -3.62 -14.95
C ALA C 355 -12.74 -2.93 -15.74
N ALA C 356 -12.68 -1.61 -15.64
CA ALA C 356 -11.65 -0.84 -16.34
C ALA C 356 -10.26 -1.23 -15.87
N LEU C 357 -10.10 -1.36 -14.55
CA LEU C 357 -8.78 -1.72 -14.00
C LEU C 357 -8.32 -3.08 -14.53
N ALA C 358 -9.23 -4.05 -14.57
CA ALA C 358 -8.89 -5.36 -15.10
C ALA C 358 -8.58 -5.30 -16.59
N ASN C 359 -9.36 -4.52 -17.31
CA ASN C 359 -9.12 -4.28 -18.72
C ASN C 359 -7.74 -3.67 -18.92
N LEU C 360 -7.40 -2.66 -18.14
CA LEU C 360 -6.08 -2.05 -18.28
C LEU C 360 -4.96 -3.03 -17.92
N ASP C 361 -5.16 -3.83 -16.87
CA ASP C 361 -4.19 -4.83 -16.49
C ASP C 361 -3.87 -5.73 -17.67
N ILE C 362 -4.90 -6.13 -18.42
CA ILE C 362 -4.74 -7.05 -19.52
C ILE C 362 -4.06 -6.39 -20.72
N LEU C 363 -4.49 -5.18 -21.05
CA LEU C 363 -3.85 -4.40 -22.11
C LEU C 363 -2.34 -4.25 -21.88
N GLU C 364 -1.95 -3.98 -20.65
CA GLU C 364 -0.55 -3.75 -20.29
C GLU C 364 0.24 -5.05 -20.25
N ARG C 365 -0.35 -6.09 -19.65
CA ARG C 365 0.34 -7.37 -19.48
C ARG C 365 0.67 -8.06 -20.79
N GLU C 366 -0.26 -8.06 -21.73
CA GLU C 366 -0.08 -8.71 -23.02
C GLU C 366 0.43 -7.76 -24.10
N ASN C 367 0.80 -6.54 -23.71
CA ASN C 367 1.09 -5.40 -24.62
C ASN C 367 0.24 -5.42 -25.90
N LEU C 368 -1.06 -5.23 -25.72
CA LEU C 368 -1.98 -5.27 -26.84
C LEU C 368 -1.87 -4.02 -27.71
N THR C 369 -1.33 -2.95 -27.16
CA THR C 369 -0.98 -1.79 -27.98
C THR C 369 0.04 -2.18 -29.08
N ALA C 370 1.11 -2.84 -28.67
CA ALA C 370 2.11 -3.39 -29.58
C ALA C 370 1.50 -4.39 -30.56
N ASN C 371 0.69 -5.32 -30.08
CA ASN C 371 0.07 -6.28 -30.97
C ASN C 371 -0.83 -5.58 -31.97
N ALA C 372 -1.54 -4.53 -31.56
CA ALA C 372 -2.35 -3.75 -32.47
C ALA C 372 -1.54 -3.08 -33.57
N ALA C 373 -0.33 -2.63 -33.24
CA ALA C 373 0.55 -2.00 -34.24
C ALA C 373 1.08 -3.04 -35.22
N ASP C 374 1.57 -4.16 -34.69
CA ASP C 374 2.09 -5.28 -35.46
C ASP C 374 1.06 -5.85 -36.44
N VAL C 375 0.01 -6.44 -35.87
CA VAL C 375 -0.96 -7.18 -36.65
C VAL C 375 -1.87 -6.24 -37.40
N GLY C 376 -2.04 -5.03 -36.90
CA GLY C 376 -2.79 -3.99 -37.60
C GLY C 376 -2.10 -3.56 -38.87
N ALA C 377 -0.77 -3.40 -38.81
CA ALA C 377 0.01 -3.07 -40.01
C ALA C 377 -0.10 -4.23 -40.99
N TYR C 378 0.08 -5.43 -40.47
CA TYR C 378 -0.04 -6.62 -41.29
C TYR C 378 -1.41 -6.73 -41.98
N LEU C 379 -2.48 -6.52 -41.22
CA LEU C 379 -3.83 -6.61 -41.77
C LEU C 379 -4.06 -5.54 -42.83
N ASN C 380 -3.67 -4.32 -42.52
CA ASN C 380 -3.80 -3.20 -43.45
C ASN C 380 -3.03 -3.43 -44.75
N GLN C 381 -1.86 -4.03 -44.64
CA GLN C 381 -1.02 -4.29 -45.78
C GLN C 381 -1.59 -5.45 -46.59
N ARG C 382 -2.09 -6.47 -45.93
CA ARG C 382 -2.78 -7.55 -46.62
C ARG C 382 -4.05 -7.14 -47.34
N LEU C 383 -4.78 -6.18 -46.78
CA LEU C 383 -5.97 -5.65 -47.44
C LEU C 383 -5.57 -4.86 -48.68
N ARG C 384 -4.42 -4.20 -48.60
CA ARG C 384 -3.91 -3.37 -49.67
C ARG C 384 -3.50 -4.24 -50.87
N GLU C 385 -2.71 -5.28 -50.61
CA GLU C 385 -2.30 -6.23 -51.64
C GLU C 385 -3.51 -6.84 -52.29
N THR C 386 -4.46 -7.31 -51.48
CA THR C 386 -5.57 -8.06 -52.03
C THR C 386 -6.65 -7.19 -52.67
N PHE C 387 -6.76 -5.89 -52.36
CA PHE C 387 -7.86 -5.08 -52.88
C PHE C 387 -7.49 -3.83 -53.68
N GLU C 388 -6.23 -3.45 -53.70
CA GLU C 388 -5.81 -2.33 -54.55
C GLU C 388 -5.79 -2.88 -55.97
N GLY C 389 -6.47 -2.18 -56.87
CA GLY C 389 -6.65 -2.68 -58.24
C GLY C 389 -7.95 -3.44 -58.46
N HIS C 390 -8.51 -4.03 -57.42
CA HIS C 390 -9.80 -4.73 -57.53
C HIS C 390 -10.88 -3.77 -58.09
N PRO C 391 -11.67 -4.21 -59.09
CA PRO C 391 -12.52 -3.23 -59.80
C PRO C 391 -13.69 -2.62 -58.99
N LEU C 392 -14.16 -3.32 -57.96
CA LEU C 392 -15.13 -2.76 -57.01
C LEU C 392 -14.61 -1.68 -56.05
N VAL C 393 -13.33 -1.70 -55.75
CA VAL C 393 -12.76 -0.94 -54.63
C VAL C 393 -12.12 0.38 -55.10
N GLY C 394 -12.60 1.50 -54.59
CA GLY C 394 -11.95 2.79 -54.86
C GLY C 394 -10.77 3.13 -53.96
N GLU C 395 -10.86 2.75 -52.70
CA GLU C 395 -9.79 3.03 -51.73
C GLU C 395 -9.71 1.98 -50.66
N VAL C 396 -8.48 1.66 -50.29
CA VAL C 396 -8.18 0.87 -49.09
C VAL C 396 -7.56 1.85 -48.12
N ARG C 397 -8.06 1.90 -46.91
CA ARG C 397 -7.47 2.78 -45.90
C ARG C 397 -7.49 2.14 -44.53
N GLY C 398 -6.71 2.73 -43.63
CA GLY C 398 -6.62 2.24 -42.27
C GLY C 398 -5.35 2.63 -41.56
N ASP C 399 -5.33 2.33 -40.27
CA ASP C 399 -4.21 2.66 -39.40
C ASP C 399 -4.37 1.82 -38.14
N GLY C 400 -3.29 1.25 -37.64
CA GLY C 400 -3.37 0.33 -36.50
C GLY C 400 -4.39 -0.74 -36.81
N MET C 401 -5.27 -1.05 -35.85
N MET C 401 -5.27 -1.05 -35.85
CA MET C 401 -6.34 -2.05 -36.05
CA MET C 401 -6.34 -2.05 -36.05
C MET C 401 -7.65 -1.41 -36.48
C MET C 401 -7.65 -1.41 -36.48
N LEU C 402 -7.59 -0.46 -37.41
CA LEU C 402 -8.75 0.06 -38.11
C LEU C 402 -8.43 -0.07 -39.57
N ALA C 403 -9.39 -0.55 -40.34
CA ALA C 403 -9.24 -0.64 -41.77
C ALA C 403 -10.59 -0.55 -42.46
N ALA C 404 -10.57 -0.10 -43.71
CA ALA C 404 -11.79 -0.03 -44.49
C ALA C 404 -11.53 -0.11 -45.99
N LEU C 405 -12.51 -0.72 -46.67
CA LEU C 405 -12.60 -0.72 -48.11
C LEU C 405 -13.76 0.18 -48.51
N GLU C 406 -13.49 1.21 -49.31
CA GLU C 406 -14.56 2.01 -49.91
C GLU C 406 -14.80 1.59 -51.35
N PHE C 407 -16.07 1.33 -51.67
CA PHE C 407 -16.44 0.87 -53.00
C PHE C 407 -16.91 2.02 -53.87
N MET C 408 -16.36 2.08 -55.08
CA MET C 408 -16.67 3.13 -56.05
C MET C 408 -17.02 2.54 -57.42
N ALA C 409 -17.92 3.23 -58.13
CA ALA C 409 -18.23 2.92 -59.52
C ALA C 409 -17.05 3.28 -60.43
N ASP C 410 -16.36 4.40 -60.15
CA ASP C 410 -15.14 4.80 -60.87
C ASP C 410 -14.06 5.30 -59.90
N ARG C 411 -13.01 4.49 -59.72
CA ARG C 411 -11.93 4.78 -58.77
C ARG C 411 -11.25 6.12 -59.04
N GLU C 412 -10.68 6.29 -60.24
CA GLU C 412 -9.94 7.54 -60.54
C GLU C 412 -10.86 8.74 -60.64
N ALA C 413 -12.07 8.52 -61.16
CA ALA C 413 -13.04 9.61 -61.23
C ALA C 413 -13.63 9.98 -59.86
N ARG C 414 -13.47 9.11 -58.86
CA ARG C 414 -14.09 9.31 -57.55
C ARG C 414 -15.59 9.36 -57.69
N THR C 415 -16.12 8.47 -58.52
CA THR C 415 -17.55 8.40 -58.75
C THR C 415 -18.13 7.28 -57.88
N PRO C 416 -19.05 7.61 -56.97
CA PRO C 416 -19.63 6.53 -56.16
C PRO C 416 -20.74 5.82 -56.91
N PHE C 417 -21.07 4.61 -56.44
CA PHE C 417 -22.28 3.92 -56.87
C PHE C 417 -23.51 4.71 -56.45
N ASP C 418 -24.61 4.43 -57.14
CA ASP C 418 -25.93 4.91 -56.73
C ASP C 418 -26.18 4.34 -55.30
N PRO C 419 -26.45 5.22 -54.32
CA PRO C 419 -26.73 4.73 -52.97
C PRO C 419 -27.80 3.62 -52.88
N ALA C 420 -28.84 3.70 -53.71
CA ALA C 420 -29.92 2.70 -53.72
C ALA C 420 -29.49 1.28 -54.15
N LEU C 421 -28.31 1.17 -54.75
CA LEU C 421 -27.74 -0.12 -55.10
C LEU C 421 -27.23 -0.91 -53.88
N LYS C 422 -26.93 -0.20 -52.79
CA LYS C 422 -26.62 -0.78 -51.47
C LYS C 422 -25.42 -1.74 -51.49
N VAL C 423 -24.37 -1.29 -52.17
CA VAL C 423 -23.19 -2.11 -52.37
C VAL C 423 -22.49 -2.44 -51.04
N GLY C 424 -22.27 -1.42 -50.21
CA GLY C 424 -21.72 -1.60 -48.88
C GLY C 424 -22.49 -2.65 -48.09
N PRO C 425 -23.78 -2.39 -47.84
CA PRO C 425 -24.61 -3.39 -47.15
C PRO C 425 -24.59 -4.79 -47.76
N LYS C 426 -24.51 -4.86 -49.08
CA LYS C 426 -24.46 -6.17 -49.77
C LYS C 426 -23.19 -6.96 -49.45
N VAL C 427 -22.06 -6.26 -49.42
CA VAL C 427 -20.78 -6.90 -49.11
C VAL C 427 -20.75 -7.38 -47.65
N SER C 428 -21.23 -6.53 -46.76
CA SER C 428 -21.42 -6.88 -45.35
C SER C 428 -22.28 -8.13 -45.17
N ALA C 429 -23.41 -8.18 -45.88
CA ALA C 429 -24.30 -9.36 -45.83
C ALA C 429 -23.63 -10.62 -46.36
N ALA C 430 -22.84 -10.48 -47.40
CA ALA C 430 -22.09 -11.61 -47.96
C ALA C 430 -21.04 -12.08 -46.98
N CYS C 431 -20.35 -11.14 -46.31
CA CYS C 431 -19.41 -11.50 -45.25
C CYS C 431 -20.09 -12.32 -44.14
N LEU C 432 -21.28 -11.89 -43.74
CA LEU C 432 -22.02 -12.56 -42.67
C LEU C 432 -22.48 -13.97 -43.04
N GLU C 433 -22.76 -14.21 -44.31
CA GLU C 433 -23.07 -15.57 -44.80
C GLU C 433 -21.86 -16.46 -44.71
N ASP C 434 -20.66 -15.92 -44.97
CA ASP C 434 -19.41 -16.68 -44.76
C ASP C 434 -18.94 -16.68 -43.26
N GLY C 435 -19.76 -16.17 -42.35
CA GLY C 435 -19.46 -16.25 -40.92
C GLY C 435 -18.55 -15.16 -40.35
N MET C 436 -18.60 -13.97 -40.94
CA MET C 436 -17.82 -12.84 -40.45
C MET C 436 -18.68 -11.58 -40.31
N ILE C 437 -18.48 -10.89 -39.19
CA ILE C 437 -19.14 -9.62 -38.96
C ILE C 437 -18.20 -8.49 -39.30
N ALA C 438 -18.58 -7.69 -40.28
CA ALA C 438 -17.86 -6.50 -40.68
C ALA C 438 -18.89 -5.49 -41.10
N ARG C 439 -18.72 -4.23 -40.69
CA ARG C 439 -19.83 -3.30 -40.74
C ARG C 439 -19.92 -2.58 -42.06
N ALA C 440 -21.14 -2.45 -42.56
CA ALA C 440 -21.45 -1.54 -43.65
C ALA C 440 -21.56 -0.20 -42.99
N MET C 441 -20.56 0.65 -43.19
CA MET C 441 -20.50 1.92 -42.49
C MET C 441 -21.58 2.81 -43.09
N PRO C 442 -22.13 3.73 -42.28
CA PRO C 442 -23.26 4.52 -42.78
C PRO C 442 -22.87 5.62 -43.80
N HIS C 443 -23.87 6.07 -44.56
CA HIS C 443 -23.78 7.16 -45.55
C HIS C 443 -22.58 7.00 -46.49
N GLY C 444 -22.55 5.88 -47.19
CA GLY C 444 -21.47 5.55 -48.13
C GLY C 444 -21.48 4.07 -48.43
N ASP C 445 -20.64 3.62 -49.36
CA ASP C 445 -20.45 2.19 -49.60
C ASP C 445 -19.08 1.78 -49.05
N ILE C 446 -19.05 1.43 -47.76
CA ILE C 446 -17.80 1.23 -47.04
C ILE C 446 -17.88 0.02 -46.12
N LEU C 447 -16.90 -0.88 -46.24
CA LEU C 447 -16.80 -2.00 -45.35
C LEU C 447 -15.71 -1.73 -44.33
N GLY C 448 -16.09 -1.68 -43.06
CA GLY C 448 -15.19 -1.32 -41.96
C GLY C 448 -14.75 -2.52 -41.15
N PHE C 449 -13.49 -2.50 -40.71
CA PHE C 449 -12.93 -3.49 -39.83
C PHE C 449 -12.36 -2.83 -38.57
N ALA C 450 -12.72 -3.38 -37.40
CA ALA C 450 -12.17 -2.96 -36.11
C ALA C 450 -12.11 -4.17 -35.18
N PRO C 451 -11.21 -5.11 -35.47
CA PRO C 451 -11.14 -6.37 -34.73
C PRO C 451 -10.58 -6.22 -33.32
N PRO C 452 -10.82 -7.20 -32.46
CA PRO C 452 -10.18 -7.14 -31.15
C PRO C 452 -8.66 -7.06 -31.31
N LEU C 453 -7.99 -6.43 -30.35
CA LEU C 453 -6.58 -6.18 -30.44
C LEU C 453 -5.73 -7.44 -30.19
N VAL C 454 -6.37 -8.52 -29.76
CA VAL C 454 -5.69 -9.83 -29.64
C VAL C 454 -5.49 -10.55 -30.97
N LEU C 455 -6.00 -9.98 -32.06
CA LEU C 455 -5.97 -10.62 -33.37
C LEU C 455 -4.59 -11.13 -33.75
N THR C 456 -4.54 -12.33 -34.32
CA THR C 456 -3.29 -12.92 -34.84
C THR C 456 -3.20 -12.71 -36.35
N ARG C 457 -2.00 -12.93 -36.88
CA ARG C 457 -1.78 -12.91 -38.32
C ARG C 457 -2.69 -13.91 -39.02
N ALA C 458 -2.75 -15.12 -38.49
CA ALA C 458 -3.60 -16.18 -39.07
C ALA C 458 -5.06 -15.72 -39.14
N GLU C 459 -5.56 -15.15 -38.05
CA GLU C 459 -6.95 -14.69 -37.99
C GLU C 459 -7.16 -13.52 -38.95
N ALA C 460 -6.15 -12.65 -39.06
CA ALA C 460 -6.19 -11.57 -40.05
C ALA C 460 -6.29 -12.12 -41.48
N ASP C 461 -5.53 -13.17 -41.78
CA ASP C 461 -5.60 -13.80 -43.11
C ASP C 461 -6.99 -14.35 -43.38
N GLU C 462 -7.58 -14.98 -42.37
CA GLU C 462 -8.93 -15.51 -42.50
C GLU C 462 -9.93 -14.41 -42.82
N ILE C 463 -9.84 -13.32 -42.07
CA ILE C 463 -10.69 -12.14 -42.29
C ILE C 463 -10.57 -11.64 -43.73
N VAL C 464 -9.33 -11.49 -44.19
CA VAL C 464 -9.07 -11.00 -45.56
C VAL C 464 -9.65 -11.97 -46.60
N GLY C 465 -9.48 -13.28 -46.39
CA GLY C 465 -10.04 -14.28 -47.28
C GLY C 465 -11.54 -14.17 -47.42
N ILE C 466 -12.24 -13.97 -46.30
CA ILE C 466 -13.68 -13.89 -46.36
C ILE C 466 -14.12 -12.62 -47.05
N ALA C 467 -13.38 -11.54 -46.83
CA ALA C 467 -13.73 -10.29 -47.48
C ALA C 467 -13.55 -10.38 -49.00
N LYS C 468 -12.45 -10.99 -49.43
CA LYS C 468 -12.16 -11.28 -50.85
C LYS C 468 -13.36 -11.95 -51.51
N ALA C 469 -13.79 -13.06 -50.94
CA ALA C 469 -14.93 -13.82 -51.49
C ALA C 469 -16.19 -12.97 -51.57
N ALA C 470 -16.45 -12.18 -50.54
CA ALA C 470 -17.66 -11.36 -50.47
C ALA C 470 -17.61 -10.20 -51.47
N VAL C 471 -16.44 -9.61 -51.62
CA VAL C 471 -16.28 -8.52 -52.57
C VAL C 471 -16.37 -9.04 -54.01
N ASP C 472 -15.71 -10.18 -54.29
CA ASP C 472 -15.80 -10.83 -55.59
C ASP C 472 -17.26 -11.15 -55.95
N GLU C 473 -18.00 -11.71 -55.01
CA GLU C 473 -19.37 -12.10 -55.23
C GLU C 473 -20.25 -10.91 -55.60
N VAL C 474 -20.12 -9.84 -54.85
CA VAL C 474 -20.95 -8.66 -55.05
C VAL C 474 -20.54 -7.92 -56.31
N ALA C 475 -19.26 -7.94 -56.63
CA ALA C 475 -18.78 -7.35 -57.87
C ALA C 475 -19.40 -8.08 -59.06
N GLY C 476 -19.36 -9.42 -59.02
CA GLY C 476 -20.06 -10.25 -59.98
C GLY C 476 -21.53 -9.93 -60.23
N GLU C 477 -22.20 -9.38 -59.21
CA GLU C 477 -23.63 -9.13 -59.29
C GLU C 477 -23.97 -7.73 -59.73
N VAL C 478 -23.05 -6.78 -59.57
CA VAL C 478 -23.36 -5.38 -59.77
C VAL C 478 -22.53 -4.73 -60.88
N LEU C 479 -21.44 -5.38 -61.26
CA LEU C 479 -20.66 -4.95 -62.40
C LEU C 479 -20.95 -5.84 -63.62
N ASP D 23 11.09 -3.19 2.41
CA ASP D 23 10.56 -4.51 2.82
C ASP D 23 11.48 -5.63 2.30
N PHE D 24 12.40 -6.05 3.16
CA PHE D 24 13.39 -7.01 2.75
C PHE D 24 12.84 -8.43 2.65
N ASP D 25 11.81 -8.74 3.44
CA ASP D 25 11.16 -10.06 3.37
C ASP D 25 10.63 -10.35 1.99
N GLN D 26 9.98 -9.34 1.39
CA GLN D 26 9.47 -9.48 0.04
C GLN D 26 10.61 -9.62 -0.97
N LEU D 27 11.69 -8.85 -0.82
CA LEU D 27 12.85 -8.97 -1.69
C LEU D 27 13.50 -10.35 -1.62
N PHE D 28 13.62 -10.90 -0.42
CA PHE D 28 14.15 -12.25 -0.28
C PHE D 28 13.23 -13.32 -0.88
N GLU D 29 11.93 -13.12 -0.81
CA GLU D 29 10.97 -14.03 -1.47
C GLU D 29 11.25 -14.04 -2.98
N GLN D 30 11.45 -12.86 -3.53
CA GLN D 30 11.73 -12.67 -4.95
C GLN D 30 13.11 -13.20 -5.35
N ASP D 31 14.10 -12.93 -4.51
CA ASP D 31 15.46 -13.47 -4.63
C ASP D 31 15.42 -14.99 -4.76
N ARG D 32 14.78 -15.65 -3.82
CA ARG D 32 14.67 -17.11 -3.84
C ARG D 32 13.91 -17.64 -5.04
N ALA D 33 12.88 -16.94 -5.45
CA ALA D 33 12.09 -17.34 -6.61
C ALA D 33 12.81 -17.22 -7.95
N HIS D 34 13.64 -16.18 -8.11
CA HIS D 34 14.04 -15.74 -9.45
C HIS D 34 15.52 -15.46 -9.73
N PHE D 35 16.33 -15.26 -8.69
CA PHE D 35 17.74 -14.92 -8.87
C PHE D 35 18.63 -16.18 -8.67
N MET D 36 19.25 -16.62 -9.75
CA MET D 36 20.27 -17.66 -9.69
C MET D 36 21.62 -17.00 -9.44
N HIS D 37 22.15 -17.15 -8.23
CA HIS D 37 23.40 -16.51 -7.85
C HIS D 37 24.58 -17.27 -8.41
N PRO D 38 25.69 -16.60 -8.66
CA PRO D 38 26.93 -17.36 -8.82
C PRO D 38 27.27 -18.11 -7.53
N SER D 39 27.94 -19.25 -7.66
CA SER D 39 28.63 -19.90 -6.56
C SER D 39 27.79 -19.92 -5.25
N THR D 40 26.60 -20.50 -5.37
CA THR D 40 25.61 -20.54 -4.31
C THR D 40 24.81 -21.83 -4.42
N HIS D 41 24.74 -22.59 -3.33
CA HIS D 41 23.95 -23.84 -3.27
C HIS D 41 22.49 -23.57 -3.72
N ALA D 42 22.10 -24.12 -4.86
CA ALA D 42 20.81 -23.79 -5.47
C ALA D 42 19.61 -24.13 -4.57
N HIS D 43 19.59 -25.34 -4.01
CA HIS D 43 18.44 -25.76 -3.20
C HIS D 43 18.40 -25.04 -1.86
N ASP D 44 19.49 -25.07 -1.11
CA ASP D 44 19.55 -24.38 0.18
C ASP D 44 19.19 -22.90 0.05
N HIS D 45 19.60 -22.28 -1.03
CA HIS D 45 19.24 -20.89 -1.27
C HIS D 45 17.73 -20.74 -1.52
N ALA D 46 17.18 -21.55 -2.42
CA ALA D 46 15.75 -21.47 -2.74
C ALA D 46 14.83 -21.85 -1.56
N SER D 47 15.29 -22.77 -0.72
CA SER D 47 14.52 -23.24 0.45
C SER D 47 14.58 -22.24 1.60
N GLY D 48 15.64 -21.44 1.67
CA GLY D 48 15.86 -20.55 2.80
C GLY D 48 16.88 -21.06 3.80
N ALA D 49 17.30 -22.32 3.67
CA ALA D 49 18.32 -22.91 4.54
C ALA D 49 19.64 -22.16 4.50
N LEU D 50 20.00 -21.67 3.32
CA LEU D 50 21.14 -20.74 3.13
C LEU D 50 20.52 -19.36 3.10
N PRO D 51 20.65 -18.61 4.19
CA PRO D 51 19.93 -17.34 4.23
C PRO D 51 20.60 -16.28 3.33
N GLY D 52 19.78 -15.45 2.70
CA GLY D 52 20.27 -14.36 1.89
C GLY D 52 20.83 -13.18 2.69
N ARG D 53 21.54 -12.32 1.97
CA ARG D 53 22.10 -11.13 2.54
C ARG D 53 22.12 -10.01 1.52
N ILE D 54 21.47 -8.90 1.80
CA ILE D 54 21.45 -7.77 0.90
C ILE D 54 22.41 -6.72 1.41
N ILE D 55 23.24 -6.20 0.53
CA ILE D 55 24.19 -5.15 0.87
C ILE D 55 23.58 -3.82 0.43
N THR D 56 23.55 -2.86 1.35
CA THR D 56 22.91 -1.57 1.12
C THR D 56 23.85 -0.40 1.01
N GLY D 57 25.10 -0.57 1.45
CA GLY D 57 26.05 0.54 1.39
C GLY D 57 27.42 0.09 1.82
N ALA D 58 28.38 1.00 1.72
CA ALA D 58 29.74 0.65 2.01
C ALA D 58 30.63 1.87 2.02
N SER D 59 31.73 1.77 2.74
CA SER D 59 32.60 2.89 2.95
C SER D 59 33.93 2.42 3.56
N GLY D 60 35.05 2.90 3.00
CA GLY D 60 36.36 2.55 3.50
C GLY D 60 36.62 1.07 3.30
N ILE D 61 36.68 0.32 4.39
CA ILE D 61 36.85 -1.13 4.38
C ILE D 61 35.63 -1.90 4.90
N ARG D 62 34.51 -1.21 5.11
CA ARG D 62 33.31 -1.79 5.73
C ARG D 62 32.11 -1.77 4.81
N ILE D 63 31.31 -2.82 4.85
CA ILE D 63 30.05 -2.85 4.11
C ILE D 63 28.91 -2.93 5.12
N ARG D 64 27.71 -2.55 4.70
CA ARG D 64 26.53 -2.54 5.55
C ARG D 64 25.47 -3.45 4.94
N ASP D 65 24.94 -4.38 5.73
CA ASP D 65 23.89 -5.25 5.22
C ASP D 65 22.48 -4.72 5.53
N HIS D 66 21.48 -5.48 5.10
CA HIS D 66 20.07 -5.13 5.25
C HIS D 66 19.55 -5.01 6.68
N GLU D 67 20.23 -5.65 7.63
CA GLU D 67 19.91 -5.52 9.04
C GLU D 67 20.63 -4.36 9.74
N GLY D 68 21.42 -3.56 9.02
CA GLY D 68 22.20 -2.48 9.64
C GLY D 68 23.58 -2.89 10.15
N ARG D 69 23.93 -4.17 10.08
CA ARG D 69 25.24 -4.64 10.49
C ARG D 69 26.35 -4.02 9.64
N GLU D 70 27.43 -3.63 10.30
CA GLU D 70 28.56 -3.06 9.60
C GLU D 70 29.67 -4.09 9.68
N LEU D 71 30.16 -4.60 8.56
CA LEU D 71 31.15 -5.68 8.55
C LEU D 71 32.48 -5.20 7.98
N ILE D 72 33.57 -5.57 8.61
CA ILE D 72 34.89 -5.33 8.06
C ILE D 72 35.08 -6.31 6.93
N ASP D 73 35.33 -5.80 5.73
CA ASP D 73 35.56 -6.68 4.59
C ASP D 73 37.04 -6.91 4.39
N ALA D 74 37.56 -7.93 5.06
CA ALA D 74 38.96 -8.28 4.94
C ALA D 74 39.28 -9.03 3.65
N PHE D 75 38.30 -9.17 2.76
CA PHE D 75 38.52 -9.79 1.45
C PHE D 75 38.25 -8.88 0.25
N ALA D 76 37.98 -7.59 0.49
CA ALA D 76 37.76 -6.61 -0.57
C ALA D 76 36.89 -7.14 -1.71
N GLY D 77 35.70 -7.59 -1.36
CA GLY D 77 34.79 -8.21 -2.29
C GLY D 77 35.32 -9.58 -2.61
N LEU D 78 35.99 -9.70 -3.76
CA LEU D 78 36.74 -10.88 -4.15
C LEU D 78 38.08 -10.40 -4.69
N TYR D 79 39.01 -10.10 -3.79
CA TYR D 79 40.32 -9.55 -4.12
C TYR D 79 40.25 -8.36 -5.08
N CYS D 80 39.19 -7.57 -5.03
CA CYS D 80 38.99 -6.60 -6.09
C CYS D 80 38.70 -5.18 -5.70
N VAL D 81 38.19 -4.90 -4.50
CA VAL D 81 37.86 -3.51 -4.15
C VAL D 81 39.12 -2.84 -3.55
N ASN D 82 40.10 -2.61 -4.41
CA ASN D 82 41.44 -2.28 -3.95
C ASN D 82 41.62 -0.87 -3.42
N ILE D 83 40.95 0.10 -4.03
CA ILE D 83 41.00 1.47 -3.53
C ILE D 83 40.02 1.71 -2.38
N GLY D 84 39.26 0.68 -1.99
CA GLY D 84 38.29 0.82 -0.92
C GLY D 84 36.91 1.16 -1.42
N TYR D 85 35.95 1.00 -0.52
CA TYR D 85 34.54 1.25 -0.81
C TYR D 85 34.19 2.72 -0.68
N GLY D 86 33.11 3.10 -1.34
CA GLY D 86 32.51 4.41 -1.16
C GLY D 86 33.20 5.55 -1.85
N ARG D 87 33.94 5.26 -2.92
CA ARG D 87 34.71 6.30 -3.62
C ARG D 87 33.82 7.10 -4.54
N THR D 88 33.29 8.22 -4.09
CA THR D 88 32.33 8.92 -4.94
C THR D 88 33.07 9.55 -6.13
N GLU D 89 34.36 9.78 -5.99
CA GLU D 89 35.20 10.21 -7.14
C GLU D 89 35.02 9.32 -8.37
N VAL D 90 34.97 8.00 -8.17
CA VAL D 90 34.82 7.07 -9.27
C VAL D 90 33.37 7.09 -9.79
N ALA D 91 32.41 7.19 -8.89
CA ALA D 91 31.02 7.37 -9.28
C ALA D 91 30.84 8.62 -10.17
N ASP D 92 31.49 9.72 -9.79
CA ASP D 92 31.47 10.97 -10.56
C ASP D 92 32.04 10.76 -11.95
N ALA D 93 33.15 10.05 -12.05
CA ALA D 93 33.80 9.78 -13.32
C ALA D 93 32.93 8.93 -14.25
N ILE D 94 32.29 7.91 -13.66
CA ILE D 94 31.34 7.04 -14.37
C ILE D 94 30.18 7.86 -14.91
N TYR D 95 29.65 8.74 -14.06
CA TYR D 95 28.48 9.55 -14.37
C TYR D 95 28.76 10.49 -15.52
N LYS D 96 29.88 11.18 -15.40
CA LYS D 96 30.35 12.09 -16.44
C LYS D 96 30.43 11.42 -17.81
N GLN D 97 31.05 10.25 -17.84
CA GLN D 97 31.11 9.51 -19.09
C GLN D 97 29.73 9.00 -19.53
N ALA D 98 28.89 8.58 -18.60
CA ALA D 98 27.52 8.13 -18.95
C ALA D 98 26.70 9.22 -19.63
N LYS D 99 26.83 10.46 -19.17
CA LYS D 99 26.20 11.62 -19.82
C LYS D 99 26.80 11.96 -21.17
N GLU D 100 28.13 11.96 -21.25
CA GLU D 100 28.81 12.38 -22.46
C GLU D 100 28.61 11.35 -23.57
N LEU D 101 29.00 10.09 -23.30
CA LEU D 101 28.77 8.96 -24.20
C LEU D 101 28.92 7.65 -23.44
N ALA D 102 27.78 7.06 -23.08
CA ALA D 102 27.77 5.82 -22.32
C ALA D 102 28.38 4.69 -23.14
N TYR D 103 28.02 4.65 -24.42
CA TYR D 103 28.45 3.57 -25.30
C TYR D 103 28.46 3.91 -26.78
N TYR D 104 29.54 3.51 -27.40
CA TYR D 104 29.55 3.14 -28.81
C TYR D 104 30.53 1.99 -28.91
N HIS D 105 30.46 1.23 -30.00
CA HIS D 105 31.39 0.13 -30.20
C HIS D 105 32.78 0.66 -30.51
N THR D 106 33.76 -0.23 -30.44
CA THR D 106 35.13 0.08 -30.83
C THR D 106 35.59 -0.80 -31.99
N TYR D 107 34.64 -1.35 -32.73
CA TYR D 107 34.89 -2.09 -33.97
C TYR D 107 35.45 -1.17 -35.05
N VAL D 108 36.24 -1.75 -35.96
CA VAL D 108 36.73 -1.05 -37.15
C VAL D 108 37.33 0.32 -36.80
N GLY D 109 38.26 0.34 -35.86
CA GLY D 109 39.01 1.55 -35.54
C GLY D 109 38.30 2.64 -34.75
N HIS D 110 37.08 2.36 -34.26
CA HIS D 110 36.36 3.34 -33.45
C HIS D 110 36.86 3.33 -32.00
N SER D 111 36.89 4.51 -31.38
CA SER D 111 37.36 4.70 -30.01
C SER D 111 36.58 5.78 -29.29
N THR D 112 36.77 5.82 -27.97
CA THR D 112 36.63 7.03 -27.18
C THR D 112 37.99 7.53 -26.75
N GLU D 113 38.00 8.74 -26.25
CA GLU D 113 39.15 9.35 -25.60
C GLU D 113 39.61 8.51 -24.38
N ALA D 114 38.66 8.09 -23.56
CA ALA D 114 38.95 7.34 -22.34
C ALA D 114 39.66 6.02 -22.61
N ILE D 115 39.20 5.27 -23.60
CA ILE D 115 39.81 3.97 -23.88
C ILE D 115 41.22 4.13 -24.43
N ILE D 116 41.43 5.17 -25.21
CA ILE D 116 42.77 5.45 -25.72
C ILE D 116 43.71 5.80 -24.56
N GLU D 117 43.25 6.69 -23.69
CA GLU D 117 44.06 7.16 -22.59
C GLU D 117 44.41 5.99 -21.66
N LEU D 118 43.41 5.17 -21.36
CA LEU D 118 43.59 4.01 -20.52
C LEU D 118 44.62 3.04 -21.09
N SER D 119 44.54 2.80 -22.39
CA SER D 119 45.47 1.91 -23.05
C SER D 119 46.88 2.44 -22.93
N SER D 120 47.11 3.72 -23.18
CA SER D 120 48.49 4.22 -23.03
C SER D 120 48.98 4.22 -21.60
N ARG D 121 48.10 4.51 -20.64
CA ARG D 121 48.50 4.49 -19.23
C ARG D 121 48.84 3.10 -18.70
N ILE D 122 48.08 2.09 -19.12
CA ILE D 122 48.42 0.73 -18.72
C ILE D 122 49.83 0.36 -19.19
N ILE D 123 50.10 0.61 -20.47
CA ILE D 123 51.36 0.21 -21.08
C ILE D 123 52.54 1.00 -20.52
N ARG D 124 52.36 2.30 -20.38
CA ARG D 124 53.44 3.19 -19.99
C ARG D 124 53.73 3.15 -18.49
N ASP D 125 52.71 3.09 -17.65
CA ASP D 125 52.90 3.23 -16.20
C ASP D 125 52.82 1.97 -15.37
N TRP D 126 52.14 0.93 -15.87
CA TRP D 126 51.85 -0.26 -15.04
C TRP D 126 52.40 -1.56 -15.56
N ALA D 127 52.34 -1.79 -16.87
CA ALA D 127 52.76 -3.06 -17.43
C ALA D 127 54.27 -3.17 -17.43
N PRO D 128 54.80 -4.39 -17.39
CA PRO D 128 56.24 -4.53 -17.50
C PRO D 128 56.77 -4.18 -18.90
N ALA D 129 58.08 -4.12 -19.01
CA ALA D 129 58.75 -3.67 -20.23
C ALA D 129 58.45 -4.61 -21.40
N GLY D 130 58.40 -4.05 -22.60
CA GLY D 130 58.11 -4.82 -23.81
C GLY D 130 56.66 -5.21 -24.03
N MET D 131 55.73 -4.62 -23.30
CA MET D 131 54.31 -4.80 -23.58
C MET D 131 53.91 -3.74 -24.58
N LYS D 132 52.94 -4.04 -25.45
CA LYS D 132 52.61 -3.15 -26.56
C LYS D 132 51.14 -2.73 -26.65
N LYS D 133 50.23 -3.69 -26.69
CA LYS D 133 48.82 -3.41 -26.96
C LYS D 133 47.90 -3.96 -25.86
N VAL D 134 46.72 -3.37 -25.76
CA VAL D 134 45.70 -3.79 -24.79
C VAL D 134 44.37 -4.12 -25.50
N TYR D 135 43.79 -5.26 -25.16
CA TYR D 135 42.49 -5.66 -25.69
C TYR D 135 41.52 -5.81 -24.52
N TYR D 136 40.32 -5.26 -24.65
CA TYR D 136 39.40 -5.17 -23.51
C TYR D 136 38.20 -6.11 -23.59
N GLY D 137 37.92 -6.72 -22.45
CA GLY D 137 36.69 -7.43 -22.22
C GLY D 137 36.08 -6.97 -20.92
N LEU D 138 35.33 -7.86 -20.28
CA LEU D 138 34.53 -7.50 -19.13
C LEU D 138 34.83 -8.28 -17.88
N SER D 139 35.46 -9.43 -18.02
CA SER D 139 35.75 -10.33 -16.91
C SER D 139 37.09 -11.02 -17.12
N GLY D 140 37.69 -11.43 -16.02
CA GLY D 140 38.91 -12.25 -16.05
C GLY D 140 38.75 -13.45 -16.93
N SER D 141 37.58 -14.08 -16.91
CA SER D 141 37.35 -15.30 -17.66
C SER D 141 37.37 -15.03 -19.14
N ASP D 142 36.67 -14.00 -19.59
CA ASP D 142 36.66 -13.71 -21.02
C ASP D 142 38.05 -13.22 -21.47
N ALA D 143 38.80 -12.63 -20.55
CA ALA D 143 40.18 -12.25 -20.85
C ALA D 143 41.02 -13.49 -21.15
N ASN D 144 40.96 -14.50 -20.29
CA ASN D 144 41.71 -15.71 -20.54
C ASN D 144 41.18 -16.49 -21.74
N GLU D 145 39.90 -16.33 -22.06
CA GLU D 145 39.34 -16.93 -23.28
C GLU D 145 40.02 -16.27 -24.50
N THR D 146 40.13 -14.94 -24.47
CA THR D 146 40.89 -14.19 -25.48
C THR D 146 42.34 -14.68 -25.58
N GLN D 147 43.00 -14.91 -24.44
CA GLN D 147 44.35 -15.47 -24.44
C GLN D 147 44.42 -16.78 -25.21
N ILE D 148 43.49 -17.69 -24.97
CA ILE D 148 43.50 -18.98 -25.69
C ILE D 148 43.39 -18.70 -27.21
N LYS D 149 42.45 -17.84 -27.62
CA LYS D 149 42.27 -17.53 -29.04
C LYS D 149 43.53 -16.92 -29.68
N LEU D 150 44.28 -16.20 -28.89
CA LEU D 150 45.43 -15.46 -29.37
C LEU D 150 46.62 -16.38 -29.56
N VAL D 151 46.80 -17.28 -28.62
CA VAL D 151 47.83 -18.32 -28.65
C VAL D 151 47.66 -19.23 -29.87
N ARG D 152 46.44 -19.65 -30.14
CA ARG D 152 46.15 -20.45 -31.31
C ARG D 152 46.44 -19.68 -32.61
N TYR D 153 45.94 -18.45 -32.67
CA TYR D 153 46.11 -17.60 -33.83
C TYR D 153 47.59 -17.45 -34.14
N TYR D 154 48.35 -17.05 -33.13
CA TYR D 154 49.80 -16.90 -33.24
C TYR D 154 50.47 -18.08 -33.91
N ASN D 155 50.21 -19.27 -33.38
CA ASN D 155 50.80 -20.48 -33.93
C ASN D 155 50.31 -20.81 -35.34
N ASN D 156 49.01 -20.70 -35.59
CA ASN D 156 48.51 -20.97 -36.93
C ASN D 156 49.14 -20.08 -38.01
N VAL D 157 49.26 -18.78 -37.74
CA VAL D 157 49.80 -17.88 -38.75
C VAL D 157 51.31 -17.94 -38.89
N LEU D 158 51.99 -18.57 -37.92
CA LEU D 158 53.40 -18.92 -38.06
C LEU D 158 53.61 -20.31 -38.67
N GLY D 159 52.54 -20.96 -39.14
CA GLY D 159 52.63 -22.29 -39.71
C GLY D 159 52.99 -23.42 -38.77
N ARG D 160 52.57 -23.33 -37.50
CA ARG D 160 52.79 -24.42 -36.53
C ARG D 160 51.42 -24.90 -36.03
N PRO D 161 50.62 -25.51 -36.92
CA PRO D 161 49.26 -25.90 -36.52
C PRO D 161 49.16 -26.95 -35.42
N GLN D 162 50.27 -27.52 -35.00
CA GLN D 162 50.23 -28.52 -33.94
C GLN D 162 50.49 -27.92 -32.55
N LYS D 163 51.06 -26.74 -32.50
CA LYS D 163 51.52 -26.11 -31.26
C LYS D 163 50.33 -25.36 -30.62
N LYS D 164 49.54 -26.09 -29.83
CA LYS D 164 48.24 -25.61 -29.32
C LYS D 164 47.95 -25.86 -27.84
N LYS D 165 48.64 -26.81 -27.23
CA LYS D 165 48.30 -27.21 -25.88
C LYS D 165 48.70 -26.11 -24.91
N ILE D 166 47.89 -25.96 -23.85
CA ILE D 166 48.20 -25.03 -22.79
C ILE D 166 48.47 -25.85 -21.53
N ILE D 167 49.49 -25.44 -20.80
CA ILE D 167 49.77 -26.02 -19.50
C ILE D 167 49.41 -25.03 -18.41
N SER D 168 48.63 -25.52 -17.45
CA SER D 168 48.25 -24.75 -16.28
C SER D 168 48.83 -25.46 -15.07
N ARG D 169 48.36 -25.11 -13.88
CA ARG D 169 48.84 -25.74 -12.66
C ARG D 169 47.72 -26.17 -11.74
N GLN D 170 48.08 -27.04 -10.83
CA GLN D 170 47.17 -27.64 -9.88
C GLN D 170 46.91 -26.51 -8.85
N ARG D 171 45.62 -26.26 -8.57
CA ARG D 171 45.15 -25.15 -7.76
C ARG D 171 45.20 -23.77 -8.40
N GLY D 172 45.52 -23.67 -9.68
CA GLY D 172 45.43 -22.41 -10.40
C GLY D 172 43.96 -22.04 -10.54
N TYR D 173 43.66 -20.74 -10.47
CA TYR D 173 42.33 -20.26 -10.81
C TYR D 173 42.45 -19.30 -11.98
N HIS D 174 41.76 -19.61 -13.07
CA HIS D 174 41.81 -18.82 -14.28
C HIS D 174 40.45 -18.52 -14.88
N GLY D 175 39.38 -18.83 -14.14
CA GLY D 175 38.04 -18.54 -14.57
C GLY D 175 37.09 -19.71 -14.50
N SER D 176 35.88 -19.44 -14.94
CA SER D 176 34.74 -20.29 -14.69
C SER D 176 33.98 -20.63 -15.97
N GLY D 177 34.64 -20.54 -17.13
CA GLY D 177 34.04 -20.94 -18.39
C GLY D 177 34.33 -22.41 -18.63
N ILE D 178 34.15 -22.87 -19.87
CA ILE D 178 34.52 -24.24 -20.23
C ILE D 178 36.01 -24.39 -20.44
N MET D 179 36.54 -23.54 -21.30
CA MET D 179 37.96 -23.55 -21.63
C MET D 179 38.75 -22.97 -20.45
N THR D 180 38.28 -21.85 -19.92
CA THR D 180 38.94 -21.24 -18.76
C THR D 180 38.76 -22.05 -17.49
N GLY D 181 37.61 -22.69 -17.34
CA GLY D 181 37.43 -23.67 -16.26
C GLY D 181 38.41 -24.83 -16.34
N SER D 182 38.72 -25.26 -17.57
CA SER D 182 39.73 -26.29 -17.78
C SER D 182 41.11 -25.83 -17.32
N LEU D 183 41.49 -24.60 -17.63
CA LEU D 183 42.74 -24.05 -17.12
C LEU D 183 42.73 -24.07 -15.59
N THR D 184 41.61 -23.68 -15.01
CA THR D 184 41.46 -23.71 -13.58
C THR D 184 41.76 -25.13 -13.08
N GLY D 185 42.56 -25.20 -12.02
CA GLY D 185 42.99 -26.48 -11.45
C GLY D 185 42.38 -26.75 -10.10
N LEU D 186 41.08 -26.50 -9.96
CA LEU D 186 40.33 -26.77 -8.72
C LEU D 186 39.09 -27.53 -9.12
N PRO D 187 38.87 -28.71 -8.53
CA PRO D 187 37.82 -29.62 -9.03
C PRO D 187 36.38 -29.08 -9.06
N SER D 188 36.03 -28.12 -8.22
CA SER D 188 34.63 -27.63 -8.19
C SER D 188 34.23 -26.94 -9.49
N PHE D 189 35.21 -26.31 -10.17
CA PHE D 189 34.97 -25.69 -11.46
C PHE D 189 34.92 -26.68 -12.61
N HIS D 190 35.20 -27.95 -12.32
CA HIS D 190 35.09 -29.03 -13.29
C HIS D 190 33.86 -29.90 -13.11
N GLN D 191 33.26 -29.92 -11.93
CA GLN D 191 32.28 -30.96 -11.59
C GLN D 191 31.02 -30.89 -12.45
N HIS D 192 30.73 -32.04 -13.09
CA HIS D 192 29.63 -32.19 -14.03
C HIS D 192 29.68 -31.30 -15.26
N PHE D 193 30.86 -30.77 -15.59
CA PHE D 193 31.05 -29.97 -16.82
C PHE D 193 31.94 -30.63 -17.86
N ASP D 194 32.46 -31.82 -17.56
CA ASP D 194 33.35 -32.59 -18.44
C ASP D 194 34.64 -31.87 -18.68
N LEU D 195 35.26 -31.40 -17.60
CA LEU D 195 36.48 -30.64 -17.70
C LEU D 195 37.53 -31.32 -16.84
N PRO D 196 38.82 -31.17 -17.16
CA PRO D 196 39.33 -30.30 -18.22
C PRO D 196 39.19 -30.91 -19.55
N VAL D 197 38.96 -30.07 -20.56
CA VAL D 197 38.91 -30.46 -21.96
C VAL D 197 40.29 -30.98 -22.36
N GLU D 198 40.29 -31.87 -23.36
CA GLU D 198 41.52 -32.39 -23.93
C GLU D 198 42.37 -31.26 -24.48
N GLY D 199 43.67 -31.30 -24.22
CA GLY D 199 44.58 -30.27 -24.71
C GLY D 199 45.07 -29.34 -23.63
N ILE D 200 44.47 -29.41 -22.44
CA ILE D 200 44.94 -28.63 -21.33
C ILE D 200 45.44 -29.59 -20.28
N LYS D 201 46.63 -29.31 -19.75
CA LYS D 201 47.29 -30.16 -18.76
C LYS D 201 47.70 -29.34 -17.56
N HIS D 202 47.95 -30.03 -16.45
CA HIS D 202 48.25 -29.39 -15.19
C HIS D 202 49.54 -29.95 -14.55
N THR D 203 50.55 -29.12 -14.44
CA THR D 203 51.76 -29.48 -13.73
C THR D 203 51.51 -29.17 -12.26
N VAL D 204 52.58 -29.16 -11.45
CA VAL D 204 52.41 -29.14 -10.00
C VAL D 204 52.21 -27.75 -9.41
N CYS D 205 51.44 -27.76 -8.33
CA CYS D 205 51.25 -26.61 -7.47
C CYS D 205 52.53 -26.34 -6.71
N PRO D 206 53.14 -25.17 -6.90
CA PRO D 206 54.41 -24.88 -6.24
C PRO D 206 54.27 -24.46 -4.78
N HIS D 207 53.73 -25.34 -3.96
CA HIS D 207 53.51 -25.07 -2.53
C HIS D 207 54.59 -25.78 -1.72
N TRP D 208 55.58 -25.03 -1.24
CA TRP D 208 56.77 -25.64 -0.61
C TRP D 208 56.41 -26.47 0.63
N TYR D 209 55.60 -25.90 1.50
CA TYR D 209 55.11 -26.61 2.68
C TYR D 209 54.57 -28.00 2.38
N LYS D 210 54.04 -28.24 1.19
CA LYS D 210 53.52 -29.56 0.81
C LYS D 210 54.38 -30.29 -0.19
N ALA D 211 55.67 -29.98 -0.19
CA ALA D 211 56.61 -30.57 -1.13
C ALA D 211 56.89 -32.01 -0.70
N PRO D 212 57.39 -32.84 -1.64
CA PRO D 212 57.91 -34.16 -1.21
C PRO D 212 58.83 -34.01 0.02
N ALA D 213 58.64 -34.89 1.02
CA ALA D 213 59.26 -34.73 2.33
C ALA D 213 60.77 -34.69 2.21
N GLY D 214 61.39 -33.78 2.96
CA GLY D 214 62.84 -33.66 2.97
C GLY D 214 63.43 -32.68 1.97
N MET D 215 62.72 -32.34 0.88
CA MET D 215 63.23 -31.36 -0.08
C MET D 215 63.35 -29.97 0.52
N ASP D 216 64.49 -29.33 0.32
CA ASP D 216 64.64 -27.92 0.70
C ASP D 216 64.10 -27.03 -0.44
N GLU D 217 64.09 -25.72 -0.21
CA GLU D 217 63.48 -24.79 -1.15
C GLU D 217 64.06 -24.97 -2.55
N ALA D 218 65.38 -24.86 -2.65
CA ALA D 218 66.07 -25.02 -3.95
C ALA D 218 65.80 -26.36 -4.64
N ALA D 219 65.65 -27.43 -3.85
CA ALA D 219 65.36 -28.76 -4.39
C ALA D 219 63.96 -28.81 -4.99
N PHE D 220 63.02 -28.24 -4.25
CA PHE D 220 61.62 -28.18 -4.69
C PHE D 220 61.47 -27.40 -5.99
N VAL D 221 62.22 -26.29 -6.10
CA VAL D 221 62.24 -25.51 -7.33
C VAL D 221 62.66 -26.40 -8.49
N ARG D 222 63.74 -27.15 -8.28
CA ARG D 222 64.26 -28.05 -9.32
C ARG D 222 63.24 -29.12 -9.69
N TYR D 223 62.60 -29.70 -8.68
CA TYR D 223 61.51 -30.65 -8.88
C TYR D 223 60.41 -30.09 -9.78
N CYS D 224 59.99 -28.85 -9.50
CA CYS D 224 58.90 -28.22 -10.25
C CYS D 224 59.31 -28.02 -11.70
N ALA D 225 60.54 -27.53 -11.89
CA ALA D 225 61.11 -27.35 -13.24
C ALA D 225 61.18 -28.67 -14.00
N ASP D 226 61.67 -29.72 -13.34
CA ASP D 226 61.85 -31.03 -13.96
C ASP D 226 60.50 -31.63 -14.32
N GLU D 227 59.53 -31.51 -13.41
CA GLU D 227 58.16 -32.01 -13.68
C GLU D 227 57.52 -31.33 -14.90
N LEU D 228 57.75 -30.02 -15.04
CA LEU D 228 57.29 -29.27 -16.21
C LEU D 228 58.00 -29.70 -17.49
N GLU D 229 59.35 -29.77 -17.43
CA GLU D 229 60.14 -30.30 -18.53
C GLU D 229 59.58 -31.66 -18.94
N LYS D 230 59.40 -32.53 -17.95
CA LYS D 230 58.93 -33.89 -18.15
C LYS D 230 57.62 -33.88 -18.93
N LEU D 231 56.70 -33.02 -18.50
CA LEU D 231 55.38 -32.96 -19.08
C LEU D 231 55.39 -32.42 -20.49
N ILE D 232 56.23 -31.41 -20.73
CA ILE D 232 56.38 -30.86 -22.09
C ILE D 232 56.90 -31.95 -23.04
N LEU D 233 57.94 -32.67 -22.60
CA LEU D 233 58.55 -33.74 -23.39
C LEU D 233 57.58 -34.89 -23.62
N ALA D 234 56.88 -35.32 -22.57
CA ALA D 234 55.84 -36.35 -22.69
C ALA D 234 54.76 -35.97 -23.71
N GLU D 235 54.41 -34.68 -23.78
CA GLU D 235 53.39 -34.22 -24.72
C GLU D 235 53.95 -33.96 -26.11
N GLY D 236 55.23 -33.57 -26.16
CA GLY D 236 55.91 -33.20 -27.41
C GLY D 236 55.98 -31.68 -27.51
N PRO D 237 57.19 -31.09 -27.35
CA PRO D 237 57.31 -29.61 -27.34
C PRO D 237 56.71 -28.91 -28.54
N ASP D 238 56.69 -29.58 -29.70
CA ASP D 238 56.06 -29.00 -30.87
C ASP D 238 54.54 -28.94 -30.80
N THR D 239 53.94 -29.56 -29.80
CA THR D 239 52.50 -29.47 -29.53
C THR D 239 52.10 -28.53 -28.39
N VAL D 240 53.07 -27.94 -27.69
CA VAL D 240 52.80 -27.12 -26.50
C VAL D 240 52.99 -25.63 -26.80
N ALA D 241 51.90 -24.86 -26.69
CA ALA D 241 51.89 -23.44 -27.08
C ALA D 241 52.17 -22.47 -25.96
N ALA D 242 51.60 -22.73 -24.79
CA ALA D 242 51.65 -21.77 -23.69
C ALA D 242 51.60 -22.40 -22.33
N PHE D 243 52.06 -21.62 -21.37
CA PHE D 243 52.01 -21.93 -19.96
C PHE D 243 51.38 -20.74 -19.27
N ILE D 244 50.38 -21.00 -18.44
CA ILE D 244 49.67 -19.94 -17.76
C ILE D 244 49.86 -20.06 -16.27
N GLY D 245 50.14 -18.94 -15.62
CA GLY D 245 50.26 -18.93 -14.18
C GLY D 245 50.02 -17.58 -13.53
N GLU D 246 49.38 -17.61 -12.36
CA GLU D 246 49.34 -16.46 -11.48
C GLU D 246 50.71 -16.33 -10.78
N PRO D 247 51.26 -15.11 -10.68
CA PRO D 247 52.50 -14.96 -9.93
C PRO D 247 52.38 -15.52 -8.51
N VAL D 248 51.31 -15.14 -7.83
CA VAL D 248 50.90 -15.73 -6.55
C VAL D 248 49.50 -16.27 -6.76
N MET D 249 49.31 -17.54 -6.43
CA MET D 249 48.02 -18.18 -6.57
C MET D 249 47.06 -17.65 -5.54
N GLY D 250 45.91 -17.20 -5.98
CA GLY D 250 44.96 -16.53 -5.11
C GLY D 250 43.90 -17.48 -4.63
N THR D 251 42.98 -17.83 -5.50
CA THR D 251 41.82 -18.59 -5.09
C THR D 251 42.22 -19.97 -4.59
N GLY D 252 43.45 -20.38 -4.85
CA GLY D 252 43.89 -21.68 -4.54
C GLY D 252 44.66 -22.08 -3.29
N GLY D 253 44.63 -21.46 -2.14
CA GLY D 253 44.59 -20.07 -1.87
C GLY D 253 45.87 -19.58 -1.27
N ILE D 254 46.43 -18.57 -1.90
CA ILE D 254 47.48 -17.73 -1.36
C ILE D 254 48.75 -18.51 -1.27
N ILE D 255 49.04 -19.25 -2.33
CA ILE D 255 50.28 -19.97 -2.42
C ILE D 255 51.33 -19.04 -3.02
N VAL D 256 52.28 -18.62 -2.21
CA VAL D 256 53.45 -17.85 -2.67
C VAL D 256 54.46 -18.83 -3.26
N PRO D 257 55.01 -18.52 -4.45
CA PRO D 257 55.96 -19.48 -5.02
C PRO D 257 57.29 -19.49 -4.24
N PRO D 258 58.02 -20.62 -4.27
CA PRO D 258 59.33 -20.61 -3.63
C PRO D 258 60.31 -19.70 -4.34
N LYS D 259 61.34 -19.25 -3.62
CA LYS D 259 62.42 -18.42 -4.19
C LYS D 259 63.08 -19.12 -5.36
N GLY D 260 63.16 -18.42 -6.49
CA GLY D 260 63.78 -18.96 -7.70
C GLY D 260 62.89 -19.77 -8.62
N TYR D 261 61.64 -19.97 -8.20
CA TYR D 261 60.65 -20.72 -8.99
C TYR D 261 60.44 -20.12 -10.39
N TRP D 262 60.22 -18.82 -10.46
CA TRP D 262 59.89 -18.20 -11.73
C TRP D 262 61.08 -18.13 -12.70
N GLU D 263 62.29 -17.90 -12.18
CA GLU D 263 63.51 -17.97 -13.01
C GLU D 263 63.66 -19.38 -13.60
N ALA D 264 63.49 -20.39 -12.75
CA ALA D 264 63.65 -21.79 -13.15
C ALA D 264 62.61 -22.22 -14.18
N ILE D 265 61.36 -21.83 -13.96
CA ILE D 265 60.28 -22.17 -14.88
C ILE D 265 60.45 -21.48 -16.24
N GLN D 266 60.82 -20.22 -16.23
CA GLN D 266 61.04 -19.47 -17.48
C GLN D 266 62.16 -20.07 -18.35
N ALA D 267 63.23 -20.54 -17.71
CA ALA D 267 64.32 -21.24 -18.42
C ALA D 267 63.78 -22.46 -19.20
N VAL D 268 62.93 -23.25 -18.54
CA VAL D 268 62.27 -24.37 -19.22
C VAL D 268 61.40 -23.87 -20.37
N LEU D 269 60.64 -22.82 -20.14
CA LEU D 269 59.74 -22.30 -21.18
C LEU D 269 60.52 -21.77 -22.38
N ASN D 270 61.64 -21.10 -22.13
CA ASN D 270 62.51 -20.63 -23.22
C ASN D 270 63.11 -21.77 -24.02
N LYS D 271 63.60 -22.79 -23.32
CA LYS D 271 64.16 -23.95 -23.98
C LYS D 271 63.22 -24.56 -25.02
N TYR D 272 61.92 -24.65 -24.72
CA TYR D 272 60.96 -25.30 -25.63
C TYR D 272 60.05 -24.35 -26.42
N ASP D 273 60.36 -23.05 -26.37
CA ASP D 273 59.62 -22.01 -27.09
C ASP D 273 58.11 -22.04 -26.75
N VAL D 274 57.83 -21.96 -25.45
CA VAL D 274 56.48 -21.97 -24.93
C VAL D 274 56.18 -20.61 -24.36
N LEU D 275 55.08 -20.00 -24.79
CA LEU D 275 54.68 -18.66 -24.32
C LEU D 275 54.30 -18.65 -22.83
N LEU D 276 54.66 -17.59 -22.15
CA LEU D 276 54.25 -17.38 -20.76
C LEU D 276 53.09 -16.41 -20.70
N ILE D 277 51.97 -16.89 -20.17
CA ILE D 277 50.80 -16.06 -19.90
C ILE D 277 50.78 -15.78 -18.41
N ALA D 278 51.00 -14.54 -18.01
CA ALA D 278 50.90 -14.18 -16.59
C ALA D 278 49.46 -13.80 -16.29
N ASP D 279 48.82 -14.56 -15.42
CA ASP D 279 47.46 -14.26 -15.01
C ASP D 279 47.51 -13.37 -13.78
N GLU D 280 47.38 -12.08 -14.05
CA GLU D 280 47.54 -11.06 -13.03
C GLU D 280 46.21 -10.50 -12.59
N VAL D 281 45.13 -11.26 -12.73
CA VAL D 281 43.82 -10.73 -12.39
C VAL D 281 43.80 -10.27 -10.92
N VAL D 282 44.43 -11.05 -10.04
CA VAL D 282 44.56 -10.66 -8.63
C VAL D 282 45.73 -9.74 -8.37
N CYS D 283 46.88 -10.08 -8.93
CA CYS D 283 48.15 -9.43 -8.57
C CYS D 283 48.35 -8.01 -9.12
N ALA D 284 47.71 -7.70 -10.23
CA ALA D 284 47.94 -6.43 -10.91
C ALA D 284 47.38 -5.24 -10.15
N PHE D 285 48.01 -4.10 -10.40
CA PHE D 285 47.61 -2.80 -9.92
C PHE D 285 47.72 -2.66 -8.41
N GLY D 286 48.81 -3.18 -7.87
CA GLY D 286 49.28 -2.80 -6.54
C GLY D 286 49.13 -3.81 -5.42
N ARG D 287 48.38 -4.87 -5.66
CA ARG D 287 47.98 -5.77 -4.60
C ARG D 287 49.17 -6.37 -3.83
N LEU D 288 50.22 -6.75 -4.53
CA LEU D 288 51.38 -7.35 -3.88
C LEU D 288 52.45 -6.34 -3.44
N GLY D 289 52.16 -5.04 -3.51
CA GLY D 289 53.15 -4.03 -3.18
C GLY D 289 54.10 -3.67 -4.30
N SER D 290 53.81 -4.21 -5.49
CA SER D 290 54.50 -3.89 -6.74
C SER D 290 53.41 -3.56 -7.75
N LYS D 291 53.83 -2.99 -8.89
CA LYS D 291 52.89 -2.61 -9.93
C LYS D 291 52.06 -3.80 -10.35
N MET D 292 52.74 -4.87 -10.70
CA MET D 292 52.13 -6.17 -10.94
C MET D 292 53.05 -7.23 -10.34
N GLY D 293 52.54 -8.44 -10.23
CA GLY D 293 53.32 -9.57 -9.74
C GLY D 293 54.48 -9.94 -10.66
N SER D 294 54.30 -9.73 -11.95
CA SER D 294 55.31 -10.06 -12.91
C SER D 294 56.62 -9.30 -12.70
N GLN D 295 56.56 -7.99 -12.48
CA GLN D 295 57.79 -7.24 -12.14
C GLN D 295 58.36 -7.74 -10.82
N ARG D 296 57.48 -7.99 -9.86
CA ARG D 296 57.91 -8.40 -8.55
C ARG D 296 58.68 -9.70 -8.52
N TYR D 297 58.25 -10.68 -9.32
CA TYR D 297 58.87 -11.99 -9.35
C TYR D 297 59.83 -12.19 -10.53
N GLY D 298 60.19 -11.12 -11.24
CA GLY D 298 61.06 -11.22 -12.40
C GLY D 298 60.48 -12.02 -13.54
N MET D 299 59.15 -12.04 -13.69
CA MET D 299 58.54 -12.72 -14.82
C MET D 299 58.60 -11.79 -16.02
N ARG D 300 58.72 -12.39 -17.21
CA ARG D 300 58.77 -11.67 -18.48
C ARG D 300 57.74 -12.34 -19.37
N PRO D 301 56.45 -12.06 -19.12
CA PRO D 301 55.43 -12.75 -19.87
C PRO D 301 55.27 -12.20 -21.28
N ASP D 302 54.71 -13.04 -22.14
CA ASP D 302 54.37 -12.66 -23.50
C ASP D 302 52.96 -12.10 -23.58
N LEU D 303 52.10 -12.52 -22.64
CA LEU D 303 50.73 -12.07 -22.56
C LEU D 303 50.36 -11.95 -21.08
N ILE D 304 49.53 -10.95 -20.76
CA ILE D 304 49.08 -10.72 -19.39
C ILE D 304 47.58 -10.56 -19.33
N THR D 305 46.98 -11.20 -18.34
CA THR D 305 45.55 -11.10 -18.07
C THR D 305 45.34 -10.19 -16.86
N THR D 306 44.42 -9.23 -16.97
CA THR D 306 44.02 -8.39 -15.86
C THR D 306 42.51 -8.16 -15.82
N ALA D 307 42.02 -7.94 -14.61
CA ALA D 307 40.65 -7.52 -14.33
C ALA D 307 40.63 -7.02 -12.87
N LYS D 308 39.55 -7.22 -12.12
CA LYS D 308 39.49 -6.92 -10.68
C LYS D 308 40.07 -5.55 -10.29
N GLY D 309 41.35 -5.52 -9.89
CA GLY D 309 41.99 -4.28 -9.47
C GLY D 309 42.17 -3.21 -10.54
N LEU D 310 41.95 -3.58 -11.79
CA LEU D 310 41.95 -2.63 -12.90
C LEU D 310 40.91 -1.52 -12.73
N THR D 311 39.74 -1.85 -12.19
CA THR D 311 38.69 -0.87 -11.85
C THR D 311 38.35 -0.83 -10.36
N SER D 312 39.03 -1.61 -9.54
CA SER D 312 38.60 -1.89 -8.17
C SER D 312 37.12 -2.33 -8.12
N ALA D 313 36.68 -3.01 -9.18
CA ALA D 313 35.30 -3.47 -9.34
C ALA D 313 34.21 -2.39 -9.44
N TYR D 314 34.57 -1.11 -9.54
CA TYR D 314 33.56 -0.06 -9.65
C TYR D 314 32.77 -0.20 -10.95
N ALA D 315 33.39 -0.83 -11.93
CA ALA D 315 32.70 -1.25 -13.12
C ALA D 315 33.41 -2.48 -13.70
N PRO D 316 32.67 -3.32 -14.43
CA PRO D 316 33.29 -4.51 -15.00
C PRO D 316 34.21 -4.16 -16.16
N LEU D 317 35.45 -4.63 -16.10
CA LEU D 317 36.40 -4.47 -17.18
C LEU D 317 37.52 -5.49 -17.02
N SER D 318 37.98 -6.01 -18.14
CA SER D 318 39.15 -6.86 -18.20
C SER D 318 40.06 -6.35 -19.32
N ALA D 319 41.34 -6.65 -19.18
CA ALA D 319 42.32 -6.21 -20.17
C ALA D 319 43.31 -7.32 -20.41
N VAL D 320 43.50 -7.65 -21.68
CA VAL D 320 44.59 -8.52 -22.10
C VAL D 320 45.70 -7.63 -22.60
N ILE D 321 46.89 -7.77 -22.01
CA ILE D 321 48.02 -6.95 -22.40
C ILE D 321 48.91 -7.84 -23.26
N VAL D 322 49.17 -7.39 -24.48
CA VAL D 322 49.86 -8.19 -25.49
C VAL D 322 51.28 -7.69 -25.69
N GLY D 323 52.25 -8.60 -25.58
CA GLY D 323 53.67 -8.27 -25.77
C GLY D 323 54.04 -7.96 -27.20
N GLU D 324 55.20 -7.33 -27.38
CA GLU D 324 55.74 -6.99 -28.71
C GLU D 324 55.83 -8.22 -29.61
N LYS D 325 56.40 -9.30 -29.10
CA LYS D 325 56.59 -10.51 -29.89
C LYS D 325 55.29 -10.98 -30.54
N VAL D 326 54.27 -11.19 -29.71
CA VAL D 326 52.96 -11.65 -30.17
C VAL D 326 52.23 -10.61 -31.01
N TRP D 327 52.29 -9.34 -30.59
CA TRP D 327 51.61 -8.30 -31.35
C TRP D 327 52.16 -8.22 -32.77
N ASP D 328 53.49 -8.23 -32.91
CA ASP D 328 54.12 -8.08 -34.24
C ASP D 328 53.70 -9.20 -35.17
N VAL D 329 53.59 -10.43 -34.65
CA VAL D 329 53.10 -11.53 -35.44
C VAL D 329 51.65 -11.33 -35.87
N ILE D 330 50.80 -10.90 -34.94
CA ILE D 330 49.40 -10.61 -35.27
C ILE D 330 49.29 -9.51 -36.33
N GLU D 331 50.10 -8.47 -36.18
CA GLU D 331 50.06 -7.33 -37.11
C GLU D 331 50.45 -7.73 -38.53
N LYS D 332 51.55 -8.47 -38.66
CA LYS D 332 52.05 -8.90 -39.97
C LYS D 332 51.00 -9.82 -40.63
N ALA D 333 50.50 -10.77 -39.86
CA ALA D 333 49.55 -11.74 -40.35
C ALA D 333 48.29 -11.12 -40.97
N SER D 334 47.83 -9.99 -40.42
CA SER D 334 46.60 -9.38 -40.92
C SER D 334 46.73 -8.98 -42.40
N GLN D 335 47.96 -8.66 -42.82
CA GLN D 335 48.20 -8.27 -44.20
C GLN D 335 47.74 -9.33 -45.20
N LYS D 336 48.11 -10.57 -44.97
CA LYS D 336 47.66 -11.66 -45.85
C LYS D 336 46.36 -12.30 -45.37
N GLU D 337 46.12 -12.33 -44.06
CA GLU D 337 44.99 -13.09 -43.50
C GLU D 337 43.73 -12.25 -43.22
N GLY D 338 43.83 -10.92 -43.34
CA GLY D 338 42.72 -10.04 -43.07
C GLY D 338 42.52 -9.81 -41.58
N ALA D 339 41.46 -9.08 -41.24
CA ALA D 339 41.16 -8.80 -39.83
C ALA D 339 40.93 -10.09 -39.05
N MET D 340 41.49 -10.13 -37.86
CA MET D 340 41.23 -11.20 -36.91
C MET D 340 39.75 -11.21 -36.52
N GLY D 341 39.12 -12.39 -36.52
CA GLY D 341 37.73 -12.51 -36.15
C GLY D 341 37.54 -12.63 -34.66
N HIS D 342 37.77 -11.53 -33.95
CA HIS D 342 37.54 -11.53 -32.52
C HIS D 342 36.96 -10.19 -32.10
N GLY D 343 35.88 -10.24 -31.33
CA GLY D 343 35.22 -9.04 -30.88
C GLY D 343 34.11 -9.34 -29.92
N TRP D 344 34.08 -8.59 -28.82
CA TRP D 344 32.90 -8.51 -27.95
C TRP D 344 32.19 -7.18 -28.22
N THR D 345 30.86 -7.20 -28.24
CA THR D 345 30.05 -5.99 -28.38
C THR D 345 30.49 -4.87 -27.41
N TYR D 346 30.78 -5.24 -26.16
CA TYR D 346 31.13 -4.27 -25.13
C TYR D 346 32.61 -4.10 -24.89
N SER D 347 33.43 -4.59 -25.82
CA SER D 347 34.86 -4.36 -25.74
C SER D 347 35.13 -2.86 -25.74
N GLY D 348 35.82 -2.39 -24.69
CA GLY D 348 36.21 -0.99 -24.55
C GLY D 348 35.11 -0.07 -24.06
N HIS D 349 34.12 -0.66 -23.39
CA HIS D 349 32.96 0.07 -22.92
C HIS D 349 33.35 1.34 -22.19
N PRO D 350 32.89 2.50 -22.67
CA PRO D 350 33.33 3.79 -22.17
C PRO D 350 33.16 4.02 -20.68
N ILE D 351 32.01 3.69 -20.10
CA ILE D 351 31.87 3.95 -18.65
C ILE D 351 32.86 3.09 -17.85
N CYS D 352 33.15 1.90 -18.34
CA CYS D 352 34.09 1.01 -17.67
C CYS D 352 35.52 1.57 -17.79
N ALA D 353 35.86 2.07 -18.95
CA ALA D 353 37.14 2.74 -19.15
C ALA D 353 37.29 3.95 -18.22
N ALA D 354 36.23 4.75 -18.14
CA ALA D 354 36.23 5.92 -17.27
C ALA D 354 36.44 5.53 -15.81
N ALA D 355 35.83 4.43 -15.40
CA ALA D 355 36.00 3.92 -14.05
C ALA D 355 37.44 3.52 -13.80
N ALA D 356 38.05 2.85 -14.78
CA ALA D 356 39.44 2.43 -14.67
C ALA D 356 40.36 3.62 -14.51
N LEU D 357 40.13 4.65 -15.31
CA LEU D 357 40.98 5.85 -15.26
C LEU D 357 40.92 6.49 -13.86
N ALA D 358 39.72 6.59 -13.30
CA ALA D 358 39.56 7.15 -11.97
C ALA D 358 40.24 6.27 -10.92
N ASN D 359 40.06 4.96 -11.08
CA ASN D 359 40.70 4.00 -10.20
C ASN D 359 42.22 4.17 -10.27
N LEU D 360 42.77 4.26 -11.46
CA LEU D 360 44.21 4.45 -11.59
C LEU D 360 44.67 5.78 -10.98
N ASP D 361 43.90 6.84 -11.19
CA ASP D 361 44.22 8.13 -10.62
C ASP D 361 44.38 8.00 -9.10
N ILE D 362 43.49 7.24 -8.47
CA ILE D 362 43.49 7.11 -7.03
C ILE D 362 44.66 6.25 -6.55
N LEU D 363 44.89 5.13 -7.20
CA LEU D 363 46.04 4.29 -6.90
C LEU D 363 47.37 5.07 -6.93
N GLU D 364 47.52 5.93 -7.94
CA GLU D 364 48.76 6.69 -8.13
C GLU D 364 48.86 7.83 -7.12
N ARG D 365 47.76 8.56 -6.92
CA ARG D 365 47.77 9.73 -6.05
C ARG D 365 48.05 9.41 -4.59
N GLU D 366 47.44 8.34 -4.08
CA GLU D 366 47.60 7.97 -2.68
C GLU D 366 48.69 6.92 -2.48
N ASN D 367 49.48 6.64 -3.54
CA ASN D 367 50.47 5.56 -3.60
C ASN D 367 50.04 4.32 -2.85
N LEU D 368 48.96 3.71 -3.31
CA LEU D 368 48.40 2.54 -2.64
C LEU D 368 49.23 1.31 -2.89
N THR D 369 50.05 1.32 -3.94
CA THR D 369 51.04 0.26 -4.13
C THR D 369 52.01 0.23 -2.94
N ALA D 370 52.58 1.39 -2.60
CA ALA D 370 53.44 1.53 -1.41
C ALA D 370 52.70 1.15 -0.12
N ASN D 371 51.49 1.66 0.07
CA ASN D 371 50.75 1.30 1.26
C ASN D 371 50.50 -0.20 1.34
N ALA D 372 50.23 -0.84 0.21
CA ALA D 372 50.06 -2.29 0.19
C ALA D 372 51.33 -3.04 0.61
N ALA D 373 52.50 -2.52 0.24
CA ALA D 373 53.76 -3.14 0.64
C ALA D 373 54.02 -2.96 2.13
N ASP D 374 53.84 -1.73 2.60
CA ASP D 374 54.00 -1.37 4.01
C ASP D 374 53.08 -2.19 4.93
N VAL D 375 51.79 -1.95 4.80
CA VAL D 375 50.80 -2.50 5.71
C VAL D 375 50.58 -3.98 5.44
N GLY D 376 50.84 -4.42 4.21
CA GLY D 376 50.78 -5.82 3.88
C GLY D 376 51.88 -6.61 4.57
N ALA D 377 53.09 -6.05 4.60
CA ALA D 377 54.20 -6.69 5.32
C ALA D 377 53.86 -6.72 6.81
N TYR D 378 53.38 -5.59 7.32
CA TYR D 378 52.95 -5.52 8.70
C TYR D 378 51.90 -6.55 9.04
N LEU D 379 50.86 -6.67 8.23
CA LEU D 379 49.77 -7.61 8.48
C LEU D 379 50.28 -9.04 8.45
N ASN D 380 51.06 -9.35 7.43
CA ASN D 380 51.64 -10.69 7.28
C ASN D 380 52.50 -11.09 8.47
N GLN D 381 53.28 -10.12 8.95
CA GLN D 381 54.19 -10.39 10.06
C GLN D 381 53.39 -10.50 11.36
N ARG D 382 52.45 -9.61 11.52
CA ARG D 382 51.54 -9.60 12.67
C ARG D 382 50.69 -10.86 12.80
N LEU D 383 50.45 -11.56 11.67
CA LEU D 383 49.75 -12.81 11.67
C LEU D 383 50.64 -14.04 11.88
N ARG D 384 51.91 -13.88 11.49
CA ARG D 384 52.94 -14.85 11.75
C ARG D 384 53.20 -14.95 13.27
N GLU D 385 53.40 -13.79 13.93
CA GLU D 385 53.56 -13.71 15.36
C GLU D 385 52.41 -14.42 16.08
N THR D 386 51.19 -14.06 15.71
CA THR D 386 50.04 -14.53 16.46
C THR D 386 49.64 -15.95 16.12
N PHE D 387 50.00 -16.49 14.97
CA PHE D 387 49.50 -17.84 14.57
C PHE D 387 50.53 -18.92 14.31
N GLU D 388 51.82 -18.57 14.21
CA GLU D 388 52.83 -19.61 14.04
C GLU D 388 53.01 -20.24 15.41
N GLY D 389 52.91 -21.57 15.45
CA GLY D 389 52.90 -22.30 16.72
C GLY D 389 51.51 -22.57 17.30
N HIS D 390 50.51 -21.78 16.92
CA HIS D 390 49.13 -22.08 17.32
C HIS D 390 48.72 -23.50 16.87
N PRO D 391 48.08 -24.28 17.77
CA PRO D 391 47.90 -25.72 17.48
C PRO D 391 46.96 -26.08 16.32
N LEU D 392 46.02 -25.20 16.01
CA LEU D 392 45.16 -25.36 14.83
C LEU D 392 45.84 -25.12 13.46
N VAL D 393 46.88 -24.29 13.44
CA VAL D 393 47.44 -23.72 12.21
C VAL D 393 48.66 -24.50 11.72
N GLY D 394 48.60 -25.03 10.51
CA GLY D 394 49.77 -25.69 9.89
C GLY D 394 50.74 -24.74 9.19
N GLU D 395 50.22 -23.67 8.59
CA GLU D 395 51.06 -22.68 7.91
C GLU D 395 50.42 -21.32 7.89
N VAL D 396 51.25 -20.29 8.04
CA VAL D 396 50.90 -18.91 7.78
C VAL D 396 51.66 -18.51 6.53
N ARG D 397 50.95 -17.96 5.56
CA ARG D 397 51.61 -17.49 4.33
C ARG D 397 51.00 -16.22 3.81
N GLY D 398 51.72 -15.59 2.89
CA GLY D 398 51.26 -14.36 2.28
C GLY D 398 52.36 -13.50 1.70
N ASP D 399 51.96 -12.46 0.98
CA ASP D 399 52.86 -11.53 0.32
C ASP D 399 52.06 -10.28 0.00
N GLY D 400 52.63 -9.10 0.20
CA GLY D 400 51.90 -7.85 0.01
C GLY D 400 50.62 -7.92 0.83
N MET D 401 49.49 -7.51 0.24
N MET D 401 49.49 -7.51 0.23
CA MET D 401 48.19 -7.58 0.90
CA MET D 401 48.18 -7.58 0.90
C MET D 401 47.42 -8.86 0.58
C MET D 401 47.42 -8.86 0.58
N LEU D 402 48.12 -9.98 0.59
CA LEU D 402 47.48 -11.30 0.56
C LEU D 402 48.06 -12.06 1.71
N ALA D 403 47.19 -12.75 2.45
CA ALA D 403 47.63 -13.58 3.54
C ALA D 403 46.65 -14.72 3.77
N ALA D 404 47.16 -15.81 4.34
CA ALA D 404 46.32 -16.95 4.65
C ALA D 404 46.85 -17.79 5.80
N LEU D 405 45.90 -18.36 6.54
CA LEU D 405 46.17 -19.36 7.56
C LEU D 405 45.62 -20.68 7.02
N GLU D 406 46.47 -21.69 6.87
CA GLU D 406 46.00 -23.06 6.57
C GLU D 406 45.96 -23.90 7.85
N PHE D 407 44.83 -24.54 8.09
CA PHE D 407 44.62 -25.34 9.29
C PHE D 407 44.88 -26.81 9.01
N MET D 408 45.67 -27.43 9.89
CA MET D 408 46.06 -28.83 9.77
C MET D 408 45.85 -29.59 11.08
N ALA D 409 45.49 -30.87 10.95
CA ALA D 409 45.41 -31.78 12.09
C ALA D 409 46.81 -32.08 12.64
N ASP D 410 47.81 -32.24 11.75
CA ASP D 410 49.20 -32.43 12.15
C ASP D 410 50.15 -31.58 11.29
N ARG D 411 50.71 -30.53 11.90
CA ARG D 411 51.59 -29.58 11.19
C ARG D 411 52.81 -30.26 10.55
N GLU D 412 53.62 -30.89 11.41
CA GLU D 412 54.89 -31.50 10.98
C GLU D 412 54.65 -32.70 10.01
N ALA D 413 53.52 -33.37 10.17
CA ALA D 413 53.15 -34.45 9.30
C ALA D 413 52.47 -34.01 8.02
N ARG D 414 52.00 -32.77 7.94
CA ARG D 414 51.23 -32.26 6.80
C ARG D 414 49.96 -33.06 6.65
N THR D 415 49.32 -33.35 7.76
CA THR D 415 48.07 -34.12 7.77
C THR D 415 46.91 -33.14 7.89
N PRO D 416 46.01 -33.11 6.87
CA PRO D 416 44.88 -32.21 7.01
C PRO D 416 43.78 -32.81 7.87
N PHE D 417 42.89 -31.93 8.34
CA PHE D 417 41.65 -32.37 8.97
C PHE D 417 40.78 -33.13 7.98
N ASP D 418 39.87 -33.94 8.52
CA ASP D 418 38.80 -34.55 7.75
C ASP D 418 38.00 -33.38 7.10
N PRO D 419 37.88 -33.37 5.76
CA PRO D 419 37.08 -32.31 5.12
C PRO D 419 35.67 -32.09 5.71
N ALA D 420 35.00 -33.18 6.12
CA ALA D 420 33.66 -33.08 6.71
C ALA D 420 33.58 -32.34 8.06
N LEU D 421 34.72 -32.13 8.70
CA LEU D 421 34.80 -31.33 9.92
C LEU D 421 34.62 -29.83 9.67
N LYS D 422 34.89 -29.38 8.43
CA LYS D 422 34.62 -28.02 7.96
C LYS D 422 35.28 -26.93 8.80
N VAL D 423 36.54 -27.14 9.11
CA VAL D 423 37.28 -26.25 10.00
C VAL D 423 37.42 -24.84 9.40
N GLY D 424 37.85 -24.79 8.14
CA GLY D 424 37.95 -23.52 7.41
C GLY D 424 36.64 -22.75 7.46
N PRO D 425 35.56 -23.35 6.93
CA PRO D 425 34.26 -22.68 6.99
C PRO D 425 33.82 -22.26 8.41
N LYS D 426 34.17 -23.08 9.41
CA LYS D 426 33.82 -22.74 10.80
C LYS D 426 34.52 -21.49 11.31
N VAL D 427 35.80 -21.35 10.97
CA VAL D 427 36.58 -20.17 11.39
C VAL D 427 36.04 -18.90 10.70
N SER D 428 35.78 -19.02 9.40
CA SER D 428 35.14 -17.96 8.63
C SER D 428 33.81 -17.52 9.24
N ALA D 429 32.97 -18.49 9.61
CA ALA D 429 31.67 -18.20 10.23
C ALA D 429 31.82 -17.50 11.58
N ALA D 430 32.83 -17.92 12.35
CA ALA D 430 33.10 -17.28 13.63
C ALA D 430 33.58 -15.85 13.43
N CYS D 431 34.43 -15.64 12.42
CA CYS D 431 34.85 -14.28 12.07
C CYS D 431 33.65 -13.38 11.75
N LEU D 432 32.71 -13.91 10.97
CA LEU D 432 31.53 -13.15 10.55
C LEU D 432 30.61 -12.78 11.71
N GLU D 433 30.55 -13.63 12.74
CA GLU D 433 29.79 -13.31 13.95
C GLU D 433 30.43 -12.16 14.70
N ASP D 434 31.76 -12.10 14.71
CA ASP D 434 32.48 -10.94 15.27
C ASP D 434 32.57 -9.73 14.32
N GLY D 435 31.86 -9.78 13.18
CA GLY D 435 31.78 -8.62 12.29
C GLY D 435 32.91 -8.48 11.27
N MET D 436 33.50 -9.59 10.85
CA MET D 436 34.52 -9.55 9.82
C MET D 436 34.32 -10.60 8.74
N ILE D 437 34.54 -10.18 7.50
CA ILE D 437 34.47 -11.09 6.37
C ILE D 437 35.86 -11.52 5.97
N ALA D 438 36.10 -12.82 6.07
CA ALA D 438 37.35 -13.44 5.61
C ALA D 438 36.98 -14.79 5.05
N ARG D 439 37.57 -15.17 3.93
CA ARG D 439 36.99 -16.23 3.14
C ARG D 439 37.53 -17.59 3.55
N ALA D 440 36.63 -18.57 3.63
CA ALA D 440 37.03 -19.96 3.69
C ALA D 440 37.36 -20.35 2.27
N MET D 441 38.64 -20.50 1.98
CA MET D 441 39.09 -20.75 0.60
C MET D 441 38.67 -22.16 0.24
N PRO D 442 38.42 -22.41 -1.06
CA PRO D 442 37.95 -23.75 -1.43
C PRO D 442 39.03 -24.86 -1.41
N HIS D 443 38.56 -26.10 -1.36
CA HIS D 443 39.37 -27.33 -1.41
C HIS D 443 40.53 -27.32 -0.42
N GLY D 444 40.18 -27.17 0.85
CA GLY D 444 41.14 -27.14 1.95
C GLY D 444 40.50 -26.45 3.16
N ASP D 445 41.24 -26.40 4.25
CA ASP D 445 40.82 -25.62 5.43
C ASP D 445 41.75 -24.41 5.51
N ILE D 446 41.34 -23.33 4.83
CA ILE D 446 42.19 -22.15 4.66
C ILE D 446 41.40 -20.88 4.87
N LEU D 447 41.88 -20.00 5.74
CA LEU D 447 41.28 -18.69 5.92
C LEU D 447 42.12 -17.67 5.16
N GLY D 448 41.50 -17.00 4.19
CA GLY D 448 42.18 -16.04 3.32
C GLY D 448 41.87 -14.61 3.66
N PHE D 449 42.88 -13.75 3.50
CA PHE D 449 42.75 -12.32 3.65
C PHE D 449 43.21 -11.60 2.37
N ALA D 450 42.39 -10.68 1.88
CA ALA D 450 42.74 -9.81 0.76
C ALA D 450 42.06 -8.45 0.94
N PRO D 451 42.53 -7.68 1.92
CA PRO D 451 41.85 -6.42 2.28
C PRO D 451 42.09 -5.30 1.29
N PRO D 452 41.24 -4.27 1.32
CA PRO D 452 41.51 -3.14 0.43
C PRO D 452 42.89 -2.57 0.71
N LEU D 453 43.51 -1.98 -0.29
CA LEU D 453 44.89 -1.52 -0.17
C LEU D 453 45.00 -0.23 0.63
N VAL D 454 43.88 0.40 0.98
CA VAL D 454 43.87 1.55 1.89
C VAL D 454 44.05 1.16 3.37
N LEU D 455 44.11 -0.13 3.67
CA LEU D 455 44.18 -0.62 5.04
C LEU D 455 45.25 0.06 5.87
N THR D 456 44.92 0.41 7.10
CA THR D 456 45.89 0.97 8.07
C THR D 456 46.42 -0.13 8.98
N ARG D 457 47.50 0.19 9.68
CA ARG D 457 48.04 -0.71 10.71
C ARG D 457 46.99 -0.99 11.78
N ALA D 458 46.30 0.06 12.24
CA ALA D 458 45.25 -0.10 13.25
C ALA D 458 44.18 -1.09 12.79
N GLU D 459 43.73 -0.92 11.54
CA GLU D 459 42.68 -1.79 10.99
C GLU D 459 43.22 -3.20 10.80
N ALA D 460 44.50 -3.32 10.44
CA ALA D 460 45.13 -4.65 10.39
C ALA D 460 45.14 -5.32 11.75
N ASP D 461 45.43 -4.56 12.81
CA ASP D 461 45.42 -5.11 14.18
C ASP D 461 44.03 -5.60 14.55
N GLU D 462 43.01 -4.83 14.19
CA GLU D 462 41.64 -5.22 14.45
C GLU D 462 41.29 -6.55 13.76
N ILE D 463 41.66 -6.65 12.49
CA ILE D 463 41.47 -7.86 11.71
C ILE D 463 42.12 -9.07 12.40
N VAL D 464 43.37 -8.90 12.81
CA VAL D 464 44.12 -9.97 13.46
C VAL D 464 43.46 -10.38 14.78
N GLY D 465 43.01 -9.40 15.56
CA GLY D 465 42.29 -9.66 16.81
C GLY D 465 41.06 -10.53 16.61
N ILE D 466 40.28 -10.22 15.59
CA ILE D 466 39.07 -10.98 15.36
C ILE D 466 39.40 -12.38 14.89
N ALA D 467 40.45 -12.53 14.09
CA ALA D 467 40.85 -13.84 13.62
C ALA D 467 41.33 -14.73 14.78
N LYS D 468 42.14 -14.16 15.66
CA LYS D 468 42.61 -14.81 16.89
C LYS D 468 41.43 -15.43 17.65
N ALA D 469 40.43 -14.60 17.97
CA ALA D 469 39.26 -15.07 18.71
C ALA D 469 38.55 -16.21 17.99
N ALA D 470 38.41 -16.09 16.68
CA ALA D 470 37.69 -17.09 15.89
C ALA D 470 38.47 -18.39 15.78
N VAL D 471 39.78 -18.29 15.64
CA VAL D 471 40.62 -19.47 15.56
C VAL D 471 40.67 -20.18 16.92
N ASP D 472 40.83 -19.41 18.00
CA ASP D 472 40.79 -19.97 19.36
C ASP D 472 39.48 -20.69 19.62
N GLU D 473 38.37 -20.09 19.26
CA GLU D 473 37.04 -20.66 19.49
C GLU D 473 36.88 -22.00 18.79
N VAL D 474 37.27 -22.06 17.53
CA VAL D 474 37.09 -23.27 16.74
C VAL D 474 38.07 -24.35 17.17
N ALA D 475 39.27 -23.93 17.57
CA ALA D 475 40.24 -24.88 18.12
C ALA D 475 39.67 -25.54 19.38
N GLY D 476 39.16 -24.71 20.29
CA GLY D 476 38.68 -25.20 21.60
C GLY D 476 37.29 -25.67 21.26
N GLU D 477 37.16 -26.76 20.55
CA GLU D 477 35.92 -27.15 19.91
C GLU D 477 36.07 -28.30 18.94
N VAL D 478 37.22 -28.37 18.29
CA VAL D 478 37.53 -29.46 17.37
C VAL D 478 38.75 -30.25 17.84
N LEU D 479 39.65 -29.62 18.64
CA LEU D 479 40.88 -30.34 19.02
C LEU D 479 40.75 -31.21 20.29
N ASP E 23 11.37 3.02 13.79
CA ASP E 23 12.58 2.31 14.30
C ASP E 23 12.27 1.65 15.64
N PHE E 24 11.91 0.38 15.57
CA PHE E 24 11.47 -0.33 16.75
C PHE E 24 12.64 -0.72 17.66
N ASP E 25 13.83 -0.91 17.08
CA ASP E 25 15.02 -1.22 17.88
C ASP E 25 15.30 -0.14 18.89
N GLN E 26 15.19 1.10 18.46
CA GLN E 26 15.40 2.25 19.34
C GLN E 26 14.30 2.34 20.40
N LEU E 27 13.05 2.08 20.02
CA LEU E 27 11.93 2.05 20.99
C LEU E 27 12.11 0.97 22.04
N PHE E 28 12.56 -0.22 21.64
CA PHE E 28 12.83 -1.26 22.61
C PHE E 28 14.01 -0.93 23.53
N GLU E 29 15.03 -0.22 23.03
CA GLU E 29 16.13 0.24 23.88
C GLU E 29 15.57 1.17 24.97
N GLN E 30 14.68 2.05 24.57
CA GLN E 30 14.03 3.01 25.48
C GLN E 30 13.07 2.33 26.47
N ASP E 31 12.30 1.37 25.94
CA ASP E 31 11.43 0.51 26.73
C ASP E 31 12.21 -0.15 27.87
N ARG E 32 13.29 -0.84 27.52
CA ARG E 32 14.13 -1.51 28.52
C ARG E 32 14.77 -0.56 29.51
N ALA E 33 15.17 0.60 29.06
CA ALA E 33 15.79 1.60 29.92
C ALA E 33 14.83 2.24 30.93
N HIS E 34 13.57 2.47 30.53
CA HIS E 34 12.72 3.43 31.24
C HIS E 34 11.29 3.02 31.60
N PHE E 35 10.74 2.00 30.96
CA PHE E 35 9.37 1.59 31.20
C PHE E 35 9.31 0.38 32.14
N MET E 36 8.78 0.60 33.34
CA MET E 36 8.47 -0.49 34.28
C MET E 36 7.07 -1.00 33.98
N HIS E 37 6.98 -2.19 33.39
CA HIS E 37 5.71 -2.77 33.01
C HIS E 37 5.01 -3.37 34.20
N PRO E 38 3.67 -3.41 34.18
CA PRO E 38 3.01 -4.31 35.12
C PRO E 38 3.40 -5.75 34.83
N SER E 39 3.40 -6.58 35.87
CA SER E 39 3.43 -8.03 35.75
C SER E 39 4.45 -8.52 34.68
N THR E 40 5.70 -8.11 34.88
CA THR E 40 6.77 -8.38 33.93
C THR E 40 8.08 -8.57 34.70
N HIS E 41 8.76 -9.68 34.48
CA HIS E 41 10.08 -9.96 35.09
C HIS E 41 11.04 -8.78 34.85
N ALA E 42 11.40 -8.05 35.91
CA ALA E 42 12.18 -6.83 35.77
C ALA E 42 13.53 -7.02 35.05
N HIS E 43 14.31 -8.01 35.50
CA HIS E 43 15.64 -8.21 34.95
C HIS E 43 15.60 -8.77 33.53
N ASP E 44 14.88 -9.87 33.33
CA ASP E 44 14.74 -10.47 32.01
C ASP E 44 14.25 -9.45 30.98
N HIS E 45 13.34 -8.58 31.38
CA HIS E 45 12.88 -7.53 30.49
C HIS E 45 13.98 -6.51 30.18
N ALA E 46 14.66 -6.02 31.20
CA ALA E 46 15.75 -5.03 31.01
C ALA E 46 16.95 -5.59 30.24
N SER E 47 17.24 -6.89 30.41
CA SER E 47 18.36 -7.55 29.74
C SER E 47 18.04 -7.88 28.28
N GLY E 48 16.76 -8.06 27.96
CA GLY E 48 16.35 -8.50 26.64
C GLY E 48 15.98 -9.98 26.56
N ALA E 49 16.27 -10.72 27.62
CA ALA E 49 15.94 -12.16 27.70
C ALA E 49 14.44 -12.41 27.55
N LEU E 50 13.62 -11.52 28.12
CA LEU E 50 12.17 -11.49 27.91
C LEU E 50 11.95 -10.47 26.82
N PRO E 51 11.67 -10.94 25.60
CA PRO E 51 11.62 -9.98 24.49
C PRO E 51 10.34 -9.14 24.54
N GLY E 52 10.45 -7.88 24.16
CA GLY E 52 9.30 -7.00 24.09
C GLY E 52 8.41 -7.22 22.88
N ARG E 53 7.24 -6.62 22.94
CA ARG E 53 6.29 -6.68 21.86
C ARG E 53 5.50 -5.38 21.82
N ILE E 54 5.54 -4.68 20.69
CA ILE E 54 4.79 -3.46 20.52
C ILE E 54 3.57 -3.74 19.70
N ILE E 55 2.41 -3.27 20.17
CA ILE E 55 1.16 -3.45 19.42
C ILE E 55 0.91 -2.15 18.66
N THR E 56 0.65 -2.27 17.36
CA THR E 56 0.49 -1.12 16.48
C THR E 56 -0.92 -0.91 15.97
N GLY E 57 -1.78 -1.91 16.08
CA GLY E 57 -3.15 -1.77 15.58
C GLY E 57 -3.98 -2.97 15.93
N ALA E 58 -5.27 -2.91 15.63
CA ALA E 58 -6.16 -3.98 15.97
C ALA E 58 -7.51 -3.80 15.33
N SER E 59 -8.22 -4.89 15.17
CA SER E 59 -9.46 -4.91 14.45
C SER E 59 -10.18 -6.24 14.67
N GLY E 60 -11.47 -6.17 14.97
CA GLY E 60 -12.30 -7.37 15.17
C GLY E 60 -11.80 -8.11 16.39
N ILE E 61 -11.22 -9.30 16.17
CA ILE E 61 -10.64 -10.12 17.23
C ILE E 61 -9.12 -10.27 17.11
N ARG E 62 -8.49 -9.49 16.24
CA ARG E 62 -7.06 -9.62 15.94
C ARG E 62 -6.28 -8.36 16.28
N ILE E 63 -5.06 -8.53 16.78
CA ILE E 63 -4.16 -7.40 17.00
C ILE E 63 -2.96 -7.57 16.08
N ARG E 64 -2.24 -6.48 15.81
CA ARG E 64 -1.07 -6.49 14.96
C ARG E 64 0.14 -6.02 15.76
N ASP E 65 1.21 -6.79 15.74
CA ASP E 65 2.43 -6.39 16.43
C ASP E 65 3.39 -5.61 15.51
N HIS E 66 4.51 -5.20 16.09
CA HIS E 66 5.53 -4.41 15.40
C HIS E 66 6.23 -5.08 14.21
N GLU E 67 6.20 -6.41 14.16
CA GLU E 67 6.71 -7.16 13.01
C GLU E 67 5.67 -7.39 11.90
N GLY E 68 4.45 -6.88 12.03
CA GLY E 68 3.39 -7.13 11.06
C GLY E 68 2.56 -8.38 11.30
N ARG E 69 2.91 -9.17 12.32
CA ARG E 69 2.14 -10.36 12.66
C ARG E 69 0.73 -10.00 13.10
N GLU E 70 -0.25 -10.79 12.65
CA GLU E 70 -1.62 -10.58 13.02
C GLU E 70 -2.00 -11.73 13.93
N LEU E 71 -2.38 -11.44 15.17
CA LEU E 71 -2.64 -12.49 16.17
C LEU E 71 -4.11 -12.51 16.56
N ILE E 72 -4.68 -13.70 16.64
CA ILE E 72 -6.03 -13.85 17.16
C ILE E 72 -5.95 -13.66 18.64
N ASP E 73 -6.71 -12.70 19.18
CA ASP E 73 -6.70 -12.47 20.61
C ASP E 73 -7.85 -13.19 21.26
N ALA E 74 -7.61 -14.44 21.63
CA ALA E 74 -8.62 -15.25 22.29
C ALA E 74 -8.76 -14.90 23.77
N PHE E 75 -8.10 -13.85 24.24
CA PHE E 75 -8.25 -13.36 25.62
C PHE E 75 -8.77 -11.93 25.74
N ALA E 76 -9.14 -11.31 24.61
CA ALA E 76 -9.71 -9.96 24.61
C ALA E 76 -8.97 -8.99 25.56
N GLY E 77 -7.67 -8.86 25.32
CA GLY E 77 -6.81 -8.08 26.18
C GLY E 77 -6.60 -8.83 27.47
N LEU E 78 -7.36 -8.43 28.49
CA LEU E 78 -7.47 -9.13 29.77
C LEU E 78 -8.94 -9.19 30.12
N TYR E 79 -9.66 -10.14 29.53
CA TYR E 79 -11.11 -10.28 29.70
C TYR E 79 -11.87 -8.98 29.51
N CYS E 80 -11.39 -8.08 28.68
CA CYS E 80 -11.96 -6.74 28.69
C CYS E 80 -12.37 -6.15 27.37
N VAL E 81 -11.81 -6.57 26.23
CA VAL E 81 -12.19 -5.94 24.95
C VAL E 81 -13.42 -6.65 24.40
N ASN E 82 -14.55 -6.44 25.06
CA ASN E 82 -15.73 -7.28 24.83
C ASN E 82 -16.48 -7.01 23.55
N ILE E 83 -16.58 -5.76 23.14
CA ILE E 83 -17.20 -5.43 21.87
C ILE E 83 -16.25 -5.60 20.68
N GLY E 84 -15.01 -6.00 20.93
CA GLY E 84 -14.02 -6.18 19.88
C GLY E 84 -13.18 -4.96 19.64
N TYR E 85 -12.09 -5.17 18.90
CA TYR E 85 -11.13 -4.12 18.60
C TYR E 85 -11.56 -3.28 17.43
N GLY E 86 -11.02 -2.07 17.34
CA GLY E 86 -11.16 -1.24 16.16
C GLY E 86 -12.50 -0.53 16.02
N ARG E 87 -13.21 -0.33 17.13
CA ARG E 87 -14.54 0.29 17.06
C ARG E 87 -14.42 1.79 16.93
N THR E 88 -14.48 2.32 15.71
CA THR E 88 -14.24 3.74 15.58
C THR E 88 -15.44 4.53 16.15
N GLU E 89 -16.60 3.89 16.21
CA GLU E 89 -17.76 4.49 16.91
C GLU E 89 -17.43 4.98 18.34
N VAL E 90 -16.67 4.18 19.07
CA VAL E 90 -16.30 4.55 20.44
C VAL E 90 -15.22 5.64 20.43
N ALA E 91 -14.28 5.54 19.51
CA ALA E 91 -13.30 6.61 19.32
C ALA E 91 -13.97 7.96 19.02
N ASP E 92 -15.00 7.93 18.17
CA ASP E 92 -15.79 9.14 17.84
C ASP E 92 -16.46 9.70 19.07
N ALA E 93 -17.04 8.84 19.89
CA ALA E 93 -17.73 9.27 21.12
C ALA E 93 -16.76 9.91 22.13
N ILE E 94 -15.58 9.29 22.27
CA ILE E 94 -14.51 9.81 23.11
C ILE E 94 -14.07 11.18 22.64
N TYR E 95 -13.89 11.31 21.34
CA TYR E 95 -13.39 12.52 20.70
C TYR E 95 -14.36 13.67 20.90
N LYS E 96 -15.62 13.39 20.63
CA LYS E 96 -16.71 14.34 20.82
C LYS E 96 -16.74 14.88 22.23
N GLN E 97 -16.66 14.02 23.21
CA GLN E 97 -16.61 14.47 24.59
C GLN E 97 -15.30 15.22 24.90
N ALA E 98 -14.18 14.78 24.35
CA ALA E 98 -12.89 15.48 24.57
C ALA E 98 -12.93 16.92 24.09
N LYS E 99 -13.57 17.17 22.94
CA LYS E 99 -13.79 18.54 22.43
C LYS E 99 -14.76 19.35 23.26
N GLU E 100 -15.86 18.74 23.64
CA GLU E 100 -16.93 19.44 24.33
C GLU E 100 -16.49 19.79 25.76
N LEU E 101 -16.11 18.77 26.54
CA LEU E 101 -15.54 18.93 27.88
C LEU E 101 -14.80 17.66 28.30
N ALA E 102 -13.48 17.69 28.18
CA ALA E 102 -12.66 16.53 28.51
C ALA E 102 -12.76 16.22 29.99
N TYR E 103 -12.72 17.27 30.81
CA TYR E 103 -12.71 17.11 32.25
C TYR E 103 -13.22 18.31 33.04
N TYR E 104 -14.09 17.98 33.99
CA TYR E 104 -14.23 18.75 35.20
C TYR E 104 -14.48 17.74 36.31
N HIS E 105 -14.27 18.14 37.55
CA HIS E 105 -14.52 17.24 38.67
C HIS E 105 -16.01 17.02 38.87
N THR E 106 -16.35 16.03 39.68
CA THR E 106 -17.72 15.77 40.08
C THR E 106 -17.91 15.90 41.58
N TYR E 107 -17.00 16.62 42.22
CA TYR E 107 -17.10 16.96 43.65
C TYR E 107 -18.28 17.92 43.89
N VAL E 108 -18.83 17.86 45.10
CA VAL E 108 -19.86 18.81 45.56
C VAL E 108 -20.99 18.95 44.53
N GLY E 109 -21.55 17.82 44.11
CA GLY E 109 -22.72 17.83 43.24
C GLY E 109 -22.53 18.18 41.78
N HIS E 110 -21.27 18.35 41.33
CA HIS E 110 -21.00 18.65 39.93
C HIS E 110 -21.09 17.39 39.06
N SER E 111 -21.60 17.55 37.85
CA SER E 111 -21.79 16.45 36.90
C SER E 111 -21.53 16.88 35.46
N THR E 112 -21.42 15.88 34.58
CA THR E 112 -21.75 16.01 33.18
C THR E 112 -23.03 15.27 32.90
N GLU E 113 -23.57 15.55 31.72
CA GLU E 113 -24.69 14.81 31.18
C GLU E 113 -24.38 13.31 31.02
N ALA E 114 -23.20 13.00 30.50
CA ALA E 114 -22.76 11.63 30.24
C ALA E 114 -22.73 10.79 31.52
N ILE E 115 -22.17 11.32 32.61
CA ILE E 115 -22.07 10.53 33.81
C ILE E 115 -23.45 10.28 34.44
N ILE E 116 -24.34 11.25 34.31
CA ILE E 116 -25.69 11.07 34.80
C ILE E 116 -26.39 9.98 34.00
N GLU E 117 -26.29 10.05 32.68
CA GLU E 117 -26.96 9.11 31.81
C GLU E 117 -26.44 7.69 32.05
N LEU E 118 -25.11 7.58 32.16
CA LEU E 118 -24.47 6.30 32.43
C LEU E 118 -24.94 5.68 33.74
N SER E 119 -25.04 6.51 34.77
CA SER E 119 -25.49 6.04 36.07
C SER E 119 -26.90 5.50 35.97
N SER E 120 -27.81 6.22 35.31
CA SER E 120 -29.18 5.65 35.22
C SER E 120 -29.25 4.41 34.34
N ARG E 121 -28.47 4.35 33.28
CA ARG E 121 -28.47 3.16 32.41
C ARG E 121 -27.91 1.92 33.10
N ILE E 122 -26.86 2.08 33.90
CA ILE E 122 -26.33 0.94 34.64
C ILE E 122 -27.42 0.36 35.57
N ILE E 123 -28.06 1.23 36.33
CA ILE E 123 -29.03 0.80 37.33
C ILE E 123 -30.28 0.21 36.69
N ARG E 124 -30.78 0.87 35.65
CA ARG E 124 -32.05 0.50 35.03
C ARG E 124 -31.92 -0.71 34.11
N ASP E 125 -30.84 -0.80 33.33
CA ASP E 125 -30.76 -1.83 32.28
C ASP E 125 -29.84 -3.00 32.58
N TRP E 126 -28.87 -2.84 33.47
CA TRP E 126 -27.82 -3.87 33.64
C TRP E 126 -27.72 -4.46 35.04
N ALA E 127 -27.85 -3.64 36.07
CA ALA E 127 -27.67 -4.10 37.43
C ALA E 127 -28.86 -4.92 37.87
N PRO E 128 -28.66 -5.83 38.82
CA PRO E 128 -29.83 -6.57 39.33
C PRO E 128 -30.75 -5.68 40.17
N ALA E 129 -31.90 -6.23 40.52
CA ALA E 129 -32.96 -5.46 41.18
C ALA E 129 -32.51 -4.97 42.56
N GLY E 130 -33.03 -3.83 42.97
CA GLY E 130 -32.68 -3.23 44.26
C GLY E 130 -31.31 -2.58 44.35
N MET E 131 -30.67 -2.31 43.21
CA MET E 131 -29.45 -1.51 43.21
C MET E 131 -29.90 -0.05 43.08
N LYS E 132 -29.14 0.88 43.65
CA LYS E 132 -29.56 2.26 43.70
C LYS E 132 -28.58 3.29 43.13
N LYS E 133 -27.34 3.28 43.59
CA LYS E 133 -26.37 4.33 43.25
C LYS E 133 -25.09 3.77 42.65
N VAL E 134 -24.39 4.61 41.88
CA VAL E 134 -23.12 4.24 41.24
C VAL E 134 -22.02 5.23 41.61
N TYR E 135 -20.87 4.70 42.03
CA TYR E 135 -19.71 5.54 42.34
C TYR E 135 -18.57 5.14 41.41
N TYR E 136 -17.88 6.11 40.82
CA TYR E 136 -16.91 5.83 39.77
C TYR E 136 -15.46 6.02 40.17
N GLY E 137 -14.64 5.06 39.75
CA GLY E 137 -13.20 5.18 39.78
C GLY E 137 -12.65 4.80 38.42
N LEU E 138 -11.42 4.29 38.42
CA LEU E 138 -10.69 4.07 37.18
C LEU E 138 -10.26 2.66 36.94
N SER E 139 -10.20 1.86 38.00
CA SER E 139 -9.75 0.48 37.92
C SER E 139 -10.54 -0.41 38.88
N GLY E 140 -10.58 -1.69 38.55
CA GLY E 140 -11.17 -2.70 39.42
C GLY E 140 -10.61 -2.63 40.82
N SER E 141 -9.31 -2.36 40.95
CA SER E 141 -8.67 -2.36 42.26
C SER E 141 -9.16 -1.19 43.09
N ASP E 142 -9.21 0.00 42.51
CA ASP E 142 -9.67 1.15 43.29
C ASP E 142 -11.18 1.01 43.60
N ALA E 143 -11.90 0.29 42.74
CA ALA E 143 -13.30 -0.01 43.02
C ALA E 143 -13.42 -0.86 44.28
N ASN E 144 -12.66 -1.94 44.37
CA ASN E 144 -12.70 -2.77 45.58
C ASN E 144 -12.13 -2.06 46.79
N GLU E 145 -11.23 -1.10 46.60
CA GLU E 145 -10.75 -0.26 47.70
C GLU E 145 -11.90 0.57 48.24
N THR E 146 -12.69 1.16 47.34
CA THR E 146 -13.92 1.86 47.69
C THR E 146 -14.88 0.94 48.47
N GLN E 147 -15.04 -0.30 48.01
CA GLN E 147 -15.88 -1.27 48.72
C GLN E 147 -15.43 -1.44 50.17
N ILE E 148 -14.12 -1.61 50.41
CA ILE E 148 -13.64 -1.76 51.78
C ILE E 148 -14.01 -0.52 52.60
N LYS E 149 -13.77 0.68 52.06
CA LYS E 149 -14.10 1.92 52.78
C LYS E 149 -15.59 2.03 53.14
N LEU E 150 -16.42 1.47 52.27
CA LEU E 150 -17.85 1.60 52.39
C LEU E 150 -18.39 0.66 53.44
N VAL E 151 -17.86 -0.56 53.46
CA VAL E 151 -18.19 -1.60 54.42
C VAL E 151 -17.84 -1.15 55.85
N ARG E 152 -16.67 -0.56 56.02
CA ARG E 152 -16.28 -0.01 57.30
C ARG E 152 -17.20 1.13 57.75
N TYR E 153 -17.44 2.06 56.83
CA TYR E 153 -18.28 3.23 57.10
C TYR E 153 -19.64 2.77 57.56
N TYR E 154 -20.26 1.89 56.79
CA TYR E 154 -21.57 1.30 57.10
C TYR E 154 -21.64 0.82 58.55
N ASN E 155 -20.69 -0.03 58.93
CA ASN E 155 -20.68 -0.56 60.29
C ASN E 155 -20.42 0.50 61.35
N ASN E 156 -19.45 1.38 61.13
CA ASN E 156 -19.19 2.43 62.11
C ASN E 156 -20.41 3.31 62.39
N VAL E 157 -21.13 3.73 61.35
CA VAL E 157 -22.26 4.62 61.55
C VAL E 157 -23.52 3.91 62.06
N LEU E 158 -23.53 2.58 62.00
CA LEU E 158 -24.54 1.77 62.68
C LEU E 158 -24.11 1.38 64.11
N GLY E 159 -23.00 1.93 64.61
CA GLY E 159 -22.51 1.61 65.94
C GLY E 159 -21.99 0.20 66.16
N ARG E 160 -21.42 -0.42 65.13
CA ARG E 160 -20.82 -1.76 65.25
C ARG E 160 -19.33 -1.66 64.91
N PRO E 161 -18.54 -0.95 65.74
CA PRO E 161 -17.14 -0.74 65.38
C PRO E 161 -16.27 -1.99 65.32
N GLN E 162 -16.79 -3.15 65.70
CA GLN E 162 -16.01 -4.38 65.64
C GLN E 162 -16.25 -5.18 64.39
N LYS E 163 -17.36 -4.88 63.67
CA LYS E 163 -17.78 -5.67 62.51
C LYS E 163 -17.05 -5.13 61.26
N LYS E 164 -15.84 -5.65 61.03
CA LYS E 164 -14.91 -5.10 60.02
C LYS E 164 -14.20 -6.10 59.13
N LYS E 165 -14.16 -7.36 59.52
CA LYS E 165 -13.39 -8.33 58.78
C LYS E 165 -14.07 -8.63 57.46
N ILE E 166 -13.25 -8.87 56.43
CA ILE E 166 -13.75 -9.30 55.14
C ILE E 166 -13.28 -10.72 54.90
N ILE E 167 -14.17 -11.54 54.37
CA ILE E 167 -13.82 -12.88 53.96
C ILE E 167 -13.78 -12.94 52.45
N SER E 168 -12.67 -13.46 51.93
CA SER E 168 -12.47 -13.67 50.51
C SER E 168 -12.32 -15.16 50.30
N ARG E 169 -11.86 -15.57 49.14
CA ARG E 169 -11.66 -16.98 48.85
C ARG E 169 -10.31 -17.26 48.24
N GLN E 170 -9.94 -18.53 48.29
CA GLN E 170 -8.67 -19.02 47.83
C GLN E 170 -8.82 -19.01 46.31
N ARG E 171 -7.83 -18.43 45.64
CA ARG E 171 -7.81 -18.21 44.18
C ARG E 171 -8.71 -17.08 43.67
N GLY E 172 -9.31 -16.30 44.57
CA GLY E 172 -10.05 -15.12 44.15
C GLY E 172 -9.06 -14.08 43.66
N TYR E 173 -9.47 -13.31 42.64
CA TYR E 173 -8.70 -12.14 42.22
C TYR E 173 -9.57 -10.90 42.39
N HIS E 174 -9.08 -9.96 43.19
CA HIS E 174 -9.80 -8.73 43.50
C HIS E 174 -8.95 -7.48 43.37
N GLY E 175 -7.75 -7.61 42.82
CA GLY E 175 -6.88 -6.47 42.58
C GLY E 175 -5.48 -6.65 43.12
N SER E 176 -4.70 -5.60 42.94
CA SER E 176 -3.28 -5.65 43.09
C SER E 176 -2.76 -4.53 43.99
N GLY E 177 -3.61 -4.01 44.88
CA GLY E 177 -3.19 -3.01 45.87
C GLY E 177 -2.73 -3.74 47.13
N ILE E 178 -2.63 -3.02 48.23
CA ILE E 178 -2.32 -3.65 49.52
C ILE E 178 -3.53 -4.34 50.12
N MET E 179 -4.60 -3.58 50.27
CA MET E 179 -5.84 -4.08 50.83
C MET E 179 -6.52 -5.01 49.82
N THR E 180 -6.58 -4.57 48.57
CA THR E 180 -7.19 -5.40 47.52
C THR E 180 -6.32 -6.60 47.17
N GLY E 181 -5.00 -6.45 47.23
CA GLY E 181 -4.11 -7.60 47.12
C GLY E 181 -4.33 -8.63 48.22
N SER E 182 -4.65 -8.16 49.42
CA SER E 182 -5.00 -9.05 50.53
C SER E 182 -6.27 -9.85 50.23
N LEU E 183 -7.29 -9.20 49.69
CA LEU E 183 -8.50 -9.92 49.26
C LEU E 183 -8.15 -10.98 48.24
N THR E 184 -7.28 -10.61 47.30
CA THR E 184 -6.82 -11.54 46.29
C THR E 184 -6.23 -12.76 46.99
N GLY E 185 -6.61 -13.94 46.51
CA GLY E 185 -6.18 -15.20 47.10
C GLY E 185 -5.23 -15.96 46.20
N LEU E 186 -4.26 -15.26 45.63
CA LEU E 186 -3.23 -15.87 44.77
C LEU E 186 -1.90 -15.36 45.28
N PRO E 187 -0.96 -16.26 45.61
CA PRO E 187 0.24 -15.85 46.35
C PRO E 187 1.16 -14.81 45.64
N SER E 188 1.15 -14.73 44.33
CA SER E 188 2.05 -13.80 43.62
C SER E 188 1.73 -12.33 43.94
N PHE E 189 0.46 -12.05 44.21
CA PHE E 189 0.04 -10.71 44.61
C PHE E 189 0.32 -10.40 46.07
N HIS E 190 0.82 -11.39 46.81
CA HIS E 190 1.27 -11.19 48.19
C HIS E 190 2.77 -11.14 48.36
N GLN E 191 3.55 -11.65 47.41
CA GLN E 191 4.97 -11.90 47.65
C GLN E 191 5.78 -10.63 47.88
N HIS E 192 6.46 -10.61 49.03
CA HIS E 192 7.24 -9.48 49.51
C HIS E 192 6.45 -8.19 49.76
N PHE E 193 5.13 -8.29 49.91
CA PHE E 193 4.27 -7.14 50.24
C PHE E 193 3.65 -7.22 51.64
N ASP E 194 3.91 -8.32 52.37
CA ASP E 194 3.39 -8.53 53.72
C ASP E 194 1.89 -8.66 53.72
N LEU E 195 1.37 -9.48 52.82
CA LEU E 195 -0.05 -9.65 52.67
C LEU E 195 -0.36 -11.14 52.81
N PRO E 196 -1.59 -11.50 53.22
CA PRO E 196 -2.69 -10.58 53.48
C PRO E 196 -2.54 -9.90 54.79
N VAL E 197 -3.05 -8.68 54.85
CA VAL E 197 -3.13 -7.90 56.07
C VAL E 197 -4.05 -8.61 57.05
N GLU E 198 -3.82 -8.41 58.34
CA GLU E 198 -4.71 -8.98 59.37
C GLU E 198 -6.10 -8.41 59.22
N GLY E 199 -7.11 -9.26 59.34
CA GLY E 199 -8.50 -8.82 59.18
C GLY E 199 -9.13 -9.31 57.90
N ILE E 200 -8.34 -9.86 57.00
CA ILE E 200 -8.89 -10.48 55.81
C ILE E 200 -8.56 -11.96 55.87
N LYS E 201 -9.57 -12.79 55.61
CA LYS E 201 -9.45 -14.24 55.69
C LYS E 201 -9.94 -14.88 54.40
N HIS E 202 -9.53 -16.13 54.19
CA HIS E 202 -9.83 -16.83 52.94
C HIS E 202 -10.46 -18.19 53.19
N THR E 203 -11.72 -18.37 52.81
CA THR E 203 -12.37 -19.66 52.86
C THR E 203 -12.01 -20.38 51.57
N VAL E 204 -12.73 -21.47 51.27
CA VAL E 204 -12.30 -22.37 50.21
C VAL E 204 -12.70 -21.98 48.80
N CYS E 205 -11.82 -22.34 47.88
CA CYS E 205 -12.04 -22.24 46.45
C CYS E 205 -13.08 -23.27 46.05
N PRO E 206 -14.23 -22.83 45.51
CA PRO E 206 -15.28 -23.78 45.18
C PRO E 206 -15.06 -24.50 43.84
N HIS E 207 -13.98 -25.25 43.74
CA HIS E 207 -13.65 -25.98 42.53
C HIS E 207 -13.99 -27.46 42.72
N TRP E 208 -15.10 -27.91 42.12
CA TRP E 208 -15.62 -29.26 42.41
C TRP E 208 -14.62 -30.36 42.06
N TYR E 209 -14.08 -30.27 40.85
CA TYR E 209 -13.04 -31.19 40.40
C TYR E 209 -11.93 -31.44 41.43
N LYS E 210 -11.63 -30.46 42.28
CA LYS E 210 -10.58 -30.62 43.30
C LYS E 210 -11.13 -30.72 44.70
N ALA E 211 -12.36 -31.21 44.82
CA ALA E 211 -13.02 -31.33 46.11
C ALA E 211 -12.39 -32.49 46.88
N PRO E 212 -12.58 -32.53 48.21
CA PRO E 212 -12.22 -33.76 48.94
C PRO E 212 -12.76 -35.01 48.22
N ALA E 213 -11.93 -36.04 48.09
CA ALA E 213 -12.23 -37.19 47.23
C ALA E 213 -13.52 -37.87 47.67
N GLY E 214 -14.33 -38.25 46.69
CA GLY E 214 -15.58 -38.94 46.97
C GLY E 214 -16.81 -38.05 47.14
N MET E 215 -16.64 -36.77 47.48
CA MET E 215 -17.79 -35.86 47.58
C MET E 215 -18.47 -35.63 46.23
N ASP E 216 -19.79 -35.74 46.21
CA ASP E 216 -20.56 -35.38 45.02
C ASP E 216 -20.84 -33.85 45.05
N GLU E 217 -21.46 -33.35 43.99
CA GLU E 217 -21.65 -31.91 43.83
C GLU E 217 -22.35 -31.32 45.07
N ALA E 218 -23.51 -31.88 45.39
CA ALA E 218 -24.30 -31.41 46.53
C ALA E 218 -23.53 -31.47 47.87
N ALA E 219 -22.68 -32.48 48.03
CA ALA E 219 -21.89 -32.64 49.25
C ALA E 219 -20.83 -31.54 49.36
N PHE E 220 -20.18 -31.27 48.23
CA PHE E 220 -19.15 -30.23 48.16
C PHE E 220 -19.74 -28.86 48.47
N VAL E 221 -20.94 -28.59 47.97
CA VAL E 221 -21.64 -27.35 48.28
C VAL E 221 -21.79 -27.21 49.79
N ARG E 222 -22.26 -28.30 50.42
CA ARG E 222 -22.45 -28.31 51.87
C ARG E 222 -21.15 -28.08 52.62
N TYR E 223 -20.10 -28.76 52.17
CA TYR E 223 -18.74 -28.57 52.70
C TYR E 223 -18.33 -27.09 52.68
N CYS E 224 -18.54 -26.43 51.52
CA CYS E 224 -18.13 -25.04 51.36
C CYS E 224 -18.90 -24.14 52.32
N ALA E 225 -20.21 -24.38 52.41
CA ALA E 225 -21.08 -23.64 53.34
C ALA E 225 -20.64 -23.82 54.79
N ASP E 226 -20.38 -25.08 55.16
CA ASP E 226 -20.00 -25.42 56.55
C ASP E 226 -18.65 -24.80 56.89
N GLU E 227 -17.70 -24.88 55.96
CA GLU E 227 -16.39 -24.28 56.18
C GLU E 227 -16.46 -22.76 56.40
N LEU E 228 -17.32 -22.10 55.64
CA LEU E 228 -17.60 -20.67 55.81
C LEU E 228 -18.27 -20.35 57.15
N GLU E 229 -19.32 -21.10 57.47
CA GLU E 229 -19.98 -21.01 58.78
C GLU E 229 -18.93 -21.15 59.87
N LYS E 230 -18.11 -22.20 59.75
CA LYS E 230 -17.09 -22.51 60.73
C LYS E 230 -16.18 -21.31 60.94
N LEU E 231 -15.74 -20.73 59.84
CA LEU E 231 -14.80 -19.63 59.87
C LEU E 231 -15.40 -18.36 60.45
N ILE E 232 -16.66 -18.09 60.12
CA ILE E 232 -17.37 -16.95 60.70
C ILE E 232 -17.45 -17.09 62.22
N LEU E 233 -17.86 -18.29 62.67
CA LEU E 233 -17.99 -18.59 64.10
C LEU E 233 -16.65 -18.52 64.82
N ALA E 234 -15.62 -19.13 64.23
CA ALA E 234 -14.25 -19.05 64.77
C ALA E 234 -13.77 -17.61 64.93
N GLU E 235 -14.15 -16.74 64.00
CA GLU E 235 -13.73 -15.34 64.07
C GLU E 235 -14.64 -14.51 64.97
N GLY E 236 -15.92 -14.90 65.05
CA GLY E 236 -16.93 -14.19 65.82
C GLY E 236 -17.80 -13.37 64.87
N PRO E 237 -19.06 -13.79 64.65
CA PRO E 237 -19.94 -13.10 63.67
C PRO E 237 -20.07 -11.60 63.89
N ASP E 238 -19.93 -11.14 65.12
CA ASP E 238 -19.96 -9.70 65.42
C ASP E 238 -18.74 -8.95 64.89
N THR E 239 -17.69 -9.68 64.46
CA THR E 239 -16.49 -9.08 63.87
C THR E 239 -16.40 -9.20 62.34
N VAL E 240 -17.35 -9.88 61.70
CA VAL E 240 -17.29 -10.13 60.25
C VAL E 240 -18.28 -9.26 59.48
N ALA E 241 -17.76 -8.39 58.61
CA ALA E 241 -18.57 -7.39 57.91
C ALA E 241 -19.06 -7.81 56.53
N ALA E 242 -18.19 -8.46 55.76
CA ALA E 242 -18.49 -8.73 54.36
C ALA E 242 -17.81 -9.98 53.84
N PHE E 243 -18.39 -10.48 52.76
CA PHE E 243 -17.87 -11.59 51.99
C PHE E 243 -17.80 -11.13 50.55
N ILE E 244 -16.65 -11.34 49.92
CA ILE E 244 -16.46 -10.90 48.55
C ILE E 244 -16.22 -12.09 47.66
N GLY E 245 -16.86 -12.10 46.50
CA GLY E 245 -16.61 -13.13 45.53
C GLY E 245 -17.01 -12.80 44.11
N GLU E 246 -16.23 -13.30 43.17
CA GLU E 246 -16.60 -13.31 41.75
C GLU E 246 -17.65 -14.41 41.54
N PRO E 247 -18.71 -14.13 40.77
CA PRO E 247 -19.65 -15.20 40.45
C PRO E 247 -18.94 -16.41 39.83
N VAL E 248 -18.09 -16.14 38.83
CA VAL E 248 -17.18 -17.10 38.25
C VAL E 248 -15.78 -16.53 38.42
N MET E 249 -14.91 -17.32 39.02
CA MET E 249 -13.53 -16.90 39.25
C MET E 249 -12.78 -16.86 37.94
N GLY E 250 -12.17 -15.72 37.65
CA GLY E 250 -11.55 -15.48 36.37
C GLY E 250 -10.08 -15.76 36.41
N THR E 251 -9.34 -14.86 37.02
CA THR E 251 -7.90 -14.95 36.97
C THR E 251 -7.39 -16.21 37.67
N GLY E 252 -8.25 -16.85 38.44
CA GLY E 252 -7.87 -17.99 39.20
C GLY E 252 -8.17 -19.42 38.79
N GLY E 253 -8.07 -19.88 37.56
CA GLY E 253 -8.69 -19.34 36.39
C GLY E 253 -9.89 -20.19 35.98
N ILE E 254 -11.02 -19.50 35.86
CA ILE E 254 -12.19 -19.96 35.18
C ILE E 254 -12.82 -21.09 35.95
N ILE E 255 -12.91 -20.88 37.26
CA ILE E 255 -13.57 -21.82 38.11
C ILE E 255 -15.05 -21.46 38.15
N VAL E 256 -15.89 -22.30 37.52
CA VAL E 256 -17.35 -22.17 37.61
C VAL E 256 -17.80 -22.78 38.94
N PRO E 257 -18.68 -22.09 39.69
CA PRO E 257 -19.08 -22.67 40.97
C PRO E 257 -19.99 -23.89 40.78
N PRO E 258 -20.02 -24.81 41.75
CA PRO E 258 -20.95 -25.92 41.65
C PRO E 258 -22.40 -25.47 41.76
N LYS E 259 -23.31 -26.26 41.20
CA LYS E 259 -24.76 -25.99 41.28
C LYS E 259 -25.20 -25.87 42.73
N GLY E 260 -25.87 -24.76 43.05
CA GLY E 260 -26.38 -24.52 44.41
C GLY E 260 -25.42 -23.84 45.37
N TYR E 261 -24.19 -23.61 44.91
CA TYR E 261 -23.17 -22.93 45.71
C TYR E 261 -23.61 -21.56 46.23
N TRP E 262 -24.12 -20.73 45.33
CA TRP E 262 -24.44 -19.37 45.71
C TRP E 262 -25.69 -19.27 46.61
N GLU E 263 -26.69 -20.13 46.39
CA GLU E 263 -27.83 -20.19 47.30
C GLU E 263 -27.37 -20.59 48.72
N ALA E 264 -26.51 -21.62 48.79
CA ALA E 264 -26.01 -22.14 50.06
C ALA E 264 -25.17 -21.11 50.81
N ILE E 265 -24.28 -20.44 50.08
CA ILE E 265 -23.41 -19.42 50.69
C ILE E 265 -24.22 -18.23 51.20
N GLN E 266 -25.18 -17.77 50.41
CA GLN E 266 -26.01 -16.63 50.82
C GLN E 266 -26.83 -16.91 52.08
N ALA E 267 -27.34 -18.13 52.24
CA ALA E 267 -28.04 -18.55 53.47
C ALA E 267 -27.14 -18.35 54.69
N VAL E 268 -25.89 -18.79 54.59
CA VAL E 268 -24.92 -18.57 55.67
C VAL E 268 -24.70 -17.08 55.91
N LEU E 269 -24.55 -16.31 54.84
CA LEU E 269 -24.31 -14.86 54.98
C LEU E 269 -25.49 -14.16 55.63
N ASN E 270 -26.72 -14.55 55.27
CA ASN E 270 -27.92 -13.99 55.89
C ASN E 270 -28.02 -14.32 57.37
N LYS E 271 -27.74 -15.57 57.72
CA LYS E 271 -27.74 -16.01 59.10
C LYS E 271 -26.89 -15.13 60.01
N TYR E 272 -25.71 -14.73 59.55
CA TYR E 272 -24.79 -13.92 60.39
C TYR E 272 -24.71 -12.44 60.05
N ASP E 273 -25.62 -11.96 59.20
CA ASP E 273 -25.70 -10.56 58.81
C ASP E 273 -24.37 -10.03 58.22
N VAL E 274 -23.89 -10.76 57.21
CA VAL E 274 -22.64 -10.44 56.53
C VAL E 274 -22.98 -9.99 55.11
N LEU E 275 -22.48 -8.81 54.73
CA LEU E 275 -22.73 -8.25 53.39
C LEU E 275 -22.09 -9.08 52.28
N LEU E 276 -22.79 -9.19 51.16
CA LEU E 276 -22.25 -9.84 49.97
C LEU E 276 -21.78 -8.79 48.97
N ILE E 277 -20.49 -8.85 48.65
CA ILE E 277 -19.88 -8.03 47.61
C ILE E 277 -19.68 -8.91 46.40
N ALA E 278 -20.41 -8.65 45.33
CA ALA E 278 -20.19 -9.40 44.08
C ALA E 278 -19.13 -8.68 43.26
N ASP E 279 -18.02 -9.34 43.02
CA ASP E 279 -16.97 -8.79 42.19
C ASP E 279 -17.19 -9.20 40.76
N GLU E 280 -17.81 -8.30 40.01
CA GLU E 280 -18.25 -8.57 38.66
C GLU E 280 -17.35 -7.92 37.63
N VAL E 281 -16.09 -7.66 37.99
CA VAL E 281 -15.21 -6.97 37.07
C VAL E 281 -15.10 -7.75 35.75
N VAL E 282 -15.04 -9.07 35.82
CA VAL E 282 -15.02 -9.90 34.62
C VAL E 282 -16.41 -10.21 34.08
N CYS E 283 -17.31 -10.57 34.98
CA CYS E 283 -18.62 -11.15 34.59
C CYS E 283 -19.64 -10.14 34.06
N ALA E 284 -19.52 -8.87 34.46
CA ALA E 284 -20.51 -7.88 34.09
C ALA E 284 -20.49 -7.51 32.62
N PHE E 285 -21.66 -7.08 32.17
CA PHE E 285 -21.90 -6.55 30.84
C PHE E 285 -21.73 -7.56 29.74
N GLY E 286 -22.25 -8.76 29.99
CA GLY E 286 -22.56 -9.72 28.91
C GLY E 286 -21.67 -10.95 28.80
N ARG E 287 -20.56 -10.94 29.52
CA ARG E 287 -19.51 -11.92 29.32
C ARG E 287 -19.98 -13.37 29.51
N LEU E 288 -20.83 -13.62 30.49
CA LEU E 288 -21.32 -14.98 30.73
C LEU E 288 -22.61 -15.32 29.98
N GLY E 289 -23.05 -14.48 29.06
CA GLY E 289 -24.33 -14.68 28.37
C GLY E 289 -25.54 -14.20 29.15
N SER E 290 -25.29 -13.50 30.26
CA SER E 290 -26.28 -12.82 31.06
C SER E 290 -25.80 -11.40 31.28
N LYS E 291 -26.68 -10.54 31.77
CA LYS E 291 -26.35 -9.15 32.00
C LYS E 291 -25.15 -9.04 32.91
N MET E 292 -25.24 -9.69 34.05
CA MET E 292 -24.11 -9.87 34.96
C MET E 292 -24.18 -11.29 35.50
N GLY E 293 -23.12 -11.73 36.14
CA GLY E 293 -23.08 -13.03 36.79
C GLY E 293 -24.04 -13.17 37.94
N SER E 294 -24.28 -12.08 38.64
CA SER E 294 -25.14 -12.10 39.80
C SER E 294 -26.58 -12.52 39.45
N GLN E 295 -27.17 -11.98 38.38
CA GLN E 295 -28.48 -12.46 37.92
C GLN E 295 -28.40 -13.93 37.51
N ARG E 296 -27.34 -14.27 36.81
CA ARG E 296 -27.18 -15.61 36.28
C ARG E 296 -27.13 -16.68 37.35
N TYR E 297 -26.45 -16.41 38.45
CA TYR E 297 -26.28 -17.37 39.53
C TYR E 297 -27.22 -17.15 40.72
N GLY E 298 -28.24 -16.29 40.56
CA GLY E 298 -29.15 -15.98 41.66
C GLY E 298 -28.50 -15.33 42.86
N MET E 299 -27.43 -14.55 42.64
CA MET E 299 -26.85 -13.78 43.73
C MET E 299 -27.65 -12.51 43.92
N ARG E 300 -27.70 -12.06 45.18
CA ARG E 300 -28.41 -10.85 45.58
C ARG E 300 -27.41 -10.04 46.39
N PRO E 301 -26.44 -9.42 45.71
CA PRO E 301 -25.41 -8.71 46.45
C PRO E 301 -25.89 -7.38 47.00
N ASP E 302 -25.18 -6.91 48.01
CA ASP E 302 -25.39 -5.60 48.60
C ASP E 302 -24.54 -4.55 47.91
N LEU E 303 -23.41 -4.98 47.36
CA LEU E 303 -22.47 -4.11 46.65
C LEU E 303 -21.91 -4.87 45.47
N ILE E 304 -21.66 -4.17 44.37
CA ILE E 304 -21.12 -4.77 43.16
C ILE E 304 -19.94 -3.97 42.62
N THR E 305 -18.89 -4.69 42.25
CA THR E 305 -17.71 -4.10 41.63
C THR E 305 -17.72 -4.36 40.13
N THR E 306 -17.49 -3.32 39.33
CA THR E 306 -17.36 -3.47 37.88
C THR E 306 -16.22 -2.62 37.32
N ALA E 307 -15.67 -3.10 36.21
CA ALA E 307 -14.68 -2.38 35.40
C ALA E 307 -14.62 -3.09 34.04
N LYS E 308 -13.46 -3.16 33.40
CA LYS E 308 -13.25 -3.99 32.18
C LYS E 308 -14.35 -3.86 31.12
N GLY E 309 -15.33 -4.76 31.14
CA GLY E 309 -16.40 -4.75 30.16
C GLY E 309 -17.34 -3.56 30.20
N LEU E 310 -17.26 -2.77 31.26
CA LEU E 310 -17.99 -1.52 31.37
C LEU E 310 -17.67 -0.53 30.22
N THR E 311 -16.41 -0.50 29.78
CA THR E 311 -15.98 0.30 28.63
C THR E 311 -15.38 -0.52 27.50
N SER E 312 -15.36 -1.85 27.65
CA SER E 312 -14.54 -2.71 26.79
C SER E 312 -13.08 -2.23 26.69
N ALA E 313 -12.60 -1.60 27.76
CA ALA E 313 -11.27 -1.03 27.86
C ALA E 313 -10.95 0.13 26.92
N TYR E 314 -11.94 0.68 26.22
CA TYR E 314 -11.66 1.82 25.32
C TYR E 314 -11.22 3.05 26.12
N ALA E 315 -11.63 3.08 27.37
CA ALA E 315 -11.12 4.03 28.33
C ALA E 315 -11.19 3.45 29.73
N PRO E 316 -10.30 3.91 30.63
CA PRO E 316 -10.31 3.37 31.98
C PRO E 316 -11.50 3.88 32.78
N LEU E 317 -12.26 2.96 33.38
CA LEU E 317 -13.37 3.31 34.24
C LEU E 317 -13.73 2.12 35.10
N SER E 318 -14.09 2.40 36.33
CA SER E 318 -14.63 1.40 37.25
C SER E 318 -15.90 1.98 37.88
N ALA E 319 -16.78 1.09 38.30
CA ALA E 319 -18.02 1.50 38.92
C ALA E 319 -18.33 0.61 40.09
N VAL E 320 -18.61 1.22 41.24
CA VAL E 320 -19.15 0.51 42.38
C VAL E 320 -20.64 0.75 42.38
N ILE E 321 -21.41 -0.33 42.36
CA ILE E 321 -22.86 -0.22 42.37
C ILE E 321 -23.33 -0.53 43.77
N VAL E 322 -24.06 0.41 44.37
CA VAL E 322 -24.45 0.35 45.77
C VAL E 322 -25.93 0.01 45.89
N GLY E 323 -26.23 -1.04 46.65
CA GLY E 323 -27.61 -1.45 46.94
C GLY E 323 -28.38 -0.51 47.83
N GLU E 324 -29.70 -0.68 47.82
CA GLU E 324 -30.61 0.14 48.65
C GLU E 324 -30.24 0.10 50.13
N LYS E 325 -30.01 -1.10 50.66
CA LYS E 325 -29.72 -1.25 52.08
C LYS E 325 -28.55 -0.38 52.50
N VAL E 326 -27.41 -0.55 51.82
CA VAL E 326 -26.19 0.19 52.13
C VAL E 326 -26.32 1.67 51.80
N TRP E 327 -26.95 2.01 50.67
CA TRP E 327 -27.10 3.41 50.31
C TRP E 327 -27.90 4.16 51.38
N ASP E 328 -29.03 3.57 51.82
CA ASP E 328 -29.91 4.25 52.78
C ASP E 328 -29.18 4.55 54.07
N VAL E 329 -28.33 3.62 54.52
CA VAL E 329 -27.53 3.85 55.71
C VAL E 329 -26.53 4.99 55.50
N ILE E 330 -25.85 5.00 54.35
CA ILE E 330 -24.92 6.08 54.03
C ILE E 330 -25.62 7.42 53.98
N GLU E 331 -26.81 7.45 53.37
CA GLU E 331 -27.56 8.70 53.21
C GLU E 331 -27.98 9.28 54.56
N LYS E 332 -28.55 8.44 55.43
CA LYS E 332 -29.02 8.88 56.74
C LYS E 332 -27.84 9.40 57.56
N ALA E 333 -26.76 8.63 57.56
CA ALA E 333 -25.59 8.97 58.33
C ALA E 333 -25.00 10.33 58.03
N SER E 334 -25.07 10.78 56.77
CA SER E 334 -24.50 12.07 56.40
C SER E 334 -25.14 13.22 57.17
N GLN E 335 -26.42 13.05 57.55
CA GLN E 335 -27.13 14.08 58.30
C GLN E 335 -26.44 14.46 59.59
N LYS E 336 -26.06 13.45 60.38
CA LYS E 336 -25.31 13.71 61.62
C LYS E 336 -23.79 13.73 61.41
N GLU E 337 -23.29 12.94 60.47
CA GLU E 337 -21.83 12.75 60.32
C GLU E 337 -21.16 13.64 59.27
N GLY E 338 -21.96 14.36 58.48
CA GLY E 338 -21.43 15.18 57.39
C GLY E 338 -21.04 14.37 56.18
N ALA E 339 -20.48 15.05 55.19
CA ALA E 339 -20.08 14.39 53.94
C ALA E 339 -19.04 13.30 54.21
N MET E 340 -19.24 12.16 53.56
CA MET E 340 -18.26 11.08 53.56
C MET E 340 -16.96 11.54 52.92
N GLY E 341 -15.83 11.26 53.56
CA GLY E 341 -14.53 11.73 53.06
C GLY E 341 -13.94 10.77 52.06
N HIS E 342 -14.55 10.71 50.88
CA HIS E 342 -14.09 9.81 49.84
C HIS E 342 -14.23 10.51 48.50
N GLY E 343 -13.15 10.48 47.73
CA GLY E 343 -13.13 11.15 46.44
C GLY E 343 -11.82 10.88 45.71
N TRP E 344 -11.94 10.51 44.44
CA TRP E 344 -10.83 10.52 43.50
C TRP E 344 -10.98 11.74 42.59
N THR E 345 -9.88 12.42 42.28
CA THR E 345 -9.87 13.54 41.34
C THR E 345 -10.60 13.21 40.02
N TYR E 346 -10.36 12.02 39.49
CA TYR E 346 -10.93 11.61 38.21
C TYR E 346 -12.17 10.76 38.30
N SER E 347 -12.80 10.75 39.47
CA SER E 347 -14.10 10.09 39.60
C SER E 347 -15.09 10.73 38.63
N GLY E 348 -15.67 9.90 37.78
CA GLY E 348 -16.68 10.33 36.81
C GLY E 348 -16.13 11.02 35.57
N HIS E 349 -14.86 10.76 35.28
CA HIS E 349 -14.16 11.39 34.17
C HIS E 349 -14.99 11.32 32.89
N PRO E 350 -15.29 12.49 32.31
CA PRO E 350 -16.21 12.57 31.18
C PRO E 350 -15.86 11.73 29.97
N ILE E 351 -14.61 11.73 29.52
CA ILE E 351 -14.30 10.94 28.32
C ILE E 351 -14.50 9.44 28.61
N CYS E 352 -14.24 9.03 29.84
CA CYS E 352 -14.43 7.64 30.22
C CYS E 352 -15.90 7.27 30.26
N ALA E 353 -16.72 8.17 30.79
CA ALA E 353 -18.16 8.01 30.78
C ALA E 353 -18.69 7.90 29.35
N ALA E 354 -18.21 8.78 28.48
CA ALA E 354 -18.63 8.79 27.09
C ALA E 354 -18.29 7.47 26.41
N ALA E 355 -17.11 6.92 26.72
CA ALA E 355 -16.71 5.65 26.18
C ALA E 355 -17.63 4.54 26.65
N ALA E 356 -17.99 4.56 27.93
CA ALA E 356 -18.90 3.57 28.48
C ALA E 356 -20.25 3.60 27.78
N LEU E 357 -20.77 4.81 27.57
CA LEU E 357 -22.08 4.95 26.91
C LEU E 357 -22.04 4.34 25.50
N ALA E 358 -21.00 4.62 24.75
CA ALA E 358 -20.85 4.07 23.42
C ALA E 358 -20.71 2.53 23.46
N ASN E 359 -19.92 2.06 24.42
CA ASN E 359 -19.77 0.65 24.65
C ASN E 359 -21.12 0.01 24.95
N LEU E 360 -21.89 0.61 25.84
CA LEU E 360 -23.20 0.06 26.15
C LEU E 360 -24.14 0.09 24.93
N ASP E 361 -24.10 1.17 24.16
CA ASP E 361 -24.91 1.27 22.95
C ASP E 361 -24.63 0.07 22.04
N ILE E 362 -23.37 -0.30 21.92
CA ILE E 362 -22.98 -1.38 21.01
C ILE E 362 -23.39 -2.75 21.55
N LEU E 363 -23.14 -2.98 22.84
CA LEU E 363 -23.59 -4.19 23.48
C LEU E 363 -25.10 -4.45 23.30
N GLU E 364 -25.89 -3.39 23.43
CA GLU E 364 -27.34 -3.49 23.34
C GLU E 364 -27.79 -3.66 21.89
N ARG E 365 -27.21 -2.87 20.99
CA ARG E 365 -27.63 -2.88 19.59
C ARG E 365 -27.38 -4.19 18.88
N GLU E 366 -26.22 -4.79 19.11
CA GLU E 366 -25.86 -6.05 18.46
C GLU E 366 -26.20 -7.27 19.31
N ASN E 367 -26.91 -7.06 20.42
CA ASN E 367 -27.17 -8.07 21.47
C ASN E 367 -26.02 -9.02 21.69
N LEU E 368 -24.91 -8.48 22.15
CA LEU E 368 -23.68 -9.25 22.36
C LEU E 368 -23.79 -10.13 23.57
N THR E 369 -24.71 -9.82 24.49
CA THR E 369 -25.03 -10.74 25.57
C THR E 369 -25.55 -12.08 25.01
N ALA E 370 -26.53 -12.01 24.11
CA ALA E 370 -27.04 -13.19 23.40
C ALA E 370 -25.96 -13.89 22.59
N ASN E 371 -25.17 -13.13 21.83
CA ASN E 371 -24.10 -13.76 21.07
C ASN E 371 -23.10 -14.46 21.97
N ALA E 372 -22.80 -13.87 23.13
CA ALA E 372 -21.93 -14.52 24.11
C ALA E 372 -22.49 -15.84 24.63
N ALA E 373 -23.80 -15.92 24.80
CA ALA E 373 -24.45 -17.16 25.25
C ALA E 373 -24.41 -18.23 24.16
N ASP E 374 -24.78 -17.83 22.95
CA ASP E 374 -24.79 -18.69 21.78
C ASP E 374 -23.40 -19.29 21.48
N VAL E 375 -22.48 -18.41 21.11
CA VAL E 375 -21.17 -18.81 20.62
C VAL E 375 -20.29 -19.27 21.76
N GLY E 376 -20.56 -18.78 22.97
CA GLY E 376 -19.87 -19.24 24.15
C GLY E 376 -20.20 -20.68 24.48
N ALA E 377 -21.47 -21.04 24.36
CA ALA E 377 -21.90 -22.44 24.57
C ALA E 377 -21.25 -23.29 23.48
N TYR E 378 -21.33 -22.83 22.25
CA TYR E 378 -20.70 -23.52 21.15
C TYR E 378 -19.19 -23.74 21.35
N LEU E 379 -18.48 -22.69 21.76
CA LEU E 379 -17.04 -22.78 21.97
C LEU E 379 -16.72 -23.75 23.10
N ASN E 380 -17.45 -23.62 24.20
CA ASN E 380 -17.29 -24.49 25.35
C ASN E 380 -17.53 -25.96 25.03
N GLN E 381 -18.52 -26.21 24.19
CA GLN E 381 -18.90 -27.56 23.82
C GLN E 381 -17.87 -28.11 22.84
N ARG E 382 -17.40 -27.29 21.92
CA ARG E 382 -16.31 -27.72 21.03
C ARG E 382 -15.00 -28.02 21.74
N LEU E 383 -14.70 -27.28 22.80
CA LEU E 383 -13.50 -27.55 23.60
C LEU E 383 -13.67 -28.87 24.34
N ARG E 384 -14.88 -29.16 24.75
CA ARG E 384 -15.23 -30.35 25.49
C ARG E 384 -15.05 -31.61 24.62
N GLU E 385 -15.64 -31.57 23.43
CA GLU E 385 -15.48 -32.65 22.45
C GLU E 385 -14.04 -32.88 22.14
N THR E 386 -13.32 -31.82 21.85
CA THR E 386 -11.95 -31.94 21.36
C THR E 386 -10.93 -32.25 22.47
N PHE E 387 -11.22 -31.96 23.74
CA PHE E 387 -10.19 -32.14 24.79
C PHE E 387 -10.55 -33.03 25.96
N GLU E 388 -11.81 -33.42 26.10
CA GLU E 388 -12.16 -34.33 27.22
C GLU E 388 -11.65 -35.70 26.80
N GLY E 389 -10.86 -36.32 27.67
CA GLY E 389 -10.18 -37.57 27.33
C GLY E 389 -8.79 -37.44 26.71
N HIS E 390 -8.46 -36.27 26.18
CA HIS E 390 -7.07 -35.98 25.77
C HIS E 390 -6.11 -36.20 26.97
N PRO E 391 -4.97 -36.90 26.76
CA PRO E 391 -4.17 -37.33 27.92
C PRO E 391 -3.47 -36.23 28.72
N LEU E 392 -3.21 -35.08 28.11
CA LEU E 392 -2.70 -33.89 28.83
C LEU E 392 -3.71 -33.18 29.75
N VAL E 393 -5.00 -33.29 29.43
CA VAL E 393 -6.04 -32.44 30.02
C VAL E 393 -6.76 -33.12 31.17
N GLY E 394 -6.74 -32.54 32.36
CA GLY E 394 -7.53 -33.04 33.50
C GLY E 394 -8.97 -32.57 33.56
N GLU E 395 -9.22 -31.34 33.11
CA GLU E 395 -10.58 -30.78 33.12
C GLU E 395 -10.74 -29.75 32.02
N VAL E 396 -11.93 -29.76 31.41
CA VAL E 396 -12.39 -28.69 30.55
C VAL E 396 -13.50 -28.00 31.31
N ARG E 397 -13.42 -26.68 31.42
CA ARG E 397 -14.48 -25.92 32.10
C ARG E 397 -14.75 -24.60 31.42
N GLY E 398 -15.88 -24.02 31.79
CA GLY E 398 -16.27 -22.74 31.25
C GLY E 398 -17.76 -22.45 31.32
N ASP E 399 -18.12 -21.22 30.98
CA ASP E 399 -19.48 -20.74 31.04
C ASP E 399 -19.55 -19.45 30.22
N GLY E 400 -20.57 -19.29 29.40
CA GLY E 400 -20.65 -18.18 28.48
C GLY E 400 -19.37 -18.13 27.66
N MET E 401 -18.78 -16.93 27.52
N MET E 401 -18.79 -16.93 27.51
CA MET E 401 -17.52 -16.76 26.78
CA MET E 401 -17.52 -16.75 26.79
C MET E 401 -16.31 -16.78 27.71
C MET E 401 -16.31 -16.78 27.71
N LEU E 402 -16.30 -17.71 28.66
CA LEU E 402 -15.11 -18.03 29.44
C LEU E 402 -14.93 -19.53 29.30
N ALA E 403 -13.70 -19.95 29.06
CA ALA E 403 -13.37 -21.35 28.99
C ALA E 403 -11.93 -21.60 29.40
N ALA E 404 -11.67 -22.81 29.86
CA ALA E 404 -10.31 -23.18 30.26
C ALA E 404 -10.07 -24.67 30.16
N LEU E 405 -8.82 -25.00 29.82
CA LEU E 405 -8.29 -26.35 29.87
C LEU E 405 -7.29 -26.38 31.01
N GLU E 406 -7.52 -27.22 32.02
CA GLU E 406 -6.50 -27.47 33.06
C GLU E 406 -5.75 -28.76 32.75
N PHE E 407 -4.41 -28.67 32.77
CA PHE E 407 -3.56 -29.80 32.45
C PHE E 407 -3.10 -30.49 33.74
N MET E 408 -3.25 -31.81 33.75
CA MET E 408 -2.89 -32.64 34.89
C MET E 408 -2.01 -33.82 34.47
N ALA E 409 -1.11 -34.20 35.37
CA ALA E 409 -0.31 -35.41 35.24
C ALA E 409 -1.18 -36.66 35.40
N ASP E 410 -2.13 -36.62 36.35
CA ASP E 410 -3.09 -37.72 36.57
C ASP E 410 -4.51 -37.19 36.79
N ARG E 411 -5.36 -37.38 35.77
CA ARG E 411 -6.73 -36.86 35.78
C ARG E 411 -7.54 -37.34 36.97
N GLU E 412 -7.71 -38.64 37.12
CA GLU E 412 -8.54 -39.19 38.22
C GLU E 412 -7.90 -38.98 39.58
N ALA E 413 -6.58 -39.04 39.64
CA ALA E 413 -5.88 -38.78 40.91
C ALA E 413 -5.88 -37.30 41.29
N ARG E 414 -6.18 -36.42 40.33
CA ARG E 414 -6.10 -34.97 40.54
C ARG E 414 -4.68 -34.58 40.91
N THR E 415 -3.73 -35.18 40.19
CA THR E 415 -2.32 -34.92 40.42
C THR E 415 -1.86 -33.91 39.37
N PRO E 416 -1.38 -32.73 39.81
CA PRO E 416 -0.89 -31.78 38.81
C PRO E 416 0.54 -32.11 38.38
N PHE E 417 0.95 -31.57 37.25
CA PHE E 417 2.36 -31.58 36.87
C PHE E 417 3.19 -30.77 37.86
N ASP E 418 4.48 -31.04 37.90
CA ASP E 418 5.45 -30.21 38.61
C ASP E 418 5.34 -28.79 38.02
N PRO E 419 5.06 -27.78 38.86
CA PRO E 419 4.98 -26.40 38.34
C PRO E 419 6.20 -25.96 37.48
N ALA E 420 7.40 -26.39 37.86
CA ALA E 420 8.63 -26.05 37.12
C ALA E 420 8.72 -26.63 35.70
N LEU E 421 7.86 -27.59 35.38
CA LEU E 421 7.76 -28.12 34.01
C LEU E 421 7.09 -27.11 33.04
N LYS E 422 6.31 -26.18 33.58
CA LYS E 422 5.73 -25.05 32.86
C LYS E 422 4.84 -25.47 31.70
N VAL E 423 3.99 -26.45 31.94
CA VAL E 423 3.13 -27.00 30.89
C VAL E 423 2.14 -25.96 30.36
N GLY E 424 1.46 -25.27 31.26
CA GLY E 424 0.56 -24.17 30.91
C GLY E 424 1.27 -23.15 30.02
N PRO E 425 2.34 -22.52 30.54
CA PRO E 425 3.10 -21.56 29.71
C PRO E 425 3.58 -22.12 28.37
N LYS E 426 3.94 -23.40 28.34
CA LYS E 426 4.39 -24.04 27.09
C LYS E 426 3.29 -24.12 26.04
N VAL E 427 2.09 -24.46 26.47
CA VAL E 427 0.94 -24.55 25.56
C VAL E 427 0.57 -23.15 25.01
N SER E 428 0.55 -22.17 25.92
CA SER E 428 0.36 -20.78 25.55
C SER E 428 1.39 -20.30 24.51
N ALA E 429 2.65 -20.62 24.74
CA ALA E 429 3.73 -20.26 23.80
C ALA E 429 3.56 -20.92 22.43
N ALA E 430 3.12 -22.18 22.44
CA ALA E 430 2.87 -22.88 21.19
C ALA E 430 1.68 -22.26 20.45
N CYS E 431 0.64 -21.88 21.19
CA CYS E 431 -0.48 -21.16 20.60
C CYS E 431 -0.03 -19.86 19.90
N LEU E 432 0.85 -19.13 20.58
CA LEU E 432 1.34 -17.85 20.04
C LEU E 432 2.19 -18.00 18.78
N GLU E 433 2.91 -19.10 18.66
CA GLU E 433 3.65 -19.40 17.43
C GLU E 433 2.71 -19.68 16.28
N ASP E 434 1.57 -20.33 16.55
CA ASP E 434 0.51 -20.49 15.53
C ASP E 434 -0.40 -19.26 15.37
N GLY E 435 -0.05 -18.13 16.00
CA GLY E 435 -0.79 -16.88 15.80
C GLY E 435 -2.02 -16.66 16.67
N MET E 436 -2.05 -17.25 17.87
CA MET E 436 -3.17 -17.05 18.78
C MET E 436 -2.71 -16.73 20.19
N ILE E 437 -3.39 -15.76 20.80
CA ILE E 437 -3.13 -15.40 22.18
C ILE E 437 -4.15 -16.04 23.09
N ALA E 438 -3.67 -16.89 23.98
CA ALA E 438 -4.50 -17.50 25.02
C ALA E 438 -3.62 -17.61 26.25
N ARG E 439 -4.16 -17.33 27.41
CA ARG E 439 -3.32 -17.03 28.56
C ARG E 439 -2.97 -18.28 29.34
N ALA E 440 -1.71 -18.37 29.74
CA ALA E 440 -1.30 -19.31 30.78
C ALA E 440 -1.71 -18.71 32.09
N MET E 441 -2.75 -19.23 32.70
CA MET E 441 -3.31 -18.63 33.92
C MET E 441 -2.32 -18.89 35.04
N PRO E 442 -2.26 -18.01 36.05
CA PRO E 442 -1.28 -18.18 37.12
C PRO E 442 -1.57 -19.31 38.12
N HIS E 443 -0.52 -19.74 38.83
CA HIS E 443 -0.58 -20.75 39.90
C HIS E 443 -1.34 -22.00 39.51
N GLY E 444 -0.87 -22.64 38.45
CA GLY E 444 -1.53 -23.81 37.86
C GLY E 444 -1.03 -24.02 36.45
N ASP E 445 -1.40 -25.13 35.84
CA ASP E 445 -1.18 -25.33 34.40
C ASP E 445 -2.53 -25.25 33.72
N ILE E 446 -2.90 -24.04 33.33
CA ILE E 446 -4.24 -23.74 32.83
C ILE E 446 -4.19 -22.83 31.63
N LEU E 447 -4.85 -23.23 30.55
CA LEU E 447 -4.98 -22.38 29.37
C LEU E 447 -6.36 -21.77 29.38
N GLY E 448 -6.41 -20.43 29.44
CA GLY E 448 -7.67 -19.69 29.56
C GLY E 448 -8.07 -19.03 28.26
N PHE E 449 -9.38 -19.01 28.02
CA PHE E 449 -9.98 -18.31 26.90
C PHE E 449 -11.01 -17.29 27.39
N ALA E 450 -10.92 -16.06 26.88
CA ALA E 450 -11.91 -15.01 27.12
C ALA E 450 -11.98 -14.12 25.90
N PRO E 451 -12.54 -14.64 24.79
CA PRO E 451 -12.55 -13.91 23.53
C PRO E 451 -13.54 -12.76 23.50
N PRO E 452 -13.38 -11.82 22.56
CA PRO E 452 -14.37 -10.78 22.46
C PRO E 452 -15.74 -11.39 22.21
N LEU E 453 -16.79 -10.69 22.65
CA LEU E 453 -18.14 -11.23 22.58
C LEU E 453 -18.72 -11.20 21.17
N VAL E 454 -18.02 -10.57 20.22
CA VAL E 454 -18.40 -10.61 18.80
C VAL E 454 -18.01 -11.91 18.10
N LEU E 455 -17.34 -12.81 18.81
CA LEU E 455 -16.80 -14.05 18.19
C LEU E 455 -17.87 -14.81 17.40
N THR E 456 -17.49 -15.33 16.23
CA THR E 456 -18.34 -16.20 15.42
C THR E 456 -18.00 -17.67 15.67
N ARG E 457 -18.90 -18.54 15.23
CA ARG E 457 -18.66 -19.98 15.25
C ARG E 457 -17.39 -20.34 14.49
N ALA E 458 -17.25 -19.77 13.29
CA ALA E 458 -16.06 -20.02 12.45
C ALA E 458 -14.78 -19.66 13.21
N GLU E 459 -14.77 -18.48 13.84
CA GLU E 459 -13.59 -18.01 14.58
C GLU E 459 -13.36 -18.89 15.80
N ALA E 460 -14.44 -19.33 16.44
CA ALA E 460 -14.31 -20.30 17.54
C ALA E 460 -13.66 -21.61 17.08
N ASP E 461 -14.04 -22.09 15.89
CA ASP E 461 -13.44 -23.31 15.34
C ASP E 461 -11.95 -23.12 15.10
N GLU E 462 -11.58 -21.96 14.57
CA GLU E 462 -10.17 -21.66 14.33
C GLU E 462 -9.38 -21.68 15.64
N ILE E 463 -9.94 -21.03 16.67
CA ILE E 463 -9.33 -21.02 17.99
C ILE E 463 -9.10 -22.44 18.51
N VAL E 464 -10.13 -23.29 18.41
CA VAL E 464 -10.04 -24.66 18.89
C VAL E 464 -8.98 -25.43 18.10
N GLY E 465 -8.92 -25.25 16.78
CA GLY E 465 -7.91 -25.88 15.95
C GLY E 465 -6.49 -25.56 16.40
N ILE E 466 -6.24 -24.30 16.71
CA ILE E 466 -4.91 -23.89 17.09
C ILE E 466 -4.56 -24.45 18.46
N ALA E 467 -5.54 -24.52 19.35
CA ALA E 467 -5.29 -25.05 20.67
C ALA E 467 -4.97 -26.56 20.62
N LYS E 468 -5.73 -27.29 19.79
CA LYS E 468 -5.50 -28.72 19.53
C LYS E 468 -4.03 -28.95 19.15
N ALA E 469 -3.56 -28.25 18.12
CA ALA E 469 -2.19 -28.41 17.66
C ALA E 469 -1.17 -28.14 18.78
N ALA E 470 -1.42 -27.09 19.56
CA ALA E 470 -0.49 -26.69 20.61
C ALA E 470 -0.49 -27.67 21.79
N VAL E 471 -1.66 -28.19 22.12
CA VAL E 471 -1.78 -29.16 23.19
C VAL E 471 -1.14 -30.50 22.77
N ASP E 472 -1.41 -30.93 21.53
CA ASP E 472 -0.78 -32.13 20.99
C ASP E 472 0.75 -32.03 21.00
N GLU E 473 1.27 -30.89 20.56
CA GLU E 473 2.71 -30.68 20.50
C GLU E 473 3.36 -30.78 21.87
N VAL E 474 2.76 -30.14 22.86
CA VAL E 474 3.35 -30.10 24.19
C VAL E 474 3.19 -31.44 24.88
N ALA E 475 2.09 -32.14 24.61
CA ALA E 475 1.90 -33.48 25.13
C ALA E 475 3.00 -34.41 24.59
N GLY E 476 3.24 -34.35 23.29
CA GLY E 476 4.38 -35.04 22.68
C GLY E 476 5.74 -34.82 23.33
N GLU E 477 5.93 -33.67 23.96
CA GLU E 477 7.23 -33.31 24.52
C GLU E 477 7.36 -33.65 25.98
N VAL E 478 6.25 -33.80 26.69
CA VAL E 478 6.28 -33.92 28.14
C VAL E 478 5.71 -35.24 28.66
N LEU E 479 4.89 -35.89 27.86
CA LEU E 479 4.34 -37.21 28.18
C LEU E 479 5.20 -38.29 27.53
N MET F 21 -33.63 23.71 25.16
CA MET F 21 -34.23 22.45 24.61
C MET F 21 -33.93 21.25 25.50
N THR F 22 -32.67 21.13 25.94
CA THR F 22 -32.20 20.01 26.77
C THR F 22 -32.75 20.15 28.24
N ASP F 23 -33.27 19.06 28.79
CA ASP F 23 -34.06 19.11 30.02
C ASP F 23 -33.21 18.77 31.25
N PHE F 24 -32.70 19.81 31.88
CA PHE F 24 -31.79 19.62 32.98
C PHE F 24 -32.48 19.17 34.26
N ASP F 25 -33.76 19.53 34.43
CA ASP F 25 -34.55 19.11 35.60
C ASP F 25 -34.61 17.58 35.67
N GLN F 26 -34.85 16.96 34.54
CA GLN F 26 -34.91 15.50 34.46
C GLN F 26 -33.52 14.88 34.72
N LEU F 27 -32.45 15.49 34.20
CA LEU F 27 -31.09 15.01 34.47
C LEU F 27 -30.73 15.12 35.94
N PHE F 28 -31.12 16.21 36.60
CA PHE F 28 -30.88 16.34 38.04
C PHE F 28 -31.70 15.34 38.85
N GLU F 29 -32.90 15.00 38.41
CA GLU F 29 -33.71 13.96 39.08
C GLU F 29 -32.95 12.64 39.03
N GLN F 30 -32.38 12.34 37.88
CA GLN F 30 -31.59 11.12 37.65
C GLN F 30 -30.26 11.12 38.42
N ASP F 31 -29.60 12.27 38.42
CA ASP F 31 -28.41 12.52 39.21
C ASP F 31 -28.65 12.19 40.68
N ARG F 32 -29.68 12.78 41.25
CA ARG F 32 -30.02 12.54 42.66
C ARG F 32 -30.41 11.10 42.95
N ALA F 33 -31.10 10.47 42.02
CA ALA F 33 -31.51 9.09 42.20
C ALA F 33 -30.34 8.07 42.14
N HIS F 34 -29.35 8.33 41.28
CA HIS F 34 -28.44 7.26 40.85
C HIS F 34 -26.92 7.51 40.89
N PHE F 35 -26.50 8.77 40.92
CA PHE F 35 -25.08 9.11 40.89
C PHE F 35 -24.56 9.42 42.30
N MET F 36 -23.69 8.55 42.81
CA MET F 36 -22.95 8.83 44.04
C MET F 36 -21.66 9.58 43.69
N HIS F 37 -21.63 10.87 44.01
CA HIS F 37 -20.51 11.72 43.68
C HIS F 37 -19.36 11.50 44.64
N PRO F 38 -18.13 11.73 44.19
CA PRO F 38 -17.07 11.91 45.18
C PRO F 38 -17.34 13.13 46.05
N SER F 39 -16.87 13.09 47.28
CA SER F 39 -16.74 14.28 48.13
C SER F 39 -17.98 15.20 48.06
N THR F 40 -19.12 14.62 48.38
CA THR F 40 -20.42 15.27 48.28
C THR F 40 -21.33 14.74 49.37
N HIS F 41 -21.92 15.64 50.17
CA HIS F 41 -22.90 15.29 51.21
C HIS F 41 -24.02 14.42 50.63
N ALA F 42 -24.09 13.15 51.02
CA ALA F 42 -25.02 12.20 50.38
C ALA F 42 -26.49 12.62 50.51
N HIS F 43 -26.92 12.99 51.71
CA HIS F 43 -28.33 13.32 51.92
C HIS F 43 -28.71 14.66 51.28
N ASP F 44 -27.96 15.71 51.59
CA ASP F 44 -28.21 17.02 51.00
C ASP F 44 -28.24 16.97 49.48
N HIS F 45 -27.37 16.16 48.88
CA HIS F 45 -27.37 15.99 47.46
C HIS F 45 -28.64 15.28 46.97
N ALA F 46 -28.99 14.16 47.60
CA ALA F 46 -30.19 13.40 47.20
C ALA F 46 -31.51 14.17 47.44
N SER F 47 -31.55 15.01 48.47
CA SER F 47 -32.73 15.80 48.81
C SER F 47 -32.87 17.02 47.89
N GLY F 48 -31.77 17.52 47.36
CA GLY F 48 -31.77 18.77 46.58
C GLY F 48 -31.25 19.97 47.34
N ALA F 49 -31.07 19.83 48.65
CA ALA F 49 -30.54 20.91 49.50
C ALA F 49 -29.16 21.38 49.06
N LEU F 50 -28.33 20.44 48.60
CA LEU F 50 -27.04 20.73 47.97
C LEU F 50 -27.33 20.69 46.47
N PRO F 51 -27.43 21.86 45.83
CA PRO F 51 -27.86 21.84 44.44
C PRO F 51 -26.80 21.31 43.49
N GLY F 52 -27.22 20.60 42.47
CA GLY F 52 -26.33 20.10 41.45
C GLY F 52 -25.87 21.13 40.46
N ARG F 53 -24.84 20.78 39.71
CA ARG F 53 -24.27 21.67 38.70
C ARG F 53 -23.76 20.80 37.55
N ILE F 54 -24.23 21.08 36.37
CA ILE F 54 -23.78 20.35 35.18
C ILE F 54 -22.87 21.28 34.41
N ILE F 55 -21.69 20.80 34.04
CA ILE F 55 -20.77 21.56 33.21
C ILE F 55 -20.93 21.10 31.77
N THR F 56 -21.12 22.06 30.86
CA THR F 56 -21.44 21.75 29.46
C THR F 56 -20.34 22.10 28.49
N GLY F 57 -19.37 22.90 28.90
CA GLY F 57 -18.29 23.27 28.01
C GLY F 57 -17.24 24.06 28.73
N ALA F 58 -16.15 24.36 28.03
CA ALA F 58 -15.05 25.06 28.67
C ALA F 58 -14.03 25.47 27.65
N SER F 59 -13.29 26.51 27.99
CA SER F 59 -12.37 27.12 27.06
C SER F 59 -11.45 28.10 27.79
N GLY F 60 -10.15 28.02 27.52
CA GLY F 60 -9.15 28.90 28.12
C GLY F 60 -9.09 28.64 29.61
N ILE F 61 -9.55 29.61 30.40
CA ILE F 61 -9.61 29.51 31.85
C ILE F 61 -11.05 29.50 32.40
N ARG F 62 -12.04 29.36 31.53
CA ARG F 62 -13.45 29.49 31.90
C ARG F 62 -14.23 28.22 31.62
N ILE F 63 -15.17 27.88 32.48
CA ILE F 63 -16.10 26.78 32.23
C ILE F 63 -17.51 27.35 32.11
N ARG F 64 -18.41 26.59 31.49
CA ARG F 64 -19.79 27.00 31.30
C ARG F 64 -20.70 26.00 31.96
N ASP F 65 -21.62 26.45 32.79
CA ASP F 65 -22.57 25.54 33.44
C ASP F 65 -23.88 25.42 32.67
N HIS F 66 -24.79 24.60 33.21
CA HIS F 66 -26.09 24.32 32.58
C HIS F 66 -27.04 25.51 32.45
N GLU F 67 -26.83 26.55 33.25
CA GLU F 67 -27.60 27.80 33.13
C GLU F 67 -26.99 28.81 32.15
N GLY F 68 -25.88 28.48 31.47
CA GLY F 68 -25.20 29.41 30.57
C GLY F 68 -24.16 30.31 31.23
N ARG F 69 -24.01 30.23 32.56
CA ARG F 69 -23.02 31.01 33.27
C ARG F 69 -21.61 30.64 32.85
N GLU F 70 -20.75 31.64 32.68
CA GLU F 70 -19.38 31.43 32.32
C GLU F 70 -18.55 31.77 33.55
N LEU F 71 -17.81 30.82 34.09
CA LEU F 71 -17.07 31.03 35.36
C LEU F 71 -15.58 30.98 35.15
N ILE F 72 -14.85 31.91 35.75
CA ILE F 72 -13.40 31.86 35.73
C ILE F 72 -13.00 30.77 36.70
N ASP F 73 -12.25 29.79 36.20
CA ASP F 73 -11.82 28.69 37.07
C ASP F 73 -10.44 28.97 37.58
N ALA F 74 -10.37 29.67 38.71
CA ALA F 74 -9.10 29.98 39.33
C ALA F 74 -8.51 28.80 40.10
N PHE F 75 -9.13 27.61 40.00
CA PHE F 75 -8.58 26.40 40.59
C PHE F 75 -8.24 25.28 39.60
N ALA F 76 -8.36 25.55 38.30
CA ALA F 76 -8.01 24.59 37.25
C ALA F 76 -8.52 23.18 37.52
N GLY F 77 -9.82 23.08 37.74
CA GLY F 77 -10.45 21.83 38.11
C GLY F 77 -10.11 21.55 39.56
N LEU F 78 -9.11 20.69 39.76
CA LEU F 78 -8.50 20.42 41.06
C LEU F 78 -7.00 20.41 40.85
N TYR F 79 -6.40 21.60 40.78
CA TYR F 79 -4.97 21.78 40.49
C TYR F 79 -4.49 20.99 39.29
N CYS F 80 -5.35 20.77 38.29
CA CYS F 80 -4.99 19.82 37.26
C CYS F 80 -5.13 20.25 35.82
N VAL F 81 -5.98 21.22 35.49
CA VAL F 81 -6.15 21.60 34.08
C VAL F 81 -5.08 22.66 33.71
N ASN F 82 -3.83 22.21 33.66
CA ASN F 82 -2.69 23.12 33.64
C ASN F 82 -2.46 23.82 32.31
N ILE F 83 -2.68 23.14 31.20
CA ILE F 83 -2.56 23.78 29.89
C ILE F 83 -3.82 24.55 29.50
N GLY F 84 -4.83 24.54 30.36
CA GLY F 84 -6.09 25.24 30.07
C GLY F 84 -7.12 24.35 29.39
N TYR F 85 -8.36 24.84 29.39
CA TYR F 85 -9.50 24.11 28.86
C TYR F 85 -9.62 24.25 27.36
N GLY F 86 -10.28 23.29 26.73
CA GLY F 86 -10.68 23.40 25.34
C GLY F 86 -9.57 23.15 24.33
N ARG F 87 -8.54 22.42 24.71
CA ARG F 87 -7.42 22.17 23.82
C ARG F 87 -7.73 21.10 22.79
N THR F 88 -8.15 21.50 21.59
CA THR F 88 -8.56 20.48 20.65
C THR F 88 -7.34 19.66 20.17
N GLU F 89 -6.13 20.24 20.28
CA GLU F 89 -4.93 19.48 19.98
C GLU F 89 -4.84 18.15 20.76
N VAL F 90 -5.22 18.19 22.05
CA VAL F 90 -5.18 17.01 22.88
C VAL F 90 -6.30 16.05 22.52
N ALA F 91 -7.48 16.59 22.25
CA ALA F 91 -8.59 15.79 21.77
C ALA F 91 -8.23 15.03 20.49
N ASP F 92 -7.55 15.72 19.57
CA ASP F 92 -7.08 15.11 18.31
C ASP F 92 -6.13 13.96 18.59
N ALA F 93 -5.20 14.16 19.52
CA ALA F 93 -4.20 13.14 19.86
C ALA F 93 -4.85 11.90 20.49
N ILE F 94 -5.82 12.14 21.38
CA ILE F 94 -6.61 11.08 22.01
C ILE F 94 -7.36 10.28 20.95
N TYR F 95 -7.98 11.00 20.01
CA TYR F 95 -8.81 10.40 18.98
C TYR F 95 -7.99 9.52 18.06
N LYS F 96 -6.87 10.06 17.63
CA LYS F 96 -5.92 9.35 16.78
C LYS F 96 -5.48 8.03 17.40
N GLN F 97 -5.12 8.06 18.67
CA GLN F 97 -4.77 6.84 19.35
C GLN F 97 -5.98 5.90 19.54
N ALA F 98 -7.16 6.46 19.83
CA ALA F 98 -8.37 5.63 19.96
C ALA F 98 -8.69 4.83 18.68
N LYS F 99 -8.51 5.46 17.52
CA LYS F 99 -8.66 4.77 16.23
C LYS F 99 -7.57 3.74 15.96
N GLU F 100 -6.33 4.10 16.24
CA GLU F 100 -5.19 3.25 15.93
C GLU F 100 -5.18 2.02 16.84
N LEU F 101 -5.16 2.25 18.15
CA LEU F 101 -5.25 1.21 19.17
C LEU F 101 -5.62 1.81 20.53
N ALA F 102 -6.89 1.71 20.88
CA ALA F 102 -7.39 2.29 22.12
C ALA F 102 -6.75 1.59 23.32
N TYR F 103 -6.65 0.28 23.23
CA TYR F 103 -6.14 -0.53 24.32
C TYR F 103 -5.54 -1.88 23.93
N TYR F 104 -4.37 -2.12 24.51
CA TYR F 104 -3.93 -3.46 24.81
C TYR F 104 -3.20 -3.38 26.15
N HIS F 105 -3.03 -4.50 26.82
CA HIS F 105 -2.30 -4.51 28.08
C HIS F 105 -0.82 -4.28 27.85
N THR F 106 -0.11 -3.99 28.93
CA THR F 106 1.34 -3.86 28.91
C THR F 106 2.02 -4.89 29.80
N TYR F 107 1.29 -5.97 30.10
CA TYR F 107 1.83 -7.12 30.83
C TYR F 107 2.90 -7.84 30.00
N VAL F 108 3.84 -8.50 30.70
CA VAL F 108 4.84 -9.37 30.06
C VAL F 108 5.53 -8.68 28.87
N GLY F 109 6.05 -7.49 29.10
CA GLY F 109 6.84 -6.80 28.06
C GLY F 109 6.11 -6.15 26.91
N HIS F 110 4.77 -6.16 26.93
CA HIS F 110 3.98 -5.54 25.86
C HIS F 110 3.93 -4.02 26.03
N SER F 111 3.96 -3.30 24.91
CA SER F 111 3.95 -1.84 24.89
C SER F 111 3.17 -1.30 23.70
N THR F 112 2.88 0.00 23.79
CA THR F 112 2.70 0.85 22.62
C THR F 112 3.89 1.76 22.46
N GLU F 113 3.95 2.36 21.29
CA GLU F 113 4.91 3.42 21.00
C GLU F 113 4.75 4.62 21.94
N ALA F 114 3.50 5.02 22.18
CA ALA F 114 3.18 6.17 23.03
C ALA F 114 3.71 6.00 24.47
N ILE F 115 3.49 4.84 25.06
CA ILE F 115 3.90 4.65 26.43
C ILE F 115 5.43 4.62 26.57
N ILE F 116 6.10 4.07 25.56
CA ILE F 116 7.55 4.07 25.56
C ILE F 116 8.07 5.50 25.46
N GLU F 117 7.51 6.26 24.54
CA GLU F 117 7.97 7.61 24.28
C GLU F 117 7.75 8.48 25.52
N LEU F 118 6.57 8.34 26.13
CA LEU F 118 6.23 9.06 27.34
C LEU F 118 7.20 8.75 28.48
N SER F 119 7.53 7.48 28.63
CA SER F 119 8.45 7.08 29.68
C SER F 119 9.80 7.71 29.47
N SER F 120 10.34 7.69 28.25
CA SER F 120 11.65 8.35 28.07
C SER F 120 11.59 9.87 28.20
N ARG F 121 10.50 10.49 27.79
CA ARG F 121 10.37 11.94 27.94
C ARG F 121 10.25 12.39 29.39
N ILE F 122 9.51 11.63 30.20
CA ILE F 122 9.42 11.97 31.61
C ILE F 122 10.83 11.95 32.26
N ILE F 123 11.57 10.88 32.02
CA ILE F 123 12.88 10.69 32.64
C ILE F 123 13.91 11.70 32.14
N ARG F 124 13.92 11.93 30.84
CA ARG F 124 14.93 12.75 30.21
C ARG F 124 14.67 14.24 30.38
N ASP F 125 13.42 14.68 30.27
CA ASP F 125 13.11 16.10 30.24
C ASP F 125 12.51 16.69 31.50
N TRP F 126 11.89 15.89 32.34
CA TRP F 126 11.10 16.43 33.47
C TRP F 126 11.53 15.99 34.85
N ALA F 127 11.90 14.71 34.99
CA ALA F 127 12.25 14.19 36.30
C ALA F 127 13.63 14.69 36.71
N PRO F 128 13.89 14.75 38.01
CA PRO F 128 15.25 15.13 38.44
C PRO F 128 16.28 14.04 38.13
N ALA F 129 17.54 14.40 38.32
CA ALA F 129 18.65 13.52 37.94
C ALA F 129 18.63 12.22 38.76
N GLY F 130 19.09 11.14 38.14
CA GLY F 130 19.12 9.84 38.80
C GLY F 130 17.79 9.11 38.90
N MET F 131 16.78 9.54 38.16
CA MET F 131 15.55 8.79 38.04
C MET F 131 15.73 7.83 36.87
N LYS F 132 15.10 6.65 36.94
CA LYS F 132 15.34 5.61 35.95
C LYS F 132 14.09 5.08 35.24
N LYS F 133 13.08 4.63 35.99
CA LYS F 133 11.93 3.95 35.41
C LYS F 133 10.61 4.59 35.81
N VAL F 134 9.58 4.35 34.99
CA VAL F 134 8.24 4.87 35.21
C VAL F 134 7.21 3.75 35.22
N TYR F 135 6.34 3.73 36.23
CA TYR F 135 5.26 2.77 36.33
C TYR F 135 3.93 3.52 36.32
N TYR F 136 2.96 3.06 35.53
CA TYR F 136 1.73 3.83 35.30
C TYR F 136 0.50 3.24 35.94
N GLY F 137 -0.28 4.14 36.53
CA GLY F 137 -1.64 3.85 36.97
C GLY F 137 -2.55 4.92 36.45
N LEU F 138 -3.63 5.17 37.19
CA LEU F 138 -4.70 6.04 36.72
C LEU F 138 -5.00 7.22 37.60
N SER F 139 -4.59 7.16 38.86
CA SER F 139 -4.86 8.20 39.83
C SER F 139 -3.67 8.37 40.78
N GLY F 140 -3.57 9.55 41.35
CA GLY F 140 -2.59 9.83 42.40
C GLY F 140 -2.65 8.83 43.52
N SER F 141 -3.84 8.39 43.88
CA SER F 141 -4.02 7.49 45.00
C SER F 141 -3.44 6.12 44.68
N ASP F 142 -3.75 5.58 43.51
CA ASP F 142 -3.22 4.27 43.16
C ASP F 142 -1.68 4.36 42.94
N ALA F 143 -1.20 5.54 42.57
CA ALA F 143 0.24 5.75 42.48
C ALA F 143 0.89 5.62 43.85
N ASN F 144 0.35 6.30 44.85
CA ASN F 144 0.90 6.17 46.20
C ASN F 144 0.69 4.78 46.79
N GLU F 145 -0.35 4.07 46.36
CA GLU F 145 -0.54 2.68 46.76
C GLU F 145 0.63 1.83 46.21
N THR F 146 0.97 2.05 44.94
CA THR F 146 2.15 1.45 44.32
C THR F 146 3.44 1.78 45.10
N GLN F 147 3.59 3.04 45.52
CA GLN F 147 4.73 3.42 46.34
C GLN F 147 4.83 2.58 47.60
N ILE F 148 3.72 2.40 48.32
CA ILE F 148 3.76 1.58 49.53
C ILE F 148 4.23 0.16 49.19
N LYS F 149 3.67 -0.44 48.14
CA LYS F 149 4.07 -1.79 47.73
C LYS F 149 5.56 -1.92 47.39
N LEU F 150 6.11 -0.84 46.87
CA LEU F 150 7.45 -0.82 46.37
C LEU F 150 8.45 -0.72 47.52
N VAL F 151 8.12 0.14 48.47
CA VAL F 151 8.88 0.34 49.69
C VAL F 151 9.00 -0.95 50.52
N ARG F 152 7.89 -1.65 50.66
CA ARG F 152 7.90 -2.94 51.33
C ARG F 152 8.75 -3.97 50.60
N TYR F 153 8.54 -4.07 49.30
CA TYR F 153 9.27 -5.01 48.46
C TYR F 153 10.75 -4.79 48.60
N TYR F 154 11.18 -3.54 48.42
CA TYR F 154 12.58 -3.13 48.56
C TYR F 154 13.19 -3.67 49.83
N ASN F 155 12.56 -3.39 50.96
CA ASN F 155 13.08 -3.84 52.24
C ASN F 155 13.05 -5.37 52.40
N ASN F 156 11.97 -6.02 52.02
CA ASN F 156 11.93 -7.47 52.11
C ASN F 156 13.04 -8.17 51.32
N VAL F 157 13.30 -7.74 50.10
CA VAL F 157 14.32 -8.39 49.27
C VAL F 157 15.75 -8.02 49.66
N LEU F 158 15.91 -6.97 50.45
CA LEU F 158 17.19 -6.66 51.09
C LEU F 158 17.34 -7.32 52.48
N GLY F 159 16.40 -8.18 52.86
CA GLY F 159 16.44 -8.85 54.15
C GLY F 159 16.23 -7.98 55.37
N ARG F 160 15.42 -6.92 55.25
CA ARG F 160 15.08 -6.06 56.40
C ARG F 160 13.57 -6.11 56.62
N PRO F 161 13.03 -7.28 57.00
CA PRO F 161 11.57 -7.40 57.10
C PRO F 161 10.90 -6.51 58.15
N GLN F 162 11.67 -5.82 58.99
CA GLN F 162 11.10 -4.96 60.00
C GLN F 162 10.96 -3.50 59.53
N LYS F 163 11.70 -3.12 58.47
CA LYS F 163 11.79 -1.74 58.02
C LYS F 163 10.61 -1.45 57.07
N LYS F 164 9.47 -1.07 57.65
CA LYS F 164 8.18 -0.98 56.94
C LYS F 164 7.34 0.27 57.20
N LYS F 165 7.60 0.98 58.27
CA LYS F 165 6.75 2.08 58.64
C LYS F 165 6.97 3.24 57.69
N ILE F 166 5.90 3.97 57.40
CA ILE F 166 5.97 5.17 56.60
C ILE F 166 5.63 6.35 57.51
N ILE F 167 6.38 7.43 57.35
CA ILE F 167 6.08 8.67 58.03
C ILE F 167 5.55 9.67 57.03
N SER F 168 4.41 10.26 57.38
CA SER F 168 3.76 11.30 56.61
C SER F 168 3.75 12.55 57.45
N ARG F 169 2.96 13.55 57.06
CA ARG F 169 2.87 14.78 57.83
C ARG F 169 1.44 15.21 58.06
N GLN F 170 1.29 16.09 59.03
CA GLN F 170 0.01 16.61 59.46
C GLN F 170 -0.39 17.59 58.37
N ARG F 171 -1.62 17.45 57.86
CA ARG F 171 -2.16 18.20 56.73
C ARG F 171 -1.63 17.79 55.35
N GLY F 172 -0.87 16.70 55.27
CA GLY F 172 -0.47 16.16 53.98
C GLY F 172 -1.69 15.55 53.32
N TYR F 173 -1.76 15.67 51.99
CA TYR F 173 -2.77 14.96 51.22
C TYR F 173 -2.06 14.02 50.25
N HIS F 174 -2.38 12.73 50.36
CA HIS F 174 -1.76 11.70 49.54
C HIS F 174 -2.74 10.71 48.94
N GLY F 175 -4.03 11.02 49.05
CA GLY F 175 -5.07 10.20 48.44
C GLY F 175 -6.17 9.81 49.40
N SER F 176 -7.09 9.03 48.86
CA SER F 176 -8.37 8.79 49.47
C SER F 176 -8.70 7.31 49.58
N GLY F 177 -7.68 6.45 49.58
CA GLY F 177 -7.86 5.02 49.79
C GLY F 177 -7.77 4.71 51.27
N ILE F 178 -7.58 3.45 51.61
CA ILE F 178 -7.36 3.06 53.01
C ILE F 178 -5.94 3.35 53.46
N MET F 179 -4.98 2.82 52.70
CA MET F 179 -3.57 2.99 53.00
C MET F 179 -3.16 4.42 52.66
N THR F 180 -3.58 4.90 51.49
CA THR F 180 -3.29 6.27 51.07
C THR F 180 -4.04 7.30 51.90
N GLY F 181 -5.26 6.98 52.30
CA GLY F 181 -5.98 7.82 53.26
C GLY F 181 -5.25 7.93 54.60
N SER F 182 -4.62 6.84 55.03
CA SER F 182 -3.80 6.86 56.23
C SER F 182 -2.61 7.81 56.11
N LEU F 183 -1.93 7.78 54.96
CA LEU F 183 -0.85 8.75 54.71
C LEU F 183 -1.40 10.17 54.81
N THR F 184 -2.56 10.38 54.21
CA THR F 184 -3.22 11.67 54.27
C THR F 184 -3.37 12.07 55.74
N GLY F 185 -3.02 13.32 56.04
CA GLY F 185 -3.05 13.84 57.40
C GLY F 185 -4.16 14.89 57.59
N LEU F 186 -5.35 14.60 57.07
CA LEU F 186 -6.51 15.47 57.21
C LEU F 186 -7.65 14.60 57.69
N PRO F 187 -8.30 14.96 58.82
CA PRO F 187 -9.21 14.02 59.47
C PRO F 187 -10.44 13.57 58.65
N SER F 188 -10.89 14.36 57.66
CA SER F 188 -12.09 13.99 56.90
C SER F 188 -11.88 12.71 56.08
N PHE F 189 -10.65 12.47 55.65
CA PHE F 189 -10.30 11.24 54.93
C PHE F 189 -10.11 10.04 55.84
N HIS F 190 -10.19 10.26 57.16
CA HIS F 190 -10.15 9.18 58.14
C HIS F 190 -11.50 8.82 58.73
N GLN F 191 -12.48 9.72 58.66
CA GLN F 191 -13.67 9.57 59.48
C GLN F 191 -14.52 8.34 59.13
N HIS F 192 -14.74 7.51 60.14
CA HIS F 192 -15.45 6.24 60.02
C HIS F 192 -14.82 5.21 59.07
N PHE F 193 -13.52 5.36 58.79
CA PHE F 193 -12.77 4.39 57.98
C PHE F 193 -11.70 3.63 58.78
N ASP F 194 -11.55 3.96 60.06
CA ASP F 194 -10.57 3.32 60.96
C ASP F 194 -9.17 3.63 60.52
N LEU F 195 -8.90 4.90 60.26
CA LEU F 195 -7.59 5.31 59.78
C LEU F 195 -7.06 6.39 60.71
N PRO F 196 -5.74 6.57 60.81
CA PRO F 196 -4.74 5.84 60.04
C PRO F 196 -4.51 4.46 60.55
N VAL F 197 -4.19 3.56 59.64
CA VAL F 197 -3.79 2.20 59.95
C VAL F 197 -2.50 2.22 60.76
N GLU F 198 -2.32 1.21 61.60
CA GLU F 198 -1.06 1.06 62.36
C GLU F 198 0.11 0.94 61.40
N GLY F 199 1.20 1.62 61.69
CA GLY F 199 2.38 1.56 60.83
C GLY F 199 2.61 2.84 60.05
N ILE F 200 1.64 3.73 60.05
CA ILE F 200 1.82 5.03 59.45
C ILE F 200 1.74 6.07 60.56
N LYS F 201 2.68 7.00 60.56
CA LYS F 201 2.80 8.04 61.57
C LYS F 201 2.90 9.40 60.92
N HIS F 202 2.63 10.45 61.69
CA HIS F 202 2.57 11.80 61.19
C HIS F 202 3.43 12.77 62.01
N THR F 203 4.48 13.32 61.42
CA THR F 203 5.26 14.36 62.05
C THR F 203 4.56 15.69 61.75
N VAL F 204 5.26 16.80 61.99
CA VAL F 204 4.60 18.10 62.00
C VAL F 204 4.45 18.76 60.64
N CYS F 205 3.36 19.51 60.53
CA CYS F 205 3.07 20.37 59.41
C CYS F 205 4.03 21.55 59.42
N PRO F 206 4.87 21.69 58.38
CA PRO F 206 5.87 22.76 58.41
C PRO F 206 5.32 24.13 58.01
N HIS F 207 4.36 24.63 58.79
CA HIS F 207 3.74 25.93 58.53
C HIS F 207 4.33 26.98 59.48
N TRP F 208 5.21 27.84 58.97
CA TRP F 208 5.97 28.76 59.86
C TRP F 208 5.05 29.70 60.64
N TYR F 209 4.13 30.32 59.94
CA TYR F 209 3.13 31.17 60.55
C TYR F 209 2.47 30.58 61.80
N LYS F 210 2.34 29.25 61.87
CA LYS F 210 1.74 28.59 63.04
C LYS F 210 2.74 27.85 63.90
N ALA F 211 3.99 28.31 63.87
CA ALA F 211 5.06 27.67 64.62
C ALA F 211 4.90 27.99 66.10
N PRO F 212 5.53 27.19 66.98
CA PRO F 212 5.62 27.62 68.39
C PRO F 212 6.05 29.09 68.50
N ALA F 213 5.35 29.86 69.34
CA ALA F 213 5.51 31.32 69.37
C ALA F 213 6.95 31.69 69.71
N GLY F 214 7.46 32.70 69.02
CA GLY F 214 8.82 33.17 69.24
C GLY F 214 9.89 32.53 68.37
N MET F 215 9.66 31.34 67.82
CA MET F 215 10.64 30.73 66.90
C MET F 215 10.78 31.52 65.61
N ASP F 216 12.01 31.78 65.21
CA ASP F 216 12.27 32.36 63.89
C ASP F 216 12.34 31.23 62.84
N GLU F 217 12.49 31.59 61.57
CA GLU F 217 12.41 30.62 60.49
C GLU F 217 13.41 29.49 60.72
N ALA F 218 14.68 29.85 60.89
CA ALA F 218 15.75 28.86 61.13
C ALA F 218 15.50 27.94 62.34
N ALA F 219 14.89 28.50 63.39
CA ALA F 219 14.58 27.73 64.61
C ALA F 219 13.48 26.70 64.33
N PHE F 220 12.46 27.14 63.60
CA PHE F 220 11.35 26.28 63.23
C PHE F 220 11.81 25.10 62.37
N VAL F 221 12.73 25.37 61.45
CA VAL F 221 13.33 24.32 60.64
C VAL F 221 13.98 23.28 61.54
N ARG F 222 14.75 23.76 62.51
CA ARG F 222 15.43 22.87 63.45
C ARG F 222 14.44 22.04 64.27
N TYR F 223 13.38 22.72 64.75
CA TYR F 223 12.28 22.05 65.43
C TYR F 223 11.69 20.90 64.62
N CYS F 224 11.43 21.16 63.33
CA CYS F 224 10.81 20.16 62.45
C CYS F 224 11.74 18.96 62.29
N ALA F 225 13.03 19.25 62.06
CA ALA F 225 14.04 18.20 61.95
C ALA F 225 14.15 17.38 63.23
N ASP F 226 14.18 18.05 64.38
CA ASP F 226 14.33 17.38 65.67
C ASP F 226 13.10 16.53 65.97
N GLU F 227 11.92 17.05 65.69
CA GLU F 227 10.68 16.28 65.88
C GLU F 227 10.64 14.99 65.04
N LEU F 228 11.13 15.09 63.80
CA LEU F 228 11.26 13.93 62.93
C LEU F 228 12.31 12.93 63.44
N GLU F 229 13.49 13.43 63.78
CA GLU F 229 14.52 12.62 64.44
C GLU F 229 13.91 11.90 65.63
N LYS F 230 13.24 12.67 66.48
CA LYS F 230 12.63 12.15 67.70
C LYS F 230 11.73 10.99 67.39
N LEU F 231 10.88 11.18 66.38
CA LEU F 231 9.88 10.19 66.02
C LEU F 231 10.49 8.94 65.43
N ILE F 232 11.52 9.11 64.61
CA ILE F 232 12.24 7.96 64.05
C ILE F 232 12.86 7.13 65.17
N LEU F 233 13.52 7.80 66.11
CA LEU F 233 14.18 7.15 67.26
C LEU F 233 13.17 6.48 68.17
N ALA F 234 12.08 7.18 68.49
CA ALA F 234 10.97 6.60 69.26
C ALA F 234 10.41 5.33 68.63
N GLU F 235 10.33 5.29 67.31
CA GLU F 235 9.80 4.12 66.62
C GLU F 235 10.85 3.05 66.41
N GLY F 236 12.11 3.46 66.28
CA GLY F 236 13.23 2.56 66.02
C GLY F 236 13.60 2.66 64.54
N PRO F 237 14.76 3.27 64.20
CA PRO F 237 15.14 3.48 62.80
C PRO F 237 15.11 2.25 61.93
N ASP F 238 15.38 1.09 62.52
CA ASP F 238 15.34 -0.17 61.78
C ASP F 238 13.92 -0.60 61.42
N THR F 239 12.90 0.07 61.96
CA THR F 239 11.50 -0.17 61.58
C THR F 239 10.89 0.87 60.63
N VAL F 240 11.64 1.92 60.28
CA VAL F 240 11.11 3.03 59.47
C VAL F 240 11.66 2.98 58.03
N ALA F 241 10.76 2.80 57.07
CA ALA F 241 11.14 2.58 55.66
C ALA F 241 11.18 3.83 54.81
N ALA F 242 10.20 4.71 54.99
CA ALA F 242 10.03 5.85 54.10
C ALA F 242 9.40 7.05 54.76
N PHE F 243 9.64 8.19 54.14
CA PHE F 243 9.04 9.46 54.48
C PHE F 243 8.42 10.02 53.20
N ILE F 244 7.16 10.43 53.28
CA ILE F 244 6.45 10.93 52.13
C ILE F 244 6.08 12.39 52.37
N GLY F 245 6.29 13.21 51.35
CA GLY F 245 5.85 14.59 51.42
C GLY F 245 5.71 15.29 50.09
N GLU F 246 4.72 16.17 50.02
CA GLU F 246 4.58 17.12 48.92
C GLU F 246 5.63 18.23 49.11
N PRO F 247 6.33 18.64 48.04
CA PRO F 247 7.24 19.77 48.17
C PRO F 247 6.53 21.00 48.75
N VAL F 248 5.37 21.33 48.17
CA VAL F 248 4.45 22.32 48.71
C VAL F 248 3.13 21.61 48.93
N MET F 249 2.62 21.72 50.15
CA MET F 249 1.36 21.07 50.52
C MET F 249 0.21 21.79 49.85
N GLY F 250 -0.61 21.03 49.12
CA GLY F 250 -1.64 21.60 48.30
C GLY F 250 -2.96 21.59 49.02
N THR F 251 -3.56 20.43 49.13
CA THR F 251 -4.91 20.35 49.63
C THR F 251 -4.99 20.80 51.08
N GLY F 252 -3.85 20.92 51.74
CA GLY F 252 -3.83 21.25 53.12
C GLY F 252 -3.48 22.64 53.61
N GLY F 253 -3.93 23.77 53.09
CA GLY F 253 -3.81 24.17 51.74
C GLY F 253 -2.72 25.24 51.58
N ILE F 254 -1.79 24.91 50.68
CA ILE F 254 -0.86 25.85 50.10
C ILE F 254 0.12 26.28 51.14
N ILE F 255 0.62 25.31 51.89
CA ILE F 255 1.65 25.57 52.84
C ILE F 255 3.00 25.44 52.14
N VAL F 256 3.68 26.58 51.95
CA VAL F 256 5.05 26.60 51.44
C VAL F 256 6.00 26.27 52.59
N PRO F 257 6.98 25.38 52.37
CA PRO F 257 7.87 25.06 53.48
C PRO F 257 8.81 26.22 53.82
N PRO F 258 9.28 26.32 55.08
CA PRO F 258 10.25 27.35 55.40
C PRO F 258 11.58 27.14 54.69
N LYS F 259 12.34 28.21 54.52
CA LYS F 259 13.69 28.14 53.94
C LYS F 259 14.57 27.17 54.72
N GLY F 260 15.19 26.23 54.01
CA GLY F 260 16.08 25.24 54.61
C GLY F 260 15.42 23.96 55.10
N TYR F 261 14.10 23.92 55.05
CA TYR F 261 13.33 22.76 55.54
C TYR F 261 13.73 21.45 54.87
N TRP F 262 13.80 21.44 53.54
CA TRP F 262 14.05 20.21 52.83
C TRP F 262 15.49 19.71 52.97
N GLU F 263 16.46 20.63 53.01
CA GLU F 263 17.85 20.25 53.29
C GLU F 263 17.95 19.60 54.68
N ALA F 264 17.31 20.23 55.67
CA ALA F 264 17.36 19.75 57.06
C ALA F 264 16.68 18.39 57.22
N ILE F 265 15.51 18.21 56.60
CA ILE F 265 14.78 16.96 56.66
C ILE F 265 15.55 15.82 55.98
N GLN F 266 16.11 16.09 54.81
CA GLN F 266 16.88 15.07 54.10
C GLN F 266 18.10 14.57 54.86
N ALA F 267 18.79 15.47 55.57
CA ALA F 267 19.92 15.10 56.45
C ALA F 267 19.48 14.07 57.48
N VAL F 268 18.33 14.30 58.11
CA VAL F 268 17.78 13.32 59.05
C VAL F 268 17.46 12.01 58.35
N LEU F 269 16.85 12.09 57.16
CA LEU F 269 16.48 10.87 56.44
C LEU F 269 17.72 10.05 56.02
N ASN F 270 18.78 10.74 55.60
CA ASN F 270 20.04 10.07 55.25
C ASN F 270 20.70 9.40 56.46
N LYS F 271 20.71 10.10 57.58
CA LYS F 271 21.26 9.55 58.81
C LYS F 271 20.66 8.19 59.16
N TYR F 272 19.35 8.03 59.02
CA TYR F 272 18.67 6.77 59.41
C TYR F 272 18.28 5.85 58.26
N ASP F 273 18.76 6.14 57.06
CA ASP F 273 18.50 5.34 55.86
C ASP F 273 17.01 5.15 55.59
N VAL F 274 16.31 6.27 55.51
CA VAL F 274 14.87 6.30 55.28
C VAL F 274 14.65 6.90 53.89
N LEU F 275 13.90 6.18 53.05
CA LEU F 275 13.61 6.63 51.68
C LEU F 275 12.74 7.90 51.65
N LEU F 276 13.03 8.78 50.71
CA LEU F 276 12.20 9.95 50.47
C LEU F 276 11.28 9.73 49.28
N ILE F 277 9.98 9.81 49.53
CA ILE F 277 8.96 9.77 48.50
C ILE F 277 8.47 11.19 48.29
N ALA F 278 8.76 11.78 47.14
CA ALA F 278 8.22 13.11 46.83
C ALA F 278 6.88 12.96 46.16
N ASP F 279 5.83 13.47 46.81
CA ASP F 279 4.51 13.43 46.24
C ASP F 279 4.28 14.68 45.43
N GLU F 280 4.49 14.54 44.12
CA GLU F 280 4.46 15.66 43.20
C GLU F 280 3.19 15.70 42.39
N VAL F 281 2.11 15.13 42.90
CA VAL F 281 0.88 15.07 42.13
C VAL F 281 0.44 16.49 41.72
N VAL F 282 0.58 17.44 42.64
CA VAL F 282 0.26 18.84 42.33
C VAL F 282 1.43 19.57 41.68
N CYS F 283 2.61 19.40 42.22
CA CYS F 283 3.78 20.24 41.88
C CYS F 283 4.42 19.92 40.53
N ALA F 284 4.28 18.69 40.05
CA ALA F 284 4.95 18.28 38.83
C ALA F 284 4.38 18.94 37.57
N PHE F 285 5.26 19.04 36.59
CA PHE F 285 4.96 19.51 35.25
C PHE F 285 4.58 20.98 35.19
N GLY F 286 5.30 21.79 35.96
CA GLY F 286 5.34 23.23 35.75
C GLY F 286 4.65 24.13 36.73
N ARG F 287 3.85 23.53 37.60
CA ARG F 287 2.94 24.29 38.45
C ARG F 287 3.62 25.34 39.32
N LEU F 288 4.78 25.01 39.88
CA LEU F 288 5.49 25.96 40.74
C LEU F 288 6.50 26.84 39.99
N GLY F 289 6.49 26.81 38.67
CA GLY F 289 7.48 27.57 37.87
C GLY F 289 8.82 26.85 37.70
N SER F 290 8.86 25.59 38.12
CA SER F 290 9.97 24.68 37.91
C SER F 290 9.39 23.40 37.32
N LYS F 291 10.27 22.56 36.82
CA LYS F 291 9.83 21.30 36.20
C LYS F 291 9.02 20.49 37.17
N MET F 292 9.58 20.27 38.35
CA MET F 292 8.87 19.69 39.47
C MET F 292 9.31 20.43 40.73
N GLY F 293 8.58 20.24 41.80
CA GLY F 293 8.92 20.82 43.09
C GLY F 293 10.24 20.31 43.66
N SER F 294 10.56 19.06 43.37
CA SER F 294 11.76 18.45 43.84
C SER F 294 13.01 19.18 43.41
N GLN F 295 13.14 19.52 42.12
CA GLN F 295 14.30 20.32 41.67
C GLN F 295 14.25 21.70 42.34
N ARG F 296 13.06 22.27 42.44
CA ARG F 296 12.92 23.60 42.97
C ARG F 296 13.38 23.74 44.40
N TYR F 297 13.08 22.74 45.23
CA TYR F 297 13.42 22.78 46.65
C TYR F 297 14.67 21.97 47.01
N GLY F 298 15.45 21.55 46.01
CA GLY F 298 16.63 20.72 46.25
C GLY F 298 16.35 19.38 46.87
N MET F 299 15.19 18.80 46.61
CA MET F 299 14.89 17.45 47.08
C MET F 299 15.55 16.45 46.13
N ARG F 300 15.97 15.32 46.70
CA ARG F 300 16.60 14.23 45.95
C ARG F 300 15.83 12.97 46.35
N PRO F 301 14.62 12.81 45.81
CA PRO F 301 13.81 11.69 46.23
C PRO F 301 14.25 10.38 45.60
N ASP F 302 13.88 9.30 46.26
CA ASP F 302 14.11 7.95 45.78
C ASP F 302 12.94 7.48 44.92
N LEU F 303 11.75 8.02 45.20
CA LEU F 303 10.52 7.70 44.47
C LEU F 303 9.71 8.98 44.33
N ILE F 304 9.03 9.12 43.19
CA ILE F 304 8.18 10.29 42.93
C ILE F 304 6.81 9.86 42.45
N THR F 305 5.78 10.51 43.01
CA THR F 305 4.40 10.31 42.60
C THR F 305 3.94 11.46 41.72
N THR F 306 3.31 11.15 40.60
CA THR F 306 2.72 12.16 39.73
C THR F 306 1.36 11.73 39.20
N ALA F 307 0.53 12.73 38.91
CA ALA F 307 -0.75 12.58 38.22
C ALA F 307 -1.17 13.98 37.75
N LYS F 308 -2.48 14.28 37.75
CA LYS F 308 -2.98 15.66 37.49
C LYS F 308 -2.33 16.37 36.30
N GLY F 309 -1.28 17.15 36.54
CA GLY F 309 -0.63 17.91 35.49
C GLY F 309 0.11 17.10 34.44
N LEU F 310 0.28 15.81 34.71
CA LEU F 310 0.84 14.87 33.73
C LEU F 310 0.02 14.81 32.44
N THR F 311 -1.30 14.89 32.53
CA THR F 311 -2.21 14.97 31.38
C THR F 311 -3.04 16.24 31.32
N SER F 312 -2.83 17.16 32.26
CA SER F 312 -3.77 18.26 32.50
C SER F 312 -5.23 17.78 32.62
N ALA F 313 -5.38 16.56 33.14
CA ALA F 313 -6.67 15.90 33.30
C ALA F 313 -7.44 15.56 32.02
N TYR F 314 -6.83 15.72 30.84
CA TYR F 314 -7.54 15.38 29.60
C TYR F 314 -7.85 13.89 29.53
N ALA F 315 -7.05 13.10 30.23
CA ALA F 315 -7.34 11.71 30.45
C ALA F 315 -6.70 11.25 31.76
N PRO F 316 -7.27 10.21 32.38
CA PRO F 316 -6.73 9.78 33.67
C PRO F 316 -5.40 9.05 33.51
N LEU F 317 -4.39 9.49 34.24
CA LEU F 317 -3.10 8.82 34.25
C LEU F 317 -2.31 9.23 35.47
N SER F 318 -1.60 8.27 36.03
CA SER F 318 -0.65 8.51 37.11
C SER F 318 0.66 7.82 36.75
N ALA F 319 1.74 8.35 37.32
CA ALA F 319 3.06 7.80 37.06
C ALA F 319 3.86 7.78 38.34
N VAL F 320 4.43 6.62 38.66
CA VAL F 320 5.41 6.50 39.71
C VAL F 320 6.77 6.52 39.05
N ILE F 321 7.63 7.45 39.46
CA ILE F 321 8.96 7.55 38.90
C ILE F 321 9.92 6.95 39.91
N VAL F 322 10.67 5.94 39.47
CA VAL F 322 11.52 5.15 40.36
C VAL F 322 12.98 5.51 40.15
N GLY F 323 13.66 5.84 41.25
CA GLY F 323 15.08 6.17 41.23
C GLY F 323 15.99 4.98 40.99
N GLU F 324 17.24 5.28 40.64
CA GLU F 324 18.26 4.25 40.40
C GLU F 324 18.42 3.31 41.58
N LYS F 325 18.54 3.86 42.77
CA LYS F 325 18.74 3.03 43.97
C LYS F 325 17.70 1.93 44.09
N VAL F 326 16.44 2.35 44.10
CA VAL F 326 15.30 1.45 44.25
C VAL F 326 15.13 0.53 43.03
N TRP F 327 15.30 1.09 41.82
CA TRP F 327 15.15 0.26 40.63
C TRP F 327 16.16 -0.87 40.61
N ASP F 328 17.44 -0.56 40.92
CA ASP F 328 18.50 -1.57 40.86
C ASP F 328 18.22 -2.71 41.81
N VAL F 329 17.69 -2.40 42.99
CA VAL F 329 17.30 -3.43 43.94
C VAL F 329 16.17 -4.30 43.40
N ILE F 330 15.15 -3.66 42.83
CA ILE F 330 14.03 -4.40 42.22
C ILE F 330 14.52 -5.30 41.09
N GLU F 331 15.41 -4.78 40.25
CA GLU F 331 15.91 -5.53 39.10
C GLU F 331 16.69 -6.76 39.52
N LYS F 332 17.61 -6.61 40.46
CA LYS F 332 18.45 -7.71 40.94
C LYS F 332 17.56 -8.79 41.56
N ALA F 333 16.65 -8.34 42.42
CA ALA F 333 15.76 -9.25 43.13
C ALA F 333 14.95 -10.16 42.23
N SER F 334 14.54 -9.68 41.06
CA SER F 334 13.71 -10.50 40.17
C SER F 334 14.43 -11.77 39.74
N GLN F 335 15.76 -11.72 39.68
CA GLN F 335 16.56 -12.89 39.30
C GLN F 335 16.31 -14.08 40.18
N LYS F 336 16.32 -13.90 41.48
CA LYS F 336 16.01 -14.98 42.43
C LYS F 336 14.54 -15.05 42.78
N GLU F 337 13.84 -13.93 42.81
CA GLU F 337 12.46 -13.87 43.32
C GLU F 337 11.37 -13.95 42.24
N GLY F 338 11.76 -13.88 40.97
CA GLY F 338 10.79 -13.89 39.86
C GLY F 338 10.13 -12.54 39.67
N ALA F 339 9.20 -12.47 38.71
CA ALA F 339 8.47 -11.24 38.43
C ALA F 339 7.72 -10.75 39.65
N MET F 340 7.80 -9.44 39.90
CA MET F 340 7.03 -8.80 40.95
C MET F 340 5.54 -8.91 40.67
N GLY F 341 4.75 -9.28 41.67
CA GLY F 341 3.32 -9.42 41.52
C GLY F 341 2.59 -8.10 41.69
N HIS F 342 2.72 -7.24 40.70
CA HIS F 342 2.03 -5.97 40.70
C HIS F 342 1.59 -5.63 39.29
N GLY F 343 0.33 -5.27 39.15
CA GLY F 343 -0.21 -4.96 37.84
C GLY F 343 -1.63 -4.47 37.91
N TRP F 344 -1.89 -3.35 37.24
CA TRP F 344 -3.26 -2.91 36.95
C TRP F 344 -3.58 -3.24 35.49
N THR F 345 -4.80 -3.69 35.23
CA THR F 345 -5.28 -3.95 33.87
C THR F 345 -4.99 -2.77 32.92
N TYR F 346 -5.25 -1.55 33.39
CA TYR F 346 -5.12 -0.34 32.58
C TYR F 346 -3.82 0.40 32.76
N SER F 347 -2.82 -0.25 33.35
CA SER F 347 -1.50 0.32 33.42
C SER F 347 -0.98 0.58 32.00
N GLY F 348 -0.64 1.85 31.74
CA GLY F 348 -0.09 2.27 30.47
C GLY F 348 -1.09 2.46 29.36
N HIS F 349 -2.35 2.70 29.75
CA HIS F 349 -3.45 2.81 28.82
C HIS F 349 -3.11 3.76 27.67
N PRO F 350 -3.16 3.28 26.44
CA PRO F 350 -2.70 4.05 25.28
C PRO F 350 -3.33 5.41 25.09
N ILE F 351 -4.65 5.54 25.19
CA ILE F 351 -5.24 6.89 24.98
C ILE F 351 -4.77 7.86 26.06
N CYS F 352 -4.55 7.35 27.27
CA CYS F 352 -4.06 8.20 28.35
C CYS F 352 -2.63 8.63 28.12
N ALA F 353 -1.81 7.69 27.63
CA ALA F 353 -0.44 8.00 27.24
C ALA F 353 -0.41 9.06 26.14
N ALA F 354 -1.26 8.89 25.14
CA ALA F 354 -1.34 9.83 24.05
C ALA F 354 -1.72 11.21 24.52
N ALA F 355 -2.64 11.28 25.48
CA ALA F 355 -3.04 12.55 26.07
C ALA F 355 -1.89 13.20 26.78
N ALA F 356 -1.10 12.42 27.52
CA ALA F 356 0.06 12.95 28.22
C ALA F 356 1.06 13.53 27.25
N LEU F 357 1.33 12.82 26.17
CA LEU F 357 2.31 13.28 25.17
C LEU F 357 1.88 14.63 24.59
N ALA F 358 0.60 14.76 24.26
CA ALA F 358 0.10 16.02 23.72
C ALA F 358 0.19 17.13 24.77
N ASN F 359 -0.16 16.79 26.00
CA ASN F 359 -0.04 17.71 27.11
C ASN F 359 1.40 18.17 27.26
N LEU F 360 2.34 17.24 27.23
CA LEU F 360 3.75 17.61 27.34
C LEU F 360 4.21 18.47 26.16
N ASP F 361 3.77 18.13 24.97
CA ASP F 361 4.10 18.93 23.78
C ASP F 361 3.70 20.37 24.00
N ILE F 362 2.52 20.59 24.57
CA ILE F 362 2.00 21.94 24.76
C ILE F 362 2.75 22.68 25.87
N LEU F 363 2.99 22.02 26.99
CA LEU F 363 3.78 22.59 28.06
C LEU F 363 5.16 23.08 27.58
N GLU F 364 5.80 22.28 26.74
CA GLU F 364 7.15 22.59 26.24
C GLU F 364 7.11 23.69 25.19
N ARG F 365 6.16 23.60 24.25
CA ARG F 365 6.08 24.53 23.13
C ARG F 365 5.79 25.96 23.56
N GLU F 366 4.85 26.13 24.50
CA GLU F 366 4.46 27.46 24.96
C GLU F 366 5.23 27.89 26.23
N ASN F 367 6.25 27.12 26.61
CA ASN F 367 6.94 27.23 27.90
C ASN F 367 6.06 27.69 29.05
N LEU F 368 5.09 26.85 29.40
CA LEU F 368 4.14 27.17 30.44
C LEU F 368 4.76 27.10 31.82
N THR F 369 5.87 26.37 31.96
CA THR F 369 6.65 26.41 33.19
C THR F 369 7.14 27.84 33.46
N ALA F 370 7.76 28.46 32.44
CA ALA F 370 8.18 29.87 32.51
C ALA F 370 7.00 30.81 32.77
N ASN F 371 5.91 30.64 32.04
CA ASN F 371 4.74 31.49 32.28
C ASN F 371 4.21 31.32 33.70
N ALA F 372 4.24 30.10 34.23
CA ALA F 372 3.84 29.88 35.62
C ALA F 372 4.72 30.62 36.61
N ALA F 373 6.02 30.72 36.33
CA ALA F 373 6.94 31.45 37.20
C ALA F 373 6.69 32.94 37.14
N ASP F 374 6.58 33.46 35.92
CA ASP F 374 6.32 34.86 35.64
C ASP F 374 5.01 35.35 36.29
N VAL F 375 3.90 34.81 35.80
CA VAL F 375 2.57 35.28 36.15
C VAL F 375 2.21 34.81 37.56
N GLY F 376 2.79 33.69 37.99
CA GLY F 376 2.59 33.21 39.34
C GLY F 376 3.23 34.14 40.37
N ALA F 377 4.43 34.64 40.06
CA ALA F 377 5.07 35.62 40.93
C ALA F 377 4.24 36.88 40.96
N TYR F 378 3.82 37.32 39.78
CA TYR F 378 2.97 38.48 39.67
C TYR F 378 1.68 38.34 40.49
N LEU F 379 1.00 37.21 40.35
CA LEU F 379 -0.26 36.98 41.05
C LEU F 379 -0.05 36.96 42.55
N ASN F 380 0.98 36.25 42.98
CA ASN F 380 1.34 36.16 44.39
C ASN F 380 1.64 37.51 45.00
N GLN F 381 2.32 38.34 44.23
CA GLN F 381 2.73 39.66 44.70
C GLN F 381 1.52 40.58 44.73
N ARG F 382 0.65 40.48 43.73
CA ARG F 382 -0.59 41.23 43.75
C ARG F 382 -1.55 40.86 44.87
N LEU F 383 -1.57 39.60 45.25
CA LEU F 383 -2.39 39.16 46.39
C LEU F 383 -1.81 39.70 47.69
N ARG F 384 -0.50 39.82 47.73
CA ARG F 384 0.22 40.30 48.90
C ARG F 384 -0.07 41.78 49.14
N GLU F 385 0.08 42.58 48.09
CA GLU F 385 -0.25 44.02 48.13
C GLU F 385 -1.67 44.21 48.55
N THR F 386 -2.58 43.50 47.92
CA THR F 386 -4.01 43.74 48.11
C THR F 386 -4.54 43.15 49.44
N PHE F 387 -3.90 42.15 50.06
CA PHE F 387 -4.48 41.52 51.24
C PHE F 387 -3.65 41.51 52.49
N GLU F 388 -2.36 41.86 52.42
CA GLU F 388 -1.56 41.90 53.65
C GLU F 388 -1.98 43.15 54.40
N GLY F 389 -2.34 42.99 55.67
CA GLY F 389 -2.93 44.08 56.45
C GLY F 389 -4.44 44.21 56.40
N HIS F 390 -5.09 43.61 55.40
CA HIS F 390 -6.56 43.49 55.41
C HIS F 390 -7.03 42.78 56.70
N PRO F 391 -8.06 43.31 57.38
CA PRO F 391 -8.36 42.81 58.74
C PRO F 391 -8.91 41.38 58.84
N LEU F 392 -9.52 40.88 57.78
CA LEU F 392 -9.93 39.46 57.70
C LEU F 392 -8.79 38.43 57.55
N VAL F 393 -7.67 38.86 56.96
CA VAL F 393 -6.63 37.94 56.47
C VAL F 393 -5.48 37.80 57.45
N GLY F 394 -5.21 36.60 57.93
CA GLY F 394 -4.04 36.34 58.78
C GLY F 394 -2.73 36.11 58.03
N GLU F 395 -2.80 35.48 56.86
CA GLU F 395 -1.61 35.21 56.06
C GLU F 395 -1.94 35.14 54.58
N VAL F 396 -1.03 35.66 53.76
CA VAL F 396 -1.02 35.46 52.33
C VAL F 396 0.17 34.57 52.05
N ARG F 397 -0.04 33.49 51.32
CA ARG F 397 1.07 32.60 50.96
C ARG F 397 0.91 32.07 49.56
N GLY F 398 2.00 31.52 49.06
CA GLY F 398 2.02 30.94 47.72
C GLY F 398 3.38 30.84 47.10
N ASP F 399 3.43 30.16 45.96
CA ASP F 399 4.66 29.93 45.22
C ASP F 399 4.27 29.49 43.82
N GLY F 400 4.94 30.01 42.81
CA GLY F 400 4.55 29.76 41.41
C GLY F 400 3.09 30.07 41.24
N MET F 401 2.34 29.19 40.58
N MET F 401 2.32 29.15 40.63
CA MET F 401 0.88 29.36 40.40
CA MET F 401 0.87 29.38 40.43
C MET F 401 0.07 28.66 41.48
C MET F 401 0.01 28.70 41.49
N LEU F 402 0.50 28.76 42.72
CA LEU F 402 -0.31 28.38 43.88
C LEU F 402 -0.32 29.57 44.79
N ALA F 403 -1.49 29.91 45.31
CA ALA F 403 -1.62 30.98 46.26
C ALA F 403 -2.80 30.73 47.20
N ALA F 404 -2.73 31.31 48.39
CA ALA F 404 -3.82 31.20 49.34
C ALA F 404 -3.87 32.35 50.32
N LEU F 405 -5.10 32.69 50.70
CA LEU F 405 -5.38 33.61 51.78
C LEU F 405 -5.95 32.80 52.93
N GLU F 406 -5.29 32.84 54.10
CA GLU F 406 -5.87 32.27 55.32
C GLU F 406 -6.51 33.34 56.18
N PHE F 407 -7.76 33.10 56.59
CA PHE F 407 -8.51 34.08 57.37
C PHE F 407 -8.44 33.76 58.85
N MET F 408 -8.12 34.79 59.64
CA MET F 408 -7.98 34.64 61.08
C MET F 408 -8.78 35.73 61.83
N ALA F 409 -9.29 35.35 63.00
CA ALA F 409 -9.91 36.29 63.93
C ALA F 409 -8.86 37.22 64.54
N ASP F 410 -7.68 36.71 64.87
CA ASP F 410 -6.56 37.52 65.39
C ASP F 410 -5.23 37.13 64.72
N ARG F 411 -4.75 38.00 63.84
CA ARG F 411 -3.54 37.75 63.05
C ARG F 411 -2.31 37.45 63.91
N GLU F 412 -1.93 38.38 64.77
CA GLU F 412 -0.73 38.22 65.61
C GLU F 412 -0.90 37.10 66.65
N ALA F 413 -2.10 36.96 67.18
CA ALA F 413 -2.37 35.89 68.12
C ALA F 413 -2.44 34.52 67.46
N ARG F 414 -2.60 34.47 66.13
CA ARG F 414 -2.82 33.22 65.41
C ARG F 414 -4.08 32.55 65.91
N THR F 415 -5.12 33.35 66.11
CA THR F 415 -6.40 32.85 66.59
C THR F 415 -7.32 32.69 65.39
N PRO F 416 -7.79 31.46 65.13
CA PRO F 416 -8.72 31.32 64.01
C PRO F 416 -10.13 31.69 64.40
N PHE F 417 -10.97 31.93 63.40
CA PHE F 417 -12.40 32.04 63.59
C PHE F 417 -12.99 30.74 64.11
N ASP F 418 -14.16 30.86 64.73
CA ASP F 418 -14.97 29.69 65.08
C ASP F 418 -15.27 28.94 63.76
N PRO F 419 -14.91 27.65 63.68
CA PRO F 419 -15.19 26.89 62.45
C PRO F 419 -16.65 26.97 61.97
N ALA F 420 -17.61 27.00 62.90
CA ALA F 420 -19.04 27.07 62.54
C ALA F 420 -19.47 28.38 61.84
N LEU F 421 -18.63 29.40 61.92
CA LEU F 421 -18.87 30.65 61.20
C LEU F 421 -18.66 30.53 59.68
N LYS F 422 -17.87 29.54 59.26
CA LYS F 422 -17.72 29.14 57.84
C LYS F 422 -17.21 30.28 56.95
N VAL F 423 -16.19 30.97 57.45
CA VAL F 423 -15.66 32.15 56.77
C VAL F 423 -15.06 31.79 55.39
N GLY F 424 -14.21 30.76 55.38
CA GLY F 424 -13.64 30.25 54.13
C GLY F 424 -14.73 29.96 53.10
N PRO F 425 -15.64 29.02 53.43
CA PRO F 425 -16.74 28.72 52.50
C PRO F 425 -17.56 29.95 52.07
N LYS F 426 -17.74 30.91 52.98
CA LYS F 426 -18.48 32.14 52.64
C LYS F 426 -17.78 32.99 51.59
N VAL F 427 -16.47 33.11 51.71
CA VAL F 427 -15.68 33.89 50.74
C VAL F 427 -15.70 33.22 49.35
N SER F 428 -15.51 31.90 49.37
CA SER F 428 -15.65 31.08 48.16
C SER F 428 -17.00 31.27 47.47
N ALA F 429 -18.07 31.22 48.26
CA ALA F 429 -19.44 31.41 47.73
C ALA F 429 -19.63 32.81 47.13
N ALA F 430 -19.05 33.82 47.79
CA ALA F 430 -19.13 35.17 47.28
C ALA F 430 -18.35 35.30 45.98
N CYS F 431 -17.18 34.67 45.90
CA CYS F 431 -16.42 34.63 44.66
C CYS F 431 -17.25 34.03 43.51
N LEU F 432 -17.93 32.93 43.80
CA LEU F 432 -18.74 32.25 42.79
C LEU F 432 -19.93 33.07 42.28
N GLU F 433 -20.50 33.91 43.14
CA GLU F 433 -21.55 34.83 42.71
C GLU F 433 -21.02 35.88 41.77
N ASP F 434 -19.78 36.34 41.99
CA ASP F 434 -19.10 37.23 41.02
C ASP F 434 -18.47 36.49 39.82
N GLY F 435 -18.75 35.19 39.67
CA GLY F 435 -18.30 34.44 38.49
C GLY F 435 -16.89 33.87 38.54
N MET F 436 -16.39 33.55 39.73
CA MET F 436 -15.08 32.94 39.88
C MET F 436 -15.08 31.75 40.82
N ILE F 437 -14.39 30.70 40.40
CA ILE F 437 -14.23 29.51 41.23
C ILE F 437 -12.87 29.56 41.92
N ALA F 438 -12.91 29.59 43.24
CA ALA F 438 -11.73 29.48 44.08
C ALA F 438 -12.12 28.68 45.30
N ARG F 439 -11.26 27.79 45.75
CA ARG F 439 -11.71 26.74 46.65
C ARG F 439 -11.61 27.16 48.10
N ALA F 440 -12.65 26.82 48.87
CA ALA F 440 -12.56 26.87 50.32
C ALA F 440 -11.83 25.60 50.71
N MET F 441 -10.59 25.74 51.12
CA MET F 441 -9.75 24.58 51.41
C MET F 441 -10.26 23.93 52.68
N PRO F 442 -10.08 22.61 52.80
CA PRO F 442 -10.65 21.93 54.00
C PRO F 442 -9.88 22.16 55.30
N HIS F 443 -10.57 21.91 56.42
CA HIS F 443 -10.04 22.01 57.79
C HIS F 443 -9.30 23.34 58.04
N GLY F 444 -10.03 24.42 57.86
CA GLY F 444 -9.53 25.78 58.11
C GLY F 444 -10.35 26.80 57.35
N ASP F 445 -10.03 28.08 57.50
CA ASP F 445 -10.68 29.13 56.71
C ASP F 445 -9.66 29.66 55.72
N ILE F 446 -9.60 29.02 54.55
CA ILE F 446 -8.55 29.28 53.57
C ILE F 446 -9.13 29.34 52.16
N LEU F 447 -8.81 30.42 51.44
CA LEU F 447 -9.19 30.53 50.04
C LEU F 447 -7.98 30.21 49.18
N GLY F 448 -8.08 29.16 48.38
CA GLY F 448 -6.98 28.67 47.55
C GLY F 448 -7.12 29.04 46.09
N PHE F 449 -5.99 29.33 45.45
CA PHE F 449 -5.91 29.57 44.03
C PHE F 449 -4.91 28.62 43.37
N ALA F 450 -5.32 27.99 42.27
CA ALA F 450 -4.45 27.15 41.45
C ALA F 450 -4.91 27.24 40.00
N PRO F 451 -4.69 28.39 39.37
CA PRO F 451 -5.20 28.64 38.02
C PRO F 451 -4.45 27.89 36.93
N PRO F 452 -5.04 27.75 35.75
CA PRO F 452 -4.27 27.14 34.67
C PRO F 452 -3.01 27.91 34.41
N LEU F 453 -1.98 27.24 33.92
CA LEU F 453 -0.66 27.85 33.76
C LEU F 453 -0.59 28.80 32.57
N VAL F 454 -1.63 28.82 31.73
CA VAL F 454 -1.74 29.79 30.64
C VAL F 454 -2.17 31.19 31.11
N LEU F 455 -2.45 31.35 32.41
CA LEU F 455 -2.97 32.61 32.95
C LEU F 455 -2.13 33.82 32.54
N THR F 456 -2.80 34.91 32.18
CA THR F 456 -2.15 36.18 31.87
C THR F 456 -2.16 37.11 33.09
N ARG F 457 -1.35 38.15 33.02
CA ARG F 457 -1.37 39.21 34.04
C ARG F 457 -2.76 39.83 34.15
N ALA F 458 -3.38 40.14 33.01
CA ALA F 458 -4.72 40.72 32.99
C ALA F 458 -5.71 39.83 33.72
N GLU F 459 -5.68 38.53 33.42
CA GLU F 459 -6.60 37.57 34.05
C GLU F 459 -6.28 37.43 35.52
N ALA F 460 -5.01 37.49 35.88
CA ALA F 460 -4.62 37.52 37.30
C ALA F 460 -5.21 38.73 38.03
N ASP F 461 -5.17 39.91 37.38
CA ASP F 461 -5.75 41.13 37.97
C ASP F 461 -7.24 40.96 38.19
N GLU F 462 -7.92 40.37 37.21
CA GLU F 462 -9.35 40.11 37.34
C GLU F 462 -9.67 39.21 38.53
N ILE F 463 -8.90 38.14 38.64
CA ILE F 463 -9.03 37.20 39.75
C ILE F 463 -8.88 37.93 41.10
N VAL F 464 -7.83 38.75 41.22
CA VAL F 464 -7.57 39.49 42.45
C VAL F 464 -8.72 40.46 42.75
N GLY F 465 -9.22 41.16 41.73
CA GLY F 465 -10.37 42.05 41.89
C GLY F 465 -11.58 41.36 42.48
N ILE F 466 -11.89 40.17 41.97
CA ILE F 466 -13.05 39.45 42.44
C ILE F 466 -12.85 38.98 43.87
N ALA F 467 -11.63 38.58 44.19
CA ALA F 467 -11.35 38.11 45.54
C ALA F 467 -11.47 39.25 46.56
N LYS F 468 -10.94 40.42 46.20
CA LYS F 468 -11.05 41.66 46.99
C LYS F 468 -12.52 41.91 47.36
N ALA F 469 -13.39 41.96 46.36
CA ALA F 469 -14.82 42.21 46.60
C ALA F 469 -15.43 41.17 47.54
N ALA F 470 -15.07 39.92 47.35
CA ALA F 470 -15.64 38.82 48.14
C ALA F 470 -15.12 38.84 49.57
N VAL F 471 -13.85 39.16 49.74
CA VAL F 471 -13.27 39.25 51.07
C VAL F 471 -13.83 40.46 51.82
N ASP F 472 -13.93 41.60 51.14
CA ASP F 472 -14.55 42.81 51.72
C ASP F 472 -15.98 42.54 52.17
N GLU F 473 -16.76 41.87 51.32
CA GLU F 473 -18.15 41.58 51.62
C GLU F 473 -18.29 40.73 52.87
N VAL F 474 -17.51 39.67 52.96
CA VAL F 474 -17.62 38.74 54.07
C VAL F 474 -17.06 39.36 55.34
N ALA F 475 -16.04 40.19 55.22
CA ALA F 475 -15.51 40.91 56.37
C ALA F 475 -16.59 41.83 56.94
N GLY F 476 -17.26 42.58 56.07
CA GLY F 476 -18.43 43.36 56.45
C GLY F 476 -19.51 42.63 57.23
N GLU F 477 -19.64 41.33 57.02
CA GLU F 477 -20.71 40.54 57.61
C GLU F 477 -20.30 39.87 58.89
N VAL F 478 -19.01 39.67 59.12
CA VAL F 478 -18.53 38.86 60.24
C VAL F 478 -17.66 39.63 61.20
N LEU F 479 -17.18 40.80 60.80
CA LEU F 479 -16.45 41.68 61.68
C LEU F 479 -17.35 42.85 62.10
N1 PLP G . 25.05 -13.97 -28.97
C2 PLP G . 24.14 -13.73 -29.97
C2A PLP G . 23.14 -14.67 -30.49
C3 PLP G . 24.12 -12.43 -30.70
O3 PLP G . 23.21 -12.23 -31.68
C4 PLP G . 25.12 -11.38 -30.31
C4A PLP G . 25.29 -9.97 -30.86
C5 PLP G . 26.05 -11.79 -29.21
C6 PLP G . 25.98 -13.05 -28.59
C5A PLP G . 27.05 -10.78 -28.76
O4P PLP G . 27.83 -11.29 -27.69
P PLP G . 28.96 -10.32 -27.01
O1P PLP G . 28.17 -9.28 -26.23
O2P PLP G . 29.79 -11.33 -26.24
O3P PLP G . 29.68 -9.80 -28.22
N1 PLP H . -33.99 12.11 -13.21
C2 PLP H . -34.74 12.21 -12.09
C2A PLP H . -36.18 12.58 -12.11
C3 PLP H . -34.16 11.95 -10.76
O3 PLP H . -34.90 12.04 -9.62
C4 PLP H . -32.74 11.57 -10.71
C4A PLP H . -32.06 11.27 -9.42
C5 PLP H . -32.02 11.50 -12.01
C6 PLP H . -32.69 11.78 -13.19
C5A PLP H . -30.57 11.13 -12.03
O4P PLP H . -30.17 10.81 -13.35
P PLP H . -28.69 10.23 -13.58
O1P PLP H . -27.89 10.97 -12.55
O2P PLP H . -28.38 10.64 -15.02
O3P PLP H . -28.84 8.73 -13.33
N1 PLP I . -18.32 9.38 -29.42
C2 PLP I . -17.43 8.94 -30.33
C2A PLP I . -16.31 9.71 -30.87
C3 PLP I . -17.51 7.57 -30.89
O3 PLP I . -16.58 7.16 -31.80
C4 PLP I . -18.62 6.69 -30.40
C4A PLP I . -18.83 5.27 -30.84
C5 PLP I . -19.53 7.31 -29.39
C6 PLP I . -19.34 8.62 -28.96
C5A PLP I . -20.69 6.50 -28.86
O4P PLP I . -20.99 6.82 -27.53
P PLP I . -22.05 5.92 -26.70
O1P PLP I . -22.94 6.95 -26.07
O2P PLP I . -21.18 5.10 -25.72
O3P PLP I . -22.73 5.14 -27.77
N1 PLP J . 41.30 -15.56 -14.11
C2 PLP J . 42.23 -15.64 -13.15
C2A PLP J . 43.56 -16.16 -13.46
C3 PLP J . 42.04 -15.25 -11.74
O3 PLP J . 43.08 -15.38 -10.88
C4 PLP J . 40.64 -14.71 -11.34
C4A PLP J . 40.06 -14.17 -9.98
C5 PLP J . 39.70 -14.69 -12.52
C6 PLP J . 40.06 -15.12 -13.82
C5A PLP J . 38.31 -14.17 -12.26
O4P PLP J . 37.56 -14.08 -13.46
P PLP J . 36.08 -13.40 -13.46
O1P PLP J . 35.40 -13.95 -12.21
O2P PLP J . 35.47 -13.98 -14.71
O3P PLP J . 36.38 -11.89 -13.39
N1 PLP K . -10.95 -7.12 40.74
C2 PLP K . -11.49 -8.27 40.24
C2A PLP K . -12.45 -9.08 40.98
C3 PLP K . -11.12 -8.82 38.91
O3 PLP K . -11.68 -9.97 38.45
C4 PLP K . -10.10 -8.03 38.10
C4A PLP K . -9.55 -8.33 36.70
C5 PLP K . -9.59 -6.80 38.78
C6 PLP K . -10.03 -6.41 40.05
C5A PLP K . -8.59 -5.98 38.00
O4P PLP K . -8.52 -4.67 38.52
P PLP K . -7.63 -3.53 37.79
O1P PLP K . -7.09 -2.72 38.97
O2P PLP K . -8.65 -2.86 36.85
O3P PLP K . -6.54 -4.26 37.07
N1 PLP L . -2.12 12.81 45.81
C2 PLP L . -1.89 14.12 46.05
C2A PLP L . -0.68 14.56 46.79
C3 PLP L . -2.80 15.19 45.59
O3 PLP L . -2.57 16.49 45.83
C4 PLP L . -4.00 14.79 44.84
C4A PLP L . -4.96 15.83 44.33
C5 PLP L . -4.15 13.30 44.63
C6 PLP L . -3.20 12.38 45.14
C5A PLP L . -5.34 12.77 43.87
O4P PLP L . -5.34 11.37 43.87
P PLP L . -6.49 10.63 43.06
O1P PLP L . -7.65 11.47 43.54
O2P PLP L . -6.47 9.20 43.57
O3P PLP L . -6.12 10.83 41.60
#